data_4A1M
#
_entry.id   4A1M
#
_cell.length_a   1.000
_cell.length_b   1.000
_cell.length_c   1.000
_cell.angle_alpha   90.00
_cell.angle_beta   90.00
_cell.angle_gamma   90.00
#
_symmetry.space_group_name_H-M   'P 1'
#
_entity_poly.entity_id   1
_entity_poly.type   'polypeptide(L)'
_entity_poly.pdbx_seq_one_letter_code
;MKNSTHHHHHHNSLFGSVETWPWQVLSTGGKEDVSYEERACEGGKFATVEVTDKPVDEALREAMPKIMKYVGGTNDKGVG
MGMTVPVSFAVFPNEDGSLQKKLKVWFRIPNQFQGSPPAPSDESVKIEEREGITVYSTQFGGYAKEADYVAHATQLRTTL
EGTPATYQGDVYYCAGYDPPMKPYGRRNEVWLVKA
;
_entity_poly.pdbx_strand_id   A
#
# COMPACT_ATOMS: atom_id res chain seq x y z
N ASN A 12 19.36 21.20 36.56
CA ASN A 12 18.20 20.35 36.36
C ASN A 12 18.17 19.79 34.93
N SER A 13 17.63 18.59 34.78
CA SER A 13 17.54 17.95 33.48
C SER A 13 16.63 16.73 33.52
N LEU A 14 16.12 16.33 32.37
CA LEU A 14 15.23 15.18 32.27
C LEU A 14 14.88 14.88 30.81
N PHE A 15 14.18 13.76 30.60
CA PHE A 15 13.78 13.37 29.26
C PHE A 15 12.81 12.19 29.31
N GLY A 16 12.22 11.87 28.17
CA GLY A 16 11.26 10.77 28.11
C GLY A 16 10.19 10.99 27.05
N SER A 17 9.89 9.95 26.29
CA SER A 17 8.88 10.04 25.24
C SER A 17 8.37 8.64 24.87
N VAL A 18 7.40 8.60 23.96
CA VAL A 18 6.82 7.33 23.51
C VAL A 18 6.81 7.25 21.99
N GLU A 19 6.31 6.14 21.47
CA GLU A 19 6.24 5.92 20.03
C GLU A 19 5.14 4.92 19.68
N THR A 20 4.00 5.43 19.24
CA THR A 20 2.87 4.58 18.87
C THR A 20 2.00 5.26 17.82
N TRP A 21 1.55 4.48 16.84
CA TRP A 21 0.69 5.01 15.78
C TRP A 21 -0.45 4.06 15.48
N PRO A 22 -1.37 3.91 16.45
CA PRO A 22 -2.54 3.03 16.31
C PRO A 22 -3.54 3.55 15.30
N TRP A 23 -4.25 2.64 14.65
CA TRP A 23 -5.25 3.02 13.66
C TRP A 23 -6.66 2.90 14.23
N GLN A 24 -7.50 3.88 13.92
CA GLN A 24 -8.87 3.90 14.41
C GLN A 24 -9.86 3.74 13.25
N VAL A 25 -10.81 2.82 13.40
CA VAL A 25 -11.81 2.58 12.38
C VAL A 25 -13.07 3.40 12.65
N LEU A 26 -13.65 3.94 11.58
CA LEU A 26 -14.86 4.74 11.69
C LEU A 26 -16.11 3.86 11.59
N SER A 27 -16.06 2.89 10.69
CA SER A 27 -17.18 1.97 10.49
C SER A 27 -16.88 0.97 9.38
N THR A 28 -17.54 -0.18 9.44
CA THR A 28 -17.34 -1.23 8.45
C THR A 28 -18.67 -1.77 7.94
N GLY A 29 -18.63 -2.52 6.84
CA GLY A 29 -19.84 -3.08 6.28
C GLY A 29 -19.80 -3.15 4.76
N GLY A 30 -20.97 -3.24 4.15
CA GLY A 30 -21.04 -3.31 2.70
C GLY A 30 -21.95 -4.42 2.22
N LYS A 31 -21.96 -4.65 0.91
CA LYS A 31 -22.81 -5.68 0.31
C LYS A 31 -22.27 -7.08 0.64
N GLU A 32 -23.06 -8.10 0.34
CA GLU A 32 -22.65 -9.48 0.60
C GLU A 32 -21.47 -9.86 -0.28
N ASP A 33 -20.85 -11.00 0.05
CA ASP A 33 -19.70 -11.48 -0.70
C ASP A 33 -18.47 -10.63 -0.42
N VAL A 34 -18.48 -9.39 -0.90
CA VAL A 34 -17.37 -8.48 -0.69
C VAL A 34 -17.75 -7.35 0.25
N SER A 35 -16.96 -7.17 1.29
CA SER A 35 -17.21 -6.12 2.28
C SER A 35 -16.07 -5.11 2.31
N TYR A 36 -16.37 -3.88 2.72
CA TYR A 36 -15.37 -2.83 2.79
C TYR A 36 -15.18 -2.35 4.24
N GLU A 37 -14.04 -1.71 4.49
CA GLU A 37 -13.75 -1.21 5.84
C GLU A 37 -13.04 0.14 5.76
N GLU A 38 -13.59 1.13 6.46
CA GLU A 38 -13.02 2.47 6.47
C GLU A 38 -12.12 2.67 7.70
N ARG A 39 -10.83 2.86 7.45
CA ARG A 39 -9.87 3.07 8.52
C ARG A 39 -9.08 4.35 8.31
N ALA A 40 -8.41 4.81 9.37
CA ALA A 40 -7.62 6.03 9.30
C ALA A 40 -6.12 5.70 9.27
N CYS A 41 -5.39 6.39 8.40
CA CYS A 41 -3.95 6.18 8.29
C CYS A 41 -3.25 6.42 9.61
N GLU A 42 -2.53 5.41 10.10
CA GLU A 42 -1.83 5.52 11.37
C GLU A 42 -0.96 6.77 11.40
N GLY A 43 -0.34 7.09 10.26
CA GLY A 43 0.51 8.26 10.18
C GLY A 43 1.97 7.93 10.36
N GLY A 44 2.29 6.65 10.35
CA GLY A 44 3.67 6.22 10.51
C GLY A 44 4.53 6.54 9.30
N LYS A 45 5.84 6.46 9.47
CA LYS A 45 6.77 6.75 8.39
C LYS A 45 7.06 5.49 7.57
N PHE A 46 7.03 5.63 6.25
CA PHE A 46 7.29 4.51 5.35
C PHE A 46 8.14 4.94 4.17
N ALA A 47 8.75 3.97 3.51
CA ALA A 47 9.60 4.25 2.34
C ALA A 47 8.85 4.00 1.04
N THR A 48 8.69 5.05 0.26
CA THR A 48 7.98 4.94 -1.02
C THR A 48 8.85 5.44 -2.17
N VAL A 49 8.52 5.01 -3.39
CA VAL A 49 9.28 5.40 -4.57
C VAL A 49 8.35 5.96 -5.64
N GLU A 50 8.89 6.85 -6.48
CA GLU A 50 8.11 7.46 -7.55
C GLU A 50 8.66 7.05 -8.92
N VAL A 51 7.79 6.47 -9.74
CA VAL A 51 8.18 6.03 -11.08
C VAL A 51 7.17 6.48 -12.13
N THR A 52 7.62 7.30 -13.07
CA THR A 52 6.76 7.81 -14.12
C THR A 52 7.34 7.53 -15.50
N ASP A 53 6.56 7.79 -16.54
CA ASP A 53 7.01 7.56 -17.91
C ASP A 53 7.23 6.08 -18.17
N LYS A 54 6.73 5.25 -17.27
CA LYS A 54 6.88 3.80 -17.40
C LYS A 54 5.62 3.08 -16.94
N PRO A 55 5.34 1.92 -17.55
CA PRO A 55 4.16 1.11 -17.22
C PRO A 55 4.28 0.46 -15.84
N VAL A 56 3.14 0.12 -15.26
CA VAL A 56 3.11 -0.51 -13.94
C VAL A 56 4.10 -1.66 -13.87
N ASP A 57 4.28 -2.36 -14.99
CA ASP A 57 5.20 -3.49 -15.05
C ASP A 57 6.65 -3.02 -14.90
N GLU A 58 6.98 -1.92 -15.57
CA GLU A 58 8.32 -1.37 -15.51
C GLU A 58 8.58 -0.67 -14.17
N ALA A 59 7.66 0.22 -13.80
CA ALA A 59 7.77 0.95 -12.55
C ALA A 59 7.88 0.00 -11.36
N LEU A 60 7.14 -1.11 -11.43
CA LEU A 60 7.16 -2.10 -10.36
C LEU A 60 8.48 -2.87 -10.34
N ARG A 61 8.90 -3.34 -11.51
CA ARG A 61 10.14 -4.09 -11.63
C ARG A 61 11.34 -3.21 -11.31
N GLU A 62 11.17 -1.90 -11.49
CA GLU A 62 12.24 -0.95 -11.22
C GLU A 62 12.28 -0.58 -9.74
N ALA A 63 11.11 -0.44 -9.14
CA ALA A 63 11.02 -0.09 -7.73
C ALA A 63 11.35 -1.29 -6.85
N MET A 64 11.00 -2.49 -7.33
CA MET A 64 11.26 -3.71 -6.57
C MET A 64 12.66 -3.69 -5.96
N PRO A 65 13.68 -3.59 -6.83
CA PRO A 65 15.08 -3.56 -6.39
C PRO A 65 15.43 -2.26 -5.67
N LYS A 66 14.76 -1.19 -6.04
CA LYS A 66 15.00 0.12 -5.43
C LYS A 66 14.69 0.09 -3.93
N ILE A 67 13.59 -0.56 -3.58
CA ILE A 67 13.19 -0.67 -2.18
C ILE A 67 14.02 -1.73 -1.45
N MET A 68 14.40 -2.78 -2.17
CA MET A 68 15.20 -3.85 -1.60
C MET A 68 16.59 -3.34 -1.20
N LYS A 69 17.09 -2.35 -1.93
CA LYS A 69 18.39 -1.78 -1.65
C LYS A 69 18.42 -1.11 -0.28
N TYR A 70 17.27 -0.60 0.15
CA TYR A 70 17.15 0.06 1.44
C TYR A 70 17.26 -0.94 2.58
N VAL A 71 16.33 -1.90 2.61
CA VAL A 71 16.32 -2.91 3.64
C VAL A 71 17.52 -3.85 3.52
N GLY A 72 18.08 -3.92 2.31
CA GLY A 72 19.23 -4.77 2.08
C GLY A 72 20.43 -4.35 2.90
N GLY A 73 20.59 -3.05 3.11
CA GLY A 73 21.71 -2.54 3.88
C GLY A 73 22.21 -1.21 3.36
N THR A 74 21.75 -0.83 2.17
CA THR A 74 22.16 0.44 1.57
C THR A 74 21.43 1.62 2.21
N ASN A 75 21.60 1.77 3.52
CA ASN A 75 20.96 2.86 4.25
C ASN A 75 21.92 4.03 4.43
N ASP A 76 21.36 5.21 4.71
CA ASP A 76 22.16 6.41 4.91
C ASP A 76 22.92 6.34 6.23
N LYS A 77 22.33 5.67 7.22
CA LYS A 77 22.96 5.52 8.53
C LYS A 77 23.84 4.28 8.58
N GLY A 78 23.70 3.42 7.57
CA GLY A 78 24.49 2.21 7.52
C GLY A 78 24.04 1.18 8.53
N VAL A 79 22.74 1.09 8.74
CA VAL A 79 22.17 0.13 9.70
C VAL A 79 22.08 -1.26 9.09
N GLY A 80 22.61 -2.25 9.80
CA GLY A 80 22.57 -3.62 9.32
C GLY A 80 21.70 -4.51 10.17
N MET A 81 20.39 -4.42 9.98
CA MET A 81 19.44 -5.22 10.74
C MET A 81 18.59 -6.08 9.82
N GLY A 82 17.63 -5.45 9.14
CA GLY A 82 16.76 -6.17 8.24
C GLY A 82 15.33 -6.20 8.71
N MET A 83 14.39 -6.00 7.79
CA MET A 83 12.97 -6.01 8.12
C MET A 83 12.19 -6.91 7.17
N THR A 84 11.13 -7.54 7.68
CA THR A 84 10.30 -8.42 6.87
C THR A 84 8.85 -7.98 6.89
N VAL A 85 8.32 -7.62 5.73
CA VAL A 85 6.94 -7.17 5.61
C VAL A 85 6.53 -7.05 4.14
N PRO A 86 5.23 -7.24 3.88
CA PRO A 86 4.67 -7.15 2.53
C PRO A 86 4.66 -5.73 1.99
N VAL A 87 4.98 -5.59 0.70
CA VAL A 87 5.00 -4.27 0.07
C VAL A 87 3.79 -4.06 -0.81
N SER A 88 3.29 -2.82 -0.84
CA SER A 88 2.11 -2.48 -1.64
C SER A 88 2.38 -1.24 -2.48
N PHE A 89 1.80 -1.23 -3.68
CA PHE A 89 1.98 -0.10 -4.60
C PHE A 89 0.62 0.41 -5.09
N ALA A 90 0.59 1.68 -5.47
CA ALA A 90 -0.65 2.29 -5.97
C ALA A 90 -0.74 2.20 -7.48
N VAL A 91 -1.96 2.27 -8.00
CA VAL A 91 -2.18 2.19 -9.45
C VAL A 91 -3.30 3.13 -9.89
N PHE A 92 -3.26 3.54 -11.15
CA PHE A 92 -4.26 4.44 -11.69
C PHE A 92 -4.90 3.87 -12.95
N PRO A 93 -6.09 3.26 -12.79
CA PRO A 93 -6.81 2.65 -13.91
C PRO A 93 -7.37 3.70 -14.88
N ASN A 94 -7.57 3.29 -16.13
CA ASN A 94 -8.09 4.19 -17.15
C ASN A 94 -9.42 3.67 -17.69
N GLU A 95 -10.00 4.43 -18.62
CA GLU A 95 -11.27 4.04 -19.23
C GLU A 95 -11.17 2.69 -19.91
N ASP A 96 -9.95 2.29 -20.24
CA ASP A 96 -9.71 1.00 -20.89
C ASP A 96 -9.36 -0.07 -19.87
N GLY A 97 -9.22 0.34 -18.61
CA GLY A 97 -8.89 -0.61 -17.56
C GLY A 97 -7.39 -0.80 -17.40
N SER A 98 -6.63 -0.26 -18.34
CA SER A 98 -5.18 -0.38 -18.31
C SER A 98 -4.58 0.65 -17.37
N LEU A 99 -3.63 0.22 -16.55
CA LEU A 99 -2.96 1.10 -15.60
C LEU A 99 -1.84 1.88 -16.27
N GLN A 100 -2.17 3.00 -16.89
CA GLN A 100 -1.18 3.83 -17.58
C GLN A 100 -1.26 5.27 -17.09
N LYS A 101 -0.20 5.72 -16.41
CA LYS A 101 -0.15 7.08 -15.88
C LYS A 101 1.03 7.24 -14.93
N LYS A 102 0.89 6.69 -13.73
CA LYS A 102 1.94 6.78 -12.72
C LYS A 102 1.86 5.59 -11.75
N LEU A 103 2.98 5.30 -11.09
CA LEU A 103 3.03 4.20 -10.13
C LEU A 103 3.84 4.60 -8.90
N LYS A 104 3.22 4.47 -7.73
CA LYS A 104 3.89 4.81 -6.47
C LYS A 104 3.98 3.58 -5.56
N VAL A 105 5.21 3.14 -5.29
CA VAL A 105 5.43 1.99 -4.44
C VAL A 105 5.55 2.40 -2.98
N TRP A 106 4.97 1.60 -2.10
CA TRP A 106 5.01 1.88 -0.66
C TRP A 106 5.52 0.66 0.12
N PHE A 107 6.62 0.85 0.83
CA PHE A 107 7.21 -0.24 1.62
C PHE A 107 6.92 -0.04 3.10
N ARG A 108 6.12 -0.94 3.67
CA ARG A 108 5.77 -0.86 5.09
C ARG A 108 6.94 -1.31 5.96
N ILE A 109 7.16 -0.58 7.04
CA ILE A 109 8.25 -0.90 7.97
C ILE A 109 7.71 -1.47 9.28
N PRO A 110 8.33 -2.56 9.75
CA PRO A 110 7.92 -3.23 10.99
C PRO A 110 8.26 -2.39 12.22
N ASN A 111 7.48 -2.59 13.28
CA ASN A 111 7.70 -1.86 14.52
C ASN A 111 9.17 -1.94 14.96
N GLN A 112 9.81 -3.04 14.63
CA GLN A 112 11.22 -3.25 14.98
C GLN A 112 12.08 -2.13 14.43
N PHE A 113 11.73 -1.65 13.24
CA PHE A 113 12.48 -0.58 12.60
C PHE A 113 11.79 0.76 12.81
N GLN A 114 10.46 0.74 12.85
CA GLN A 114 9.68 1.96 13.04
C GLN A 114 10.18 2.75 14.24
N GLY A 115 10.72 2.04 15.23
CA GLY A 115 11.23 2.70 16.43
C GLY A 115 12.29 3.73 16.11
N SER A 116 12.99 3.54 15.00
CA SER A 116 14.05 4.46 14.59
C SER A 116 14.70 3.98 13.30
N PRO A 117 13.99 4.14 12.17
CA PRO A 117 14.49 3.74 10.85
C PRO A 117 15.62 4.63 10.36
N PRO A 118 16.55 4.04 9.58
CA PRO A 118 17.69 4.76 9.04
C PRO A 118 17.29 5.77 7.96
N ALA A 119 18.14 6.77 7.75
CA ALA A 119 17.87 7.80 6.75
C ALA A 119 18.02 7.25 5.34
N PRO A 120 17.34 7.89 4.38
CA PRO A 120 17.37 7.48 2.97
C PRO A 120 18.72 7.76 2.32
N SER A 121 19.48 6.70 2.04
CA SER A 121 20.78 6.83 1.42
C SER A 121 20.67 7.36 -0.01
N ASP A 122 19.51 7.14 -0.62
CA ASP A 122 19.26 7.59 -1.98
C ASP A 122 17.98 8.42 -2.06
N GLU A 123 17.87 9.23 -3.10
CA GLU A 123 16.70 10.08 -3.28
C GLU A 123 15.56 9.29 -3.91
N SER A 124 15.90 8.28 -4.71
CA SER A 124 14.91 7.45 -5.37
C SER A 124 13.88 6.92 -4.37
N VAL A 125 14.33 6.72 -3.13
CA VAL A 125 13.45 6.21 -2.08
C VAL A 125 13.66 6.97 -0.78
N LYS A 126 12.64 7.66 -0.32
CA LYS A 126 12.71 8.43 0.92
C LYS A 126 11.64 7.97 1.91
N ILE A 127 11.90 8.17 3.19
CA ILE A 127 10.97 7.79 4.24
C ILE A 127 10.02 8.93 4.59
N GLU A 128 8.74 8.75 4.26
CA GLU A 128 7.74 9.78 4.54
C GLU A 128 6.51 9.16 5.20
N GLU A 129 5.80 9.97 5.98
CA GLU A 129 4.60 9.50 6.67
C GLU A 129 3.34 10.14 6.08
N ARG A 130 2.26 9.38 6.04
CA ARG A 130 1.00 9.87 5.50
C ARG A 130 -0.13 9.70 6.50
N GLU A 131 -0.80 10.79 6.84
CA GLU A 131 -1.90 10.76 7.79
C GLU A 131 -2.99 11.74 7.39
N GLY A 132 -4.22 11.47 7.85
CA GLY A 132 -5.34 12.35 7.53
C GLY A 132 -6.08 11.90 6.29
N ILE A 133 -5.92 10.64 5.92
CA ILE A 133 -6.59 10.09 4.74
C ILE A 133 -7.47 8.91 5.10
N THR A 134 -8.57 8.75 4.38
CA THR A 134 -9.50 7.66 4.62
C THR A 134 -9.64 6.77 3.40
N VAL A 135 -9.38 5.48 3.57
CA VAL A 135 -9.48 4.52 2.48
C VAL A 135 -10.40 3.36 2.85
N TYR A 136 -10.73 2.55 1.85
CA TYR A 136 -11.60 1.40 2.07
C TYR A 136 -10.86 0.08 1.82
N SER A 137 -10.85 -0.79 2.82
CA SER A 137 -10.17 -2.07 2.71
C SER A 137 -11.17 -3.19 2.41
N THR A 138 -10.84 -4.03 1.44
CA THR A 138 -11.70 -5.14 1.05
C THR A 138 -10.90 -6.43 0.89
N GLN A 139 -11.26 -7.44 1.67
CA GLN A 139 -10.58 -8.72 1.62
C GLN A 139 -11.49 -9.80 1.03
N PHE A 140 -10.93 -10.64 0.17
CA PHE A 140 -11.69 -11.72 -0.46
C PHE A 140 -10.87 -13.00 -0.53
N GLY A 141 -11.55 -14.14 -0.49
CA GLY A 141 -10.88 -15.42 -0.55
C GLY A 141 -11.10 -16.13 -1.86
N GLY A 142 -10.33 -17.20 -2.09
CA GLY A 142 -10.47 -17.96 -3.32
C GLY A 142 -9.38 -17.63 -4.33
N TYR A 143 -9.51 -18.18 -5.53
CA TYR A 143 -8.52 -17.93 -6.58
C TYR A 143 -8.59 -16.50 -7.07
N ALA A 144 -7.54 -15.73 -6.78
CA ALA A 144 -7.47 -14.34 -7.20
C ALA A 144 -6.24 -14.07 -8.06
N LYS A 145 -6.46 -13.76 -9.33
CA LYS A 145 -5.36 -13.49 -10.25
C LYS A 145 -5.07 -11.99 -10.31
N GLU A 146 -4.04 -11.63 -11.08
CA GLU A 146 -3.67 -10.22 -11.23
C GLU A 146 -4.87 -9.37 -11.62
N ALA A 147 -5.63 -9.85 -12.61
CA ALA A 147 -6.81 -9.13 -13.08
C ALA A 147 -7.84 -8.99 -11.98
N ASP A 148 -7.87 -9.96 -11.08
CA ASP A 148 -8.81 -9.95 -9.96
C ASP A 148 -8.68 -8.67 -9.14
N TYR A 149 -7.44 -8.31 -8.83
CA TYR A 149 -7.17 -7.10 -8.06
C TYR A 149 -7.74 -5.87 -8.74
N VAL A 150 -7.66 -5.84 -10.06
CA VAL A 150 -8.18 -4.72 -10.84
C VAL A 150 -9.70 -4.74 -10.89
N ALA A 151 -10.28 -5.93 -10.85
CA ALA A 151 -11.72 -6.09 -10.88
C ALA A 151 -12.36 -5.72 -9.54
N HIS A 152 -11.76 -6.25 -8.47
CA HIS A 152 -12.27 -5.98 -7.12
C HIS A 152 -12.29 -4.47 -6.84
N ALA A 153 -11.32 -3.76 -7.41
CA ALA A 153 -11.23 -2.31 -7.22
C ALA A 153 -12.50 -1.62 -7.68
N THR A 154 -12.97 -1.98 -8.87
CA THR A 154 -14.18 -1.39 -9.43
C THR A 154 -15.43 -1.99 -8.79
N GLN A 155 -15.35 -3.26 -8.43
CA GLN A 155 -16.49 -3.95 -7.82
C GLN A 155 -16.88 -3.27 -6.51
N LEU A 156 -15.89 -2.74 -5.80
CA LEU A 156 -16.14 -2.05 -4.53
C LEU A 156 -16.94 -0.77 -4.75
N ARG A 157 -16.66 -0.09 -5.85
CA ARG A 157 -17.36 1.15 -6.18
C ARG A 157 -18.86 0.95 -6.16
N THR A 158 -19.34 -0.03 -6.92
CA THR A 158 -20.76 -0.32 -6.99
C THR A 158 -21.28 -0.87 -5.67
N THR A 159 -20.41 -1.57 -4.95
CA THR A 159 -20.78 -2.15 -3.66
C THR A 159 -20.99 -1.07 -2.62
N LEU A 160 -20.23 0.01 -2.72
CA LEU A 160 -20.33 1.11 -1.78
C LEU A 160 -21.46 2.06 -2.17
N GLU A 161 -22.21 1.67 -3.19
CA GLU A 161 -23.33 2.49 -3.66
C GLU A 161 -24.26 2.87 -2.51
N GLY A 162 -24.93 4.00 -2.64
CA GLY A 162 -25.84 4.46 -1.60
C GLY A 162 -25.12 5.14 -0.46
N THR A 163 -23.83 5.43 -0.66
CA THR A 163 -23.03 6.09 0.36
C THR A 163 -22.37 7.35 -0.18
N PRO A 164 -22.10 8.31 0.72
CA PRO A 164 -21.47 9.58 0.36
C PRO A 164 -20.02 9.41 -0.06
N ALA A 165 -19.49 8.21 0.12
CA ALA A 165 -18.11 7.93 -0.24
C ALA A 165 -17.82 8.34 -1.68
N THR A 166 -16.72 9.08 -1.86
CA THR A 166 -16.34 9.55 -3.20
C THR A 166 -15.02 8.91 -3.63
N TYR A 167 -14.76 8.94 -4.94
CA TYR A 167 -13.55 8.36 -5.50
C TYR A 167 -13.04 9.18 -6.67
N GLN A 168 -11.77 9.01 -7.01
CA GLN A 168 -11.17 9.74 -8.11
C GLN A 168 -10.41 8.79 -9.04
N GLY A 169 -10.96 8.58 -10.24
CA GLY A 169 -10.32 7.70 -11.20
C GLY A 169 -10.37 6.25 -10.76
N ASP A 170 -11.10 5.97 -9.69
CA ASP A 170 -11.22 4.62 -9.18
C ASP A 170 -9.86 4.09 -8.72
N VAL A 171 -8.94 5.00 -8.45
CA VAL A 171 -7.61 4.62 -8.01
C VAL A 171 -7.67 3.64 -6.84
N TYR A 172 -6.78 2.65 -6.86
CA TYR A 172 -6.73 1.64 -5.81
C TYR A 172 -5.31 1.21 -5.52
N TYR A 173 -5.11 0.53 -4.40
CA TYR A 173 -3.79 0.06 -4.01
C TYR A 173 -3.73 -1.46 -4.00
N CYS A 174 -2.53 -2.00 -4.20
CA CYS A 174 -2.34 -3.45 -4.22
C CYS A 174 -1.30 -3.86 -3.18
N ALA A 175 -1.72 -4.72 -2.25
CA ALA A 175 -0.84 -5.19 -1.19
C ALA A 175 -0.56 -6.68 -1.35
N GLY A 176 0.72 -7.04 -1.28
CA GLY A 176 1.11 -8.44 -1.42
C GLY A 176 2.57 -8.68 -1.08
N TYR A 177 2.85 -9.79 -0.43
CA TYR A 177 4.21 -10.14 -0.05
C TYR A 177 5.12 -10.22 -1.27
N ASP A 178 4.91 -11.25 -2.08
CA ASP A 178 5.71 -11.45 -3.29
C ASP A 178 4.91 -12.22 -4.34
N PRO A 179 5.35 -12.11 -5.61
CA PRO A 179 4.70 -12.79 -6.73
C PRO A 179 4.90 -14.29 -6.69
N PRO A 180 3.81 -15.03 -6.45
CA PRO A 180 3.83 -16.49 -6.38
C PRO A 180 4.08 -17.13 -7.75
N MET A 181 4.76 -18.28 -7.75
CA MET A 181 5.06 -18.98 -8.98
C MET A 181 3.79 -19.29 -9.77
N LYS A 182 2.67 -19.37 -9.05
CA LYS A 182 1.38 -19.64 -9.68
C LYS A 182 0.40 -18.50 -9.44
N PRO A 183 -0.66 -18.44 -10.26
CA PRO A 183 -1.68 -17.41 -10.15
C PRO A 183 -2.56 -17.58 -8.91
N TYR A 184 -2.47 -18.76 -8.30
CA TYR A 184 -3.25 -19.05 -7.11
C TYR A 184 -3.05 -17.97 -6.05
N GLY A 185 -4.05 -17.10 -5.91
CA GLY A 185 -3.97 -16.03 -4.93
C GLY A 185 -4.98 -16.18 -3.82
N ARG A 186 -4.63 -16.98 -2.81
CA ARG A 186 -5.52 -17.21 -1.68
C ARG A 186 -5.73 -15.93 -0.88
N ARG A 187 -4.64 -15.19 -0.66
CA ARG A 187 -4.70 -13.95 0.09
C ARG A 187 -4.58 -12.74 -0.84
N ASN A 188 -5.48 -11.78 -0.68
CA ASN A 188 -5.47 -10.57 -1.50
C ASN A 188 -5.86 -9.35 -0.68
N GLU A 189 -5.37 -8.19 -1.09
CA GLU A 189 -5.67 -6.94 -0.40
C GLU A 189 -5.75 -5.77 -1.38
N VAL A 190 -6.79 -4.97 -1.25
CA VAL A 190 -6.99 -3.82 -2.12
C VAL A 190 -7.59 -2.65 -1.36
N TRP A 191 -6.86 -1.54 -1.30
CA TRP A 191 -7.32 -0.35 -0.60
C TRP A 191 -7.82 0.70 -1.59
N LEU A 192 -8.88 1.40 -1.22
CA LEU A 192 -9.46 2.43 -2.08
C LEU A 192 -9.47 3.78 -1.36
N VAL A 193 -8.70 4.72 -1.88
CA VAL A 193 -8.62 6.06 -1.29
C VAL A 193 -9.78 6.93 -1.75
N LYS A 194 -10.65 7.31 -0.82
CA LYS A 194 -11.80 8.14 -1.13
C LYS A 194 -11.36 9.52 -1.63
N ALA A 195 -12.01 9.98 -2.69
CA ALA A 195 -11.69 11.29 -3.26
C ALA A 195 -12.24 12.42 -2.40
N ASN A 12 3.12 1.99 41.98
CA ASN A 12 2.26 3.03 41.42
C ASN A 12 2.53 3.22 39.93
N SER A 13 2.91 2.14 39.27
CA SER A 13 3.20 2.18 37.83
C SER A 13 2.58 0.99 37.12
N LEU A 14 1.59 1.25 36.28
CA LEU A 14 0.91 0.20 35.53
C LEU A 14 0.29 0.77 34.26
N PHE A 15 0.80 0.33 33.11
CA PHE A 15 0.28 0.79 31.83
C PHE A 15 0.28 -0.35 30.80
N GLY A 16 -0.44 -0.15 29.70
CA GLY A 16 -0.50 -1.16 28.67
C GLY A 16 0.82 -1.36 27.96
N SER A 17 0.81 -2.13 26.88
CA SER A 17 2.02 -2.40 26.12
C SER A 17 1.70 -3.10 24.80
N VAL A 18 1.11 -2.35 23.88
CA VAL A 18 0.74 -2.89 22.57
C VAL A 18 0.39 -1.77 21.59
N GLU A 19 1.09 -1.73 20.47
CA GLU A 19 0.86 -0.72 19.46
C GLU A 19 1.78 -0.92 18.24
N THR A 20 1.17 -1.10 17.07
CA THR A 20 1.94 -1.32 15.85
C THR A 20 1.42 -0.43 14.73
N TRP A 21 0.10 -0.32 14.62
CA TRP A 21 -0.52 0.50 13.59
C TRP A 21 -1.96 0.85 13.97
N PRO A 22 -2.12 1.67 15.02
CA PRO A 22 -3.43 2.10 15.50
C PRO A 22 -4.12 3.06 14.53
N TRP A 23 -5.29 2.67 14.05
CA TRP A 23 -6.04 3.50 13.12
C TRP A 23 -7.45 3.77 13.65
N GLN A 24 -8.17 4.66 12.97
CA GLN A 24 -9.53 5.02 13.37
C GLN A 24 -10.53 4.61 12.31
N VAL A 25 -11.34 3.60 12.61
CA VAL A 25 -12.35 3.11 11.69
C VAL A 25 -13.60 3.99 11.72
N LEU A 26 -14.15 4.27 10.54
CA LEU A 26 -15.34 5.10 10.43
C LEU A 26 -16.61 4.24 10.45
N SER A 27 -16.54 3.09 9.79
CA SER A 27 -17.68 2.19 9.72
C SER A 27 -17.36 0.97 8.86
N THR A 28 -17.94 -0.18 9.21
CA THR A 28 -17.71 -1.41 8.48
C THR A 28 -19.03 -2.14 8.21
N GLY A 29 -18.99 -3.10 7.30
CA GLY A 29 -20.17 -3.87 6.97
C GLY A 29 -20.79 -3.44 5.65
N GLY A 30 -20.70 -4.30 4.65
CA GLY A 30 -21.26 -3.99 3.34
C GLY A 30 -22.09 -5.13 2.78
N LYS A 31 -21.89 -5.43 1.50
CA LYS A 31 -22.62 -6.50 0.84
C LYS A 31 -22.14 -7.86 1.31
N GLU A 32 -22.87 -8.91 0.95
CA GLU A 32 -22.51 -10.26 1.33
C GLU A 32 -21.21 -10.70 0.66
N ASP A 33 -20.43 -11.51 1.36
CA ASP A 33 -19.16 -11.99 0.83
C ASP A 33 -18.12 -10.88 0.82
N VAL A 34 -18.33 -9.89 -0.05
CA VAL A 34 -17.40 -8.76 -0.15
C VAL A 34 -17.84 -7.61 0.74
N SER A 35 -17.03 -7.32 1.76
CA SER A 35 -17.34 -6.24 2.69
C SER A 35 -16.29 -5.13 2.60
N TYR A 36 -16.69 -3.92 2.96
CA TYR A 36 -15.77 -2.77 2.92
C TYR A 36 -15.49 -2.26 4.33
N GLU A 37 -14.42 -1.49 4.47
CA GLU A 37 -14.04 -0.93 5.75
C GLU A 37 -13.20 0.34 5.57
N GLU A 38 -13.63 1.42 6.21
CA GLU A 38 -12.92 2.70 6.11
C GLU A 38 -12.21 3.02 7.43
N ARG A 39 -10.92 3.33 7.34
CA ARG A 39 -10.14 3.66 8.52
C ARG A 39 -9.15 4.79 8.23
N ALA A 40 -8.62 5.39 9.28
CA ALA A 40 -7.66 6.49 9.12
C ALA A 40 -6.23 5.97 9.19
N CYS A 41 -5.38 6.46 8.31
CA CYS A 41 -3.98 6.05 8.27
C CYS A 41 -3.29 6.33 9.61
N GLU A 42 -2.56 5.34 10.10
CA GLU A 42 -1.85 5.47 11.37
C GLU A 42 -1.03 6.75 11.40
N GLY A 43 -0.42 7.08 10.27
CA GLY A 43 0.39 8.28 10.18
C GLY A 43 1.88 7.99 10.34
N GLY A 44 2.23 6.72 10.33
CA GLY A 44 3.63 6.33 10.47
C GLY A 44 4.45 6.66 9.26
N LYS A 45 5.77 6.59 9.40
CA LYS A 45 6.68 6.89 8.30
C LYS A 45 6.95 5.65 7.45
N PHE A 46 6.83 5.80 6.14
CA PHE A 46 7.06 4.68 5.23
C PHE A 46 7.93 5.11 4.05
N ALA A 47 8.56 4.14 3.41
CA ALA A 47 9.42 4.42 2.26
C ALA A 47 8.69 4.13 0.95
N THR A 48 8.60 5.15 0.09
CA THR A 48 7.94 5.02 -1.19
C THR A 48 8.84 5.47 -2.33
N VAL A 49 8.53 5.01 -3.54
CA VAL A 49 9.31 5.37 -4.71
C VAL A 49 8.43 5.94 -5.82
N GLU A 50 9.00 6.82 -6.64
CA GLU A 50 8.26 7.44 -7.73
C GLU A 50 8.83 7.04 -9.08
N VAL A 51 7.99 6.46 -9.93
CA VAL A 51 8.41 6.03 -11.26
C VAL A 51 7.43 6.50 -12.33
N THR A 52 7.92 7.31 -13.25
CA THR A 52 7.08 7.83 -14.33
C THR A 52 7.71 7.54 -15.70
N ASP A 53 6.95 7.81 -16.75
CA ASP A 53 7.43 7.58 -18.11
C ASP A 53 7.63 6.10 -18.36
N LYS A 54 7.11 5.27 -17.46
CA LYS A 54 7.23 3.82 -17.60
C LYS A 54 5.96 3.12 -17.13
N PRO A 55 5.68 1.96 -17.73
CA PRO A 55 4.49 1.17 -17.39
C PRO A 55 4.58 0.54 -16.00
N VAL A 56 3.43 0.20 -15.44
CA VAL A 56 3.39 -0.40 -14.11
C VAL A 56 4.40 -1.54 -13.98
N ASP A 57 4.62 -2.24 -15.08
CA ASP A 57 5.58 -3.35 -15.11
C ASP A 57 7.01 -2.85 -14.92
N GLU A 58 7.34 -1.76 -15.61
CA GLU A 58 8.67 -1.18 -15.53
C GLU A 58 8.86 -0.44 -14.21
N ALA A 59 7.79 0.19 -13.74
CA ALA A 59 7.84 0.94 -12.48
C ALA A 59 7.90 -0.01 -11.29
N LEU A 60 7.12 -1.07 -11.34
CA LEU A 60 7.08 -2.06 -10.27
C LEU A 60 8.37 -2.88 -10.24
N ARG A 61 8.78 -3.36 -11.41
CA ARG A 61 10.00 -4.15 -11.51
C ARG A 61 11.23 -3.34 -11.13
N GLU A 62 11.13 -2.02 -11.27
CA GLU A 62 12.23 -1.13 -10.94
C GLU A 62 12.24 -0.80 -9.45
N ALA A 63 11.05 -0.70 -8.87
CA ALA A 63 10.91 -0.40 -7.45
C ALA A 63 11.22 -1.62 -6.59
N MET A 64 10.93 -2.80 -7.12
CA MET A 64 11.17 -4.04 -6.42
C MET A 64 12.58 -4.04 -5.80
N PRO A 65 13.59 -3.89 -6.66
CA PRO A 65 15.00 -3.87 -6.23
C PRO A 65 15.34 -2.62 -5.43
N LYS A 66 14.68 -1.51 -5.76
CA LYS A 66 14.92 -0.24 -5.07
C LYS A 66 14.50 -0.34 -3.61
N ILE A 67 13.38 -1.00 -3.35
CA ILE A 67 12.87 -1.17 -2.00
C ILE A 67 13.65 -2.25 -1.25
N MET A 68 14.08 -3.27 -1.98
CA MET A 68 14.84 -4.36 -1.38
C MET A 68 16.23 -3.90 -0.95
N LYS A 69 16.78 -2.94 -1.69
CA LYS A 69 18.11 -2.42 -1.37
C LYS A 69 18.10 -1.71 -0.02
N TYR A 70 16.94 -1.21 0.38
CA TYR A 70 16.81 -0.51 1.65
C TYR A 70 16.91 -1.50 2.82
N VAL A 71 16.19 -2.60 2.72
CA VAL A 71 16.20 -3.63 3.76
C VAL A 71 17.46 -4.48 3.69
N GLY A 72 18.07 -4.52 2.51
CA GLY A 72 19.28 -5.30 2.32
C GLY A 72 20.43 -4.78 3.15
N GLY A 73 20.41 -3.49 3.45
CA GLY A 73 21.47 -2.89 4.23
C GLY A 73 22.01 -1.61 3.62
N THR A 74 21.46 -1.23 2.46
CA THR A 74 21.89 -0.04 1.76
C THR A 74 21.20 1.21 2.33
N ASN A 75 21.35 1.41 3.64
CA ASN A 75 20.75 2.55 4.31
C ASN A 75 21.76 3.69 4.48
N ASP A 76 21.27 4.87 4.80
CA ASP A 76 22.13 6.03 4.99
C ASP A 76 22.95 5.90 6.27
N LYS A 77 22.45 5.10 7.21
CA LYS A 77 23.13 4.88 8.48
C LYS A 77 23.99 3.62 8.43
N GLY A 78 23.78 2.81 7.39
CA GLY A 78 24.54 1.59 7.25
C GLY A 78 24.05 0.48 8.16
N VAL A 79 22.73 0.41 8.34
CA VAL A 79 22.13 -0.60 9.19
C VAL A 79 22.02 -1.94 8.46
N GLY A 80 22.62 -2.97 9.04
CA GLY A 80 22.57 -4.29 8.43
C GLY A 80 21.41 -5.13 8.94
N MET A 81 20.66 -4.57 9.90
CA MET A 81 19.52 -5.29 10.47
C MET A 81 18.43 -5.51 9.43
N GLY A 82 18.49 -6.64 8.75
CA GLY A 82 17.50 -6.95 7.73
C GLY A 82 16.10 -7.05 8.29
N MET A 83 15.13 -6.56 7.53
CA MET A 83 13.73 -6.59 7.96
C MET A 83 12.84 -7.21 6.88
N THR A 84 11.76 -7.84 7.31
CA THR A 84 10.83 -8.47 6.38
C THR A 84 9.42 -7.89 6.53
N VAL A 85 8.84 -7.45 5.41
CA VAL A 85 7.50 -6.87 5.42
C VAL A 85 6.85 -6.97 4.05
N PRO A 86 5.52 -6.86 4.02
CA PRO A 86 4.74 -6.93 2.77
C PRO A 86 4.98 -5.72 1.88
N VAL A 87 5.05 -5.96 0.57
CA VAL A 87 5.27 -4.89 -0.39
C VAL A 87 3.96 -4.49 -1.06
N SER A 88 3.75 -3.18 -1.17
CA SER A 88 2.53 -2.66 -1.79
C SER A 88 2.85 -1.47 -2.70
N PHE A 89 1.99 -1.25 -3.69
CA PHE A 89 2.18 -0.15 -4.63
C PHE A 89 0.84 0.44 -5.06
N ALA A 90 0.85 1.71 -5.46
CA ALA A 90 -0.36 2.40 -5.89
C ALA A 90 -0.54 2.29 -7.40
N VAL A 91 -1.79 2.42 -7.85
CA VAL A 91 -2.09 2.35 -9.28
C VAL A 91 -3.21 3.31 -9.65
N PHE A 92 -3.19 3.78 -10.89
CA PHE A 92 -4.20 4.71 -11.37
C PHE A 92 -4.90 4.16 -12.62
N PRO A 93 -6.09 3.58 -12.41
CA PRO A 93 -6.88 3.00 -13.50
C PRO A 93 -7.45 4.07 -14.44
N ASN A 94 -7.55 3.73 -15.72
CA ASN A 94 -8.08 4.66 -16.71
C ASN A 94 -9.37 4.12 -17.32
N GLU A 95 -10.11 4.99 -18.00
CA GLU A 95 -11.36 4.62 -18.63
C GLU A 95 -11.14 3.50 -19.65
N ASP A 96 -9.94 3.44 -20.20
CA ASP A 96 -9.60 2.41 -21.18
C ASP A 96 -9.26 1.09 -20.50
N GLY A 97 -9.23 1.11 -19.18
CA GLY A 97 -8.92 -0.09 -18.42
C GLY A 97 -7.44 -0.28 -18.21
N SER A 98 -6.64 0.53 -18.89
CA SER A 98 -5.19 0.45 -18.78
C SER A 98 -4.66 1.46 -17.77
N LEU A 99 -4.00 0.96 -16.74
CA LEU A 99 -3.44 1.83 -15.69
C LEU A 99 -2.60 2.94 -16.31
N GLN A 100 -2.33 3.97 -15.51
CA GLN A 100 -1.52 5.10 -15.98
C GLN A 100 -0.04 4.77 -15.93
N LYS A 101 0.77 5.61 -16.56
CA LYS A 101 2.22 5.40 -16.59
C LYS A 101 2.85 5.79 -15.25
N LYS A 102 2.06 6.42 -14.39
CA LYS A 102 2.54 6.84 -13.08
C LYS A 102 2.19 5.80 -12.01
N LEU A 103 3.21 5.36 -11.29
CA LEU A 103 3.00 4.36 -10.23
C LEU A 103 3.91 4.64 -9.04
N LYS A 104 3.32 4.76 -7.86
CA LYS A 104 4.07 5.03 -6.64
C LYS A 104 4.04 3.81 -5.71
N VAL A 105 5.21 3.23 -5.46
CA VAL A 105 5.33 2.07 -4.59
C VAL A 105 5.42 2.49 -3.14
N TRP A 106 4.75 1.74 -2.27
CA TRP A 106 4.75 2.04 -0.85
C TRP A 106 5.28 0.84 -0.04
N PHE A 107 6.32 1.08 0.73
CA PHE A 107 6.92 0.02 1.56
C PHE A 107 6.56 0.20 3.03
N ARG A 108 5.87 -0.79 3.58
CA ARG A 108 5.47 -0.74 4.97
C ARG A 108 6.58 -1.26 5.89
N ILE A 109 7.15 -0.36 6.69
CA ILE A 109 8.22 -0.72 7.60
C ILE A 109 7.67 -1.37 8.87
N PRO A 110 8.31 -2.47 9.30
CA PRO A 110 7.90 -3.19 10.50
C PRO A 110 8.17 -2.41 11.78
N ASN A 111 7.37 -2.66 12.80
CA ASN A 111 7.53 -1.97 14.08
C ASN A 111 8.98 -2.06 14.56
N GLN A 112 9.66 -3.15 14.21
CA GLN A 112 11.04 -3.34 14.61
C GLN A 112 11.91 -2.19 14.12
N PHE A 113 11.60 -1.67 12.94
CA PHE A 113 12.36 -0.57 12.36
C PHE A 113 11.64 0.75 12.58
N GLN A 114 10.31 0.71 12.63
CA GLN A 114 9.51 1.91 12.84
C GLN A 114 10.00 2.69 14.05
N GLY A 115 10.50 1.96 15.05
CA GLY A 115 11.00 2.61 16.26
C GLY A 115 12.09 3.62 15.97
N SER A 116 12.79 3.43 14.86
CA SER A 116 13.87 4.34 14.48
C SER A 116 14.52 3.89 13.18
N PRO A 117 13.81 4.09 12.06
CA PRO A 117 14.30 3.70 10.73
C PRO A 117 15.46 4.58 10.27
N PRO A 118 16.36 4.00 9.47
CA PRO A 118 17.54 4.70 8.95
C PRO A 118 17.16 5.75 7.91
N ALA A 119 18.03 6.74 7.72
CA ALA A 119 17.79 7.80 6.75
C ALA A 119 17.92 7.28 5.33
N PRO A 120 17.24 7.96 4.38
CA PRO A 120 17.26 7.59 2.97
C PRO A 120 18.61 7.84 2.32
N SER A 121 19.35 6.76 2.09
CA SER A 121 20.67 6.86 1.47
C SER A 121 20.56 7.28 0.01
N ASP A 122 19.45 6.91 -0.62
CA ASP A 122 19.22 7.24 -2.02
C ASP A 122 17.95 8.07 -2.18
N GLU A 123 17.99 9.04 -3.09
CA GLU A 123 16.84 9.90 -3.34
C GLU A 123 15.70 9.13 -3.97
N SER A 124 16.03 8.05 -4.68
CA SER A 124 15.05 7.22 -5.33
C SER A 124 14.00 6.73 -4.34
N VAL A 125 14.39 6.64 -3.07
CA VAL A 125 13.49 6.19 -2.02
C VAL A 125 13.65 7.01 -0.75
N LYS A 126 12.60 7.72 -0.37
CA LYS A 126 12.63 8.55 0.83
C LYS A 126 11.58 8.10 1.83
N ILE A 127 11.84 8.37 3.12
CA ILE A 127 10.92 7.99 4.17
C ILE A 127 9.95 9.12 4.49
N GLU A 128 8.67 8.90 4.18
CA GLU A 128 7.64 9.89 4.43
C GLU A 128 6.39 9.26 5.05
N GLU A 129 5.68 10.04 5.85
CA GLU A 129 4.47 9.55 6.50
C GLU A 129 3.23 10.21 5.92
N ARG A 130 2.10 9.52 6.00
CA ARG A 130 0.85 10.03 5.48
C ARG A 130 -0.27 9.93 6.51
N GLU A 131 -0.88 11.06 6.84
CA GLU A 131 -1.96 11.09 7.82
C GLU A 131 -3.04 12.10 7.42
N GLY A 132 -4.25 11.86 7.88
CA GLY A 132 -5.36 12.76 7.56
C GLY A 132 -6.08 12.36 6.28
N ILE A 133 -5.90 11.10 5.87
CA ILE A 133 -6.52 10.61 4.66
C ILE A 133 -7.43 9.41 4.96
N THR A 134 -8.47 9.24 4.15
CA THR A 134 -9.40 8.13 4.33
C THR A 134 -9.38 7.19 3.13
N VAL A 135 -9.47 5.90 3.40
CA VAL A 135 -9.46 4.89 2.35
C VAL A 135 -10.35 3.71 2.69
N TYR A 136 -10.69 2.91 1.69
CA TYR A 136 -11.54 1.74 1.90
C TYR A 136 -10.78 0.46 1.62
N SER A 137 -10.74 -0.44 2.60
CA SER A 137 -10.04 -1.71 2.46
C SER A 137 -11.03 -2.86 2.24
N THR A 138 -10.71 -3.73 1.29
CA THR A 138 -11.57 -4.87 0.99
C THR A 138 -10.76 -6.14 0.85
N GLN A 139 -11.17 -7.18 1.58
CA GLN A 139 -10.48 -8.47 1.53
C GLN A 139 -11.34 -9.52 0.86
N PHE A 140 -10.69 -10.43 0.12
CA PHE A 140 -11.39 -11.49 -0.59
C PHE A 140 -10.55 -12.76 -0.62
N GLY A 141 -11.03 -13.80 0.05
CA GLY A 141 -10.31 -15.06 0.08
C GLY A 141 -10.30 -15.76 -1.27
N GLY A 142 -9.36 -16.68 -1.46
CA GLY A 142 -9.26 -17.39 -2.72
C GLY A 142 -8.10 -16.92 -3.56
N TYR A 143 -7.71 -17.74 -4.53
CA TYR A 143 -6.60 -17.40 -5.41
C TYR A 143 -6.97 -16.25 -6.35
N ALA A 144 -6.28 -15.13 -6.21
CA ALA A 144 -6.53 -13.96 -7.03
C ALA A 144 -5.28 -13.53 -7.78
N LYS A 145 -5.42 -13.26 -9.07
CA LYS A 145 -4.31 -12.84 -9.90
C LYS A 145 -4.25 -11.32 -10.00
N GLU A 146 -3.22 -10.81 -10.68
CA GLU A 146 -3.05 -9.37 -10.86
C GLU A 146 -4.34 -8.74 -11.39
N ALA A 147 -4.92 -9.36 -12.42
CA ALA A 147 -6.14 -8.85 -13.02
C ALA A 147 -7.28 -8.83 -12.01
N ASP A 148 -7.29 -9.80 -11.11
CA ASP A 148 -8.33 -9.89 -10.09
C ASP A 148 -8.39 -8.62 -9.27
N TYR A 149 -7.22 -8.11 -8.86
CA TYR A 149 -7.14 -6.90 -8.07
C TYR A 149 -7.81 -5.73 -8.79
N VAL A 150 -7.71 -5.74 -10.12
CA VAL A 150 -8.31 -4.68 -10.93
C VAL A 150 -9.83 -4.82 -11.00
N ALA A 151 -10.30 -6.06 -11.01
CA ALA A 151 -11.73 -6.32 -11.07
C ALA A 151 -12.39 -6.07 -9.71
N HIS A 152 -11.76 -6.58 -8.65
CA HIS A 152 -12.29 -6.40 -7.30
C HIS A 152 -12.46 -4.92 -6.97
N ALA A 153 -11.57 -4.10 -7.51
CA ALA A 153 -11.62 -2.65 -7.28
C ALA A 153 -12.95 -2.07 -7.73
N THR A 154 -13.50 -2.62 -8.82
CA THR A 154 -14.77 -2.15 -9.35
C THR A 154 -15.94 -2.68 -8.54
N GLN A 155 -15.79 -3.89 -8.02
CA GLN A 155 -16.83 -4.51 -7.21
C GLN A 155 -17.10 -3.71 -5.95
N LEU A 156 -16.03 -3.18 -5.36
CA LEU A 156 -16.15 -2.39 -4.14
C LEU A 156 -17.08 -1.20 -4.34
N ARG A 157 -17.14 -0.70 -5.57
CA ARG A 157 -17.98 0.44 -5.90
C ARG A 157 -19.45 0.02 -5.91
N THR A 158 -19.74 -1.14 -6.47
CA THR A 158 -21.10 -1.65 -6.55
C THR A 158 -21.67 -1.91 -5.16
N THR A 159 -20.82 -2.40 -4.26
CA THR A 159 -21.24 -2.70 -2.90
C THR A 159 -21.33 -1.42 -2.06
N LEU A 160 -20.45 -0.47 -2.35
CA LEU A 160 -20.45 0.80 -1.62
C LEU A 160 -21.58 1.70 -2.09
N GLU A 161 -22.30 1.26 -3.11
CA GLU A 161 -23.42 2.02 -3.66
C GLU A 161 -24.40 2.39 -2.55
N GLY A 162 -24.92 3.62 -2.62
CA GLY A 162 -25.87 4.08 -1.62
C GLY A 162 -25.20 4.84 -0.49
N THR A 163 -23.88 4.81 -0.46
CA THR A 163 -23.12 5.49 0.57
C THR A 163 -22.66 6.87 0.09
N PRO A 164 -22.48 7.80 1.04
CA PRO A 164 -22.03 9.16 0.73
C PRO A 164 -20.58 9.21 0.29
N ALA A 165 -19.88 8.08 0.43
CA ALA A 165 -18.48 7.99 0.04
C ALA A 165 -18.30 8.37 -1.43
N THR A 166 -17.19 9.05 -1.72
CA THR A 166 -16.90 9.47 -3.08
C THR A 166 -15.60 8.85 -3.58
N TYR A 167 -15.34 9.00 -4.88
CA TYR A 167 -14.13 8.44 -5.48
C TYR A 167 -13.60 9.36 -6.57
N GLN A 168 -12.33 9.20 -6.90
CA GLN A 168 -11.70 10.01 -7.93
C GLN A 168 -10.63 9.22 -8.68
N GLY A 169 -10.86 9.00 -9.98
CA GLY A 169 -9.92 8.25 -10.77
C GLY A 169 -9.90 6.77 -10.43
N ASP A 170 -10.81 6.36 -9.55
CA ASP A 170 -10.89 4.97 -9.14
C ASP A 170 -9.53 4.45 -8.69
N VAL A 171 -8.67 5.37 -8.24
CA VAL A 171 -7.34 4.99 -7.78
C VAL A 171 -7.41 4.03 -6.61
N TYR A 172 -6.52 3.04 -6.62
CA TYR A 172 -6.47 2.04 -5.55
C TYR A 172 -5.05 1.55 -5.31
N TYR A 173 -4.85 0.87 -4.18
CA TYR A 173 -3.53 0.35 -3.84
C TYR A 173 -3.54 -1.18 -3.81
N CYS A 174 -2.39 -1.77 -4.08
CA CYS A 174 -2.25 -3.23 -4.09
C CYS A 174 -1.24 -3.68 -3.05
N ALA A 175 -1.70 -4.50 -2.10
CA ALA A 175 -0.83 -5.01 -1.05
C ALA A 175 -0.64 -6.52 -1.17
N GLY A 176 0.55 -7.00 -0.86
CA GLY A 176 0.83 -8.43 -0.94
C GLY A 176 2.16 -8.79 -0.31
N TYR A 177 2.20 -9.94 0.35
CA TYR A 177 3.42 -10.41 1.00
C TYR A 177 4.52 -10.68 -0.03
N ASP A 178 4.21 -11.52 -0.99
CA ASP A 178 5.17 -11.87 -2.05
C ASP A 178 4.45 -12.34 -3.30
N PRO A 179 5.15 -12.30 -4.44
CA PRO A 179 4.60 -12.74 -5.73
C PRO A 179 4.39 -14.24 -5.80
N PRO A 180 3.11 -14.65 -5.85
CA PRO A 180 2.74 -16.07 -5.92
C PRO A 180 3.10 -16.70 -7.26
N MET A 181 3.75 -17.86 -7.22
CA MET A 181 4.16 -18.56 -8.44
C MET A 181 2.94 -19.04 -9.20
N LYS A 182 1.90 -19.45 -8.48
CA LYS A 182 0.68 -19.94 -9.09
C LYS A 182 -0.34 -20.34 -8.03
N PRO A 183 0.03 -21.33 -7.20
CA PRO A 183 -0.84 -21.82 -6.12
C PRO A 183 -1.01 -20.80 -4.99
N TYR A 184 0.02 -19.99 -4.78
CA TYR A 184 -0.03 -18.97 -3.74
C TYR A 184 -0.94 -17.82 -4.14
N GLY A 185 -1.26 -16.97 -3.17
CA GLY A 185 -2.12 -15.83 -3.43
C GLY A 185 -3.49 -15.97 -2.78
N ARG A 186 -3.49 -16.37 -1.51
CA ARG A 186 -4.74 -16.54 -0.78
C ARG A 186 -5.13 -15.25 -0.06
N ARG A 187 -4.13 -14.42 0.25
CA ARG A 187 -4.38 -13.17 0.93
C ARG A 187 -4.30 -11.99 -0.05
N ASN A 188 -5.30 -11.12 0.00
CA ASN A 188 -5.34 -9.96 -0.90
C ASN A 188 -5.90 -8.74 -0.16
N GLU A 189 -5.38 -7.57 -0.51
CA GLU A 189 -5.83 -6.33 0.11
C GLU A 189 -5.79 -5.17 -0.89
N VAL A 190 -6.88 -4.40 -0.94
CA VAL A 190 -6.97 -3.27 -1.86
C VAL A 190 -7.53 -2.05 -1.15
N TRP A 191 -6.78 -0.95 -1.19
CA TRP A 191 -7.19 0.30 -0.56
C TRP A 191 -7.71 1.29 -1.58
N LEU A 192 -8.96 1.72 -1.41
CA LEU A 192 -9.57 2.67 -2.33
C LEU A 192 -9.51 4.09 -1.77
N VAL A 193 -9.21 5.05 -2.63
CA VAL A 193 -9.12 6.45 -2.23
C VAL A 193 -10.47 7.14 -2.36
N LYS A 194 -10.84 7.92 -1.35
CA LYS A 194 -12.10 8.64 -1.34
C LYS A 194 -11.91 10.05 -1.88
N ALA A 195 -12.70 10.40 -2.91
CA ALA A 195 -12.62 11.72 -3.51
C ALA A 195 -12.79 12.82 -2.46
N ASN A 12 10.74 29.46 25.19
CA ASN A 12 10.93 28.82 23.89
C ASN A 12 11.61 27.47 24.04
N SER A 13 10.99 26.44 23.49
CA SER A 13 11.54 25.09 23.56
C SER A 13 10.79 24.15 22.62
N LEU A 14 11.19 22.88 22.61
CA LEU A 14 10.57 21.89 21.76
C LEU A 14 10.04 20.72 22.58
N PHE A 15 9.59 19.66 21.90
CA PHE A 15 9.06 18.48 22.57
C PHE A 15 9.26 17.23 21.72
N GLY A 16 9.43 16.09 22.38
CA GLY A 16 9.62 14.85 21.66
C GLY A 16 8.39 13.97 21.69
N SER A 17 8.45 12.85 20.95
CA SER A 17 7.32 11.92 20.89
C SER A 17 7.80 10.52 20.52
N VAL A 18 6.85 9.62 20.30
CA VAL A 18 7.17 8.24 19.94
C VAL A 18 6.99 8.01 18.45
N GLU A 19 7.26 6.78 18.02
CA GLU A 19 7.13 6.42 16.61
C GLU A 19 5.90 5.55 16.37
N THR A 20 5.61 5.27 15.12
CA THR A 20 4.46 4.45 14.75
C THR A 20 3.17 5.05 15.30
N TRP A 21 2.05 4.39 15.02
CA TRP A 21 0.75 4.86 15.48
C TRP A 21 -0.34 3.85 15.16
N PRO A 22 -1.21 3.58 16.14
CA PRO A 22 -2.32 2.63 15.99
C PRO A 22 -3.40 3.15 15.04
N TRP A 23 -4.07 2.24 14.35
CA TRP A 23 -5.13 2.61 13.42
C TRP A 23 -6.50 2.37 14.03
N GLN A 24 -7.38 3.37 13.91
CA GLN A 24 -8.73 3.26 14.45
C GLN A 24 -9.76 3.18 13.33
N VAL A 25 -10.66 2.21 13.43
CA VAL A 25 -11.71 2.02 12.43
C VAL A 25 -12.99 2.75 12.82
N LEU A 26 -13.63 3.37 11.83
CA LEU A 26 -14.86 4.11 12.08
C LEU A 26 -16.07 3.21 11.91
N SER A 27 -16.03 2.33 10.92
CA SER A 27 -17.13 1.41 10.66
C SER A 27 -16.82 0.52 9.45
N THR A 28 -17.47 -0.64 9.40
CA THR A 28 -17.26 -1.57 8.31
C THR A 28 -18.60 -2.08 7.76
N GLY A 29 -18.56 -2.70 6.58
CA GLY A 29 -19.78 -3.21 5.97
C GLY A 29 -19.61 -3.47 4.49
N GLY A 30 -20.73 -3.68 3.80
CA GLY A 30 -20.69 -3.94 2.37
C GLY A 30 -21.54 -5.13 1.98
N LYS A 31 -21.50 -5.49 0.70
CA LYS A 31 -22.27 -6.62 0.20
C LYS A 31 -21.67 -7.95 0.66
N GLU A 32 -22.40 -9.03 0.44
CA GLU A 32 -21.95 -10.36 0.83
C GLU A 32 -20.71 -10.76 0.04
N ASP A 33 -19.97 -11.73 0.57
CA ASP A 33 -18.76 -12.22 -0.09
C ASP A 33 -17.64 -11.20 0.04
N VAL A 34 -17.79 -10.07 -0.66
CA VAL A 34 -16.78 -9.01 -0.63
C VAL A 34 -17.21 -7.87 0.29
N SER A 35 -16.48 -7.70 1.38
CA SER A 35 -16.78 -6.65 2.34
C SER A 35 -15.68 -5.59 2.34
N TYR A 36 -16.06 -4.36 2.72
CA TYR A 36 -15.11 -3.26 2.77
C TYR A 36 -15.08 -2.62 4.15
N GLU A 37 -14.00 -1.90 4.43
CA GLU A 37 -13.85 -1.24 5.73
C GLU A 37 -13.02 0.04 5.59
N GLU A 38 -13.42 1.08 6.32
CA GLU A 38 -12.72 2.35 6.28
C GLU A 38 -11.97 2.60 7.58
N ARG A 39 -10.70 2.96 7.45
CA ARG A 39 -9.86 3.22 8.62
C ARG A 39 -9.05 4.51 8.43
N ALA A 40 -8.51 5.03 9.53
CA ALA A 40 -7.71 6.25 9.48
C ALA A 40 -6.23 5.93 9.39
N CYS A 41 -5.52 6.66 8.52
CA CYS A 41 -4.09 6.44 8.33
C CYS A 41 -3.33 6.64 9.64
N GLU A 42 -2.60 5.62 10.05
CA GLU A 42 -1.83 5.67 11.29
C GLU A 42 -0.98 6.93 11.35
N GLY A 43 -0.42 7.31 10.19
CA GLY A 43 0.41 8.50 10.13
C GLY A 43 1.87 8.18 10.32
N GLY A 44 2.21 6.90 10.32
CA GLY A 44 3.59 6.49 10.49
C GLY A 44 4.45 6.81 9.27
N LYS A 45 5.76 6.73 9.44
CA LYS A 45 6.70 7.02 8.35
C LYS A 45 6.97 5.76 7.54
N PHE A 46 6.87 5.87 6.22
CA PHE A 46 7.12 4.75 5.33
C PHE A 46 8.00 5.16 4.16
N ALA A 47 8.61 4.17 3.51
CA ALA A 47 9.48 4.44 2.37
C ALA A 47 8.76 4.18 1.06
N THR A 48 8.74 5.18 0.19
CA THR A 48 8.07 5.07 -1.10
C THR A 48 8.99 5.54 -2.23
N VAL A 49 8.78 4.99 -3.43
CA VAL A 49 9.58 5.34 -4.59
C VAL A 49 8.70 5.73 -5.77
N GLU A 50 8.95 6.90 -6.34
CA GLU A 50 8.17 7.38 -7.47
C GLU A 50 8.80 6.94 -8.79
N VAL A 51 7.98 6.36 -9.66
CA VAL A 51 8.46 5.90 -10.96
C VAL A 51 7.54 6.36 -12.08
N THR A 52 8.08 7.14 -13.00
CA THR A 52 7.31 7.65 -14.12
C THR A 52 7.98 7.30 -15.45
N ASP A 53 7.27 7.57 -16.55
CA ASP A 53 7.80 7.29 -17.89
C ASP A 53 7.96 5.79 -18.09
N LYS A 54 7.37 5.01 -17.19
CA LYS A 54 7.45 3.56 -17.28
C LYS A 54 6.13 2.91 -16.87
N PRO A 55 5.82 1.75 -17.47
CA PRO A 55 4.59 1.01 -17.18
C PRO A 55 4.59 0.41 -15.77
N VAL A 56 3.41 0.14 -15.24
CA VAL A 56 3.27 -0.44 -13.92
C VAL A 56 4.20 -1.64 -13.74
N ASP A 57 4.43 -2.37 -14.82
CA ASP A 57 5.30 -3.53 -14.79
C ASP A 57 6.75 -3.12 -14.54
N GLU A 58 7.20 -2.07 -15.23
CA GLU A 58 8.56 -1.58 -15.07
C GLU A 58 8.72 -0.83 -13.76
N ALA A 59 7.76 0.04 -13.46
CA ALA A 59 7.78 0.82 -12.23
C ALA A 59 7.78 -0.08 -11.00
N LEU A 60 6.96 -1.13 -11.05
CA LEU A 60 6.87 -2.07 -9.94
C LEU A 60 8.14 -2.92 -9.83
N ARG A 61 8.55 -3.49 -10.96
CA ARG A 61 9.75 -4.33 -10.99
C ARG A 61 10.99 -3.50 -10.67
N GLU A 62 10.91 -2.20 -10.90
CA GLU A 62 12.03 -1.31 -10.63
C GLU A 62 12.10 -0.94 -9.15
N ALA A 63 10.93 -0.78 -8.54
CA ALA A 63 10.86 -0.43 -7.12
C ALA A 63 11.17 -1.64 -6.25
N MET A 64 10.82 -2.83 -6.73
CA MET A 64 11.07 -4.06 -5.98
C MET A 64 12.47 -4.06 -5.39
N PRO A 65 13.49 -3.94 -6.26
CA PRO A 65 14.89 -3.93 -5.84
C PRO A 65 15.26 -2.66 -5.08
N LYS A 66 14.60 -1.55 -5.42
CA LYS A 66 14.86 -0.27 -4.78
C LYS A 66 14.45 -0.32 -3.31
N ILE A 67 13.40 -1.08 -3.01
CA ILE A 67 12.91 -1.21 -1.64
C ILE A 67 13.74 -2.21 -0.85
N MET A 68 14.15 -3.29 -1.52
CA MET A 68 14.96 -4.32 -0.87
C MET A 68 16.39 -3.84 -0.68
N LYS A 69 16.87 -3.03 -1.61
CA LYS A 69 18.22 -2.50 -1.55
C LYS A 69 18.31 -1.37 -0.52
N TYR A 70 17.21 -0.67 -0.32
CA TYR A 70 17.17 0.44 0.64
C TYR A 70 17.48 -0.04 2.05
N VAL A 71 16.67 -0.96 2.55
CA VAL A 71 16.86 -1.50 3.89
C VAL A 71 17.83 -2.69 3.86
N GLY A 72 18.10 -3.19 2.67
CA GLY A 72 19.01 -4.32 2.52
C GLY A 72 20.42 -4.00 3.00
N GLY A 73 20.70 -2.71 3.16
CA GLY A 73 22.01 -2.30 3.61
C GLY A 73 22.51 -1.05 2.89
N THR A 74 21.78 -0.64 1.85
CA THR A 74 22.15 0.53 1.08
C THR A 74 21.45 1.79 1.60
N ASN A 75 21.29 1.86 2.92
CA ASN A 75 20.64 3.00 3.54
C ASN A 75 21.67 4.00 4.07
N ASP A 76 21.19 5.11 4.60
CA ASP A 76 22.06 6.14 5.15
C ASP A 76 22.69 5.68 6.46
N LYS A 77 21.94 4.89 7.23
CA LYS A 77 22.43 4.38 8.51
C LYS A 77 23.36 3.20 8.30
N GLY A 78 23.36 2.65 7.09
CA GLY A 78 24.22 1.52 6.78
C GLY A 78 23.81 0.27 7.52
N VAL A 79 22.55 0.22 7.93
CA VAL A 79 22.03 -0.94 8.66
C VAL A 79 21.52 -2.01 7.70
N GLY A 80 21.77 -3.27 8.05
CA GLY A 80 21.32 -4.37 7.20
C GLY A 80 19.81 -4.43 7.08
N MET A 81 19.30 -5.60 6.68
CA MET A 81 17.87 -5.79 6.53
C MET A 81 17.30 -6.59 7.71
N GLY A 82 16.68 -5.89 8.65
CA GLY A 82 16.10 -6.54 9.80
C GLY A 82 14.60 -6.34 9.90
N MET A 83 13.97 -6.03 8.77
CA MET A 83 12.54 -5.81 8.73
C MET A 83 11.89 -6.68 7.66
N THR A 84 10.87 -7.44 8.06
CA THR A 84 10.17 -8.32 7.13
C THR A 84 8.66 -8.02 7.14
N VAL A 85 8.15 -7.58 5.99
CA VAL A 85 6.73 -7.26 5.86
C VAL A 85 6.33 -7.18 4.39
N PRO A 86 5.01 -7.30 4.14
CA PRO A 86 4.46 -7.24 2.79
C PRO A 86 4.56 -5.84 2.18
N VAL A 87 4.87 -5.78 0.88
CA VAL A 87 5.00 -4.51 0.19
C VAL A 87 3.76 -4.23 -0.67
N SER A 88 3.48 -2.95 -0.90
CA SER A 88 2.33 -2.55 -1.69
C SER A 88 2.68 -1.37 -2.59
N PHE A 89 1.94 -1.23 -3.69
CA PHE A 89 2.17 -0.14 -4.63
C PHE A 89 0.85 0.47 -5.10
N ALA A 90 0.90 1.72 -5.52
CA ALA A 90 -0.29 2.42 -5.99
C ALA A 90 -0.41 2.33 -7.51
N VAL A 91 -1.64 2.46 -8.00
CA VAL A 91 -1.90 2.40 -9.44
C VAL A 91 -2.97 3.40 -9.86
N PHE A 92 -2.90 3.84 -11.10
CA PHE A 92 -3.87 4.79 -11.63
C PHE A 92 -4.50 4.29 -12.92
N PRO A 93 -5.71 3.72 -12.80
CA PRO A 93 -6.45 3.18 -13.94
C PRO A 93 -6.95 4.28 -14.88
N ASN A 94 -7.22 3.91 -16.13
CA ASN A 94 -7.70 4.85 -17.13
C ASN A 94 -9.07 4.43 -17.66
N GLU A 95 -9.60 5.24 -18.57
CA GLU A 95 -10.91 4.96 -19.16
C GLU A 95 -10.91 3.60 -19.86
N ASP A 96 -9.71 3.13 -20.22
CA ASP A 96 -9.57 1.85 -20.89
C ASP A 96 -9.27 0.73 -19.89
N GLY A 97 -9.08 1.11 -18.63
CA GLY A 97 -8.78 0.14 -17.60
C GLY A 97 -7.30 -0.15 -17.48
N SER A 98 -6.52 0.34 -18.44
CA SER A 98 -5.08 0.13 -18.44
C SER A 98 -4.38 1.13 -17.54
N LEU A 99 -3.45 0.65 -16.73
CA LEU A 99 -2.71 1.51 -15.81
C LEU A 99 -1.58 2.23 -16.54
N GLN A 100 -1.87 3.44 -17.00
CA GLN A 100 -0.88 4.25 -17.71
C GLN A 100 -0.89 5.70 -17.22
N LYS A 101 0.18 6.09 -16.55
CA LYS A 101 0.29 7.45 -16.03
C LYS A 101 1.46 7.57 -15.05
N LYS A 102 1.29 6.98 -13.87
CA LYS A 102 2.32 7.02 -12.84
C LYS A 102 2.14 5.88 -11.84
N LEU A 103 3.22 5.50 -11.17
CA LEU A 103 3.17 4.42 -10.18
C LEU A 103 4.00 4.77 -8.97
N LYS A 104 3.37 4.74 -7.79
CA LYS A 104 4.05 5.05 -6.54
C LYS A 104 4.04 3.84 -5.60
N VAL A 105 5.22 3.29 -5.36
CA VAL A 105 5.35 2.13 -4.47
C VAL A 105 5.47 2.56 -3.01
N TRP A 106 4.80 1.83 -2.12
CA TRP A 106 4.84 2.15 -0.70
C TRP A 106 5.29 0.93 0.11
N PHE A 107 6.37 1.09 0.86
CA PHE A 107 6.90 0.01 1.67
C PHE A 107 6.58 0.24 3.15
N ARG A 108 5.88 -0.72 3.75
CA ARG A 108 5.51 -0.63 5.16
C ARG A 108 6.65 -1.08 6.06
N ILE A 109 6.90 -0.32 7.12
CA ILE A 109 7.97 -0.65 8.06
C ILE A 109 7.41 -1.18 9.37
N PRO A 110 8.00 -2.27 9.87
CA PRO A 110 7.58 -2.90 11.13
C PRO A 110 7.90 -2.05 12.34
N ASN A 111 7.10 -2.19 13.39
CA ASN A 111 7.31 -1.43 14.62
C ASN A 111 8.75 -1.55 15.09
N GLN A 112 9.37 -2.68 14.81
CA GLN A 112 10.75 -2.93 15.21
C GLN A 112 11.68 -1.86 14.63
N PHE A 113 11.37 -1.42 13.42
CA PHE A 113 12.17 -0.40 12.74
C PHE A 113 11.53 0.98 12.89
N GLN A 114 10.21 1.00 12.98
CA GLN A 114 9.47 2.25 13.12
C GLN A 114 10.04 3.10 14.25
N GLY A 115 10.49 2.43 15.30
CA GLY A 115 11.04 3.15 16.44
C GLY A 115 12.20 4.03 16.06
N SER A 116 12.85 3.72 14.94
CA SER A 116 13.99 4.50 14.46
C SER A 116 14.54 3.92 13.17
N PRO A 117 13.80 4.10 12.07
CA PRO A 117 14.20 3.60 10.75
C PRO A 117 15.40 4.35 10.19
N PRO A 118 16.13 3.69 9.26
CA PRO A 118 17.30 4.28 8.62
C PRO A 118 16.95 5.43 7.68
N ALA A 119 17.91 6.30 7.41
CA ALA A 119 17.69 7.44 6.53
C ALA A 119 17.87 7.03 5.07
N PRO A 120 17.22 7.77 4.17
CA PRO A 120 17.28 7.52 2.73
C PRO A 120 18.66 7.84 2.14
N SER A 121 19.39 6.80 1.77
CA SER A 121 20.72 6.97 1.19
C SER A 121 20.64 7.59 -0.19
N ASP A 122 19.49 7.42 -0.85
CA ASP A 122 19.29 7.96 -2.19
C ASP A 122 18.00 8.78 -2.25
N GLU A 123 17.79 9.46 -3.37
CA GLU A 123 16.59 10.28 -3.56
C GLU A 123 15.43 9.45 -4.10
N SER A 124 15.77 8.35 -4.77
CA SER A 124 14.76 7.47 -5.35
C SER A 124 13.79 6.98 -4.27
N VAL A 125 14.33 6.66 -3.11
CA VAL A 125 13.52 6.17 -1.99
C VAL A 125 13.67 7.07 -0.77
N LYS A 126 12.56 7.64 -0.32
CA LYS A 126 12.58 8.52 0.84
C LYS A 126 11.52 8.10 1.86
N ILE A 127 11.80 8.34 3.13
CA ILE A 127 10.87 7.98 4.20
C ILE A 127 9.94 9.14 4.53
N GLU A 128 8.66 8.97 4.24
CA GLU A 128 7.66 10.01 4.51
C GLU A 128 6.41 9.41 5.13
N GLU A 129 5.70 10.22 5.91
CA GLU A 129 4.48 9.76 6.57
C GLU A 129 3.26 10.48 6.00
N ARG A 130 2.10 9.82 6.07
CA ARG A 130 0.87 10.39 5.55
C ARG A 130 -0.30 10.09 6.50
N GLU A 131 -1.01 11.14 6.90
CA GLU A 131 -2.14 10.99 7.80
C GLU A 131 -3.25 11.97 7.46
N GLY A 132 -4.44 11.74 8.00
CA GLY A 132 -5.57 12.62 7.73
C GLY A 132 -6.31 12.24 6.47
N ILE A 133 -6.12 11.00 6.02
CA ILE A 133 -6.78 10.51 4.82
C ILE A 133 -7.65 9.30 5.12
N THR A 134 -8.72 9.14 4.35
CA THR A 134 -9.63 8.02 4.53
C THR A 134 -9.62 7.10 3.32
N VAL A 135 -9.34 5.83 3.55
CA VAL A 135 -9.30 4.84 2.47
C VAL A 135 -10.15 3.63 2.80
N TYR A 136 -10.54 2.88 1.77
CA TYR A 136 -11.36 1.69 1.96
C TYR A 136 -10.60 0.43 1.54
N SER A 137 -10.48 -0.52 2.45
CA SER A 137 -9.78 -1.77 2.19
C SER A 137 -10.74 -2.95 2.20
N THR A 138 -10.48 -3.94 1.35
CA THR A 138 -11.32 -5.12 1.27
C THR A 138 -10.48 -6.39 1.22
N GLN A 139 -10.83 -7.37 2.04
CA GLN A 139 -10.11 -8.64 2.07
C GLN A 139 -10.96 -9.77 1.53
N PHE A 140 -10.38 -10.56 0.62
CA PHE A 140 -11.09 -11.68 0.02
C PHE A 140 -10.13 -12.83 -0.29
N GLY A 141 -10.42 -14.00 0.27
CA GLY A 141 -9.58 -15.16 0.05
C GLY A 141 -10.09 -16.04 -1.07
N GLY A 142 -9.26 -16.99 -1.50
CA GLY A 142 -9.65 -17.88 -2.57
C GLY A 142 -8.85 -17.65 -3.84
N TYR A 143 -9.28 -18.28 -4.93
CA TYR A 143 -8.60 -18.14 -6.20
C TYR A 143 -8.76 -16.73 -6.77
N ALA A 144 -7.72 -15.91 -6.61
CA ALA A 144 -7.76 -14.54 -7.09
C ALA A 144 -6.60 -14.27 -8.04
N LYS A 145 -6.91 -14.14 -9.34
CA LYS A 145 -5.90 -13.89 -10.35
C LYS A 145 -5.60 -12.40 -10.46
N GLU A 146 -4.66 -12.04 -11.33
CA GLU A 146 -4.29 -10.65 -11.53
C GLU A 146 -5.52 -9.78 -11.80
N ALA A 147 -6.43 -10.31 -12.61
CA ALA A 147 -7.66 -9.59 -12.95
C ALA A 147 -8.53 -9.39 -11.71
N ASP A 148 -8.44 -10.32 -10.77
CA ASP A 148 -9.22 -10.24 -9.54
C ASP A 148 -8.96 -8.92 -8.82
N TYR A 149 -7.69 -8.54 -8.73
CA TYR A 149 -7.31 -7.31 -8.05
C TYR A 149 -8.01 -6.10 -8.69
N VAL A 150 -8.07 -6.10 -10.02
CA VAL A 150 -8.71 -5.02 -10.75
C VAL A 150 -10.23 -5.09 -10.63
N ALA A 151 -10.77 -6.31 -10.70
CA ALA A 151 -12.20 -6.51 -10.60
C ALA A 151 -12.72 -6.10 -9.23
N HIS A 152 -12.03 -6.53 -8.18
CA HIS A 152 -12.41 -6.21 -6.81
C HIS A 152 -12.35 -4.70 -6.58
N ALA A 153 -11.36 -4.05 -7.18
CA ALA A 153 -11.19 -2.62 -7.04
C ALA A 153 -12.43 -1.86 -7.50
N THR A 154 -12.99 -2.29 -8.63
CA THR A 154 -14.18 -1.66 -9.17
C THR A 154 -15.43 -2.06 -8.41
N GLN A 155 -15.51 -3.35 -8.04
CA GLN A 155 -16.65 -3.86 -7.31
C GLN A 155 -16.89 -3.04 -6.03
N LEU A 156 -15.81 -2.52 -5.46
CA LEU A 156 -15.90 -1.71 -4.24
C LEU A 156 -16.83 -0.52 -4.45
N ARG A 157 -16.83 0.02 -5.67
CA ARG A 157 -17.68 1.16 -5.99
C ARG A 157 -19.14 0.75 -6.09
N THR A 158 -19.38 -0.40 -6.71
CA THR A 158 -20.74 -0.91 -6.88
C THR A 158 -21.36 -1.29 -5.54
N THR A 159 -20.54 -1.84 -4.65
CA THR A 159 -21.00 -2.25 -3.33
C THR A 159 -21.16 -1.05 -2.41
N LEU A 160 -20.30 -0.05 -2.59
CA LEU A 160 -20.34 1.16 -1.78
C LEU A 160 -21.48 2.08 -2.22
N GLU A 161 -22.19 1.66 -3.27
CA GLU A 161 -23.30 2.45 -3.79
C GLU A 161 -24.26 2.84 -2.68
N GLY A 162 -24.68 4.10 -2.68
CA GLY A 162 -25.60 4.58 -1.66
C GLY A 162 -24.89 5.28 -0.52
N THR A 163 -23.56 5.18 -0.51
CA THR A 163 -22.75 5.81 0.54
C THR A 163 -22.25 7.17 0.10
N PRO A 164 -22.02 8.07 1.07
CA PRO A 164 -21.53 9.43 0.81
C PRO A 164 -20.09 9.43 0.32
N ALA A 165 -19.44 8.27 0.38
CA ALA A 165 -18.05 8.15 -0.06
C ALA A 165 -17.90 8.56 -1.52
N THR A 166 -16.73 9.12 -1.85
CA THR A 166 -16.47 9.55 -3.22
C THR A 166 -15.19 8.91 -3.75
N TYR A 167 -14.95 9.08 -5.05
CA TYR A 167 -13.77 8.52 -5.69
C TYR A 167 -13.23 9.45 -6.77
N GLN A 168 -11.97 9.26 -7.13
CA GLN A 168 -11.33 10.09 -8.14
C GLN A 168 -10.32 9.29 -8.95
N GLY A 169 -10.61 9.09 -10.23
CA GLY A 169 -9.73 8.34 -11.09
C GLY A 169 -9.73 6.85 -10.78
N ASP A 170 -10.61 6.44 -9.86
CA ASP A 170 -10.71 5.04 -9.47
C ASP A 170 -9.37 4.52 -8.98
N VAL A 171 -8.50 5.44 -8.57
CA VAL A 171 -7.17 5.06 -8.08
C VAL A 171 -7.28 4.08 -6.93
N TYR A 172 -6.35 3.13 -6.88
CA TYR A 172 -6.33 2.12 -5.83
C TYR A 172 -4.91 1.60 -5.59
N TYR A 173 -4.72 0.92 -4.47
CA TYR A 173 -3.41 0.37 -4.11
C TYR A 173 -3.46 -1.15 -4.07
N CYS A 174 -2.30 -1.77 -4.25
CA CYS A 174 -2.20 -3.22 -4.23
C CYS A 174 -1.22 -3.70 -3.16
N ALA A 175 -1.71 -4.53 -2.25
CA ALA A 175 -0.88 -5.05 -1.17
C ALA A 175 -0.63 -6.54 -1.34
N GLY A 176 0.62 -6.96 -1.15
CA GLY A 176 0.98 -8.36 -1.29
C GLY A 176 2.38 -8.65 -0.82
N TYR A 177 2.55 -9.80 -0.17
CA TYR A 177 3.86 -10.20 0.34
C TYR A 177 4.87 -10.34 -0.79
N ASP A 178 4.41 -10.90 -1.91
CA ASP A 178 5.28 -11.10 -3.07
C ASP A 178 4.45 -11.19 -4.35
N PRO A 179 5.11 -10.97 -5.49
CA PRO A 179 4.46 -11.02 -6.81
C PRO A 179 4.06 -12.44 -7.20
N PRO A 180 2.74 -12.69 -7.25
CA PRO A 180 2.20 -14.01 -7.62
C PRO A 180 2.43 -14.33 -9.09
N MET A 181 2.95 -15.53 -9.35
CA MET A 181 3.22 -15.97 -10.72
C MET A 181 2.06 -16.82 -11.25
N LYS A 182 1.29 -17.39 -10.33
CA LYS A 182 0.16 -18.23 -10.71
C LYS A 182 -1.16 -17.52 -10.42
N PRO A 183 -2.24 -17.98 -11.07
CA PRO A 183 -3.58 -17.40 -10.90
C PRO A 183 -4.17 -17.70 -9.52
N TYR A 184 -3.55 -18.65 -8.81
CA TYR A 184 -4.01 -19.03 -7.48
C TYR A 184 -4.29 -17.80 -6.63
N GLY A 185 -3.22 -17.19 -6.11
CA GLY A 185 -3.37 -16.01 -5.28
C GLY A 185 -4.40 -16.19 -4.19
N ARG A 186 -3.97 -16.74 -3.06
CA ARG A 186 -4.87 -16.98 -1.94
C ARG A 186 -5.12 -15.69 -1.17
N ARG A 187 -4.07 -14.89 -1.01
CA ARG A 187 -4.18 -13.63 -0.28
C ARG A 187 -4.24 -12.45 -1.25
N ASN A 188 -5.21 -11.57 -1.03
CA ASN A 188 -5.38 -10.40 -1.89
C ASN A 188 -5.82 -9.19 -1.07
N GLU A 189 -5.46 -8.00 -1.53
CA GLU A 189 -5.82 -6.77 -0.85
C GLU A 189 -6.06 -5.64 -1.85
N VAL A 190 -7.17 -4.92 -1.68
CA VAL A 190 -7.50 -3.81 -2.56
C VAL A 190 -7.89 -2.57 -1.76
N TRP A 191 -7.18 -1.47 -2.00
CA TRP A 191 -7.45 -0.22 -1.31
C TRP A 191 -7.99 0.83 -2.27
N LEU A 192 -9.16 1.38 -1.94
CA LEU A 192 -9.78 2.40 -2.78
C LEU A 192 -9.60 3.79 -2.18
N VAL A 193 -9.15 4.73 -3.00
CA VAL A 193 -8.93 6.10 -2.56
C VAL A 193 -10.23 6.90 -2.61
N LYS A 194 -10.48 7.67 -1.56
CA LYS A 194 -11.69 8.49 -1.49
C LYS A 194 -11.43 9.88 -2.04
N ALA A 195 -12.22 10.28 -3.03
CA ALA A 195 -12.06 11.60 -3.65
C ALA A 195 -12.06 12.70 -2.59
N ASN A 12 8.67 3.36 42.07
CA ASN A 12 9.21 3.29 40.71
C ASN A 12 8.22 3.85 39.70
N SER A 13 7.11 3.14 39.52
CA SER A 13 6.07 3.57 38.58
C SER A 13 6.62 3.58 37.15
N LEU A 14 6.24 2.57 36.37
CA LEU A 14 6.69 2.47 34.98
C LEU A 14 5.56 2.00 34.08
N PHE A 15 5.47 2.58 32.89
CA PHE A 15 4.43 2.22 31.93
C PHE A 15 4.65 2.93 30.60
N GLY A 16 4.11 2.35 29.53
CA GLY A 16 4.25 2.95 28.21
C GLY A 16 3.77 2.03 27.11
N SER A 17 3.48 2.61 25.95
CA SER A 17 2.99 1.83 24.81
C SER A 17 3.52 2.41 23.50
N VAL A 18 4.84 2.59 23.44
CA VAL A 18 5.48 3.13 22.24
C VAL A 18 5.79 2.02 21.25
N GLU A 19 6.43 2.39 20.14
CA GLU A 19 6.79 1.43 19.10
C GLU A 19 5.55 0.72 18.58
N THR A 20 4.64 1.49 17.98
CA THR A 20 3.41 0.93 17.44
C THR A 20 2.55 2.01 16.78
N TRP A 21 2.14 1.76 15.55
CA TRP A 21 1.31 2.72 14.81
C TRP A 21 -0.04 2.12 14.46
N PRO A 22 -0.86 1.86 15.50
CA PRO A 22 -2.19 1.29 15.32
C PRO A 22 -3.16 2.26 14.66
N TRP A 23 -4.11 1.72 13.90
CA TRP A 23 -5.09 2.54 13.21
C TRP A 23 -6.45 2.48 13.92
N GLN A 24 -7.37 3.33 13.49
CA GLN A 24 -8.70 3.37 14.09
C GLN A 24 -9.78 3.22 13.03
N VAL A 25 -10.68 2.25 13.24
CA VAL A 25 -11.77 2.00 12.30
C VAL A 25 -13.03 2.77 12.69
N LEU A 26 -13.70 3.33 11.70
CA LEU A 26 -14.92 4.09 11.95
C LEU A 26 -16.15 3.19 11.88
N SER A 27 -16.15 2.27 10.91
CA SER A 27 -17.26 1.35 10.74
C SER A 27 -17.02 0.41 9.56
N THR A 28 -17.60 -0.78 9.62
CA THR A 28 -17.44 -1.76 8.56
C THR A 28 -18.79 -2.38 8.17
N GLY A 29 -18.96 -2.66 6.88
CA GLY A 29 -20.20 -3.25 6.41
C GLY A 29 -20.68 -2.61 5.12
N GLY A 30 -20.94 -3.44 4.12
CA GLY A 30 -21.41 -2.94 2.85
C GLY A 30 -22.44 -3.85 2.20
N LYS A 31 -22.01 -4.57 1.17
CA LYS A 31 -22.90 -5.50 0.46
C LYS A 31 -22.49 -6.95 0.70
N GLU A 32 -23.35 -7.87 0.29
CA GLU A 32 -23.07 -9.30 0.47
C GLU A 32 -21.89 -9.73 -0.38
N ASP A 33 -21.25 -10.82 0.01
CA ASP A 33 -20.10 -11.35 -0.73
C ASP A 33 -18.87 -10.46 -0.53
N VAL A 34 -18.93 -9.26 -1.08
CA VAL A 34 -17.82 -8.31 -0.96
C VAL A 34 -18.09 -7.29 0.14
N SER A 35 -17.13 -7.16 1.06
CA SER A 35 -17.26 -6.22 2.17
C SER A 35 -16.05 -5.29 2.24
N TYR A 36 -16.29 -4.07 2.69
CA TYR A 36 -15.22 -3.07 2.80
C TYR A 36 -15.07 -2.60 4.24
N GLU A 37 -13.91 -2.02 4.56
CA GLU A 37 -13.65 -1.52 5.89
C GLU A 37 -13.01 -0.13 5.84
N GLU A 38 -13.62 0.82 6.55
CA GLU A 38 -13.12 2.19 6.58
C GLU A 38 -12.35 2.45 7.87
N ARG A 39 -11.07 2.82 7.73
CA ARG A 39 -10.22 3.10 8.87
C ARG A 39 -9.32 4.29 8.59
N ALA A 40 -8.79 4.89 9.67
CA ALA A 40 -7.91 6.04 9.54
C ALA A 40 -6.45 5.62 9.57
N CYS A 41 -5.64 6.21 8.70
CA CYS A 41 -4.21 5.89 8.64
C CYS A 41 -3.54 6.12 9.98
N GLU A 42 -2.50 5.35 10.25
CA GLU A 42 -1.77 5.47 11.51
C GLU A 42 -0.99 6.78 11.56
N GLY A 43 -0.47 7.20 10.41
CA GLY A 43 0.28 8.44 10.34
C GLY A 43 1.78 8.20 10.47
N GLY A 44 2.19 6.94 10.40
CA GLY A 44 3.60 6.61 10.51
C GLY A 44 4.37 6.93 9.25
N LYS A 45 5.70 6.93 9.35
CA LYS A 45 6.55 7.23 8.21
C LYS A 45 6.86 5.96 7.42
N PHE A 46 6.79 6.05 6.10
CA PHE A 46 7.07 4.91 5.23
C PHE A 46 7.92 5.33 4.04
N ALA A 47 8.56 4.35 3.40
CA ALA A 47 9.41 4.61 2.25
C ALA A 47 8.68 4.29 0.95
N THR A 48 8.65 5.26 0.05
CA THR A 48 7.99 5.09 -1.25
C THR A 48 8.85 5.61 -2.39
N VAL A 49 8.64 5.06 -3.58
CA VAL A 49 9.40 5.47 -4.75
C VAL A 49 8.48 5.80 -5.92
N GLU A 50 8.86 6.80 -6.71
CA GLU A 50 8.06 7.22 -7.85
C GLU A 50 8.70 6.75 -9.16
N VAL A 51 7.91 6.11 -10.00
CA VAL A 51 8.40 5.61 -11.28
C VAL A 51 7.47 6.02 -12.42
N THR A 52 7.99 6.80 -13.36
CA THR A 52 7.21 7.26 -14.50
C THR A 52 7.84 6.81 -15.82
N ASP A 53 7.15 7.07 -16.92
CA ASP A 53 7.64 6.70 -18.24
C ASP A 53 7.69 5.17 -18.39
N LYS A 54 7.10 4.47 -17.44
CA LYS A 54 7.07 3.01 -17.46
C LYS A 54 5.75 2.48 -16.93
N PRO A 55 5.31 1.33 -17.47
CA PRO A 55 4.06 0.69 -17.06
C PRO A 55 4.13 0.13 -15.64
N VAL A 56 2.97 -0.05 -15.02
CA VAL A 56 2.89 -0.58 -13.66
C VAL A 56 3.76 -1.83 -13.52
N ASP A 57 3.85 -2.61 -14.60
CA ASP A 57 4.65 -3.83 -14.59
C ASP A 57 6.14 -3.51 -14.48
N GLU A 58 6.60 -2.60 -15.34
CA GLU A 58 8.00 -2.21 -15.34
C GLU A 58 8.36 -1.45 -14.07
N ALA A 59 7.57 -0.43 -13.76
CA ALA A 59 7.79 0.39 -12.57
C ALA A 59 7.86 -0.49 -11.32
N LEU A 60 7.12 -1.59 -11.33
CA LEU A 60 7.10 -2.50 -10.20
C LEU A 60 8.42 -3.27 -10.09
N ARG A 61 8.95 -3.69 -11.22
CA ARG A 61 10.20 -4.43 -11.25
C ARG A 61 11.38 -3.51 -10.95
N GLU A 62 11.20 -2.22 -11.19
CA GLU A 62 12.24 -1.24 -10.95
C GLU A 62 12.23 -0.77 -9.50
N ALA A 63 11.03 -0.54 -8.97
CA ALA A 63 10.87 -0.09 -7.59
C ALA A 63 11.01 -1.25 -6.62
N MET A 64 10.60 -2.44 -7.05
CA MET A 64 10.69 -3.62 -6.22
C MET A 64 12.06 -3.72 -5.54
N PRO A 65 13.13 -3.69 -6.35
CA PRO A 65 14.50 -3.77 -5.85
C PRO A 65 14.91 -2.50 -5.09
N LYS A 66 14.35 -1.38 -5.49
CA LYS A 66 14.66 -0.10 -4.86
C LYS A 66 14.38 -0.16 -3.35
N ILE A 67 13.19 -0.63 -3.00
CA ILE A 67 12.80 -0.75 -1.60
C ILE A 67 13.47 -1.94 -0.94
N MET A 68 13.70 -3.00 -1.72
CA MET A 68 14.34 -4.20 -1.20
C MET A 68 15.78 -3.92 -0.78
N LYS A 69 16.54 -3.30 -1.68
CA LYS A 69 17.94 -2.97 -1.39
C LYS A 69 18.04 -1.98 -0.24
N TYR A 70 16.99 -1.17 -0.06
CA TYR A 70 16.97 -0.18 1.00
C TYR A 70 17.25 -0.83 2.36
N VAL A 71 16.39 -1.77 2.74
CA VAL A 71 16.54 -2.48 4.01
C VAL A 71 17.73 -3.43 3.98
N GLY A 72 18.17 -3.77 2.77
CA GLY A 72 19.29 -4.67 2.61
C GLY A 72 20.58 -4.09 3.15
N GLY A 73 20.58 -2.79 3.41
CA GLY A 73 21.77 -2.13 3.93
C GLY A 73 22.17 -0.94 3.09
N THR A 74 21.35 -0.58 2.11
CA THR A 74 21.62 0.55 1.23
C THR A 74 20.98 1.82 1.76
N ASN A 75 21.04 2.01 3.08
CA ASN A 75 20.47 3.20 3.70
C ASN A 75 21.53 4.25 3.96
N ASP A 76 21.10 5.43 4.40
CA ASP A 76 22.03 6.53 4.68
C ASP A 76 22.84 6.24 5.94
N LYS A 77 22.22 5.54 6.89
CA LYS A 77 22.88 5.21 8.14
C LYS A 77 23.62 3.88 8.02
N GLY A 78 23.34 3.15 6.95
CA GLY A 78 23.98 1.86 6.74
C GLY A 78 23.46 0.79 7.67
N VAL A 79 22.16 0.83 7.95
CA VAL A 79 21.53 -0.15 8.83
C VAL A 79 21.25 -1.45 8.10
N GLY A 80 21.67 -2.57 8.71
CA GLY A 80 21.45 -3.86 8.10
C GLY A 80 19.98 -4.15 7.86
N MET A 81 19.69 -5.39 7.45
CA MET A 81 18.31 -5.79 7.19
C MET A 81 17.71 -6.50 8.39
N GLY A 82 16.93 -5.78 9.18
CA GLY A 82 16.31 -6.39 10.36
C GLY A 82 14.81 -6.14 10.41
N MET A 83 14.23 -5.79 9.27
CA MET A 83 12.81 -5.54 9.18
C MET A 83 12.15 -6.43 8.13
N THR A 84 11.11 -7.16 8.54
CA THR A 84 10.41 -8.06 7.64
C THR A 84 8.92 -7.75 7.61
N VAL A 85 8.42 -7.35 6.45
CA VAL A 85 7.01 -7.02 6.30
C VAL A 85 6.61 -6.99 4.83
N PRO A 86 5.30 -7.11 4.57
CA PRO A 86 4.76 -7.10 3.20
C PRO A 86 4.86 -5.73 2.54
N VAL A 87 5.07 -5.73 1.24
CA VAL A 87 5.19 -4.49 0.48
C VAL A 87 4.00 -4.28 -0.44
N SER A 88 3.66 -3.03 -0.71
CA SER A 88 2.54 -2.69 -1.58
C SER A 88 2.89 -1.54 -2.50
N PHE A 89 2.07 -1.34 -3.54
CA PHE A 89 2.30 -0.28 -4.50
C PHE A 89 0.97 0.33 -4.96
N ALA A 90 1.03 1.58 -5.41
CA ALA A 90 -0.16 2.28 -5.87
C ALA A 90 -0.33 2.13 -7.38
N VAL A 91 -1.56 2.23 -7.85
CA VAL A 91 -1.86 2.10 -9.27
C VAL A 91 -2.96 3.07 -9.69
N PHE A 92 -2.91 3.51 -10.94
CA PHE A 92 -3.90 4.45 -11.46
C PHE A 92 -4.62 3.85 -12.68
N PRO A 93 -5.82 3.31 -12.45
CA PRO A 93 -6.64 2.70 -13.50
C PRO A 93 -7.18 3.74 -14.48
N ASN A 94 -7.17 3.38 -15.75
CA ASN A 94 -7.66 4.28 -16.80
C ASN A 94 -9.09 3.91 -17.20
N GLU A 95 -9.70 4.74 -18.06
CA GLU A 95 -11.06 4.50 -18.51
C GLU A 95 -11.14 3.19 -19.28
N ASP A 96 -10.06 2.83 -19.96
CA ASP A 96 -10.02 1.59 -20.73
C ASP A 96 -9.77 0.39 -19.83
N GLY A 97 -9.53 0.66 -18.55
CA GLY A 97 -9.28 -0.41 -17.60
C GLY A 97 -7.83 -0.80 -17.53
N SER A 98 -7.03 -0.28 -18.47
CA SER A 98 -5.61 -0.59 -18.51
C SER A 98 -4.81 0.44 -17.72
N LEU A 99 -4.18 -0.01 -16.64
CA LEU A 99 -3.39 0.87 -15.79
C LEU A 99 -2.20 1.44 -16.56
N GLN A 100 -2.29 2.71 -16.92
CA GLN A 100 -1.23 3.39 -17.66
C GLN A 100 -1.15 4.85 -17.27
N LYS A 101 -0.04 5.23 -16.64
CA LYS A 101 0.17 6.62 -16.21
C LYS A 101 1.36 6.72 -15.27
N LYS A 102 1.18 6.27 -14.03
CA LYS A 102 2.24 6.31 -13.04
C LYS A 102 1.98 5.30 -11.92
N LEU A 103 3.04 4.90 -11.23
CA LEU A 103 2.92 3.95 -10.14
C LEU A 103 3.89 4.29 -9.00
N LYS A 104 3.35 4.44 -7.81
CA LYS A 104 4.15 4.76 -6.64
C LYS A 104 4.17 3.61 -5.65
N VAL A 105 5.34 3.01 -5.46
CA VAL A 105 5.48 1.89 -4.53
C VAL A 105 5.59 2.38 -3.10
N TRP A 106 4.94 1.67 -2.18
CA TRP A 106 4.96 2.02 -0.77
C TRP A 106 5.39 0.85 0.09
N PHE A 107 6.45 1.04 0.86
CA PHE A 107 6.97 -0.01 1.73
C PHE A 107 6.64 0.27 3.19
N ARG A 108 6.02 -0.70 3.85
CA ARG A 108 5.63 -0.56 5.25
C ARG A 108 6.79 -0.93 6.16
N ILE A 109 7.00 -0.12 7.20
CA ILE A 109 8.07 -0.36 8.15
C ILE A 109 7.52 -0.84 9.49
N PRO A 110 8.15 -1.89 10.04
CA PRO A 110 7.74 -2.47 11.32
C PRO A 110 8.04 -1.55 12.50
N ASN A 111 7.25 -1.68 13.56
CA ASN A 111 7.43 -0.86 14.75
C ASN A 111 8.87 -0.90 15.22
N GLN A 112 9.54 -2.02 15.00
CA GLN A 112 10.93 -2.18 15.41
C GLN A 112 11.81 -1.11 14.77
N PHE A 113 11.47 -0.73 13.54
CA PHE A 113 12.24 0.29 12.83
C PHE A 113 11.53 1.64 12.90
N GLN A 114 10.21 1.62 12.98
CA GLN A 114 9.42 2.85 13.06
C GLN A 114 9.94 3.75 14.19
N GLY A 115 10.41 3.13 15.26
CA GLY A 115 10.92 3.90 16.38
C GLY A 115 12.05 4.83 15.99
N SER A 116 12.74 4.50 14.90
CA SER A 116 13.84 5.32 14.42
C SER A 116 14.46 4.70 13.17
N PRO A 117 13.76 4.81 12.03
CA PRO A 117 14.22 4.28 10.76
C PRO A 117 15.42 5.04 10.20
N PRO A 118 16.21 4.38 9.35
CA PRO A 118 17.40 4.97 8.73
C PRO A 118 17.05 6.05 7.71
N ALA A 119 17.98 6.96 7.46
CA ALA A 119 17.78 8.04 6.51
C ALA A 119 17.89 7.53 5.07
N PRO A 120 17.24 8.25 4.15
CA PRO A 120 17.25 7.89 2.72
C PRO A 120 18.62 8.12 2.07
N SER A 121 19.39 7.04 1.96
CA SER A 121 20.72 7.11 1.37
C SER A 121 20.67 7.81 0.01
N ASP A 122 19.69 7.44 -0.80
CA ASP A 122 19.53 8.03 -2.14
C ASP A 122 18.27 8.89 -2.20
N GLU A 123 18.08 9.56 -3.33
CA GLU A 123 16.91 10.42 -3.51
C GLU A 123 15.72 9.62 -4.03
N SER A 124 16.02 8.49 -4.68
CA SER A 124 14.97 7.63 -5.24
C SER A 124 14.04 7.14 -4.14
N VAL A 125 14.61 6.76 -3.00
CA VAL A 125 13.83 6.26 -1.88
C VAL A 125 13.85 7.26 -0.73
N LYS A 126 12.67 7.77 -0.39
CA LYS A 126 12.55 8.73 0.70
C LYS A 126 11.47 8.30 1.69
N ILE A 127 11.71 8.57 2.97
CA ILE A 127 10.75 8.21 4.02
C ILE A 127 9.78 9.35 4.30
N GLU A 128 8.51 9.16 3.96
CA GLU A 128 7.50 10.17 4.18
C GLU A 128 6.29 9.57 4.91
N GLU A 129 5.58 10.42 5.66
CA GLU A 129 4.41 9.99 6.40
C GLU A 129 3.13 10.49 5.75
N ARG A 130 2.04 9.75 5.94
CA ARG A 130 0.75 10.12 5.38
C ARG A 130 -0.31 10.26 6.46
N GLU A 131 -0.94 11.42 6.53
CA GLU A 131 -1.98 11.68 7.52
C GLU A 131 -3.15 12.44 6.91
N GLY A 132 -4.36 12.03 7.26
CA GLY A 132 -5.55 12.67 6.73
C GLY A 132 -6.11 11.96 5.52
N ILE A 133 -5.74 10.69 5.36
CA ILE A 133 -6.20 9.89 4.23
C ILE A 133 -6.94 8.65 4.70
N THR A 134 -7.93 8.22 3.92
CA THR A 134 -8.72 7.04 4.27
C THR A 134 -8.58 5.95 3.20
N VAL A 135 -8.49 4.70 3.63
CA VAL A 135 -8.36 3.58 2.72
C VAL A 135 -9.39 2.50 3.02
N TYR A 136 -9.86 1.83 1.97
CA TYR A 136 -10.85 0.77 2.12
C TYR A 136 -10.27 -0.58 1.71
N SER A 137 -10.31 -1.53 2.63
CA SER A 137 -9.79 -2.87 2.37
C SER A 137 -10.92 -3.85 2.06
N THR A 138 -10.73 -4.66 1.02
CA THR A 138 -11.73 -5.63 0.62
C THR A 138 -11.09 -7.00 0.34
N GLN A 139 -11.63 -8.03 0.97
CA GLN A 139 -11.11 -9.39 0.79
C GLN A 139 -12.11 -10.24 0.03
N PHE A 140 -11.58 -11.14 -0.81
CA PHE A 140 -12.44 -12.03 -1.61
C PHE A 140 -11.75 -13.37 -1.82
N GLY A 141 -12.32 -14.43 -1.25
CA GLY A 141 -11.76 -15.75 -1.39
C GLY A 141 -11.78 -16.25 -2.83
N GLY A 142 -10.91 -17.20 -3.15
CA GLY A 142 -10.86 -17.73 -4.49
C GLY A 142 -9.60 -17.33 -5.22
N TYR A 143 -9.32 -17.98 -6.34
CA TYR A 143 -8.13 -17.68 -7.14
C TYR A 143 -8.25 -16.31 -7.79
N ALA A 144 -7.37 -15.40 -7.39
CA ALA A 144 -7.36 -14.04 -7.93
C ALA A 144 -6.01 -13.70 -8.54
N LYS A 145 -6.03 -13.22 -9.78
CA LYS A 145 -4.80 -12.85 -10.48
C LYS A 145 -4.60 -11.34 -10.45
N GLU A 146 -3.49 -10.89 -11.04
CA GLU A 146 -3.18 -9.46 -11.09
C GLU A 146 -4.36 -8.67 -11.65
N ALA A 147 -5.08 -9.28 -12.59
CA ALA A 147 -6.23 -8.63 -13.21
C ALA A 147 -7.39 -8.54 -12.24
N ASP A 148 -7.52 -9.55 -11.38
CA ASP A 148 -8.60 -9.58 -10.39
C ASP A 148 -8.58 -8.32 -9.52
N TYR A 149 -7.37 -7.87 -9.18
CA TYR A 149 -7.22 -6.68 -8.35
C TYR A 149 -7.78 -5.45 -9.05
N VAL A 150 -7.64 -5.42 -10.38
CA VAL A 150 -8.12 -4.30 -11.18
C VAL A 150 -9.64 -4.32 -11.30
N ALA A 151 -10.20 -5.53 -11.41
CA ALA A 151 -11.64 -5.70 -11.54
C ALA A 151 -12.33 -5.48 -10.19
N HIS A 152 -11.79 -6.09 -9.14
CA HIS A 152 -12.36 -5.96 -7.80
C HIS A 152 -12.39 -4.49 -7.37
N ALA A 153 -11.41 -3.73 -7.82
CA ALA A 153 -11.32 -2.31 -7.48
C ALA A 153 -12.57 -1.56 -7.92
N THR A 154 -13.17 -2.01 -9.02
CA THR A 154 -14.37 -1.39 -9.55
C THR A 154 -15.60 -1.80 -8.76
N GLN A 155 -15.65 -3.08 -8.39
CA GLN A 155 -16.78 -3.60 -7.63
C GLN A 155 -17.02 -2.79 -6.37
N LEU A 156 -15.92 -2.38 -5.72
CA LEU A 156 -16.01 -1.59 -4.49
C LEU A 156 -16.79 -0.30 -4.73
N ARG A 157 -16.72 0.22 -5.96
CA ARG A 157 -17.42 1.44 -6.31
C ARG A 157 -18.92 1.21 -6.38
N THR A 158 -19.31 0.05 -6.90
CA THR A 158 -20.72 -0.30 -7.02
C THR A 158 -21.31 -0.69 -5.67
N THR A 159 -20.49 -1.29 -4.82
CA THR A 159 -20.93 -1.71 -3.49
C THR A 159 -21.01 -0.52 -2.54
N LEU A 160 -20.10 0.44 -2.72
CA LEU A 160 -20.07 1.63 -1.87
C LEU A 160 -21.27 2.53 -2.16
N GLU A 161 -22.00 2.22 -3.22
CA GLU A 161 -23.16 3.00 -3.61
C GLU A 161 -24.09 3.23 -2.41
N GLY A 162 -24.47 4.48 -2.19
CA GLY A 162 -25.34 4.81 -1.08
C GLY A 162 -24.58 5.31 0.13
N THR A 163 -23.26 5.18 0.09
CA THR A 163 -22.41 5.62 1.19
C THR A 163 -21.73 6.94 0.87
N PRO A 164 -21.41 7.71 1.93
CA PRO A 164 -20.76 9.01 1.78
C PRO A 164 -19.31 8.88 1.30
N ALA A 165 -18.82 7.65 1.25
CA ALA A 165 -17.45 7.39 0.81
C ALA A 165 -17.30 7.63 -0.69
N THR A 166 -16.35 8.46 -1.07
CA THR A 166 -16.11 8.76 -2.47
C THR A 166 -14.67 8.42 -2.88
N TYR A 167 -14.40 8.47 -4.18
CA TYR A 167 -13.08 8.16 -4.69
C TYR A 167 -12.73 9.06 -5.87
N GLN A 168 -11.43 9.17 -6.17
CA GLN A 168 -10.97 10.00 -7.27
C GLN A 168 -10.02 9.21 -8.18
N GLY A 169 -10.43 9.02 -9.43
CA GLY A 169 -9.61 8.29 -10.37
C GLY A 169 -9.62 6.79 -10.13
N ASP A 170 -10.41 6.37 -9.14
CA ASP A 170 -10.52 4.95 -8.81
C ASP A 170 -9.16 4.38 -8.42
N VAL A 171 -8.23 5.27 -8.07
CA VAL A 171 -6.89 4.85 -7.66
C VAL A 171 -6.95 3.90 -6.48
N TYR A 172 -6.11 2.87 -6.51
CA TYR A 172 -6.06 1.88 -5.43
C TYR A 172 -4.63 1.35 -5.26
N TYR A 173 -4.41 0.68 -4.13
CA TYR A 173 -3.10 0.13 -3.83
C TYR A 173 -3.15 -1.40 -3.75
N CYS A 174 -2.05 -2.04 -4.11
CA CYS A 174 -1.96 -3.50 -4.08
C CYS A 174 -0.94 -3.97 -3.06
N ALA A 175 -1.38 -4.82 -2.14
CA ALA A 175 -0.50 -5.35 -1.11
C ALA A 175 -0.23 -6.84 -1.31
N GLY A 176 0.97 -7.27 -0.96
CA GLY A 176 1.33 -8.67 -1.11
C GLY A 176 2.65 -9.00 -0.47
N TYR A 177 2.72 -10.19 0.14
CA TYR A 177 3.94 -10.63 0.82
C TYR A 177 5.09 -10.77 -0.17
N ASP A 178 4.99 -11.79 -1.03
CA ASP A 178 6.02 -12.05 -2.03
C ASP A 178 5.45 -12.80 -3.23
N PRO A 179 6.15 -12.73 -4.36
CA PRO A 179 5.73 -13.40 -5.60
C PRO A 179 5.84 -14.91 -5.50
N PRO A 180 4.67 -15.59 -5.51
CA PRO A 180 4.61 -17.05 -5.41
C PRO A 180 5.11 -17.72 -6.69
N MET A 181 5.69 -18.92 -6.54
CA MET A 181 6.20 -19.67 -7.67
C MET A 181 5.12 -19.89 -8.72
N LYS A 182 3.87 -19.86 -8.28
CA LYS A 182 2.73 -20.07 -9.17
C LYS A 182 1.73 -18.93 -9.05
N PRO A 183 0.87 -18.78 -10.08
CA PRO A 183 -0.16 -17.73 -10.10
C PRO A 183 -1.26 -17.98 -9.08
N TYR A 184 -1.31 -19.19 -8.55
CA TYR A 184 -2.32 -19.54 -7.56
C TYR A 184 -2.35 -18.53 -6.41
N GLY A 185 -3.44 -17.78 -6.33
CA GLY A 185 -3.56 -16.78 -5.27
C GLY A 185 -4.86 -16.91 -4.50
N ARG A 186 -4.77 -17.43 -3.29
CA ARG A 186 -5.94 -17.62 -2.45
C ARG A 186 -6.23 -16.37 -1.62
N ARG A 187 -5.17 -15.63 -1.28
CA ARG A 187 -5.30 -14.42 -0.49
C ARG A 187 -5.18 -13.19 -1.38
N ASN A 188 -6.12 -12.26 -1.23
CA ASN A 188 -6.12 -11.04 -2.02
C ASN A 188 -6.61 -9.85 -1.19
N GLU A 189 -6.03 -8.68 -1.45
CA GLU A 189 -6.41 -7.47 -0.71
C GLU A 189 -6.30 -6.24 -1.61
N VAL A 190 -7.35 -5.42 -1.60
CA VAL A 190 -7.36 -4.20 -2.41
C VAL A 190 -7.65 -2.98 -1.55
N TRP A 191 -6.76 -2.00 -1.61
CA TRP A 191 -6.91 -0.77 -0.84
C TRP A 191 -7.40 0.37 -1.73
N LEU A 192 -8.53 0.97 -1.35
CA LEU A 192 -9.11 2.07 -2.10
C LEU A 192 -9.05 3.36 -1.30
N VAL A 193 -8.37 4.37 -1.85
CA VAL A 193 -8.24 5.66 -1.19
C VAL A 193 -9.47 6.54 -1.47
N LYS A 194 -9.98 7.18 -0.42
CA LYS A 194 -11.14 8.05 -0.55
C LYS A 194 -10.77 9.35 -1.26
N ALA A 195 -11.68 9.83 -2.10
CA ALA A 195 -11.45 11.06 -2.84
C ALA A 195 -11.23 12.23 -1.89
N ASN A 12 16.83 18.97 31.99
CA ASN A 12 18.20 18.65 31.61
C ASN A 12 18.30 17.28 30.97
N SER A 13 17.20 16.85 30.34
CA SER A 13 17.15 15.55 29.67
C SER A 13 15.85 15.39 28.90
N LEU A 14 15.84 14.47 27.94
CA LEU A 14 14.67 14.22 27.13
C LEU A 14 14.60 12.75 26.71
N PHE A 15 13.55 12.06 27.13
CA PHE A 15 13.37 10.65 26.80
C PHE A 15 11.89 10.32 26.63
N GLY A 16 11.61 9.06 26.31
CA GLY A 16 10.23 8.64 26.12
C GLY A 16 9.58 9.28 24.92
N SER A 17 9.23 8.47 23.93
CA SER A 17 8.61 8.98 22.71
C SER A 17 8.29 7.84 21.75
N VAL A 18 7.03 7.71 21.36
CA VAL A 18 6.59 6.67 20.45
C VAL A 18 6.62 7.17 19.00
N GLU A 19 7.02 6.29 18.08
CA GLU A 19 7.08 6.64 16.67
C GLU A 19 5.82 6.19 15.95
N THR A 20 5.64 4.88 15.82
CA THR A 20 4.47 4.33 15.15
C THR A 20 3.19 4.92 15.70
N TRP A 21 2.13 4.90 14.89
CA TRP A 21 0.84 5.43 15.31
C TRP A 21 -0.27 4.42 15.04
N PRO A 22 -1.16 4.25 16.04
CA PRO A 22 -2.29 3.31 15.93
C PRO A 22 -3.34 3.78 14.94
N TRP A 23 -4.03 2.84 14.31
CA TRP A 23 -5.06 3.16 13.34
C TRP A 23 -6.44 2.98 13.95
N GLN A 24 -7.32 3.96 13.72
CA GLN A 24 -8.68 3.92 14.25
C GLN A 24 -9.69 3.73 13.12
N VAL A 25 -10.57 2.75 13.29
CA VAL A 25 -11.59 2.47 12.28
C VAL A 25 -12.89 3.20 12.60
N LEU A 26 -13.53 3.74 11.56
CA LEU A 26 -14.78 4.46 11.72
C LEU A 26 -15.98 3.52 11.65
N SER A 27 -15.89 2.56 10.73
CA SER A 27 -16.98 1.59 10.56
C SER A 27 -16.64 0.60 9.44
N THR A 28 -17.24 -0.59 9.51
CA THR A 28 -16.99 -1.62 8.51
C THR A 28 -18.30 -2.24 8.03
N GLY A 29 -18.24 -2.97 6.93
CA GLY A 29 -19.43 -3.60 6.38
C GLY A 29 -19.36 -3.79 4.88
N GLY A 30 -20.51 -3.99 4.26
CA GLY A 30 -20.55 -4.19 2.82
C GLY A 30 -21.35 -5.41 2.41
N LYS A 31 -21.36 -5.71 1.12
CA LYS A 31 -22.09 -6.86 0.61
C LYS A 31 -21.40 -8.17 0.99
N GLU A 32 -22.07 -9.28 0.75
CA GLU A 32 -21.51 -10.59 1.06
C GLU A 32 -20.30 -10.89 0.18
N ASP A 33 -19.44 -11.79 0.64
CA ASP A 33 -18.25 -12.17 -0.11
C ASP A 33 -17.21 -11.04 -0.06
N VAL A 34 -17.54 -9.91 -0.67
CA VAL A 34 -16.63 -8.77 -0.71
C VAL A 34 -17.08 -7.69 0.27
N SER A 35 -16.28 -7.45 1.30
CA SER A 35 -16.59 -6.44 2.31
C SER A 35 -15.55 -5.33 2.30
N TYR A 36 -15.96 -4.14 2.74
CA TYR A 36 -15.06 -2.99 2.78
C TYR A 36 -14.87 -2.51 4.22
N GLU A 37 -13.74 -1.85 4.45
CA GLU A 37 -13.42 -1.34 5.79
C GLU A 37 -12.82 0.07 5.71
N GLU A 38 -13.42 1.00 6.45
CA GLU A 38 -12.94 2.38 6.45
C GLU A 38 -12.02 2.62 7.65
N ARG A 39 -10.75 2.93 7.36
CA ARG A 39 -9.77 3.18 8.40
C ARG A 39 -9.03 4.49 8.13
N ALA A 40 -8.35 5.00 9.16
CA ALA A 40 -7.60 6.24 9.04
C ALA A 40 -6.10 5.98 9.00
N CYS A 41 -5.40 6.66 8.11
CA CYS A 41 -3.96 6.50 7.98
C CYS A 41 -3.25 6.81 9.29
N GLU A 42 -2.50 5.84 9.79
CA GLU A 42 -1.77 6.02 11.04
C GLU A 42 -0.93 7.29 11.02
N GLY A 43 -0.38 7.60 9.85
CA GLY A 43 0.44 8.80 9.71
C GLY A 43 1.91 8.52 9.92
N GLY A 44 2.26 7.23 9.99
CA GLY A 44 3.65 6.87 10.19
C GLY A 44 4.50 7.13 8.97
N LYS A 45 5.82 7.08 9.14
CA LYS A 45 6.75 7.32 8.05
C LYS A 45 7.03 6.03 7.28
N PHE A 46 6.92 6.10 5.96
CA PHE A 46 7.16 4.95 5.11
C PHE A 46 8.08 5.30 3.94
N ALA A 47 8.66 4.28 3.32
CA ALA A 47 9.56 4.49 2.19
C ALA A 47 8.84 4.24 0.87
N THR A 48 8.78 5.27 0.02
CA THR A 48 8.12 5.16 -1.28
C THR A 48 9.00 5.72 -2.38
N VAL A 49 8.76 5.27 -3.61
CA VAL A 49 9.52 5.72 -4.77
C VAL A 49 8.60 6.21 -5.88
N GLU A 50 9.00 7.28 -6.55
CA GLU A 50 8.21 7.84 -7.65
C GLU A 50 8.75 7.39 -8.99
N VAL A 51 7.89 6.80 -9.82
CA VAL A 51 8.30 6.32 -11.14
C VAL A 51 7.29 6.76 -12.20
N THR A 52 7.77 7.57 -13.15
CA THR A 52 6.91 8.06 -14.23
C THR A 52 7.51 7.73 -15.60
N ASP A 53 6.75 7.99 -16.65
CA ASP A 53 7.20 7.73 -18.00
C ASP A 53 7.37 6.23 -18.23
N LYS A 54 6.84 5.43 -17.31
CA LYS A 54 6.94 3.98 -17.42
C LYS A 54 5.66 3.31 -16.94
N PRO A 55 5.33 2.16 -17.54
CA PRO A 55 4.13 1.40 -17.18
C PRO A 55 4.22 0.77 -15.80
N VAL A 56 3.07 0.44 -15.21
CA VAL A 56 3.03 -0.17 -13.90
C VAL A 56 4.01 -1.32 -13.80
N ASP A 57 4.20 -2.03 -14.90
CA ASP A 57 5.13 -3.16 -14.94
C ASP A 57 6.56 -2.70 -14.76
N GLU A 58 6.93 -1.63 -15.46
CA GLU A 58 8.28 -1.09 -15.37
C GLU A 58 8.51 -0.39 -14.03
N ALA A 59 7.57 0.48 -13.67
CA ALA A 59 7.66 1.22 -12.40
C ALA A 59 7.74 0.25 -11.22
N LEU A 60 7.01 -0.84 -11.30
CA LEU A 60 6.99 -1.84 -10.23
C LEU A 60 8.30 -2.62 -10.20
N ARG A 61 8.73 -3.09 -11.36
CA ARG A 61 9.97 -3.87 -11.47
C ARG A 61 11.17 -3.00 -11.09
N GLU A 62 11.01 -1.69 -11.22
CA GLU A 62 12.09 -0.75 -10.90
C GLU A 62 12.12 -0.46 -9.41
N ALA A 63 10.94 -0.37 -8.80
CA ALA A 63 10.84 -0.10 -7.37
C ALA A 63 11.17 -1.34 -6.55
N MET A 64 10.86 -2.51 -7.10
CA MET A 64 11.13 -3.77 -6.41
C MET A 64 12.52 -3.77 -5.81
N PRO A 65 13.54 -3.58 -6.66
CA PRO A 65 14.95 -3.55 -6.22
C PRO A 65 15.27 -2.32 -5.39
N LYS A 66 14.60 -1.21 -5.70
CA LYS A 66 14.82 0.04 -4.98
C LYS A 66 14.44 -0.10 -3.51
N ILE A 67 13.27 -0.69 -3.27
CA ILE A 67 12.78 -0.89 -1.90
C ILE A 67 13.50 -2.06 -1.24
N MET A 68 13.85 -3.06 -2.03
CA MET A 68 14.54 -4.24 -1.52
C MET A 68 15.94 -3.89 -1.03
N LYS A 69 16.58 -2.95 -1.72
CA LYS A 69 17.93 -2.53 -1.36
C LYS A 69 17.93 -1.85 0.01
N TYR A 70 16.81 -1.26 0.38
CA TYR A 70 16.68 -0.58 1.66
C TYR A 70 16.62 -1.59 2.80
N VAL A 71 15.60 -2.45 2.78
CA VAL A 71 15.43 -3.47 3.81
C VAL A 71 16.54 -4.52 3.73
N GLY A 72 17.15 -4.65 2.57
CA GLY A 72 18.22 -5.61 2.38
C GLY A 72 19.42 -5.33 3.27
N GLY A 73 19.71 -4.04 3.47
CA GLY A 73 20.84 -3.65 4.30
C GLY A 73 21.50 -2.37 3.81
N THR A 74 21.16 -1.96 2.59
CA THR A 74 21.73 -0.74 2.02
C THR A 74 21.07 0.51 2.61
N ASN A 75 21.16 0.66 3.91
CA ASN A 75 20.57 1.81 4.60
C ASN A 75 21.62 2.88 4.86
N ASP A 76 21.15 4.10 5.15
CA ASP A 76 22.04 5.22 5.42
C ASP A 76 22.75 5.05 6.76
N LYS A 77 22.10 4.31 7.66
CA LYS A 77 22.66 4.06 8.99
C LYS A 77 23.59 2.86 8.97
N GLY A 78 23.56 2.10 7.88
CA GLY A 78 24.40 0.93 7.76
C GLY A 78 23.86 -0.27 8.53
N VAL A 79 22.54 -0.42 8.52
CA VAL A 79 21.89 -1.53 9.22
C VAL A 79 21.60 -2.67 8.27
N GLY A 80 21.35 -3.86 8.84
CA GLY A 80 21.06 -5.02 8.01
C GLY A 80 19.58 -5.33 7.95
N MET A 81 19.24 -6.50 7.42
CA MET A 81 17.85 -6.90 7.30
C MET A 81 17.21 -7.08 8.67
N GLY A 82 16.60 -6.02 9.19
CA GLY A 82 15.97 -6.08 10.48
C GLY A 82 14.51 -5.69 10.43
N MET A 83 13.99 -5.50 9.22
CA MET A 83 12.58 -5.13 9.04
C MET A 83 11.87 -6.12 8.12
N THR A 84 10.75 -6.66 8.59
CA THR A 84 9.98 -7.61 7.81
C THR A 84 8.53 -7.16 7.66
N VAL A 85 8.06 -7.12 6.43
CA VAL A 85 6.67 -6.70 6.15
C VAL A 85 6.40 -6.70 4.66
N PRO A 86 5.13 -6.91 4.29
CA PRO A 86 4.70 -6.94 2.89
C PRO A 86 4.74 -5.56 2.25
N VAL A 87 5.17 -5.51 0.99
CA VAL A 87 5.26 -4.25 0.26
C VAL A 87 4.02 -4.02 -0.59
N SER A 88 3.70 -2.75 -0.84
CA SER A 88 2.54 -2.40 -1.63
C SER A 88 2.85 -1.25 -2.59
N PHE A 89 1.98 -1.04 -3.57
CA PHE A 89 2.18 0.01 -4.56
C PHE A 89 0.84 0.62 -4.97
N ALA A 90 0.88 1.86 -5.42
CA ALA A 90 -0.33 2.56 -5.86
C ALA A 90 -0.46 2.54 -7.38
N VAL A 91 -1.70 2.61 -7.86
CA VAL A 91 -1.95 2.59 -9.30
C VAL A 91 -3.09 3.54 -9.65
N PHE A 92 -3.04 4.08 -10.87
CA PHE A 92 -4.07 5.00 -11.33
C PHE A 92 -4.69 4.52 -12.65
N PRO A 93 -5.85 3.87 -12.55
CA PRO A 93 -6.56 3.35 -13.73
C PRO A 93 -7.13 4.45 -14.61
N ASN A 94 -7.17 4.21 -15.91
CA ASN A 94 -7.68 5.19 -16.86
C ASN A 94 -9.11 4.85 -17.26
N GLU A 95 -9.72 5.71 -18.09
CA GLU A 95 -11.08 5.50 -18.55
C GLU A 95 -11.20 4.17 -19.29
N ASP A 96 -10.11 3.75 -19.94
CA ASP A 96 -10.10 2.51 -20.68
C ASP A 96 -9.79 1.33 -19.77
N GLY A 97 -9.51 1.62 -18.51
CA GLY A 97 -9.20 0.58 -17.54
C GLY A 97 -7.72 0.23 -17.51
N SER A 98 -6.97 0.76 -18.48
CA SER A 98 -5.54 0.49 -18.56
C SER A 98 -4.76 1.41 -17.62
N LEU A 99 -3.95 0.82 -16.77
CA LEU A 99 -3.14 1.58 -15.81
C LEU A 99 -1.93 2.20 -16.50
N GLN A 100 -2.04 3.46 -16.88
CA GLN A 100 -0.94 4.16 -17.54
C GLN A 100 -0.94 5.64 -17.17
N LYS A 101 0.09 6.07 -16.45
CA LYS A 101 0.22 7.46 -16.04
C LYS A 101 1.35 7.63 -15.03
N LYS A 102 1.20 7.02 -13.87
CA LYS A 102 2.21 7.11 -12.82
C LYS A 102 1.95 6.07 -11.73
N LEU A 103 3.02 5.44 -11.25
CA LEU A 103 2.91 4.43 -10.21
C LEU A 103 3.88 4.72 -9.07
N LYS A 104 3.34 4.83 -7.85
CA LYS A 104 4.16 5.10 -6.67
C LYS A 104 4.13 3.92 -5.70
N VAL A 105 5.28 3.29 -5.51
CA VAL A 105 5.38 2.15 -4.60
C VAL A 105 5.55 2.61 -3.16
N TRP A 106 4.87 1.93 -2.25
CA TRP A 106 4.95 2.27 -0.82
C TRP A 106 5.35 1.05 0.00
N PHE A 107 6.45 1.19 0.75
CA PHE A 107 6.93 0.11 1.59
C PHE A 107 6.63 0.37 3.06
N ARG A 108 5.92 -0.57 3.68
CA ARG A 108 5.55 -0.44 5.09
C ARG A 108 6.71 -0.84 5.99
N ILE A 109 6.95 -0.06 7.04
CA ILE A 109 8.03 -0.34 7.97
C ILE A 109 7.48 -0.84 9.30
N PRO A 110 8.09 -1.91 9.83
CA PRO A 110 7.68 -2.51 11.11
C PRO A 110 8.02 -1.61 12.30
N ASN A 111 7.24 -1.74 13.37
CA ASN A 111 7.45 -0.95 14.57
C ASN A 111 8.90 -1.02 15.02
N GLN A 112 9.53 -2.17 14.78
CA GLN A 112 10.93 -2.37 15.16
C GLN A 112 11.83 -1.31 14.52
N PHE A 113 11.48 -0.91 13.31
CA PHE A 113 12.26 0.10 12.60
C PHE A 113 11.61 1.47 12.71
N GLN A 114 10.29 1.49 12.84
CA GLN A 114 9.54 2.73 12.96
C GLN A 114 10.09 3.59 14.10
N GLY A 115 10.57 2.92 15.15
CA GLY A 115 11.11 3.63 16.29
C GLY A 115 12.22 4.58 15.91
N SER A 116 12.91 4.28 14.81
CA SER A 116 14.01 5.12 14.34
C SER A 116 14.62 4.53 13.08
N PRO A 117 13.91 4.69 11.95
CA PRO A 117 14.36 4.19 10.65
C PRO A 117 15.56 4.96 10.11
N PRO A 118 16.45 4.26 9.40
CA PRO A 118 17.65 4.87 8.81
C PRO A 118 17.32 5.82 7.66
N ALA A 119 18.24 6.74 7.39
CA ALA A 119 18.05 7.71 6.31
C ALA A 119 17.99 7.01 4.96
N PRO A 120 17.33 7.67 3.99
CA PRO A 120 17.18 7.14 2.63
C PRO A 120 18.50 7.12 1.87
N SER A 121 19.24 6.03 1.99
CA SER A 121 20.53 5.90 1.31
C SER A 121 20.40 6.20 -0.17
N ASP A 122 19.31 5.71 -0.77
CA ASP A 122 19.06 5.93 -2.20
C ASP A 122 18.19 7.16 -2.41
N GLU A 123 18.60 8.03 -3.33
CA GLU A 123 17.86 9.25 -3.62
C GLU A 123 16.49 8.92 -4.22
N SER A 124 16.39 7.74 -4.83
CA SER A 124 15.14 7.31 -5.45
C SER A 124 14.11 6.95 -4.38
N VAL A 125 14.59 6.38 -3.27
CA VAL A 125 13.72 5.98 -2.18
C VAL A 125 13.85 6.94 -1.00
N LYS A 126 12.74 7.57 -0.62
CA LYS A 126 12.73 8.50 0.49
C LYS A 126 11.66 8.12 1.52
N ILE A 127 11.93 8.41 2.79
CA ILE A 127 10.98 8.11 3.85
C ILE A 127 10.08 9.29 4.15
N GLU A 128 8.78 9.12 3.84
CA GLU A 128 7.81 10.18 4.07
C GLU A 128 6.55 9.63 4.74
N GLU A 129 5.86 10.48 5.48
CA GLU A 129 4.64 10.07 6.17
C GLU A 129 3.41 10.72 5.53
N ARG A 130 2.27 10.06 5.67
CA ARG A 130 1.02 10.56 5.10
C ARG A 130 -0.15 10.28 6.04
N GLU A 131 -0.88 11.33 6.38
CA GLU A 131 -2.03 11.20 7.27
C GLU A 131 -3.16 12.15 6.85
N GLY A 132 -4.37 11.85 7.30
CA GLY A 132 -5.52 12.69 6.97
C GLY A 132 -6.25 12.18 5.74
N ILE A 133 -6.05 10.91 5.41
CA ILE A 133 -6.71 10.31 4.25
C ILE A 133 -7.55 9.12 4.66
N THR A 134 -8.63 8.89 3.91
CA THR A 134 -9.54 7.78 4.20
C THR A 134 -9.63 6.83 3.01
N VAL A 135 -9.28 5.57 3.23
CA VAL A 135 -9.33 4.56 2.18
C VAL A 135 -10.18 3.37 2.59
N TYR A 136 -10.57 2.57 1.62
CA TYR A 136 -11.39 1.38 1.88
C TYR A 136 -10.64 0.10 1.54
N SER A 137 -10.52 -0.79 2.52
CA SER A 137 -9.82 -2.05 2.32
C SER A 137 -10.79 -3.19 2.08
N THR A 138 -10.45 -4.07 1.14
CA THR A 138 -11.31 -5.20 0.81
C THR A 138 -10.50 -6.48 0.69
N GLN A 139 -10.80 -7.45 1.55
CA GLN A 139 -10.10 -8.72 1.55
C GLN A 139 -11.01 -9.85 1.08
N PHE A 140 -10.51 -10.67 0.16
CA PHE A 140 -11.28 -11.78 -0.38
C PHE A 140 -10.46 -13.07 -0.40
N GLY A 141 -11.07 -14.16 0.03
CA GLY A 141 -10.37 -15.43 0.06
C GLY A 141 -10.38 -16.12 -1.29
N GLY A 142 -9.93 -17.38 -1.31
CA GLY A 142 -9.88 -18.13 -2.55
C GLY A 142 -8.76 -17.67 -3.47
N TYR A 143 -8.50 -18.45 -4.51
CA TYR A 143 -7.44 -18.13 -5.46
C TYR A 143 -7.80 -16.90 -6.28
N ALA A 144 -6.89 -15.93 -6.34
CA ALA A 144 -7.11 -14.71 -7.09
C ALA A 144 -6.00 -14.48 -8.12
N LYS A 145 -6.38 -13.94 -9.27
CA LYS A 145 -5.41 -13.67 -10.33
C LYS A 145 -5.12 -12.19 -10.44
N GLU A 146 -4.21 -11.82 -11.34
CA GLU A 146 -3.84 -10.42 -11.54
C GLU A 146 -5.06 -9.58 -11.89
N ALA A 147 -6.00 -10.18 -12.62
CA ALA A 147 -7.22 -9.49 -13.02
C ALA A 147 -8.14 -9.27 -11.83
N ASP A 148 -8.08 -10.18 -10.87
CA ASP A 148 -8.91 -10.08 -9.67
C ASP A 148 -8.69 -8.75 -8.97
N TYR A 149 -7.42 -8.34 -8.86
CA TYR A 149 -7.08 -7.09 -8.21
C TYR A 149 -7.74 -5.90 -8.90
N VAL A 150 -7.77 -5.95 -10.23
CA VAL A 150 -8.38 -4.88 -11.02
C VAL A 150 -9.90 -4.94 -10.94
N ALA A 151 -10.44 -6.15 -10.96
CA ALA A 151 -11.89 -6.35 -10.88
C ALA A 151 -12.43 -5.93 -9.52
N HIS A 152 -11.73 -6.32 -8.47
CA HIS A 152 -12.14 -6.00 -7.10
C HIS A 152 -12.11 -4.49 -6.88
N ALA A 153 -11.16 -3.81 -7.53
CA ALA A 153 -11.03 -2.37 -7.40
C ALA A 153 -12.31 -1.66 -7.81
N THR A 154 -12.86 -2.05 -8.96
CA THR A 154 -14.09 -1.45 -9.46
C THR A 154 -15.31 -2.00 -8.73
N GLN A 155 -15.24 -3.27 -8.33
CA GLN A 155 -16.34 -3.91 -7.63
C GLN A 155 -16.67 -3.17 -6.33
N LEU A 156 -15.62 -2.66 -5.68
CA LEU A 156 -15.79 -1.92 -4.42
C LEU A 156 -16.73 -0.73 -4.61
N ARG A 157 -16.67 -0.11 -5.79
CA ARG A 157 -17.51 1.03 -6.10
C ARG A 157 -18.98 0.62 -6.17
N THR A 158 -19.24 -0.53 -6.78
CA THR A 158 -20.60 -1.03 -6.92
C THR A 158 -21.11 -1.60 -5.60
N THR A 159 -20.21 -2.17 -4.81
CA THR A 159 -20.57 -2.74 -3.52
C THR A 159 -20.92 -1.66 -2.51
N LEU A 160 -20.25 -0.51 -2.62
CA LEU A 160 -20.50 0.60 -1.71
C LEU A 160 -21.69 1.43 -2.17
N GLU A 161 -22.36 0.96 -3.22
CA GLU A 161 -23.52 1.65 -3.76
C GLU A 161 -24.51 2.00 -2.66
N GLY A 162 -24.89 3.27 -2.59
CA GLY A 162 -25.83 3.72 -1.58
C GLY A 162 -25.14 4.34 -0.38
N THR A 163 -23.85 4.60 -0.52
CA THR A 163 -23.07 5.20 0.55
C THR A 163 -22.58 6.60 0.18
N PRO A 164 -22.38 7.45 1.20
CA PRO A 164 -21.92 8.83 1.00
C PRO A 164 -20.47 8.89 0.52
N ALA A 165 -19.78 7.75 0.61
CA ALA A 165 -18.39 7.68 0.20
C ALA A 165 -18.22 8.08 -1.27
N THR A 166 -17.11 8.74 -1.57
CA THR A 166 -16.84 9.19 -2.94
C THR A 166 -15.54 8.60 -3.46
N TYR A 167 -15.30 8.76 -4.75
CA TYR A 167 -14.09 8.24 -5.37
C TYR A 167 -13.58 9.18 -6.46
N GLN A 168 -12.31 9.04 -6.81
CA GLN A 168 -11.71 9.88 -7.85
C GLN A 168 -10.64 9.11 -8.61
N GLY A 169 -10.87 8.92 -9.91
CA GLY A 169 -9.91 8.20 -10.74
C GLY A 169 -9.88 6.71 -10.43
N ASP A 170 -10.78 6.27 -9.56
CA ASP A 170 -10.85 4.87 -9.17
C ASP A 170 -9.48 4.36 -8.73
N VAL A 171 -8.64 5.27 -8.27
CA VAL A 171 -7.30 4.91 -7.81
C VAL A 171 -7.36 3.90 -6.67
N TYR A 172 -6.45 2.93 -6.70
CA TYR A 172 -6.40 1.89 -5.68
C TYR A 172 -4.97 1.46 -5.41
N TYR A 173 -4.76 0.75 -4.30
CA TYR A 173 -3.44 0.27 -3.93
C TYR A 173 -3.39 -1.25 -3.94
N CYS A 174 -2.20 -1.80 -4.17
CA CYS A 174 -2.01 -3.24 -4.19
C CYS A 174 -1.00 -3.69 -3.14
N ALA A 175 -1.46 -4.55 -2.22
CA ALA A 175 -0.59 -5.05 -1.16
C ALA A 175 -0.29 -6.53 -1.35
N GLY A 176 0.94 -6.92 -1.06
CA GLY A 176 1.33 -8.31 -1.20
C GLY A 176 2.69 -8.61 -0.61
N TYR A 177 2.83 -9.76 0.03
CA TYR A 177 4.09 -10.15 0.64
C TYR A 177 5.17 -10.36 -0.42
N ASP A 178 4.81 -11.06 -1.48
CA ASP A 178 5.74 -11.34 -2.57
C ASP A 178 4.99 -11.62 -3.88
N PRO A 179 5.70 -11.47 -5.00
CA PRO A 179 5.12 -11.70 -6.33
C PRO A 179 4.83 -13.18 -6.59
N PRO A 180 3.53 -13.51 -6.68
CA PRO A 180 3.09 -14.88 -6.93
C PRO A 180 3.41 -15.36 -8.34
N MET A 181 4.00 -16.53 -8.45
CA MET A 181 4.36 -17.10 -9.75
C MET A 181 3.18 -17.86 -10.35
N LYS A 182 2.26 -18.29 -9.50
CA LYS A 182 1.08 -19.02 -9.94
C LYS A 182 -0.18 -18.20 -9.76
N PRO A 183 -1.25 -18.57 -10.49
CA PRO A 183 -2.53 -17.88 -10.42
C PRO A 183 -3.24 -18.11 -9.09
N TYR A 184 -2.76 -19.07 -8.32
CA TYR A 184 -3.35 -19.38 -7.02
C TYR A 184 -3.61 -18.10 -6.23
N GLY A 185 -2.57 -17.61 -5.55
CA GLY A 185 -2.71 -16.40 -4.76
C GLY A 185 -3.94 -16.42 -3.89
N ARG A 186 -3.83 -17.05 -2.72
CA ARG A 186 -4.96 -17.14 -1.79
C ARG A 186 -5.12 -15.84 -1.02
N ARG A 187 -4.03 -15.10 -0.86
CA ARG A 187 -4.06 -13.84 -0.14
C ARG A 187 -4.05 -12.66 -1.11
N ASN A 188 -4.98 -11.73 -0.92
CA ASN A 188 -5.08 -10.55 -1.78
C ASN A 188 -5.49 -9.32 -0.97
N GLU A 189 -5.03 -8.15 -1.41
CA GLU A 189 -5.35 -6.90 -0.74
C GLU A 189 -5.47 -5.76 -1.74
N VAL A 190 -6.54 -4.98 -1.61
CA VAL A 190 -6.78 -3.85 -2.50
C VAL A 190 -7.46 -2.71 -1.76
N TRP A 191 -6.79 -1.56 -1.71
CA TRP A 191 -7.33 -0.38 -1.04
C TRP A 191 -7.87 0.63 -2.04
N LEU A 192 -8.91 1.35 -1.66
CA LEU A 192 -9.51 2.36 -2.53
C LEU A 192 -9.44 3.74 -1.89
N VAL A 193 -9.13 4.75 -2.71
CA VAL A 193 -9.04 6.12 -2.23
C VAL A 193 -10.39 6.83 -2.33
N LYS A 194 -10.75 7.56 -1.27
CA LYS A 194 -12.01 8.29 -1.25
C LYS A 194 -11.83 9.71 -1.77
N ALA A 195 -12.62 10.09 -2.77
CA ALA A 195 -12.55 11.42 -3.34
C ALA A 195 -12.65 12.50 -2.26
N ASN A 12 6.47 5.57 40.76
CA ASN A 12 5.67 6.18 39.69
C ASN A 12 5.03 5.12 38.81
N SER A 13 4.28 4.22 39.44
CA SER A 13 3.60 3.15 38.72
C SER A 13 2.39 3.69 37.96
N LEU A 14 1.74 2.81 37.21
CA LEU A 14 0.56 3.20 36.43
C LEU A 14 -0.12 1.98 35.82
N PHE A 15 0.62 1.27 34.97
CA PHE A 15 0.09 0.08 34.32
C PHE A 15 -1.10 0.42 33.43
N GLY A 16 -1.46 -0.50 32.54
CA GLY A 16 -2.59 -0.27 31.64
C GLY A 16 -2.23 -0.54 30.20
N SER A 17 -3.24 -0.52 29.33
CA SER A 17 -3.03 -0.77 27.91
C SER A 17 -2.05 0.24 27.32
N VAL A 18 -1.47 -0.11 26.18
CA VAL A 18 -0.52 0.77 25.51
C VAL A 18 -0.36 0.39 24.04
N GLU A 19 -0.43 1.39 23.16
CA GLU A 19 -0.30 1.16 21.73
C GLU A 19 0.72 2.12 21.12
N THR A 20 1.26 1.75 19.97
CA THR A 20 2.24 2.57 19.27
C THR A 20 1.59 3.41 18.18
N TRP A 21 1.23 2.76 17.08
CA TRP A 21 0.60 3.44 15.96
C TRP A 21 -0.80 2.90 15.71
N PRO A 22 -1.72 3.16 16.67
CA PRO A 22 -3.11 2.71 16.58
C PRO A 22 -3.89 3.45 15.49
N TRP A 23 -4.84 2.76 14.89
CA TRP A 23 -5.67 3.35 13.84
C TRP A 23 -7.04 3.72 14.36
N GLN A 24 -7.82 4.42 13.55
CA GLN A 24 -9.16 4.84 13.93
C GLN A 24 -10.16 4.52 12.82
N VAL A 25 -11.03 3.55 13.09
CA VAL A 25 -12.05 3.15 12.12
C VAL A 25 -13.36 3.89 12.36
N LEU A 26 -13.99 4.33 11.27
CA LEU A 26 -15.25 5.05 11.36
C LEU A 26 -16.44 4.09 11.30
N SER A 27 -16.33 3.07 10.45
CA SER A 27 -17.39 2.08 10.31
C SER A 27 -17.02 1.05 9.24
N THR A 28 -17.64 -0.13 9.33
CA THR A 28 -17.38 -1.20 8.38
C THR A 28 -18.68 -1.81 7.88
N GLY A 29 -18.58 -2.58 6.80
CA GLY A 29 -19.76 -3.21 6.22
C GLY A 29 -19.62 -3.45 4.73
N GLY A 30 -20.75 -3.68 4.06
CA GLY A 30 -20.72 -3.93 2.64
C GLY A 30 -21.54 -5.14 2.25
N LYS A 31 -21.55 -5.45 0.95
CA LYS A 31 -22.31 -6.59 0.45
C LYS A 31 -21.64 -7.90 0.83
N GLU A 32 -22.33 -9.01 0.60
CA GLU A 32 -21.80 -10.33 0.92
C GLU A 32 -20.59 -10.65 0.07
N ASP A 33 -19.71 -11.51 0.58
CA ASP A 33 -18.51 -11.91 -0.15
C ASP A 33 -17.49 -10.78 -0.14
N VAL A 34 -17.84 -9.65 -0.73
CA VAL A 34 -16.95 -8.51 -0.79
C VAL A 34 -17.35 -7.44 0.22
N SER A 35 -16.51 -7.24 1.22
CA SER A 35 -16.77 -6.26 2.27
C SER A 35 -15.71 -5.14 2.26
N TYR A 36 -16.08 -3.97 2.74
CA TYR A 36 -15.18 -2.83 2.79
C TYR A 36 -15.05 -2.29 4.20
N GLU A 37 -13.94 -1.62 4.47
CA GLU A 37 -13.69 -1.05 5.79
C GLU A 37 -12.95 0.28 5.69
N GLU A 38 -13.51 1.32 6.30
CA GLU A 38 -12.90 2.64 6.27
C GLU A 38 -12.14 2.92 7.57
N ARG A 39 -10.83 3.07 7.46
CA ARG A 39 -9.98 3.34 8.62
C ARG A 39 -9.07 4.53 8.36
N ALA A 40 -8.50 5.08 9.43
CA ALA A 40 -7.60 6.22 9.31
C ALA A 40 -6.14 5.78 9.43
N CYS A 41 -5.29 6.33 8.56
CA CYS A 41 -3.88 5.99 8.57
C CYS A 41 -3.25 6.28 9.93
N GLU A 42 -2.48 5.32 10.43
CA GLU A 42 -1.82 5.47 11.72
C GLU A 42 -0.96 6.72 11.75
N GLY A 43 -0.51 7.16 10.58
CA GLY A 43 0.32 8.34 10.50
C GLY A 43 1.81 8.02 10.56
N GLY A 44 2.13 6.73 10.48
CA GLY A 44 3.52 6.32 10.53
C GLY A 44 4.30 6.71 9.28
N LYS A 45 5.62 6.63 9.36
CA LYS A 45 6.48 6.97 8.23
C LYS A 45 6.68 5.77 7.32
N PHE A 46 6.58 6.01 6.01
CA PHE A 46 6.76 4.94 5.03
C PHE A 46 7.62 5.41 3.87
N ALA A 47 8.31 4.47 3.23
CA ALA A 47 9.18 4.79 2.10
C ALA A 47 8.49 4.50 0.78
N THR A 48 8.53 5.46 -0.14
CA THR A 48 7.90 5.30 -1.45
C THR A 48 8.82 5.79 -2.56
N VAL A 49 8.65 5.22 -3.75
CA VAL A 49 9.47 5.59 -4.89
C VAL A 49 8.60 5.92 -6.10
N GLU A 50 8.78 7.12 -6.65
CA GLU A 50 8.02 7.58 -7.80
C GLU A 50 8.70 7.16 -9.10
N VAL A 51 7.94 6.55 -10.00
CA VAL A 51 8.48 6.10 -11.27
C VAL A 51 7.56 6.50 -12.42
N THR A 52 8.08 7.33 -13.32
CA THR A 52 7.31 7.79 -14.47
C THR A 52 8.00 7.45 -15.79
N ASP A 53 7.35 7.74 -16.90
CA ASP A 53 7.89 7.45 -18.22
C ASP A 53 8.00 5.95 -18.45
N LYS A 54 7.38 5.18 -17.55
CA LYS A 54 7.41 3.73 -17.65
C LYS A 54 6.07 3.13 -17.23
N PRO A 55 5.71 1.97 -17.82
CA PRO A 55 4.47 1.27 -17.52
C PRO A 55 4.47 0.67 -16.12
N VAL A 56 3.28 0.42 -15.58
CA VAL A 56 3.14 -0.16 -14.26
C VAL A 56 4.07 -1.36 -14.09
N ASP A 57 4.27 -2.10 -15.18
CA ASP A 57 5.14 -3.28 -15.15
C ASP A 57 6.60 -2.87 -14.90
N GLU A 58 7.03 -1.82 -15.59
CA GLU A 58 8.40 -1.34 -15.44
C GLU A 58 8.58 -0.61 -14.12
N ALA A 59 7.62 0.24 -13.78
CA ALA A 59 7.67 1.01 -12.54
C ALA A 59 7.83 0.09 -11.33
N LEU A 60 7.08 -1.02 -11.34
CA LEU A 60 7.14 -1.98 -10.24
C LEU A 60 8.46 -2.74 -10.25
N ARG A 61 8.88 -3.17 -11.44
CA ARG A 61 10.13 -3.91 -11.59
C ARG A 61 11.33 -3.04 -11.24
N GLU A 62 11.16 -1.72 -11.36
CA GLU A 62 12.22 -0.78 -11.05
C GLU A 62 12.27 -0.47 -9.55
N ALA A 63 11.09 -0.32 -8.95
CA ALA A 63 11.00 -0.03 -7.53
C ALA A 63 11.25 -1.28 -6.70
N MET A 64 10.89 -2.43 -7.24
CA MET A 64 11.08 -3.70 -6.54
C MET A 64 12.47 -3.77 -5.91
N PRO A 65 13.50 -3.61 -6.73
CA PRO A 65 14.90 -3.65 -6.27
C PRO A 65 15.26 -2.43 -5.42
N LYS A 66 14.71 -1.28 -5.79
CA LYS A 66 14.97 -0.04 -5.07
C LYS A 66 14.52 -0.15 -3.62
N ILE A 67 13.40 -0.83 -3.40
CA ILE A 67 12.86 -1.01 -2.05
C ILE A 67 13.59 -2.13 -1.32
N MET A 68 14.05 -3.13 -2.07
CA MET A 68 14.75 -4.26 -1.50
C MET A 68 16.15 -3.84 -1.02
N LYS A 69 16.76 -2.91 -1.74
CA LYS A 69 18.09 -2.43 -1.40
C LYS A 69 18.03 -1.50 -0.19
N TYR A 70 16.96 -0.72 -0.09
CA TYR A 70 16.77 0.21 1.01
C TYR A 70 16.91 -0.51 2.35
N VAL A 71 16.03 -1.49 2.57
CA VAL A 71 16.04 -2.25 3.81
C VAL A 71 17.03 -3.41 3.74
N GLY A 72 17.41 -3.77 2.52
CA GLY A 72 18.36 -4.87 2.33
C GLY A 72 19.70 -4.59 2.96
N GLY A 73 19.97 -3.32 3.25
CA GLY A 73 21.23 -2.94 3.86
C GLY A 73 21.90 -1.78 3.15
N THR A 74 21.24 -1.27 2.10
CA THR A 74 21.78 -0.16 1.34
C THR A 74 21.22 1.16 1.83
N ASN A 75 20.94 1.24 3.13
CA ASN A 75 20.41 2.45 3.73
C ASN A 75 21.51 3.27 4.40
N ASP A 76 21.14 4.41 4.96
CA ASP A 76 22.09 5.28 5.63
C ASP A 76 22.73 4.58 6.82
N LYS A 77 21.94 3.72 7.48
CA LYS A 77 22.42 2.99 8.64
C LYS A 77 23.08 1.67 8.22
N GLY A 78 22.86 1.28 6.97
CA GLY A 78 23.42 0.04 6.47
C GLY A 78 22.84 -1.18 7.14
N VAL A 79 21.59 -1.08 7.58
CA VAL A 79 20.91 -2.19 8.24
C VAL A 79 20.17 -3.06 7.24
N GLY A 80 20.52 -4.34 7.20
CA GLY A 80 19.88 -5.26 6.29
C GLY A 80 18.74 -6.03 6.93
N MET A 81 19.08 -7.08 7.67
CA MET A 81 18.08 -7.90 8.34
C MET A 81 17.55 -7.19 9.59
N GLY A 82 16.83 -6.09 9.38
CA GLY A 82 16.28 -5.35 10.49
C GLY A 82 14.76 -5.36 10.50
N MET A 83 14.16 -5.06 9.36
CA MET A 83 12.70 -5.04 9.24
C MET A 83 12.24 -5.83 8.02
N THR A 84 11.32 -6.76 8.24
CA THR A 84 10.80 -7.59 7.15
C THR A 84 9.29 -7.49 7.07
N VAL A 85 8.79 -7.03 5.93
CA VAL A 85 7.35 -6.89 5.71
C VAL A 85 7.02 -6.79 4.23
N PRO A 86 5.75 -7.05 3.90
CA PRO A 86 5.28 -7.01 2.50
C PRO A 86 5.24 -5.58 1.96
N VAL A 87 5.53 -5.44 0.67
CA VAL A 87 5.53 -4.13 0.02
C VAL A 87 4.31 -3.96 -0.87
N SER A 88 3.86 -2.72 -1.02
CA SER A 88 2.69 -2.42 -1.85
C SER A 88 3.00 -1.31 -2.85
N PHE A 89 2.10 -1.12 -3.80
CA PHE A 89 2.27 -0.09 -4.82
C PHE A 89 0.93 0.51 -5.22
N ALA A 90 0.97 1.74 -5.72
CA ALA A 90 -0.24 2.45 -6.15
C ALA A 90 -0.45 2.31 -7.65
N VAL A 91 -1.70 2.45 -8.08
CA VAL A 91 -2.03 2.34 -9.50
C VAL A 91 -3.18 3.28 -9.86
N PHE A 92 -3.19 3.75 -11.11
CA PHE A 92 -4.23 4.65 -11.58
C PHE A 92 -5.01 4.02 -12.73
N PRO A 93 -6.18 3.44 -12.41
CA PRO A 93 -7.04 2.80 -13.40
C PRO A 93 -7.69 3.81 -14.35
N ASN A 94 -7.76 3.45 -15.64
CA ASN A 94 -8.35 4.31 -16.64
C ASN A 94 -9.68 3.75 -17.14
N GLU A 95 -10.35 4.50 -18.01
CA GLU A 95 -11.63 4.07 -18.57
C GLU A 95 -11.45 2.89 -19.50
N ASP A 96 -10.31 2.86 -20.21
CA ASP A 96 -10.02 1.78 -21.14
C ASP A 96 -9.56 0.53 -20.40
N GLY A 97 -9.39 0.65 -19.08
CA GLY A 97 -8.95 -0.47 -18.28
C GLY A 97 -7.44 -0.54 -18.17
N SER A 98 -6.75 0.27 -18.96
CA SER A 98 -5.29 0.30 -18.95
C SER A 98 -4.78 1.30 -17.92
N LEU A 99 -4.08 0.79 -16.91
CA LEU A 99 -3.53 1.64 -15.85
C LEU A 99 -2.72 2.80 -16.45
N GLN A 100 -2.44 3.81 -15.63
CA GLN A 100 -1.69 4.97 -16.07
C GLN A 100 -0.19 4.67 -16.09
N LYS A 101 0.58 5.56 -16.71
CA LYS A 101 2.03 5.38 -16.80
C LYS A 101 2.70 5.78 -15.49
N LYS A 102 1.94 6.45 -14.61
CA LYS A 102 2.47 6.88 -13.33
C LYS A 102 2.12 5.87 -12.24
N LEU A 103 3.14 5.40 -11.52
CA LEU A 103 2.94 4.43 -10.44
C LEU A 103 3.85 4.74 -9.26
N LYS A 104 3.25 4.90 -8.08
CA LYS A 104 4.00 5.19 -6.88
C LYS A 104 4.00 3.99 -5.93
N VAL A 105 5.18 3.42 -5.70
CA VAL A 105 5.32 2.28 -4.81
C VAL A 105 5.34 2.71 -3.35
N TRP A 106 4.66 1.95 -2.50
CA TRP A 106 4.60 2.25 -1.07
C TRP A 106 5.14 1.09 -0.25
N PHE A 107 6.14 1.37 0.57
CA PHE A 107 6.76 0.35 1.42
C PHE A 107 6.31 0.50 2.86
N ARG A 108 5.85 -0.60 3.45
CA ARG A 108 5.39 -0.59 4.83
C ARG A 108 6.54 -0.90 5.79
N ILE A 109 6.62 -0.11 6.86
CA ILE A 109 7.67 -0.30 7.86
C ILE A 109 7.09 -0.72 9.20
N PRO A 110 7.71 -1.73 9.82
CA PRO A 110 7.26 -2.25 11.12
C PRO A 110 7.53 -1.27 12.26
N ASN A 111 6.65 -1.28 13.26
CA ASN A 111 6.79 -0.40 14.41
C ASN A 111 8.19 -0.48 15.00
N GLN A 112 8.79 -1.67 14.92
CA GLN A 112 10.13 -1.88 15.45
C GLN A 112 11.13 -0.92 14.81
N PHE A 113 10.90 -0.59 13.54
CA PHE A 113 11.79 0.32 12.83
C PHE A 113 11.20 1.73 12.78
N GLN A 114 9.87 1.82 12.78
CA GLN A 114 9.18 3.10 12.75
C GLN A 114 9.68 4.01 13.86
N GLY A 115 10.06 3.41 14.99
CA GLY A 115 10.55 4.20 16.11
C GLY A 115 11.74 5.06 15.74
N SER A 116 12.49 4.63 14.73
CA SER A 116 13.66 5.37 14.28
C SER A 116 14.33 4.67 13.10
N PRO A 117 13.69 4.74 11.92
CA PRO A 117 14.20 4.12 10.70
C PRO A 117 15.45 4.82 10.18
N PRO A 118 16.20 4.13 9.31
CA PRO A 118 17.42 4.66 8.71
C PRO A 118 17.15 5.79 7.73
N ALA A 119 18.15 6.63 7.50
CA ALA A 119 18.03 7.75 6.59
C ALA A 119 17.99 7.27 5.13
N PRO A 120 17.38 8.08 4.26
CA PRO A 120 17.27 7.76 2.83
C PRO A 120 18.61 7.83 2.11
N SER A 121 19.43 6.79 2.28
CA SER A 121 20.74 6.74 1.65
C SER A 121 20.62 6.95 0.14
N ASP A 122 19.47 6.59 -0.42
CA ASP A 122 19.23 6.74 -1.85
C ASP A 122 18.11 7.73 -2.12
N GLU A 123 18.46 8.83 -2.78
CA GLU A 123 17.47 9.87 -3.09
C GLU A 123 16.27 9.27 -3.83
N SER A 124 16.51 8.17 -4.55
CA SER A 124 15.46 7.51 -5.30
C SER A 124 14.32 7.06 -4.38
N VAL A 125 14.65 6.87 -3.11
CA VAL A 125 13.66 6.45 -2.12
C VAL A 125 13.78 7.26 -0.84
N LYS A 126 12.70 7.94 -0.48
CA LYS A 126 12.68 8.76 0.74
C LYS A 126 11.59 8.29 1.68
N ILE A 127 11.79 8.54 2.98
CA ILE A 127 10.81 8.15 3.99
C ILE A 127 9.85 9.29 4.29
N GLU A 128 8.59 9.11 3.92
CA GLU A 128 7.56 10.12 4.15
C GLU A 128 6.38 9.53 4.91
N GLU A 129 5.79 10.35 5.78
CA GLU A 129 4.65 9.91 6.58
C GLU A 129 3.34 10.45 6.00
N ARG A 130 2.25 9.73 6.25
CA ARG A 130 0.94 10.15 5.76
C ARG A 130 -0.14 9.91 6.81
N GLU A 131 -0.86 10.96 7.16
CA GLU A 131 -1.92 10.88 8.16
C GLU A 131 -3.10 11.78 7.79
N GLY A 132 -4.25 11.50 8.38
CA GLY A 132 -5.44 12.29 8.10
C GLY A 132 -6.14 11.84 6.84
N ILE A 133 -5.87 10.62 6.40
CA ILE A 133 -6.49 10.08 5.20
C ILE A 133 -7.24 8.78 5.50
N THR A 134 -8.31 8.54 4.74
CA THR A 134 -9.12 7.35 4.93
C THR A 134 -9.16 6.50 3.67
N VAL A 135 -8.90 5.21 3.82
CA VAL A 135 -8.91 4.28 2.69
C VAL A 135 -9.87 3.12 2.93
N TYR A 136 -10.19 2.40 1.86
CA TYR A 136 -11.10 1.26 1.95
C TYR A 136 -10.37 -0.04 1.61
N SER A 137 -10.41 -0.99 2.54
CA SER A 137 -9.77 -2.28 2.33
C SER A 137 -10.79 -3.40 2.18
N THR A 138 -10.54 -4.31 1.26
CA THR A 138 -11.44 -5.43 1.01
C THR A 138 -10.68 -6.75 0.90
N GLN A 139 -11.09 -7.74 1.67
CA GLN A 139 -10.45 -9.05 1.65
C GLN A 139 -11.36 -10.10 1.03
N PHE A 140 -10.82 -10.89 0.12
CA PHE A 140 -11.58 -11.93 -0.55
C PHE A 140 -10.74 -13.19 -0.75
N GLY A 141 -11.18 -14.28 -0.13
CA GLY A 141 -10.45 -15.53 -0.24
C GLY A 141 -10.77 -16.27 -1.52
N GLY A 142 -9.89 -17.21 -1.90
CA GLY A 142 -10.11 -17.97 -3.12
C GLY A 142 -9.02 -17.71 -4.15
N TYR A 143 -9.13 -18.39 -5.28
CA TYR A 143 -8.15 -18.23 -6.35
C TYR A 143 -8.26 -16.85 -7.00
N ALA A 144 -7.30 -15.99 -6.70
CA ALA A 144 -7.28 -14.64 -7.26
C ALA A 144 -5.98 -14.36 -8.00
N LYS A 145 -6.11 -13.71 -9.16
CA LYS A 145 -4.95 -13.40 -9.98
C LYS A 145 -4.74 -11.88 -10.06
N GLU A 146 -3.69 -11.48 -10.76
CA GLU A 146 -3.38 -10.05 -10.92
C GLU A 146 -4.61 -9.29 -11.41
N ALA A 147 -5.44 -9.96 -12.21
CA ALA A 147 -6.65 -9.34 -12.75
C ALA A 147 -7.69 -9.14 -11.66
N ASP A 148 -7.78 -10.10 -10.74
CA ASP A 148 -8.74 -10.03 -9.65
C ASP A 148 -8.57 -8.75 -8.86
N TYR A 149 -7.32 -8.32 -8.68
CA TYR A 149 -7.01 -7.11 -7.94
C TYR A 149 -7.62 -5.89 -8.63
N VAL A 150 -7.51 -5.85 -9.95
CA VAL A 150 -8.04 -4.74 -10.73
C VAL A 150 -9.56 -4.81 -10.83
N ALA A 151 -10.09 -6.02 -10.90
CA ALA A 151 -11.52 -6.23 -11.00
C ALA A 151 -12.20 -5.89 -9.67
N HIS A 152 -11.65 -6.39 -8.58
CA HIS A 152 -12.21 -6.15 -7.25
C HIS A 152 -12.25 -4.66 -6.95
N ALA A 153 -11.27 -3.92 -7.47
CA ALA A 153 -11.19 -2.48 -7.25
C ALA A 153 -12.45 -1.79 -7.75
N THR A 154 -12.96 -2.25 -8.89
CA THR A 154 -14.16 -1.67 -9.49
C THR A 154 -15.41 -2.15 -8.77
N GLN A 155 -15.45 -3.43 -8.42
CA GLN A 155 -16.59 -4.01 -7.73
C GLN A 155 -16.91 -3.21 -6.46
N LEU A 156 -15.88 -2.78 -5.77
CA LEU A 156 -16.05 -2.01 -4.54
C LEU A 156 -16.87 -0.74 -4.80
N ARG A 157 -16.71 -0.18 -5.99
CA ARG A 157 -17.44 1.03 -6.36
C ARG A 157 -18.93 0.75 -6.50
N THR A 158 -19.26 -0.38 -7.11
CA THR A 158 -20.65 -0.77 -7.31
C THR A 158 -21.27 -1.28 -6.01
N THR A 159 -20.46 -1.93 -5.19
CA THR A 159 -20.93 -2.46 -3.91
C THR A 159 -21.06 -1.36 -2.87
N LEU A 160 -20.18 -0.37 -2.95
CA LEU A 160 -20.20 0.74 -2.01
C LEU A 160 -21.43 1.62 -2.23
N GLU A 161 -22.15 1.36 -3.32
CA GLU A 161 -23.35 2.11 -3.64
C GLU A 161 -24.18 2.37 -2.38
N GLY A 162 -24.56 3.63 -2.18
CA GLY A 162 -25.36 3.98 -1.01
C GLY A 162 -24.51 4.52 0.13
N THR A 163 -23.21 4.67 -0.12
CA THR A 163 -22.29 5.17 0.89
C THR A 163 -21.84 6.60 0.56
N PRO A 164 -21.71 7.43 1.61
CA PRO A 164 -21.29 8.82 1.46
C PRO A 164 -19.83 8.94 1.06
N ALA A 165 -19.12 7.82 1.06
CA ALA A 165 -17.71 7.80 0.70
C ALA A 165 -17.54 7.93 -0.81
N THR A 166 -16.55 8.72 -1.23
CA THR A 166 -16.28 8.92 -2.65
C THR A 166 -14.83 8.57 -2.98
N TYR A 167 -14.53 8.52 -4.28
CA TYR A 167 -13.18 8.20 -4.73
C TYR A 167 -12.79 9.06 -5.93
N GLN A 168 -11.48 9.18 -6.17
CA GLN A 168 -10.98 9.96 -7.29
C GLN A 168 -10.25 9.09 -8.29
N GLY A 169 -10.84 8.91 -9.47
CA GLY A 169 -10.24 8.10 -10.50
C GLY A 169 -10.22 6.62 -10.14
N ASP A 170 -10.92 6.28 -9.06
CA ASP A 170 -11.00 4.89 -8.61
C ASP A 170 -9.61 4.37 -8.23
N VAL A 171 -8.68 5.30 -7.98
CA VAL A 171 -7.33 4.92 -7.61
C VAL A 171 -7.32 3.90 -6.48
N TYR A 172 -6.41 2.94 -6.56
CA TYR A 172 -6.30 1.90 -5.54
C TYR A 172 -4.86 1.41 -5.42
N TYR A 173 -4.54 0.84 -4.26
CA TYR A 173 -3.19 0.32 -4.02
C TYR A 173 -3.21 -1.20 -3.89
N CYS A 174 -2.12 -1.83 -4.31
CA CYS A 174 -2.01 -3.29 -4.23
C CYS A 174 -0.90 -3.69 -3.27
N ALA A 175 -1.26 -4.51 -2.28
CA ALA A 175 -0.30 -4.97 -1.29
C ALA A 175 -0.03 -6.47 -1.44
N GLY A 176 1.24 -6.85 -1.30
CA GLY A 176 1.61 -8.25 -1.44
C GLY A 176 3.03 -8.52 -1.01
N TYR A 177 3.26 -9.66 -0.36
CA TYR A 177 4.58 -10.02 0.12
C TYR A 177 5.57 -10.10 -1.04
N ASP A 178 5.40 -11.12 -1.89
CA ASP A 178 6.27 -11.31 -3.04
C ASP A 178 5.53 -12.04 -4.16
N PRO A 179 6.06 -11.91 -5.39
CA PRO A 179 5.47 -12.55 -6.56
C PRO A 179 5.63 -14.07 -6.55
N PRO A 180 4.50 -14.79 -6.39
CA PRO A 180 4.49 -16.25 -6.34
C PRO A 180 4.82 -16.87 -7.71
N MET A 181 5.44 -18.05 -7.68
CA MET A 181 5.80 -18.74 -8.91
C MET A 181 4.57 -18.99 -9.78
N LYS A 182 3.40 -19.01 -9.14
CA LYS A 182 2.15 -19.24 -9.86
C LYS A 182 1.15 -18.11 -9.58
N PRO A 183 0.15 -17.99 -10.45
CA PRO A 183 -0.90 -16.97 -10.31
C PRO A 183 -1.82 -17.24 -9.13
N TYR A 184 -1.76 -18.46 -8.60
CA TYR A 184 -2.60 -18.84 -7.46
C TYR A 184 -2.47 -17.83 -6.33
N GLY A 185 -3.55 -17.12 -6.06
CA GLY A 185 -3.54 -16.13 -5.00
C GLY A 185 -4.68 -16.32 -4.00
N ARG A 186 -4.40 -17.05 -2.93
CA ARG A 186 -5.40 -17.32 -1.91
C ARG A 186 -5.73 -16.05 -1.13
N ARG A 187 -4.70 -15.32 -0.72
CA ARG A 187 -4.86 -14.09 0.04
C ARG A 187 -4.68 -12.87 -0.86
N ASN A 188 -5.62 -11.93 -0.78
CA ASN A 188 -5.56 -10.72 -1.59
C ASN A 188 -6.07 -9.52 -0.80
N GLU A 189 -5.57 -8.33 -1.15
CA GLU A 189 -5.98 -7.10 -0.47
C GLU A 189 -6.00 -5.93 -1.44
N VAL A 190 -7.08 -5.16 -1.41
CA VAL A 190 -7.23 -4.00 -2.29
C VAL A 190 -7.55 -2.75 -1.49
N TRP A 191 -6.71 -1.73 -1.63
CA TRP A 191 -6.91 -0.47 -0.92
C TRP A 191 -7.46 0.60 -1.85
N LEU A 192 -8.52 1.28 -1.41
CA LEU A 192 -9.13 2.33 -2.20
C LEU A 192 -9.01 3.68 -1.52
N VAL A 193 -8.55 4.68 -2.26
CA VAL A 193 -8.39 6.02 -1.73
C VAL A 193 -9.70 6.81 -1.80
N LYS A 194 -10.02 7.50 -0.71
CA LYS A 194 -11.25 8.29 -0.64
C LYS A 194 -11.02 9.69 -1.22
N ALA A 195 -11.94 10.13 -2.06
CA ALA A 195 -11.84 11.45 -2.68
C ALA A 195 -12.40 12.53 -1.75
N ASN A 12 12.01 4.93 42.47
CA ASN A 12 11.19 4.30 41.44
C ASN A 12 10.96 5.23 40.27
N SER A 13 11.12 4.71 39.05
CA SER A 13 10.94 5.50 37.84
C SER A 13 11.08 4.63 36.60
N LEU A 14 10.04 4.62 35.77
CA LEU A 14 10.04 3.83 34.55
C LEU A 14 9.00 4.35 33.57
N PHE A 15 9.22 4.09 32.28
CA PHE A 15 8.30 4.53 31.24
C PHE A 15 7.97 3.38 30.28
N GLY A 16 7.25 3.70 29.21
CA GLY A 16 6.89 2.69 28.24
C GLY A 16 6.87 3.23 26.82
N SER A 17 6.35 2.42 25.90
CA SER A 17 6.28 2.83 24.49
C SER A 17 5.10 2.14 23.80
N VAL A 18 5.01 2.35 22.48
CA VAL A 18 3.94 1.74 21.69
C VAL A 18 4.48 0.66 20.76
N GLU A 19 3.67 -0.37 20.52
CA GLU A 19 4.06 -1.46 19.66
C GLU A 19 3.19 -1.52 18.41
N THR A 20 3.82 -1.65 17.25
CA THR A 20 3.10 -1.71 15.99
C THR A 20 2.30 -0.42 15.74
N TRP A 21 1.85 -0.24 14.51
CA TRP A 21 1.08 0.95 14.14
C TRP A 21 -0.35 0.58 13.80
N PRO A 22 -1.16 0.29 14.82
CA PRO A 22 -2.57 -0.09 14.66
C PRO A 22 -3.42 1.09 14.19
N TRP A 23 -4.46 0.78 13.42
CA TRP A 23 -5.36 1.81 12.91
C TRP A 23 -6.66 1.84 13.71
N GLN A 24 -7.49 2.84 13.44
CA GLN A 24 -8.77 2.98 14.13
C GLN A 24 -9.92 2.91 13.15
N VAL A 25 -10.74 1.86 13.26
CA VAL A 25 -11.88 1.68 12.38
C VAL A 25 -13.14 2.32 12.97
N LEU A 26 -13.91 2.97 12.11
CA LEU A 26 -15.14 3.63 12.54
C LEU A 26 -16.33 2.69 12.44
N SER A 27 -16.36 1.89 11.38
CA SER A 27 -17.44 0.93 11.16
C SER A 27 -17.22 0.14 9.88
N THR A 28 -17.78 -1.07 9.84
CA THR A 28 -17.64 -1.93 8.67
C THR A 28 -18.98 -2.54 8.28
N GLY A 29 -19.16 -2.79 6.99
CA GLY A 29 -20.40 -3.37 6.50
C GLY A 29 -20.81 -2.82 5.15
N GLY A 30 -20.79 -3.68 4.13
CA GLY A 30 -21.16 -3.26 2.79
C GLY A 30 -22.13 -4.21 2.14
N LYS A 31 -22.01 -4.36 0.82
CA LYS A 31 -22.90 -5.25 0.07
C LYS A 31 -22.55 -6.71 0.34
N GLU A 32 -23.41 -7.62 -0.12
CA GLU A 32 -23.20 -9.04 0.06
C GLU A 32 -21.96 -9.52 -0.71
N ASP A 33 -21.43 -10.66 -0.30
CA ASP A 33 -20.25 -11.22 -0.96
C ASP A 33 -19.00 -10.43 -0.61
N VAL A 34 -18.92 -9.20 -1.11
CA VAL A 34 -17.78 -8.32 -0.84
C VAL A 34 -18.14 -7.23 0.15
N SER A 35 -17.29 -7.06 1.16
CA SER A 35 -17.51 -6.04 2.19
C SER A 35 -16.33 -5.09 2.28
N TYR A 36 -16.59 -3.87 2.74
CA TYR A 36 -15.54 -2.86 2.88
C TYR A 36 -15.41 -2.42 4.33
N GLU A 37 -14.26 -1.81 4.65
CA GLU A 37 -14.00 -1.34 6.00
C GLU A 37 -13.33 0.04 5.97
N GLU A 38 -13.92 0.99 6.69
CA GLU A 38 -13.38 2.34 6.75
C GLU A 38 -12.64 2.57 8.07
N ARG A 39 -11.34 2.87 7.97
CA ARG A 39 -10.53 3.12 9.14
C ARG A 39 -9.54 4.25 8.89
N ALA A 40 -8.98 4.78 9.97
CA ALA A 40 -8.01 5.88 9.87
C ALA A 40 -6.59 5.35 9.69
N CYS A 41 -5.84 5.97 8.80
CA CYS A 41 -4.47 5.55 8.54
C CYS A 41 -3.64 5.60 9.81
N GLU A 42 -2.76 4.62 9.97
CA GLU A 42 -1.89 4.54 11.16
C GLU A 42 -1.04 5.80 11.29
N GLY A 43 -0.81 6.47 10.17
CA GLY A 43 0.00 7.68 10.19
C GLY A 43 1.48 7.39 10.33
N GLY A 44 1.85 6.13 10.22
CA GLY A 44 3.24 5.74 10.34
C GLY A 44 4.07 6.18 9.14
N LYS A 45 5.39 6.15 9.29
CA LYS A 45 6.29 6.54 8.22
C LYS A 45 6.62 5.35 7.32
N PHE A 46 6.59 5.57 6.01
CA PHE A 46 6.89 4.52 5.05
C PHE A 46 7.74 5.06 3.90
N ALA A 47 8.48 4.17 3.26
CA ALA A 47 9.34 4.55 2.14
C ALA A 47 8.70 4.20 0.81
N THR A 48 8.48 5.21 -0.02
CA THR A 48 7.86 5.00 -1.33
C THR A 48 8.82 5.39 -2.46
N VAL A 49 8.60 4.82 -3.63
CA VAL A 49 9.44 5.10 -4.79
C VAL A 49 8.60 5.37 -6.03
N GLU A 50 8.92 6.44 -6.73
CA GLU A 50 8.19 6.81 -7.94
C GLU A 50 8.89 6.28 -9.19
N VAL A 51 8.14 5.64 -10.07
CA VAL A 51 8.69 5.08 -11.30
C VAL A 51 7.87 5.51 -12.50
N THR A 52 8.52 6.23 -13.42
CA THR A 52 7.85 6.71 -14.62
C THR A 52 8.56 6.20 -15.88
N ASP A 53 7.96 6.47 -17.04
CA ASP A 53 8.53 6.04 -18.31
C ASP A 53 8.50 4.52 -18.43
N LYS A 54 7.82 3.86 -17.50
CA LYS A 54 7.71 2.41 -17.51
C LYS A 54 6.33 1.97 -17.05
N PRO A 55 5.87 0.82 -17.56
CA PRO A 55 4.56 0.26 -17.21
C PRO A 55 4.52 -0.26 -15.77
N VAL A 56 3.32 -0.34 -15.22
CA VAL A 56 3.14 -0.82 -13.86
C VAL A 56 3.93 -2.10 -13.62
N ASP A 57 4.04 -2.92 -14.66
CA ASP A 57 4.78 -4.18 -14.56
C ASP A 57 6.27 -3.93 -14.37
N GLU A 58 6.84 -3.08 -15.22
CA GLU A 58 8.25 -2.76 -15.15
C GLU A 58 8.56 -1.96 -13.88
N ALA A 59 7.76 -0.94 -13.62
CA ALA A 59 7.94 -0.10 -12.44
C ALA A 59 7.99 -0.95 -11.17
N LEU A 60 7.16 -1.98 -11.12
CA LEU A 60 7.10 -2.87 -9.97
C LEU A 60 8.35 -3.74 -9.88
N ARG A 61 8.83 -4.18 -11.04
CA ARG A 61 10.02 -5.03 -11.10
C ARG A 61 11.27 -4.21 -10.80
N GLU A 62 11.20 -2.91 -11.04
CA GLU A 62 12.34 -2.03 -10.80
C GLU A 62 12.34 -1.54 -9.35
N ALA A 63 11.17 -1.18 -8.85
CA ALA A 63 11.04 -0.70 -7.48
C ALA A 63 11.20 -1.83 -6.48
N MET A 64 10.77 -3.03 -6.87
CA MET A 64 10.86 -4.20 -6.02
C MET A 64 12.26 -4.31 -5.40
N PRO A 65 13.27 -4.44 -6.26
CA PRO A 65 14.67 -4.57 -5.82
C PRO A 65 15.20 -3.26 -5.23
N LYS A 66 14.67 -2.14 -5.70
CA LYS A 66 15.10 -0.83 -5.22
C LYS A 66 14.61 -0.59 -3.80
N ILE A 67 13.50 -1.24 -3.44
CA ILE A 67 12.93 -1.09 -2.11
C ILE A 67 13.65 -1.98 -1.10
N MET A 68 13.89 -3.24 -1.50
CA MET A 68 14.57 -4.18 -0.63
C MET A 68 16.04 -3.80 -0.46
N LYS A 69 16.68 -3.42 -1.55
CA LYS A 69 18.08 -3.02 -1.52
C LYS A 69 18.31 -1.89 -0.53
N TYR A 70 17.29 -1.05 -0.36
CA TYR A 70 17.38 0.08 0.57
C TYR A 70 17.64 -0.40 1.99
N VAL A 71 16.84 -1.37 2.43
CA VAL A 71 16.96 -1.92 3.77
C VAL A 71 18.05 -2.98 3.83
N GLY A 72 18.40 -3.53 2.67
CA GLY A 72 19.43 -4.55 2.61
C GLY A 72 20.78 -4.03 3.03
N GLY A 73 20.92 -2.71 3.10
CA GLY A 73 22.18 -2.10 3.49
C GLY A 73 22.47 -0.83 2.73
N THR A 74 21.70 -0.57 1.69
CA THR A 74 21.88 0.62 0.87
C THR A 74 21.16 1.82 1.48
N ASN A 75 21.43 2.09 2.75
CA ASN A 75 20.81 3.20 3.46
C ASN A 75 21.73 4.41 3.49
N ASP A 76 21.24 5.51 4.04
CA ASP A 76 22.03 6.74 4.13
C ASP A 76 23.16 6.59 5.13
N LYS A 77 22.92 5.80 6.18
CA LYS A 77 23.92 5.56 7.21
C LYS A 77 24.54 4.18 7.07
N GLY A 78 23.92 3.34 6.25
CA GLY A 78 24.43 2.00 6.04
C GLY A 78 23.99 1.04 7.13
N VAL A 79 22.82 1.30 7.71
CA VAL A 79 22.29 0.45 8.77
C VAL A 79 21.12 -0.38 8.28
N GLY A 80 21.22 -1.70 8.46
CA GLY A 80 20.15 -2.59 8.02
C GLY A 80 20.01 -3.80 8.91
N MET A 81 19.48 -3.61 10.11
CA MET A 81 19.30 -4.70 11.06
C MET A 81 18.55 -5.85 10.41
N GLY A 82 17.37 -5.55 9.86
CA GLY A 82 16.56 -6.57 9.22
C GLY A 82 15.08 -6.37 9.45
N MET A 83 14.35 -6.08 8.38
CA MET A 83 12.91 -5.87 8.47
C MET A 83 12.17 -6.66 7.39
N THR A 84 11.18 -7.43 7.81
CA THR A 84 10.40 -8.24 6.88
C THR A 84 8.92 -7.93 7.00
N VAL A 85 8.33 -7.44 5.90
CA VAL A 85 6.91 -7.10 5.89
C VAL A 85 6.38 -7.04 4.46
N PRO A 86 5.05 -7.09 4.32
CA PRO A 86 4.39 -7.04 3.01
C PRO A 86 4.50 -5.67 2.36
N VAL A 87 4.70 -5.67 1.04
CA VAL A 87 4.81 -4.42 0.30
C VAL A 87 3.58 -4.17 -0.56
N SER A 88 3.31 -2.89 -0.83
CA SER A 88 2.15 -2.52 -1.63
C SER A 88 2.48 -1.34 -2.54
N PHE A 89 1.90 -1.34 -3.73
CA PHE A 89 2.13 -0.27 -4.70
C PHE A 89 0.80 0.37 -5.12
N ALA A 90 0.89 1.63 -5.54
CA ALA A 90 -0.31 2.37 -5.97
C ALA A 90 -0.49 2.28 -7.49
N VAL A 91 -1.72 2.44 -7.93
CA VAL A 91 -2.03 2.38 -9.36
C VAL A 91 -3.13 3.38 -9.73
N PHE A 92 -3.08 3.86 -10.97
CA PHE A 92 -4.07 4.82 -11.45
C PHE A 92 -4.85 4.25 -12.63
N PRO A 93 -6.05 3.73 -12.35
CA PRO A 93 -6.92 3.15 -13.37
C PRO A 93 -7.49 4.21 -14.32
N ASN A 94 -7.49 3.89 -15.62
CA ASN A 94 -8.00 4.81 -16.62
C ASN A 94 -9.36 4.36 -17.13
N GLU A 95 -10.01 5.21 -17.92
CA GLU A 95 -11.33 4.90 -18.47
C GLU A 95 -11.25 3.71 -19.42
N ASP A 96 -10.11 3.56 -20.09
CA ASP A 96 -9.91 2.46 -21.03
C ASP A 96 -9.61 1.17 -20.29
N GLY A 97 -9.48 1.26 -18.97
CA GLY A 97 -9.19 0.08 -18.16
C GLY A 97 -7.71 -0.19 -18.03
N SER A 98 -6.91 0.53 -18.81
CA SER A 98 -5.46 0.37 -18.79
C SER A 98 -4.82 1.30 -17.76
N LEU A 99 -4.09 0.71 -16.82
CA LEU A 99 -3.42 1.48 -15.78
C LEU A 99 -2.58 2.60 -16.37
N GLN A 100 -2.19 3.56 -15.53
CA GLN A 100 -1.38 4.69 -15.98
C GLN A 100 0.11 4.32 -15.99
N LYS A 101 0.91 5.14 -16.65
CA LYS A 101 2.35 4.92 -16.74
C LYS A 101 3.04 5.31 -15.44
N LYS A 102 2.33 6.06 -14.61
CA LYS A 102 2.88 6.51 -13.33
C LYS A 102 2.44 5.58 -12.20
N LEU A 103 3.42 5.07 -11.45
CA LEU A 103 3.13 4.17 -10.34
C LEU A 103 4.07 4.43 -9.17
N LYS A 104 3.53 4.40 -7.96
CA LYS A 104 4.33 4.63 -6.76
C LYS A 104 4.29 3.42 -5.83
N VAL A 105 5.44 2.79 -5.63
CA VAL A 105 5.54 1.62 -4.78
C VAL A 105 5.82 2.02 -3.33
N TRP A 106 4.92 1.66 -2.43
CA TRP A 106 5.07 1.97 -1.02
C TRP A 106 5.58 0.76 -0.23
N PHE A 107 6.60 0.98 0.58
CA PHE A 107 7.18 -0.10 1.38
C PHE A 107 6.78 0.04 2.85
N ARG A 108 6.30 -1.06 3.43
CA ARG A 108 5.88 -1.06 4.83
C ARG A 108 7.07 -1.32 5.75
N ILE A 109 7.14 -0.56 6.84
CA ILE A 109 8.22 -0.71 7.81
C ILE A 109 7.69 -1.18 9.15
N PRO A 110 8.36 -2.19 9.73
CA PRO A 110 7.97 -2.74 11.04
C PRO A 110 8.24 -1.77 12.18
N ASN A 111 7.47 -1.91 13.26
CA ASN A 111 7.62 -1.04 14.43
C ASN A 111 9.07 -1.01 14.89
N GLN A 112 9.76 -2.13 14.72
CA GLN A 112 11.16 -2.23 15.13
C GLN A 112 12.01 -1.19 14.42
N PHE A 113 11.64 -0.86 13.19
CA PHE A 113 12.38 0.13 12.41
C PHE A 113 11.67 1.48 12.45
N GLN A 114 10.36 1.45 12.66
CA GLN A 114 9.57 2.68 12.72
C GLN A 114 10.06 3.59 13.84
N GLY A 115 10.51 2.98 14.94
CA GLY A 115 11.00 3.75 16.07
C GLY A 115 12.11 4.70 15.69
N SER A 116 12.82 4.38 14.62
CA SER A 116 13.92 5.21 14.14
C SER A 116 14.56 4.61 12.90
N PRO A 117 13.87 4.72 11.77
CA PRO A 117 14.35 4.20 10.48
C PRO A 117 15.53 4.99 9.94
N PRO A 118 16.30 4.37 9.03
CA PRO A 118 17.48 4.99 8.42
C PRO A 118 17.10 6.12 7.47
N ALA A 119 18.03 7.04 7.24
CA ALA A 119 17.80 8.16 6.34
C ALA A 119 17.85 7.73 4.88
N PRO A 120 17.18 8.49 4.01
CA PRO A 120 17.14 8.20 2.56
C PRO A 120 18.48 8.43 1.89
N SER A 121 19.24 7.35 1.69
CA SER A 121 20.55 7.45 1.05
C SER A 121 20.47 8.22 -0.26
N ASP A 122 19.39 7.97 -1.01
CA ASP A 122 19.19 8.64 -2.29
C ASP A 122 17.82 9.33 -2.32
N GLU A 123 17.52 9.99 -3.45
CA GLU A 123 16.26 10.69 -3.61
C GLU A 123 15.17 9.75 -4.13
N SER A 124 15.60 8.65 -4.74
CA SER A 124 14.67 7.66 -5.28
C SER A 124 13.80 7.08 -4.17
N VAL A 125 14.40 6.85 -3.02
CA VAL A 125 13.68 6.29 -1.87
C VAL A 125 13.65 7.27 -0.70
N LYS A 126 12.46 7.73 -0.35
CA LYS A 126 12.32 8.67 0.75
C LYS A 126 11.24 8.20 1.73
N ILE A 127 11.44 8.47 3.02
CA ILE A 127 10.50 8.07 4.04
C ILE A 127 9.49 9.18 4.32
N GLU A 128 8.23 8.94 3.97
CA GLU A 128 7.17 9.91 4.19
C GLU A 128 5.97 9.28 4.87
N GLU A 129 5.38 10.00 5.83
CA GLU A 129 4.22 9.50 6.55
C GLU A 129 2.93 10.09 6.00
N ARG A 130 1.84 9.35 6.16
CA ARG A 130 0.54 9.80 5.66
C ARG A 130 -0.57 9.50 6.68
N GLU A 131 -1.26 10.55 7.11
CA GLU A 131 -2.34 10.40 8.08
C GLU A 131 -3.46 11.40 7.81
N GLY A 132 -4.52 11.32 8.60
CA GLY A 132 -5.65 12.21 8.43
C GLY A 132 -6.45 11.90 7.18
N ILE A 133 -6.29 10.69 6.66
CA ILE A 133 -7.01 10.27 5.46
C ILE A 133 -7.86 9.04 5.74
N THR A 134 -8.98 8.93 5.02
CA THR A 134 -9.89 7.81 5.17
C THR A 134 -9.87 6.90 3.94
N VAL A 135 -9.53 5.63 4.15
CA VAL A 135 -9.48 4.67 3.06
C VAL A 135 -10.35 3.45 3.35
N TYR A 136 -10.86 2.83 2.29
CA TYR A 136 -11.72 1.66 2.44
C TYR A 136 -11.06 0.43 1.84
N SER A 137 -10.89 -0.60 2.66
CA SER A 137 -10.26 -1.85 2.22
C SER A 137 -11.30 -2.93 2.02
N THR A 138 -11.01 -3.87 1.11
CA THR A 138 -11.93 -4.96 0.82
C THR A 138 -11.18 -6.29 0.74
N GLN A 139 -11.65 -7.28 1.50
CA GLN A 139 -11.03 -8.60 1.51
C GLN A 139 -11.94 -9.63 0.86
N PHE A 140 -11.33 -10.53 0.09
CA PHE A 140 -12.09 -11.58 -0.59
C PHE A 140 -11.28 -12.87 -0.66
N GLY A 141 -11.89 -13.96 -0.21
CA GLY A 141 -11.22 -15.25 -0.23
C GLY A 141 -11.16 -15.86 -1.63
N GLY A 142 -10.20 -16.74 -1.85
CA GLY A 142 -10.06 -17.38 -3.15
C GLY A 142 -8.83 -16.90 -3.89
N TYR A 143 -8.34 -17.74 -4.80
CA TYR A 143 -7.16 -17.40 -5.59
C TYR A 143 -7.47 -16.27 -6.57
N ALA A 144 -6.71 -15.18 -6.47
CA ALA A 144 -6.90 -14.04 -7.35
C ALA A 144 -5.62 -13.70 -8.10
N LYS A 145 -5.75 -13.36 -9.37
CA LYS A 145 -4.60 -13.01 -10.19
C LYS A 145 -4.41 -11.50 -10.27
N GLU A 146 -3.35 -11.07 -10.94
CA GLU A 146 -3.07 -9.65 -11.07
C GLU A 146 -4.29 -8.89 -11.58
N ALA A 147 -4.93 -9.43 -12.62
CA ALA A 147 -6.11 -8.81 -13.20
C ALA A 147 -7.24 -8.71 -12.18
N ASP A 148 -7.30 -9.68 -11.28
CA ASP A 148 -8.33 -9.70 -10.25
C ASP A 148 -8.30 -8.42 -9.42
N TYR A 149 -7.09 -8.01 -9.05
CA TYR A 149 -6.91 -6.80 -8.25
C TYR A 149 -7.52 -5.59 -8.95
N VAL A 150 -7.43 -5.57 -10.28
CA VAL A 150 -7.96 -4.48 -11.07
C VAL A 150 -9.49 -4.53 -11.14
N ALA A 151 -10.02 -5.76 -11.16
CA ALA A 151 -11.47 -5.95 -11.22
C ALA A 151 -12.11 -5.68 -9.87
N HIS A 152 -11.40 -6.03 -8.79
CA HIS A 152 -11.91 -5.82 -7.44
C HIS A 152 -11.88 -4.34 -7.07
N ALA A 153 -10.90 -3.62 -7.59
CA ALA A 153 -10.76 -2.19 -7.32
C ALA A 153 -12.00 -1.43 -7.76
N THR A 154 -12.51 -1.77 -8.95
CA THR A 154 -13.70 -1.11 -9.47
C THR A 154 -14.96 -1.64 -8.80
N GLN A 155 -14.96 -2.91 -8.43
CA GLN A 155 -16.10 -3.54 -7.79
C GLN A 155 -16.54 -2.73 -6.56
N LEU A 156 -15.56 -2.22 -5.82
CA LEU A 156 -15.84 -1.43 -4.63
C LEU A 156 -16.70 -0.22 -4.97
N ARG A 157 -16.55 0.29 -6.18
CA ARG A 157 -17.32 1.44 -6.63
C ARG A 157 -18.80 1.12 -6.70
N THR A 158 -19.14 0.05 -7.42
CA THR A 158 -20.52 -0.37 -7.57
C THR A 158 -21.07 -0.95 -6.26
N THR A 159 -20.18 -1.56 -5.48
CA THR A 159 -20.57 -2.16 -4.20
C THR A 159 -20.80 -1.09 -3.15
N LEU A 160 -20.05 0.00 -3.22
CA LEU A 160 -20.17 1.09 -2.27
C LEU A 160 -21.47 1.86 -2.50
N GLU A 161 -22.15 1.55 -3.60
CA GLU A 161 -23.41 2.21 -3.93
C GLU A 161 -24.26 2.42 -2.69
N GLY A 162 -24.72 3.65 -2.49
CA GLY A 162 -25.54 3.97 -1.34
C GLY A 162 -24.72 4.53 -0.19
N THR A 163 -23.45 4.84 -0.45
CA THR A 163 -22.57 5.38 0.57
C THR A 163 -22.11 6.79 0.21
N PRO A 164 -22.03 7.66 1.24
CA PRO A 164 -21.60 9.05 1.06
C PRO A 164 -20.13 9.16 0.72
N ALA A 165 -19.41 8.05 0.78
CA ALA A 165 -17.99 8.02 0.46
C ALA A 165 -17.75 8.31 -1.02
N THR A 166 -16.71 9.08 -1.31
CA THR A 166 -16.37 9.43 -2.68
C THR A 166 -14.93 9.05 -3.01
N TYR A 167 -14.59 9.10 -4.29
CA TYR A 167 -13.24 8.77 -4.73
C TYR A 167 -12.81 9.67 -5.89
N GLN A 168 -11.51 9.78 -6.08
CA GLN A 168 -10.95 10.60 -7.16
C GLN A 168 -9.97 9.82 -8.00
N GLY A 169 -10.27 9.68 -9.29
CA GLY A 169 -9.39 8.95 -10.18
C GLY A 169 -9.54 7.44 -10.03
N ASP A 170 -10.41 7.02 -9.12
CA ASP A 170 -10.63 5.61 -8.87
C ASP A 170 -9.33 4.91 -8.48
N VAL A 171 -8.36 5.69 -8.02
CA VAL A 171 -7.07 5.17 -7.61
C VAL A 171 -7.23 4.20 -6.43
N TYR A 172 -6.49 3.09 -6.49
CA TYR A 172 -6.54 2.09 -5.43
C TYR A 172 -5.15 1.56 -5.10
N TYR A 173 -5.00 0.97 -3.93
CA TYR A 173 -3.72 0.44 -3.49
C TYR A 173 -3.80 -1.08 -3.33
N CYS A 174 -2.78 -1.77 -3.84
CA CYS A 174 -2.72 -3.23 -3.76
C CYS A 174 -1.54 -3.68 -2.92
N ALA A 175 -1.79 -4.62 -2.01
CA ALA A 175 -0.74 -5.14 -1.14
C ALA A 175 -0.51 -6.62 -1.39
N GLY A 176 0.67 -7.11 -0.99
CA GLY A 176 1.00 -8.51 -1.19
C GLY A 176 2.26 -8.91 -0.46
N TYR A 177 2.40 -10.21 -0.19
CA TYR A 177 3.57 -10.72 0.51
C TYR A 177 4.71 -10.97 -0.46
N ASP A 178 4.50 -11.89 -1.39
CA ASP A 178 5.52 -12.22 -2.38
C ASP A 178 4.87 -12.63 -3.70
N PRO A 179 5.66 -12.57 -4.79
CA PRO A 179 5.18 -12.93 -6.13
C PRO A 179 4.94 -14.42 -6.28
N PRO A 180 3.66 -14.81 -6.43
CA PRO A 180 3.27 -16.21 -6.58
C PRO A 180 3.70 -16.80 -7.92
N MET A 181 3.98 -18.09 -7.94
CA MET A 181 4.42 -18.77 -9.15
C MET A 181 3.21 -19.09 -10.05
N LYS A 182 2.10 -19.44 -9.42
CA LYS A 182 0.88 -19.77 -10.15
C LYS A 182 -0.25 -20.14 -9.20
N PRO A 183 -0.03 -21.21 -8.42
CA PRO A 183 -1.02 -21.70 -7.45
C PRO A 183 -1.19 -20.73 -6.27
N TYR A 184 -0.12 -20.04 -5.92
CA TYR A 184 -0.14 -19.10 -4.81
C TYR A 184 -0.94 -17.85 -5.17
N GLY A 185 -1.56 -17.24 -4.17
CA GLY A 185 -2.34 -16.03 -4.41
C GLY A 185 -3.75 -16.15 -3.87
N ARG A 186 -3.90 -16.88 -2.77
CA ARG A 186 -5.22 -17.07 -2.16
C ARG A 186 -5.63 -15.84 -1.37
N ARG A 187 -4.64 -15.10 -0.86
CA ARG A 187 -4.90 -13.90 -0.08
C ARG A 187 -4.65 -12.65 -0.91
N ASN A 188 -5.61 -11.72 -0.89
CA ASN A 188 -5.49 -10.48 -1.64
C ASN A 188 -5.94 -9.28 -0.80
N GLU A 189 -5.47 -8.11 -1.17
CA GLU A 189 -5.81 -6.88 -0.45
C GLU A 189 -5.90 -5.70 -1.40
N VAL A 190 -6.98 -4.94 -1.29
CA VAL A 190 -7.19 -3.76 -2.14
C VAL A 190 -8.03 -2.71 -1.43
N TRP A 191 -7.45 -1.53 -1.23
CA TRP A 191 -8.14 -0.43 -0.57
C TRP A 191 -8.10 0.83 -1.42
N LEU A 192 -9.25 1.47 -1.56
CA LEU A 192 -9.34 2.70 -2.34
C LEU A 192 -9.32 3.94 -1.45
N VAL A 193 -8.61 4.96 -1.88
CA VAL A 193 -8.52 6.20 -1.11
C VAL A 193 -9.69 7.12 -1.41
N LYS A 194 -10.33 7.61 -0.35
CA LYS A 194 -11.47 8.50 -0.49
C LYS A 194 -11.06 9.81 -1.16
N ALA A 195 -11.93 10.32 -2.02
CA ALA A 195 -11.66 11.57 -2.73
C ALA A 195 -11.42 12.72 -1.76
N ASN A 12 21.57 7.86 40.87
CA ASN A 12 20.22 7.41 40.53
C ASN A 12 19.58 8.33 39.50
N SER A 13 18.99 7.73 38.46
CA SER A 13 18.34 8.50 37.41
C SER A 13 17.01 7.85 37.01
N LEU A 14 16.17 8.63 36.34
CA LEU A 14 14.87 8.14 35.90
C LEU A 14 14.43 8.82 34.62
N PHE A 15 14.03 8.02 33.63
CA PHE A 15 13.60 8.55 32.34
C PHE A 15 13.12 7.43 31.43
N GLY A 16 12.41 7.79 30.37
CA GLY A 16 11.91 6.81 29.42
C GLY A 16 10.66 7.27 28.71
N SER A 17 10.46 6.78 27.49
CA SER A 17 9.29 7.16 26.69
C SER A 17 9.24 6.35 25.40
N VAL A 18 8.11 6.44 24.69
CA VAL A 18 7.93 5.72 23.45
C VAL A 18 6.69 6.21 22.71
N GLU A 19 6.76 6.22 21.38
CA GLU A 19 5.64 6.67 20.56
C GLU A 19 5.04 5.50 19.79
N THR A 20 3.82 5.70 19.28
CA THR A 20 3.13 4.66 18.52
C THR A 20 2.22 5.27 17.46
N TRP A 21 1.72 4.42 16.58
CA TRP A 21 0.83 4.88 15.51
C TRP A 21 -0.37 3.94 15.36
N PRO A 22 -1.23 3.91 16.39
CA PRO A 22 -2.43 3.07 16.40
C PRO A 22 -3.48 3.55 15.40
N TRP A 23 -4.25 2.61 14.87
CA TRP A 23 -5.29 2.93 13.90
C TRP A 23 -6.67 2.89 14.56
N GLN A 24 -7.66 3.43 13.86
CA GLN A 24 -9.04 3.46 14.37
C GLN A 24 -10.04 3.29 13.25
N VAL A 25 -11.00 2.39 13.45
CA VAL A 25 -12.03 2.13 12.44
C VAL A 25 -13.27 2.97 12.72
N LEU A 26 -13.86 3.51 11.65
CA LEU A 26 -15.06 4.33 11.76
C LEU A 26 -16.31 3.48 11.67
N SER A 27 -16.29 2.50 10.77
CA SER A 27 -17.43 1.62 10.57
C SER A 27 -17.15 0.61 9.46
N THR A 28 -17.78 -0.56 9.55
CA THR A 28 -17.60 -1.61 8.56
C THR A 28 -18.94 -2.20 8.13
N GLY A 29 -18.93 -2.94 7.03
CA GLY A 29 -20.15 -3.55 6.53
C GLY A 29 -20.58 -3.01 5.18
N GLY A 30 -20.55 -3.88 4.17
CA GLY A 30 -20.94 -3.46 2.83
C GLY A 30 -21.90 -4.42 2.17
N LYS A 31 -21.73 -4.65 0.88
CA LYS A 31 -22.60 -5.56 0.14
C LYS A 31 -22.31 -7.01 0.51
N GLU A 32 -23.18 -7.91 0.07
CA GLU A 32 -23.02 -9.33 0.35
C GLU A 32 -21.78 -9.89 -0.34
N ASP A 33 -21.22 -10.95 0.25
CA ASP A 33 -20.03 -11.58 -0.31
C ASP A 33 -18.80 -10.70 -0.10
N VAL A 34 -18.75 -9.59 -0.82
CA VAL A 34 -17.62 -8.66 -0.71
C VAL A 34 -17.95 -7.50 0.23
N SER A 35 -17.16 -7.37 1.29
CA SER A 35 -17.38 -6.31 2.27
C SER A 35 -16.17 -5.37 2.32
N TYR A 36 -16.41 -4.12 2.73
CA TYR A 36 -15.35 -3.13 2.82
C TYR A 36 -15.15 -2.69 4.27
N GLU A 37 -14.00 -2.09 4.54
CA GLU A 37 -13.68 -1.60 5.89
C GLU A 37 -13.08 -0.21 5.84
N GLU A 38 -13.68 0.71 6.59
CA GLU A 38 -13.21 2.08 6.64
C GLU A 38 -12.41 2.35 7.92
N ARG A 39 -11.15 2.74 7.75
CA ARG A 39 -10.28 3.02 8.89
C ARG A 39 -9.41 4.23 8.62
N ALA A 40 -8.84 4.79 9.67
CA ALA A 40 -7.97 5.97 9.55
C ALA A 40 -6.50 5.55 9.49
N CYS A 41 -5.75 6.19 8.58
CA CYS A 41 -4.35 5.89 8.41
C CYS A 41 -3.58 6.11 9.72
N GLU A 42 -2.83 5.11 10.14
CA GLU A 42 -2.05 5.19 11.38
C GLU A 42 -1.21 6.47 11.40
N GLY A 43 -0.67 6.85 10.24
CA GLY A 43 0.13 8.05 10.16
C GLY A 43 1.61 7.76 10.32
N GLY A 44 1.97 6.48 10.30
CA GLY A 44 3.36 6.09 10.45
C GLY A 44 4.21 6.47 9.26
N LYS A 45 5.53 6.43 9.42
CA LYS A 45 6.44 6.77 8.34
C LYS A 45 6.76 5.54 7.49
N PHE A 46 6.76 5.72 6.17
CA PHE A 46 7.04 4.63 5.25
C PHE A 46 7.91 5.12 4.09
N ALA A 47 8.59 4.18 3.44
CA ALA A 47 9.46 4.51 2.32
C ALA A 47 8.77 4.20 0.99
N THR A 48 8.60 5.23 0.17
CA THR A 48 7.95 5.08 -1.13
C THR A 48 8.81 5.66 -2.25
N VAL A 49 8.57 5.20 -3.47
CA VAL A 49 9.32 5.67 -4.62
C VAL A 49 8.38 6.14 -5.74
N GLU A 50 8.86 7.08 -6.54
CA GLU A 50 8.06 7.62 -7.64
C GLU A 50 8.62 7.16 -8.98
N VAL A 51 7.74 6.57 -9.80
CA VAL A 51 8.15 6.08 -11.11
C VAL A 51 7.15 6.54 -12.19
N THR A 52 7.65 7.31 -13.15
CA THR A 52 6.81 7.81 -14.23
C THR A 52 7.40 7.45 -15.59
N ASP A 53 6.66 7.74 -16.65
CA ASP A 53 7.11 7.46 -18.01
C ASP A 53 7.22 5.96 -18.24
N LYS A 54 6.68 5.18 -17.31
CA LYS A 54 6.72 3.72 -17.41
C LYS A 54 5.43 3.11 -16.87
N PRO A 55 5.03 1.97 -17.45
CA PRO A 55 3.81 1.26 -17.05
C PRO A 55 3.94 0.63 -15.66
N VAL A 56 2.80 0.38 -15.03
CA VAL A 56 2.78 -0.22 -13.70
C VAL A 56 3.72 -1.42 -13.62
N ASP A 57 3.82 -2.15 -14.73
CA ASP A 57 4.68 -3.32 -14.80
C ASP A 57 6.16 -2.93 -14.70
N GLU A 58 6.54 -1.91 -15.47
CA GLU A 58 7.92 -1.43 -15.47
C GLU A 58 8.25 -0.74 -14.15
N ALA A 59 7.40 0.20 -13.74
CA ALA A 59 7.59 0.93 -12.51
C ALA A 59 7.75 -0.01 -11.32
N LEU A 60 7.04 -1.13 -11.36
CA LEU A 60 7.10 -2.12 -10.29
C LEU A 60 8.43 -2.86 -10.31
N ARG A 61 8.95 -3.12 -11.50
CA ARG A 61 10.22 -3.80 -11.66
C ARG A 61 11.39 -2.90 -11.25
N GLU A 62 11.17 -1.60 -11.33
CA GLU A 62 12.21 -0.64 -10.98
C GLU A 62 12.19 -0.35 -9.49
N ALA A 63 11.00 -0.29 -8.91
CA ALA A 63 10.85 -0.02 -7.48
C ALA A 63 11.21 -1.25 -6.65
N MET A 64 10.95 -2.43 -7.20
CA MET A 64 11.26 -3.67 -6.51
C MET A 64 12.67 -3.65 -5.94
N PRO A 65 13.67 -3.48 -6.82
CA PRO A 65 15.07 -3.43 -6.42
C PRO A 65 15.41 -2.16 -5.64
N LYS A 66 14.72 -1.07 -5.96
CA LYS A 66 14.95 0.21 -5.30
C LYS A 66 14.61 0.11 -3.81
N ILE A 67 13.49 -0.52 -3.50
CA ILE A 67 13.07 -0.68 -2.12
C ILE A 67 13.84 -1.78 -1.43
N MET A 68 14.22 -2.80 -2.19
CA MET A 68 14.97 -3.93 -1.66
C MET A 68 16.35 -3.48 -1.20
N LYS A 69 16.92 -2.51 -1.91
CA LYS A 69 18.25 -1.99 -1.58
C LYS A 69 18.22 -1.27 -0.23
N TYR A 70 17.07 -0.71 0.11
CA TYR A 70 16.92 0.01 1.37
C TYR A 70 16.85 -0.95 2.55
N VAL A 71 15.96 -1.94 2.45
CA VAL A 71 15.79 -2.93 3.51
C VAL A 71 16.96 -3.91 3.53
N GLY A 72 17.63 -4.05 2.39
CA GLY A 72 18.76 -4.96 2.29
C GLY A 72 19.92 -4.54 3.19
N GLY A 73 20.12 -3.23 3.31
CA GLY A 73 21.20 -2.73 4.14
C GLY A 73 21.84 -1.49 3.55
N THR A 74 21.51 -1.18 2.30
CA THR A 74 22.06 -0.01 1.63
C THR A 74 21.36 1.26 2.09
N ASN A 75 21.43 1.54 3.39
CA ASN A 75 20.81 2.73 3.95
C ASN A 75 21.79 3.89 3.98
N ASP A 76 21.30 5.07 4.37
CA ASP A 76 22.14 6.25 4.45
C ASP A 76 23.10 6.16 5.62
N LYS A 77 22.72 5.42 6.65
CA LYS A 77 23.55 5.25 7.83
C LYS A 77 24.22 3.88 7.83
N GLY A 78 23.75 3.00 6.95
CA GLY A 78 24.32 1.67 6.86
C GLY A 78 24.00 0.82 8.08
N VAL A 79 22.79 0.98 8.60
CA VAL A 79 22.37 0.22 9.78
C VAL A 79 21.93 -1.19 9.40
N GLY A 80 22.34 -2.17 10.19
CA GLY A 80 21.97 -3.55 9.92
C GLY A 80 20.58 -3.89 10.43
N MET A 81 20.53 -4.68 11.50
CA MET A 81 19.25 -5.08 12.08
C MET A 81 18.50 -6.03 11.14
N GLY A 82 17.90 -5.46 10.09
CA GLY A 82 17.15 -6.26 9.14
C GLY A 82 15.67 -6.27 9.44
N MET A 83 14.87 -5.87 8.46
CA MET A 83 13.42 -5.83 8.62
C MET A 83 12.73 -6.63 7.51
N THR A 84 11.75 -7.44 7.89
CA THR A 84 11.02 -8.26 6.93
C THR A 84 9.53 -7.99 7.01
N VAL A 85 8.96 -7.48 5.92
CA VAL A 85 7.53 -7.19 5.87
C VAL A 85 7.03 -7.09 4.43
N PRO A 86 5.71 -7.24 4.24
CA PRO A 86 5.09 -7.17 2.92
C PRO A 86 5.12 -5.75 2.34
N VAL A 87 5.35 -5.66 1.03
CA VAL A 87 5.40 -4.38 0.36
C VAL A 87 4.21 -4.20 -0.57
N SER A 88 3.65 -2.99 -0.59
CA SER A 88 2.50 -2.69 -1.43
C SER A 88 2.81 -1.54 -2.39
N PHE A 89 1.97 -1.37 -3.40
CA PHE A 89 2.15 -0.31 -4.38
C PHE A 89 0.81 0.23 -4.86
N ALA A 90 0.78 1.50 -5.23
CA ALA A 90 -0.44 2.13 -5.71
C ALA A 90 -0.54 2.07 -7.23
N VAL A 91 -1.76 2.14 -7.74
CA VAL A 91 -1.99 2.09 -9.18
C VAL A 91 -3.13 3.02 -9.59
N PHE A 92 -3.04 3.55 -10.81
CA PHE A 92 -4.07 4.45 -11.31
C PHE A 92 -4.66 3.93 -12.63
N PRO A 93 -5.81 3.26 -12.53
CA PRO A 93 -6.49 2.69 -13.70
C PRO A 93 -7.07 3.77 -14.61
N ASN A 94 -7.19 3.46 -15.90
CA ASN A 94 -7.73 4.40 -16.86
C ASN A 94 -9.07 3.91 -17.42
N GLU A 95 -9.75 4.77 -18.16
CA GLU A 95 -11.04 4.43 -18.74
C GLU A 95 -10.88 3.36 -19.83
N ASP A 96 -9.71 3.36 -20.47
CA ASP A 96 -9.43 2.40 -21.53
C ASP A 96 -9.10 1.03 -20.95
N GLY A 97 -9.02 0.96 -19.63
CA GLY A 97 -8.71 -0.29 -18.96
C GLY A 97 -7.22 -0.49 -18.75
N SER A 98 -6.41 0.38 -19.37
CA SER A 98 -4.97 0.29 -19.25
C SER A 98 -4.46 1.21 -18.14
N LEU A 99 -3.72 0.64 -17.20
CA LEU A 99 -3.18 1.42 -16.10
C LEU A 99 -2.42 2.64 -16.60
N GLN A 100 -2.20 3.61 -15.71
CA GLN A 100 -1.49 4.83 -16.06
C GLN A 100 0.02 4.60 -16.06
N LYS A 101 0.76 5.56 -16.61
CA LYS A 101 2.22 5.46 -16.68
C LYS A 101 2.85 5.96 -15.38
N LYS A 102 2.00 6.30 -14.41
CA LYS A 102 2.49 6.78 -13.11
C LYS A 102 2.10 5.82 -12.00
N LEU A 103 3.09 5.38 -11.23
CA LEU A 103 2.84 4.46 -10.13
C LEU A 103 3.76 4.78 -8.95
N LYS A 104 3.23 4.64 -7.74
CA LYS A 104 4.00 4.91 -6.52
C LYS A 104 3.98 3.70 -5.59
N VAL A 105 5.16 3.11 -5.36
CA VAL A 105 5.27 1.96 -4.49
C VAL A 105 5.52 2.38 -3.04
N TRP A 106 4.86 1.69 -2.11
CA TRP A 106 5.01 2.00 -0.69
C TRP A 106 5.56 0.79 0.06
N PHE A 107 6.64 1.00 0.81
CA PHE A 107 7.25 -0.07 1.59
C PHE A 107 6.94 0.09 3.06
N ARG A 108 6.25 -0.90 3.63
CA ARG A 108 5.89 -0.88 5.04
C ARG A 108 7.08 -1.19 5.93
N ILE A 109 7.25 -0.42 7.00
CA ILE A 109 8.36 -0.62 7.92
C ILE A 109 7.86 -1.13 9.27
N PRO A 110 8.54 -2.15 9.80
CA PRO A 110 8.19 -2.76 11.09
C PRO A 110 8.50 -1.82 12.26
N ASN A 111 7.74 -1.98 13.35
CA ASN A 111 7.93 -1.15 14.54
C ASN A 111 9.39 -1.14 14.96
N GLN A 112 10.08 -2.26 14.73
CA GLN A 112 11.49 -2.37 15.09
C GLN A 112 12.32 -1.29 14.41
N PHE A 113 11.93 -0.92 13.19
CA PHE A 113 12.64 0.10 12.43
C PHE A 113 11.92 1.44 12.53
N GLN A 114 10.62 1.39 12.82
CA GLN A 114 9.82 2.60 12.93
C GLN A 114 10.32 3.47 14.08
N GLY A 115 10.80 2.83 15.14
CA GLY A 115 11.30 3.57 16.29
C GLY A 115 12.40 4.55 15.92
N SER A 116 13.07 4.28 14.81
CA SER A 116 14.16 5.13 14.35
C SER A 116 14.77 4.59 13.05
N PRO A 117 14.05 4.77 11.94
CA PRO A 117 14.50 4.30 10.62
C PRO A 117 15.69 5.11 10.10
N PRO A 118 16.51 4.46 9.27
CA PRO A 118 17.70 5.10 8.69
C PRO A 118 17.35 6.15 7.65
N ALA A 119 18.26 7.08 7.42
CA ALA A 119 18.05 8.15 6.45
C ALA A 119 17.98 7.60 5.03
N PRO A 120 17.31 8.34 4.13
CA PRO A 120 17.16 7.94 2.73
C PRO A 120 18.47 8.03 1.96
N SER A 121 19.20 6.92 1.92
CA SER A 121 20.47 6.87 1.21
C SER A 121 20.32 7.35 -0.22
N ASP A 122 19.50 6.64 -1.00
CA ASP A 122 19.26 6.99 -2.39
C ASP A 122 18.36 8.21 -2.50
N GLU A 123 18.50 8.95 -3.59
CA GLU A 123 17.69 10.14 -3.81
C GLU A 123 16.32 9.77 -4.37
N SER A 124 16.09 8.48 -4.56
CA SER A 124 14.82 7.99 -5.10
C SER A 124 13.92 7.47 -3.97
N VAL A 125 14.55 6.95 -2.92
CA VAL A 125 13.81 6.42 -1.78
C VAL A 125 13.75 7.43 -0.65
N LYS A 126 12.53 7.87 -0.31
CA LYS A 126 12.34 8.83 0.76
C LYS A 126 11.29 8.34 1.76
N ILE A 127 11.52 8.60 3.03
CA ILE A 127 10.60 8.18 4.08
C ILE A 127 9.58 9.28 4.39
N GLU A 128 8.32 9.01 4.06
CA GLU A 128 7.25 9.97 4.30
C GLU A 128 6.02 9.28 4.90
N GLU A 129 5.36 9.97 5.82
CA GLU A 129 4.18 9.43 6.48
C GLU A 129 2.92 10.06 5.93
N ARG A 130 1.81 9.32 5.97
CA ARG A 130 0.53 9.81 5.47
C ARG A 130 -0.56 9.62 6.52
N GLU A 131 -1.21 10.72 6.89
CA GLU A 131 -2.28 10.67 7.89
C GLU A 131 -3.38 11.68 7.55
N GLY A 132 -4.59 11.40 8.02
CA GLY A 132 -5.71 12.29 7.76
C GLY A 132 -6.48 11.91 6.51
N ILE A 133 -6.29 10.68 6.05
CA ILE A 133 -6.97 10.19 4.86
C ILE A 133 -7.80 8.95 5.17
N THR A 134 -8.90 8.79 4.45
CA THR A 134 -9.79 7.64 4.64
C THR A 134 -9.70 6.68 3.47
N VAL A 135 -9.38 5.42 3.78
CA VAL A 135 -9.27 4.39 2.74
C VAL A 135 -10.16 3.20 3.06
N TYR A 136 -10.64 2.54 2.01
CA TYR A 136 -11.51 1.38 2.18
C TYR A 136 -10.84 0.11 1.66
N SER A 137 -10.71 -0.89 2.52
CA SER A 137 -10.08 -2.14 2.16
C SER A 137 -11.12 -3.24 1.98
N THR A 138 -10.80 -4.22 1.14
CA THR A 138 -11.72 -5.33 0.89
C THR A 138 -10.97 -6.66 0.91
N GLN A 139 -11.46 -7.59 1.72
CA GLN A 139 -10.85 -8.90 1.83
C GLN A 139 -11.74 -9.98 1.24
N PHE A 140 -11.17 -10.82 0.38
CA PHE A 140 -11.93 -11.89 -0.25
C PHE A 140 -11.14 -13.20 -0.26
N GLY A 141 -11.81 -14.30 -0.58
CA GLY A 141 -11.15 -15.59 -0.61
C GLY A 141 -11.44 -16.35 -1.88
N GLY A 142 -10.61 -17.36 -2.16
CA GLY A 142 -10.79 -18.16 -3.36
C GLY A 142 -9.73 -17.87 -4.41
N TYR A 143 -9.87 -18.50 -5.57
CA TYR A 143 -8.92 -18.32 -6.66
C TYR A 143 -9.04 -16.91 -7.24
N ALA A 144 -7.96 -16.14 -7.10
CA ALA A 144 -7.93 -14.77 -7.62
C ALA A 144 -6.81 -14.59 -8.62
N LYS A 145 -7.15 -14.17 -9.83
CA LYS A 145 -6.17 -13.95 -10.88
C LYS A 145 -5.85 -12.46 -11.03
N GLU A 146 -4.93 -12.14 -11.93
CA GLU A 146 -4.54 -10.76 -12.17
C GLU A 146 -5.76 -9.89 -12.43
N ALA A 147 -6.75 -10.45 -13.10
CA ALA A 147 -7.98 -9.73 -13.40
C ALA A 147 -8.81 -9.48 -12.15
N ASP A 148 -8.72 -10.41 -11.20
CA ASP A 148 -9.46 -10.29 -9.96
C ASP A 148 -9.14 -8.97 -9.25
N TYR A 149 -7.88 -8.58 -9.27
CA TYR A 149 -7.44 -7.34 -8.64
C TYR A 149 -8.14 -6.14 -9.27
N VAL A 150 -8.24 -6.16 -10.60
CA VAL A 150 -8.88 -5.07 -11.32
C VAL A 150 -10.40 -5.12 -11.16
N ALA A 151 -10.95 -6.33 -11.12
CA ALA A 151 -12.38 -6.51 -10.98
C ALA A 151 -12.85 -6.10 -9.59
N HIS A 152 -12.13 -6.54 -8.56
CA HIS A 152 -12.47 -6.21 -7.18
C HIS A 152 -12.49 -4.70 -6.98
N ALA A 153 -11.46 -4.03 -7.49
CA ALA A 153 -11.36 -2.57 -7.36
C ALA A 153 -12.58 -1.88 -7.97
N THR A 154 -13.08 -2.45 -9.07
CA THR A 154 -14.23 -1.88 -9.75
C THR A 154 -15.53 -2.23 -9.02
N GLN A 155 -15.56 -3.41 -8.42
CA GLN A 155 -16.73 -3.87 -7.68
C GLN A 155 -17.00 -2.97 -6.47
N LEU A 156 -15.93 -2.58 -5.78
CA LEU A 156 -16.06 -1.72 -4.61
C LEU A 156 -16.70 -0.39 -4.97
N ARG A 157 -16.48 0.06 -6.20
CA ARG A 157 -17.04 1.31 -6.67
C ARG A 157 -18.57 1.30 -6.56
N THR A 158 -19.19 0.28 -7.12
CA THR A 158 -20.64 0.16 -7.09
C THR A 158 -21.12 -0.30 -5.71
N THR A 159 -20.28 -1.07 -5.03
CA THR A 159 -20.62 -1.56 -3.70
C THR A 159 -20.73 -0.42 -2.69
N LEU A 160 -19.90 0.60 -2.88
CA LEU A 160 -19.90 1.76 -1.98
C LEU A 160 -21.02 2.72 -2.35
N GLU A 161 -21.79 2.37 -3.38
CA GLU A 161 -22.89 3.21 -3.83
C GLU A 161 -23.84 3.53 -2.67
N GLY A 162 -24.31 4.76 -2.62
CA GLY A 162 -25.22 5.18 -1.57
C GLY A 162 -24.49 5.80 -0.39
N THR A 163 -23.17 5.69 -0.40
CA THR A 163 -22.36 6.24 0.69
C THR A 163 -21.69 7.54 0.26
N PRO A 164 -21.41 8.41 1.24
CA PRO A 164 -20.76 9.70 0.99
C PRO A 164 -19.30 9.55 0.58
N ALA A 165 -18.79 8.32 0.66
CA ALA A 165 -17.41 8.05 0.28
C ALA A 165 -17.20 8.25 -1.21
N THR A 166 -16.15 9.01 -1.55
CA THR A 166 -15.84 9.28 -2.94
C THR A 166 -14.40 8.88 -3.28
N TYR A 167 -14.12 8.72 -4.56
CA TYR A 167 -12.79 8.33 -5.01
C TYR A 167 -12.44 8.99 -6.35
N GLN A 168 -11.15 9.06 -6.65
CA GLN A 168 -10.69 9.67 -7.89
C GLN A 168 -10.01 8.64 -8.78
N GLY A 169 -10.62 8.34 -9.92
CA GLY A 169 -10.05 7.38 -10.84
C GLY A 169 -10.12 5.97 -10.31
N ASP A 170 -11.06 5.72 -9.38
CA ASP A 170 -11.22 4.40 -8.80
C ASP A 170 -9.87 3.80 -8.42
N VAL A 171 -8.90 4.66 -8.12
CA VAL A 171 -7.57 4.21 -7.75
C VAL A 171 -7.62 3.21 -6.60
N TYR A 172 -6.80 2.17 -6.69
CA TYR A 172 -6.76 1.13 -5.66
C TYR A 172 -5.32 0.80 -5.30
N TYR A 173 -5.15 0.07 -4.19
CA TYR A 173 -3.83 -0.32 -3.73
C TYR A 173 -3.66 -1.84 -3.79
N CYS A 174 -2.42 -2.27 -4.01
CA CYS A 174 -2.11 -3.69 -4.08
C CYS A 174 -1.04 -4.08 -3.07
N ALA A 175 -1.23 -5.22 -2.41
CA ALA A 175 -0.28 -5.70 -1.42
C ALA A 175 0.41 -6.97 -1.90
N GLY A 176 1.61 -7.21 -1.37
CA GLY A 176 2.36 -8.39 -1.76
C GLY A 176 3.59 -8.61 -0.89
N TYR A 177 4.15 -9.81 -0.95
CA TYR A 177 5.33 -10.15 -0.16
C TYR A 177 6.30 -11.00 -0.96
N ASP A 178 5.82 -12.14 -1.46
CA ASP A 178 6.63 -13.04 -2.25
C ASP A 178 5.76 -13.94 -3.12
N PRO A 179 6.38 -14.51 -4.17
CA PRO A 179 5.67 -15.40 -5.11
C PRO A 179 5.31 -16.74 -4.47
N PRO A 180 4.00 -16.97 -4.29
CA PRO A 180 3.49 -18.21 -3.69
C PRO A 180 3.68 -19.41 -4.62
N MET A 181 4.09 -20.54 -4.03
CA MET A 181 4.30 -21.76 -4.79
C MET A 181 3.08 -22.09 -5.65
N LYS A 182 1.89 -21.91 -5.07
CA LYS A 182 0.65 -22.18 -5.77
C LYS A 182 0.62 -21.47 -7.13
N PRO A 183 -0.27 -21.93 -8.02
CA PRO A 183 -0.42 -21.35 -9.35
C PRO A 183 -1.03 -19.96 -9.32
N TYR A 184 -1.77 -19.66 -8.26
CA TYR A 184 -2.41 -18.37 -8.09
C TYR A 184 -2.81 -18.13 -6.65
N GLY A 185 -2.28 -17.06 -6.06
CA GLY A 185 -2.59 -16.74 -4.68
C GLY A 185 -4.08 -16.69 -4.42
N ARG A 186 -4.52 -17.37 -3.36
CA ARG A 186 -5.94 -17.40 -3.01
C ARG A 186 -6.32 -16.19 -2.16
N ARG A 187 -5.37 -15.71 -1.37
CA ARG A 187 -5.60 -14.56 -0.51
C ARG A 187 -4.98 -13.30 -1.10
N ASN A 188 -5.76 -12.23 -1.15
CA ASN A 188 -5.29 -10.95 -1.70
C ASN A 188 -5.84 -9.78 -0.91
N GLU A 189 -5.20 -8.62 -1.06
CA GLU A 189 -5.63 -7.42 -0.35
C GLU A 189 -5.66 -6.22 -1.29
N VAL A 190 -6.75 -5.47 -1.25
CA VAL A 190 -6.91 -4.29 -2.10
C VAL A 190 -7.75 -3.22 -1.40
N TRP A 191 -7.21 -2.01 -1.35
CA TRP A 191 -7.90 -0.89 -0.71
C TRP A 191 -7.85 0.35 -1.58
N LEU A 192 -8.99 1.02 -1.73
CA LEU A 192 -9.07 2.23 -2.55
C LEU A 192 -9.01 3.48 -1.67
N VAL A 193 -8.29 4.49 -2.13
CA VAL A 193 -8.15 5.73 -1.39
C VAL A 193 -9.29 6.69 -1.73
N LYS A 194 -9.84 7.33 -0.70
CA LYS A 194 -10.93 8.27 -0.88
C LYS A 194 -10.44 9.56 -1.54
N ALA A 195 -11.25 10.12 -2.42
CA ALA A 195 -10.90 11.35 -3.12
C ALA A 195 -10.83 12.52 -2.15
N ASN A 12 22.25 18.53 31.56
CA ASN A 12 21.78 17.78 32.73
C ASN A 12 20.26 17.77 32.80
N SER A 13 19.72 16.85 33.58
CA SER A 13 18.27 16.73 33.74
C SER A 13 17.60 16.42 32.40
N LEU A 14 17.26 15.16 32.20
CA LEU A 14 16.61 14.72 30.97
C LEU A 14 15.21 14.20 31.24
N PHE A 15 14.54 13.73 30.20
CA PHE A 15 13.18 13.21 30.33
C PHE A 15 12.99 11.98 29.45
N GLY A 16 12.96 12.17 28.14
CA GLY A 16 12.79 11.07 27.22
C GLY A 16 11.94 11.44 26.02
N SER A 17 11.38 10.43 25.36
CA SER A 17 10.55 10.66 24.18
C SER A 17 9.94 9.35 23.68
N VAL A 18 8.62 9.26 23.73
CA VAL A 18 7.92 8.06 23.28
C VAL A 18 6.54 8.40 22.70
N GLU A 19 6.09 7.60 21.75
CA GLU A 19 4.79 7.83 21.12
C GLU A 19 4.45 6.69 20.17
N THR A 20 3.19 6.62 19.76
CA THR A 20 2.72 5.59 18.85
C THR A 20 1.86 6.17 17.74
N TRP A 21 1.53 5.34 16.76
CA TRP A 21 0.70 5.77 15.64
C TRP A 21 -0.47 4.83 15.43
N PRO A 22 -1.41 4.82 16.38
CA PRO A 22 -2.60 3.96 16.32
C PRO A 22 -3.58 4.40 15.23
N TRP A 23 -4.30 3.44 14.68
CA TRP A 23 -5.27 3.73 13.63
C TRP A 23 -6.69 3.72 14.17
N GLN A 24 -7.64 4.15 13.35
CA GLN A 24 -9.05 4.19 13.76
C GLN A 24 -9.96 3.84 12.59
N VAL A 25 -10.83 2.87 12.81
CA VAL A 25 -11.77 2.44 11.77
C VAL A 25 -13.10 3.17 11.89
N LEU A 26 -13.68 3.55 10.76
CA LEU A 26 -14.96 4.25 10.74
C LEU A 26 -16.12 3.27 10.72
N SER A 27 -15.98 2.22 9.92
CA SER A 27 -17.02 1.20 9.81
C SER A 27 -16.63 0.13 8.80
N THR A 28 -17.17 -1.07 8.97
CA THR A 28 -16.88 -2.19 8.08
C THR A 28 -18.14 -2.92 7.68
N GLY A 29 -18.04 -3.76 6.65
CA GLY A 29 -19.19 -4.51 6.18
C GLY A 29 -19.55 -4.20 4.74
N GLY A 30 -20.82 -4.35 4.40
CA GLY A 30 -21.26 -4.08 3.05
C GLY A 30 -22.10 -5.21 2.47
N LYS A 31 -21.70 -5.71 1.31
CA LYS A 31 -22.40 -6.80 0.65
C LYS A 31 -21.74 -8.14 0.94
N GLU A 32 -22.42 -9.22 0.58
CA GLU A 32 -21.88 -10.57 0.79
C GLU A 32 -20.66 -10.81 -0.08
N ASP A 33 -19.82 -11.76 0.34
CA ASP A 33 -18.62 -12.09 -0.40
C ASP A 33 -17.58 -10.99 -0.26
N VAL A 34 -17.84 -9.85 -0.90
CA VAL A 34 -16.92 -8.72 -0.85
C VAL A 34 -17.38 -7.68 0.17
N SER A 35 -16.51 -7.38 1.12
CA SER A 35 -16.83 -6.42 2.17
C SER A 35 -15.84 -5.24 2.15
N TYR A 36 -16.29 -4.09 2.63
CA TYR A 36 -15.45 -2.90 2.66
C TYR A 36 -15.21 -2.45 4.10
N GLU A 37 -14.17 -1.63 4.28
CA GLU A 37 -13.83 -1.12 5.61
C GLU A 37 -13.08 0.20 5.51
N GLU A 38 -13.58 1.22 6.20
CA GLU A 38 -12.95 2.54 6.18
C GLU A 38 -12.02 2.71 7.37
N ARG A 39 -10.77 3.03 7.09
CA ARG A 39 -9.77 3.23 8.14
C ARG A 39 -8.99 4.53 7.93
N ALA A 40 -8.32 4.99 8.97
CA ALA A 40 -7.53 6.21 8.90
C ALA A 40 -6.04 5.91 8.94
N CYS A 41 -5.28 6.59 8.09
CA CYS A 41 -3.83 6.39 8.03
C CYS A 41 -3.19 6.71 9.37
N GLU A 42 -2.48 5.72 9.92
CA GLU A 42 -1.81 5.90 11.20
C GLU A 42 -0.97 7.17 11.22
N GLY A 43 -0.31 7.44 10.09
CA GLY A 43 0.52 8.62 10.00
C GLY A 43 1.99 8.31 10.21
N GLY A 44 2.33 7.03 10.25
CA GLY A 44 3.70 6.62 10.46
C GLY A 44 4.58 6.91 9.26
N LYS A 45 5.89 6.82 9.44
CA LYS A 45 6.84 7.06 8.37
C LYS A 45 7.08 5.79 7.56
N PHE A 46 7.07 5.92 6.23
CA PHE A 46 7.30 4.78 5.36
C PHE A 46 8.18 5.18 4.18
N ALA A 47 8.74 4.17 3.50
CA ALA A 47 9.60 4.41 2.35
C ALA A 47 8.84 4.22 1.04
N THR A 48 8.73 5.30 0.27
CA THR A 48 8.02 5.24 -1.00
C THR A 48 8.84 5.91 -2.11
N VAL A 49 8.55 5.54 -3.36
CA VAL A 49 9.26 6.10 -4.51
C VAL A 49 8.29 6.50 -5.60
N GLU A 50 8.57 7.63 -6.25
CA GLU A 50 7.72 8.13 -7.31
C GLU A 50 8.30 7.77 -8.68
N VAL A 51 7.49 7.12 -9.52
CA VAL A 51 7.92 6.71 -10.84
C VAL A 51 6.87 7.08 -11.89
N THR A 52 7.25 7.94 -12.83
CA THR A 52 6.34 8.37 -13.89
C THR A 52 6.94 8.08 -15.26
N ASP A 53 6.14 8.32 -16.30
CA ASP A 53 6.58 8.09 -17.67
C ASP A 53 6.82 6.61 -17.93
N LYS A 54 6.37 5.77 -17.00
CA LYS A 54 6.54 4.33 -17.12
C LYS A 54 5.32 3.60 -16.58
N PRO A 55 5.01 2.44 -17.18
CA PRO A 55 3.86 1.62 -16.77
C PRO A 55 4.08 0.97 -15.41
N VAL A 56 2.98 0.60 -14.75
CA VAL A 56 3.05 -0.04 -13.44
C VAL A 56 4.08 -1.16 -13.44
N ASP A 57 4.21 -1.85 -14.56
CA ASP A 57 5.15 -2.95 -14.68
C ASP A 57 6.59 -2.44 -14.62
N GLU A 58 6.87 -1.36 -15.34
CA GLU A 58 8.20 -0.77 -15.37
C GLU A 58 8.52 -0.10 -14.04
N ALA A 59 7.62 0.79 -13.60
CA ALA A 59 7.82 1.50 -12.34
C ALA A 59 8.02 0.53 -11.18
N LEU A 60 7.39 -0.63 -11.27
CA LEU A 60 7.50 -1.65 -10.23
C LEU A 60 8.88 -2.30 -10.25
N ARG A 61 9.44 -2.45 -11.45
CA ARG A 61 10.76 -3.05 -11.61
C ARG A 61 11.85 -2.10 -11.13
N GLU A 62 11.55 -0.81 -11.14
CA GLU A 62 12.51 0.20 -10.72
C GLU A 62 12.48 0.38 -9.20
N ALA A 63 11.28 0.29 -8.63
CA ALA A 63 11.10 0.45 -7.19
C ALA A 63 11.55 -0.81 -6.45
N MET A 64 11.39 -1.95 -7.09
CA MET A 64 11.78 -3.23 -6.49
C MET A 64 13.17 -3.13 -5.87
N PRO A 65 14.17 -2.79 -6.70
CA PRO A 65 15.56 -2.66 -6.26
C PRO A 65 15.77 -1.45 -5.36
N LYS A 66 15.03 -0.38 -5.63
CA LYS A 66 15.12 0.84 -4.84
C LYS A 66 14.85 0.57 -3.37
N ILE A 67 13.74 -0.11 -3.09
CA ILE A 67 13.37 -0.45 -1.72
C ILE A 67 14.16 -1.64 -1.22
N MET A 68 14.50 -2.55 -2.13
CA MET A 68 15.25 -3.75 -1.77
C MET A 68 16.67 -3.38 -1.32
N LYS A 69 17.23 -2.35 -1.94
CA LYS A 69 18.57 -1.90 -1.61
C LYS A 69 18.58 -1.11 -0.30
N TYR A 70 17.44 -0.49 0.01
CA TYR A 70 17.31 0.29 1.22
C TYR A 70 17.42 -0.59 2.47
N VAL A 71 16.51 -1.56 2.57
CA VAL A 71 16.52 -2.48 3.71
C VAL A 71 17.48 -3.63 3.48
N GLY A 72 17.85 -3.85 2.22
CA GLY A 72 18.77 -4.93 1.89
C GLY A 72 20.12 -4.76 2.55
N GLY A 73 20.50 -3.51 2.81
CA GLY A 73 21.78 -3.23 3.45
C GLY A 73 22.45 -2.01 2.88
N THR A 74 21.90 -1.48 1.78
CA THR A 74 22.46 -0.29 1.14
C THR A 74 21.80 0.97 1.67
N ASN A 75 21.61 1.03 2.99
CA ASN A 75 20.98 2.19 3.62
C ASN A 75 22.04 3.12 4.21
N ASP A 76 21.59 4.23 4.78
CA ASP A 76 22.50 5.20 5.39
C ASP A 76 23.10 4.65 6.67
N LYS A 77 22.32 3.84 7.38
CA LYS A 77 22.78 3.25 8.64
C LYS A 77 23.66 2.03 8.37
N GLY A 78 23.62 1.53 7.14
CA GLY A 78 24.41 0.37 6.78
C GLY A 78 23.95 -0.88 7.48
N VAL A 79 22.68 -0.90 7.88
CA VAL A 79 22.11 -2.06 8.57
C VAL A 79 21.46 -3.02 7.58
N GLY A 80 21.59 -4.31 7.86
CA GLY A 80 21.00 -5.32 6.98
C GLY A 80 19.49 -5.25 6.96
N MET A 81 18.86 -6.40 6.74
CA MET A 81 17.41 -6.47 6.69
C MET A 81 16.79 -5.85 7.94
N GLY A 82 16.76 -6.61 9.03
CA GLY A 82 16.20 -6.11 10.27
C GLY A 82 14.68 -6.06 10.24
N MET A 83 14.13 -5.30 9.30
CA MET A 83 12.69 -5.17 9.17
C MET A 83 12.15 -6.12 8.11
N THR A 84 11.16 -6.92 8.49
CA THR A 84 10.55 -7.88 7.57
C THR A 84 9.05 -7.67 7.47
N VAL A 85 8.58 -7.29 6.29
CA VAL A 85 7.16 -7.05 6.06
C VAL A 85 6.85 -6.96 4.57
N PRO A 86 5.56 -7.14 4.22
CA PRO A 86 5.10 -7.07 2.84
C PRO A 86 5.17 -5.65 2.27
N VAL A 87 5.42 -5.55 0.96
CA VAL A 87 5.50 -4.26 0.30
C VAL A 87 4.32 -4.04 -0.64
N SER A 88 3.71 -2.86 -0.57
CA SER A 88 2.57 -2.53 -1.41
C SER A 88 2.91 -1.39 -2.35
N PHE A 89 2.07 -1.20 -3.38
CA PHE A 89 2.29 -0.15 -4.36
C PHE A 89 0.95 0.41 -4.85
N ALA A 90 0.97 1.65 -5.31
CA ALA A 90 -0.23 2.30 -5.82
C ALA A 90 -0.30 2.22 -7.33
N VAL A 91 -1.52 2.20 -7.87
CA VAL A 91 -1.73 2.13 -9.30
C VAL A 91 -2.91 3.01 -9.74
N PHE A 92 -2.83 3.52 -10.97
CA PHE A 92 -3.88 4.37 -11.50
C PHE A 92 -4.45 3.79 -12.80
N PRO A 93 -5.60 3.12 -12.69
CA PRO A 93 -6.27 2.50 -13.84
C PRO A 93 -6.86 3.54 -14.79
N ASN A 94 -6.62 3.34 -16.08
CA ASN A 94 -7.12 4.26 -17.10
C ASN A 94 -8.59 3.98 -17.41
N GLU A 95 -9.16 4.78 -18.31
CA GLU A 95 -10.56 4.60 -18.70
C GLU A 95 -10.80 3.21 -19.26
N ASP A 96 -9.78 2.65 -19.91
CA ASP A 96 -9.89 1.32 -20.49
C ASP A 96 -9.45 0.25 -19.49
N GLY A 97 -8.97 0.70 -18.33
CA GLY A 97 -8.53 -0.23 -17.30
C GLY A 97 -7.07 -0.60 -17.45
N SER A 98 -6.36 0.10 -18.33
CA SER A 98 -4.95 -0.16 -18.56
C SER A 98 -4.09 0.58 -17.56
N LEU A 99 -3.43 -0.16 -16.68
CA LEU A 99 -2.56 0.43 -15.66
C LEU A 99 -1.30 1.02 -16.30
N GLN A 100 -1.43 2.24 -16.81
CA GLN A 100 -0.30 2.92 -17.45
C GLN A 100 -0.39 4.43 -17.23
N LYS A 101 0.54 4.97 -16.46
CA LYS A 101 0.57 6.40 -16.19
C LYS A 101 1.57 6.72 -15.07
N LYS A 102 1.17 6.42 -13.83
CA LYS A 102 2.03 6.66 -12.68
C LYS A 102 1.80 5.61 -11.60
N LEU A 103 2.86 5.25 -10.90
CA LEU A 103 2.79 4.24 -9.83
C LEU A 103 3.72 4.61 -8.68
N LYS A 104 3.16 4.69 -7.47
CA LYS A 104 3.94 5.02 -6.29
C LYS A 104 4.00 3.83 -5.34
N VAL A 105 5.21 3.29 -5.16
CA VAL A 105 5.41 2.16 -4.27
C VAL A 105 5.52 2.59 -2.82
N TRP A 106 4.91 1.83 -1.93
CA TRP A 106 4.95 2.14 -0.50
C TRP A 106 5.45 0.95 0.31
N PHE A 107 6.50 1.17 1.08
CA PHE A 107 7.08 0.11 1.91
C PHE A 107 6.73 0.32 3.38
N ARG A 108 5.97 -0.61 3.94
CA ARG A 108 5.56 -0.53 5.34
C ARG A 108 6.71 -0.94 6.25
N ILE A 109 6.90 -0.18 7.33
CA ILE A 109 7.96 -0.47 8.29
C ILE A 109 7.39 -0.90 9.63
N PRO A 110 7.96 -1.96 10.21
CA PRO A 110 7.52 -2.50 11.50
C PRO A 110 7.86 -1.58 12.66
N ASN A 111 7.03 -1.60 13.69
CA ASN A 111 7.25 -0.75 14.86
C ASN A 111 8.68 -0.91 15.39
N GLN A 112 9.25 -2.09 15.21
CA GLN A 112 10.60 -2.37 15.66
C GLN A 112 11.59 -1.38 15.03
N PHE A 113 11.34 -1.00 13.78
CA PHE A 113 12.20 -0.08 13.07
C PHE A 113 11.61 1.33 13.09
N GLN A 114 10.28 1.42 13.11
CA GLN A 114 9.60 2.70 13.13
C GLN A 114 10.15 3.59 14.25
N GLY A 115 10.51 2.97 15.36
CA GLY A 115 11.04 3.72 16.49
C GLY A 115 12.25 4.55 16.11
N SER A 116 12.93 4.15 15.04
CA SER A 116 14.12 4.86 14.59
C SER A 116 14.70 4.21 13.34
N PRO A 117 14.01 4.34 12.21
CA PRO A 117 14.43 3.76 10.93
C PRO A 117 15.66 4.45 10.36
N PRO A 118 16.41 3.73 9.51
CA PRO A 118 17.62 4.26 8.89
C PRO A 118 17.32 5.35 7.86
N ALA A 119 18.31 6.19 7.60
CA ALA A 119 18.14 7.28 6.63
C ALA A 119 18.21 6.76 5.19
N PRO A 120 17.58 7.49 4.27
CA PRO A 120 17.54 7.12 2.85
C PRO A 120 18.91 7.27 2.19
N SER A 121 19.64 6.16 2.08
CA SER A 121 20.97 6.18 1.47
C SER A 121 20.92 6.83 0.09
N ASP A 122 19.82 6.60 -0.62
CA ASP A 122 19.65 7.17 -1.96
C ASP A 122 18.55 8.23 -1.96
N GLU A 123 18.48 9.00 -3.04
CA GLU A 123 17.48 10.05 -3.17
C GLU A 123 16.19 9.49 -3.76
N SER A 124 16.32 8.40 -4.52
CA SER A 124 15.16 7.78 -5.15
C SER A 124 14.15 7.31 -4.10
N VAL A 125 14.65 6.71 -3.03
CA VAL A 125 13.79 6.23 -1.96
C VAL A 125 13.97 7.06 -0.69
N LYS A 126 12.88 7.69 -0.25
CA LYS A 126 12.90 8.52 0.94
C LYS A 126 11.82 8.09 1.93
N ILE A 127 12.08 8.32 3.21
CA ILE A 127 11.12 7.96 4.25
C ILE A 127 10.19 9.13 4.57
N GLU A 128 8.91 8.98 4.24
CA GLU A 128 7.93 10.03 4.50
C GLU A 128 6.68 9.45 5.16
N GLU A 129 5.99 10.28 5.93
CA GLU A 129 4.78 9.85 6.61
C GLU A 129 3.53 10.43 5.94
N ARG A 130 2.48 9.63 5.88
CA ARG A 130 1.23 10.08 5.26
C ARG A 130 0.06 9.94 6.24
N GLU A 131 -0.62 11.05 6.49
CA GLU A 131 -1.76 11.05 7.41
C GLU A 131 -2.84 12.01 6.93
N GLY A 132 -4.08 11.74 7.32
CA GLY A 132 -5.20 12.58 6.92
C GLY A 132 -5.88 12.08 5.65
N ILE A 133 -5.67 10.80 5.34
CA ILE A 133 -6.28 10.21 4.15
C ILE A 133 -7.19 9.05 4.53
N THR A 134 -8.23 8.84 3.73
CA THR A 134 -9.18 7.75 3.97
C THR A 134 -9.24 6.81 2.77
N VAL A 135 -9.34 5.52 3.06
CA VAL A 135 -9.41 4.51 2.01
C VAL A 135 -10.32 3.35 2.42
N TYR A 136 -10.70 2.53 1.45
CA TYR A 136 -11.56 1.39 1.71
C TYR A 136 -10.83 0.08 1.43
N SER A 137 -10.78 -0.80 2.43
CA SER A 137 -10.11 -2.08 2.30
C SER A 137 -11.12 -3.21 2.12
N THR A 138 -10.79 -4.17 1.25
CA THR A 138 -11.67 -5.30 1.00
C THR A 138 -10.89 -6.61 0.99
N GLN A 139 -11.36 -7.57 1.78
CA GLN A 139 -10.70 -8.88 1.88
C GLN A 139 -11.57 -9.96 1.25
N PHE A 140 -10.96 -10.79 0.41
CA PHE A 140 -11.67 -11.87 -0.25
C PHE A 140 -10.76 -13.08 -0.46
N GLY A 141 -11.27 -14.27 -0.14
CA GLY A 141 -10.50 -15.49 -0.29
C GLY A 141 -10.93 -16.30 -1.49
N GLY A 142 -10.05 -17.18 -1.96
CA GLY A 142 -10.37 -18.00 -3.11
C GLY A 142 -9.52 -17.69 -4.32
N TYR A 143 -9.99 -18.08 -5.50
CA TYR A 143 -9.26 -17.83 -6.73
C TYR A 143 -9.22 -16.34 -7.05
N ALA A 144 -8.08 -15.70 -6.79
CA ALA A 144 -7.93 -14.29 -7.06
C ALA A 144 -6.74 -14.03 -7.98
N LYS A 145 -7.02 -13.66 -9.22
CA LYS A 145 -5.98 -13.38 -10.21
C LYS A 145 -5.76 -11.89 -10.36
N GLU A 146 -4.81 -11.52 -11.21
CA GLU A 146 -4.50 -10.11 -11.45
C GLU A 146 -5.77 -9.33 -11.77
N ALA A 147 -6.67 -9.95 -12.53
CA ALA A 147 -7.93 -9.31 -12.92
C ALA A 147 -8.83 -9.10 -11.70
N ASP A 148 -8.70 -9.98 -10.72
CA ASP A 148 -9.50 -9.89 -9.50
C ASP A 148 -9.32 -8.53 -8.84
N TYR A 149 -8.09 -8.01 -8.86
CA TYR A 149 -7.78 -6.73 -8.26
C TYR A 149 -8.52 -5.60 -8.97
N VAL A 150 -8.60 -5.71 -10.29
CA VAL A 150 -9.28 -4.69 -11.10
C VAL A 150 -10.79 -4.80 -10.95
N ALA A 151 -11.28 -6.03 -10.78
CA ALA A 151 -12.71 -6.27 -10.63
C ALA A 151 -13.19 -5.86 -9.24
N HIS A 152 -12.44 -6.27 -8.22
CA HIS A 152 -12.79 -5.94 -6.84
C HIS A 152 -12.73 -4.44 -6.61
N ALA A 153 -11.79 -3.77 -7.27
CA ALA A 153 -11.64 -2.33 -7.14
C ALA A 153 -12.91 -1.60 -7.52
N THR A 154 -13.49 -1.98 -8.65
CA THR A 154 -14.73 -1.35 -9.13
C THR A 154 -15.93 -1.88 -8.37
N GLN A 155 -15.88 -3.15 -7.98
CA GLN A 155 -16.98 -3.77 -7.23
C GLN A 155 -17.29 -2.98 -5.96
N LEU A 156 -16.24 -2.51 -5.30
CA LEU A 156 -16.39 -1.74 -4.06
C LEU A 156 -17.27 -0.52 -4.29
N ARG A 157 -17.22 0.02 -5.51
CA ARG A 157 -18.02 1.19 -5.85
C ARG A 157 -19.51 0.85 -5.91
N THR A 158 -19.82 -0.32 -6.46
CA THR A 158 -21.20 -0.77 -6.57
C THR A 158 -21.75 -1.21 -5.21
N THR A 159 -20.89 -1.79 -4.39
CA THR A 159 -21.28 -2.24 -3.07
C THR A 159 -21.40 -1.09 -2.09
N LEU A 160 -20.55 -0.08 -2.28
CA LEU A 160 -20.57 1.10 -1.41
C LEU A 160 -21.70 2.05 -1.80
N GLU A 161 -22.50 1.65 -2.78
CA GLU A 161 -23.61 2.47 -3.24
C GLU A 161 -24.46 2.92 -2.07
N GLY A 162 -25.24 3.99 -2.28
CA GLY A 162 -26.09 4.51 -1.24
C GLY A 162 -25.32 5.31 -0.21
N THR A 163 -24.03 5.47 -0.43
CA THR A 163 -23.17 6.22 0.49
C THR A 163 -22.48 7.38 -0.22
N PRO A 164 -22.14 8.42 0.54
CA PRO A 164 -21.47 9.61 0.02
C PRO A 164 -20.04 9.32 -0.42
N ALA A 165 -19.55 8.12 -0.11
CA ALA A 165 -18.20 7.72 -0.47
C ALA A 165 -17.94 7.93 -1.95
N THR A 166 -16.99 8.81 -2.26
CA THR A 166 -16.64 9.10 -3.65
C THR A 166 -15.30 8.49 -4.01
N TYR A 167 -14.98 8.52 -5.30
CA TYR A 167 -13.72 7.97 -5.79
C TYR A 167 -13.17 8.80 -6.94
N GLN A 168 -11.87 8.67 -7.20
CA GLN A 168 -11.21 9.41 -8.27
C GLN A 168 -10.31 8.50 -9.09
N GLY A 169 -10.72 8.22 -10.32
CA GLY A 169 -9.94 7.36 -11.20
C GLY A 169 -9.93 5.92 -10.73
N ASP A 170 -10.75 5.62 -9.73
CA ASP A 170 -10.83 4.27 -9.19
C ASP A 170 -9.47 3.79 -8.71
N VAL A 171 -8.58 4.73 -8.42
CA VAL A 171 -7.24 4.41 -7.96
C VAL A 171 -7.29 3.45 -6.77
N TYR A 172 -6.37 2.49 -6.76
CA TYR A 172 -6.31 1.50 -5.69
C TYR A 172 -4.87 1.09 -5.40
N TYR A 173 -4.67 0.42 -4.27
CA TYR A 173 -3.34 -0.02 -3.88
C TYR A 173 -3.26 -1.54 -3.84
N CYS A 174 -2.07 -2.08 -4.06
CA CYS A 174 -1.86 -3.52 -4.05
C CYS A 174 -0.87 -3.93 -2.96
N ALA A 175 -1.30 -4.86 -2.10
CA ALA A 175 -0.45 -5.33 -1.01
C ALA A 175 -0.02 -6.78 -1.24
N GLY A 176 1.28 -7.01 -1.15
CA GLY A 176 1.81 -8.35 -1.35
C GLY A 176 3.27 -8.47 -0.98
N TYR A 177 3.75 -9.70 -0.82
CA TYR A 177 5.14 -9.93 -0.46
C TYR A 177 5.77 -10.95 -1.39
N ASP A 178 5.08 -12.06 -1.61
CA ASP A 178 5.57 -13.12 -2.49
C ASP A 178 4.42 -13.82 -3.20
N PRO A 179 4.73 -14.50 -4.31
CA PRO A 179 3.74 -15.22 -5.11
C PRO A 179 3.20 -16.45 -4.39
N PRO A 180 1.92 -16.78 -4.64
CA PRO A 180 1.27 -17.94 -4.02
C PRO A 180 1.81 -19.26 -4.55
N MET A 181 1.80 -20.28 -3.70
CA MET A 181 2.29 -21.60 -4.08
C MET A 181 1.55 -22.13 -5.30
N LYS A 182 0.34 -21.61 -5.53
CA LYS A 182 -0.47 -22.03 -6.65
C LYS A 182 -1.10 -20.83 -7.34
N PRO A 183 -1.50 -21.01 -8.61
CA PRO A 183 -2.13 -19.95 -9.41
C PRO A 183 -3.53 -19.60 -8.93
N TYR A 184 -4.08 -20.46 -8.08
CA TYR A 184 -5.42 -20.25 -7.54
C TYR A 184 -5.45 -19.02 -6.63
N GLY A 185 -4.86 -19.16 -5.45
CA GLY A 185 -4.82 -18.07 -4.50
C GLY A 185 -5.69 -18.33 -3.28
N ARG A 186 -5.20 -17.91 -2.11
CA ARG A 186 -5.94 -18.10 -0.87
C ARG A 186 -6.72 -16.85 -0.49
N ARG A 187 -6.02 -15.72 -0.41
CA ARG A 187 -6.64 -14.45 -0.06
C ARG A 187 -5.86 -13.28 -0.67
N ASN A 188 -6.55 -12.15 -0.85
CA ASN A 188 -5.93 -10.97 -1.42
C ASN A 188 -6.45 -9.71 -0.74
N GLU A 189 -5.72 -8.61 -0.90
CA GLU A 189 -6.12 -7.34 -0.30
C GLU A 189 -6.06 -6.21 -1.33
N VAL A 190 -7.06 -5.33 -1.29
CA VAL A 190 -7.11 -4.21 -2.21
C VAL A 190 -7.69 -2.96 -1.54
N TRP A 191 -6.93 -1.88 -1.58
CA TRP A 191 -7.36 -0.62 -0.97
C TRP A 191 -7.88 0.34 -2.03
N LEU A 192 -8.91 1.10 -1.66
CA LEU A 192 -9.51 2.07 -2.58
C LEU A 192 -9.46 3.48 -2.00
N VAL A 193 -9.07 4.43 -2.83
CA VAL A 193 -8.99 5.83 -2.40
C VAL A 193 -10.34 6.52 -2.51
N LYS A 194 -10.70 7.26 -1.46
CA LYS A 194 -11.97 7.98 -1.43
C LYS A 194 -11.79 9.43 -1.89
N ALA A 195 -12.48 9.79 -2.97
CA ALA A 195 -12.40 11.13 -3.52
C ALA A 195 -13.23 12.11 -2.69
N ASN A 12 18.55 -5.36 30.80
CA ASN A 12 18.06 -6.30 29.79
C ASN A 12 16.67 -6.80 30.15
N SER A 13 15.65 -6.33 29.41
CA SER A 13 14.28 -6.73 29.65
C SER A 13 13.44 -6.60 28.39
N LEU A 14 12.17 -6.94 28.49
CA LEU A 14 11.26 -6.86 27.35
C LEU A 14 9.90 -6.28 27.77
N PHE A 15 9.00 -6.15 26.81
CA PHE A 15 7.67 -5.62 27.08
C PHE A 15 6.59 -6.65 26.74
N GLY A 16 5.33 -6.23 26.84
CA GLY A 16 4.23 -7.13 26.53
C GLY A 16 3.63 -6.87 25.17
N SER A 17 2.56 -6.08 25.13
CA SER A 17 1.89 -5.76 23.87
C SER A 17 2.88 -5.17 22.86
N VAL A 18 2.46 -5.11 21.60
CA VAL A 18 3.30 -4.56 20.54
C VAL A 18 2.51 -3.63 19.63
N GLU A 19 3.02 -2.42 19.46
CA GLU A 19 2.35 -1.43 18.60
C GLU A 19 3.19 -0.16 18.49
N THR A 20 3.12 0.48 17.33
CA THR A 20 3.87 1.71 17.10
C THR A 20 2.94 2.88 16.82
N TRP A 21 1.89 2.64 16.03
CA TRP A 21 0.93 3.68 15.70
C TRP A 21 -0.29 3.08 15.00
N PRO A 22 -1.19 2.49 15.79
CA PRO A 22 -2.42 1.88 15.28
C PRO A 22 -3.41 2.91 14.75
N TRP A 23 -4.19 2.51 13.76
CA TRP A 23 -5.20 3.40 13.17
C TRP A 23 -6.58 3.09 13.70
N GLN A 24 -7.51 4.03 13.53
CA GLN A 24 -8.87 3.85 13.98
C GLN A 24 -9.82 3.61 12.81
N VAL A 25 -10.80 2.74 13.00
CA VAL A 25 -11.78 2.44 11.95
C VAL A 25 -13.01 3.31 12.08
N LEU A 26 -13.53 3.77 10.94
CA LEU A 26 -14.71 4.62 10.92
C LEU A 26 -15.98 3.77 10.84
N SER A 27 -15.93 2.73 10.02
CA SER A 27 -17.09 1.84 9.85
C SER A 27 -16.78 0.75 8.83
N THR A 28 -17.41 -0.41 9.01
CA THR A 28 -17.20 -1.54 8.12
C THR A 28 -18.53 -2.16 7.70
N GLY A 29 -18.50 -2.98 6.65
CA GLY A 29 -19.71 -3.62 6.17
C GLY A 29 -19.75 -3.74 4.66
N GLY A 30 -20.91 -4.07 4.12
CA GLY A 30 -21.05 -4.20 2.69
C GLY A 30 -21.64 -5.53 2.28
N LYS A 31 -21.53 -5.87 1.00
CA LYS A 31 -22.05 -7.13 0.49
C LYS A 31 -21.20 -8.30 0.94
N GLU A 32 -21.70 -9.52 0.72
CA GLU A 32 -20.97 -10.72 1.10
C GLU A 32 -19.68 -10.87 0.29
N ASP A 33 -18.72 -11.59 0.86
CA ASP A 33 -17.43 -11.80 0.20
C ASP A 33 -16.60 -10.53 0.20
N VAL A 34 -17.05 -9.52 -0.55
CA VAL A 34 -16.34 -8.26 -0.64
C VAL A 34 -16.95 -7.23 0.32
N SER A 35 -16.16 -6.84 1.31
CA SER A 35 -16.62 -5.87 2.30
C SER A 35 -15.74 -4.62 2.28
N TYR A 36 -16.31 -3.49 2.69
CA TYR A 36 -15.58 -2.23 2.72
C TYR A 36 -15.39 -1.74 4.15
N GLU A 37 -14.33 -0.96 4.37
CA GLU A 37 -14.03 -0.43 5.69
C GLU A 37 -13.17 0.82 5.59
N GLU A 38 -13.63 1.90 6.22
CA GLU A 38 -12.90 3.16 6.21
C GLU A 38 -12.00 3.29 7.44
N ARG A 39 -10.78 3.76 7.21
CA ARG A 39 -9.82 3.93 8.29
C ARG A 39 -9.00 5.20 8.11
N ALA A 40 -8.34 5.64 9.17
CA ALA A 40 -7.52 6.85 9.13
C ALA A 40 -6.03 6.50 9.15
N CYS A 41 -5.28 7.16 8.28
CA CYS A 41 -3.83 6.92 8.20
C CYS A 41 -3.16 7.20 9.54
N GLU A 42 -2.54 6.17 10.10
CA GLU A 42 -1.85 6.30 11.38
C GLU A 42 -0.92 7.51 11.39
N GLY A 43 -0.27 7.76 10.25
CA GLY A 43 0.63 8.88 10.15
C GLY A 43 2.09 8.48 10.33
N GLY A 44 2.34 7.18 10.35
CA GLY A 44 3.69 6.69 10.53
C GLY A 44 4.57 6.93 9.31
N LYS A 45 5.88 6.77 9.48
CA LYS A 45 6.81 6.98 8.39
C LYS A 45 7.01 5.69 7.59
N PHE A 46 6.99 5.82 6.27
CA PHE A 46 7.17 4.66 5.40
C PHE A 46 8.04 5.01 4.20
N ALA A 47 8.58 3.99 3.54
CA ALA A 47 9.43 4.19 2.38
C ALA A 47 8.66 3.99 1.08
N THR A 48 8.55 5.05 0.29
CA THR A 48 7.83 4.99 -0.98
C THR A 48 8.69 5.48 -2.13
N VAL A 49 8.35 5.08 -3.34
CA VAL A 49 9.09 5.49 -4.53
C VAL A 49 8.17 6.08 -5.59
N GLU A 50 8.71 6.97 -6.41
CA GLU A 50 7.93 7.61 -7.47
C GLU A 50 8.49 7.26 -8.84
N VAL A 51 7.66 6.65 -9.68
CA VAL A 51 8.09 6.27 -11.03
C VAL A 51 7.04 6.69 -12.06
N THR A 52 7.45 7.55 -12.99
CA THR A 52 6.56 8.04 -14.03
C THR A 52 7.10 7.70 -15.42
N ASP A 53 6.31 7.97 -16.44
CA ASP A 53 6.70 7.69 -17.82
C ASP A 53 6.80 6.19 -18.07
N LYS A 54 6.33 5.41 -17.10
CA LYS A 54 6.37 3.96 -17.21
C LYS A 54 5.11 3.34 -16.58
N PRO A 55 4.71 2.18 -17.12
CA PRO A 55 3.53 1.46 -16.63
C PRO A 55 3.74 0.85 -15.25
N VAL A 56 2.66 0.66 -14.51
CA VAL A 56 2.74 0.09 -13.17
C VAL A 56 3.60 -1.16 -13.15
N ASP A 57 3.56 -1.93 -14.24
CA ASP A 57 4.34 -3.15 -14.34
C ASP A 57 5.83 -2.84 -14.36
N GLU A 58 6.23 -1.90 -15.21
CA GLU A 58 7.63 -1.51 -15.32
C GLU A 58 8.09 -0.80 -14.06
N ALA A 59 7.35 0.24 -13.65
CA ALA A 59 7.69 1.00 -12.46
C ALA A 59 7.79 0.10 -11.23
N LEU A 60 6.96 -0.95 -11.21
CA LEU A 60 6.95 -1.89 -10.09
C LEU A 60 8.21 -2.75 -10.10
N ARG A 61 8.73 -3.02 -11.30
CA ARG A 61 9.94 -3.84 -11.44
C ARG A 61 11.17 -3.05 -11.00
N GLU A 62 11.11 -1.73 -11.13
CA GLU A 62 12.22 -0.87 -10.75
C GLU A 62 12.18 -0.56 -9.26
N ALA A 63 10.98 -0.46 -8.71
CA ALA A 63 10.81 -0.17 -7.29
C ALA A 63 11.10 -1.40 -6.44
N MET A 64 10.80 -2.58 -6.99
CA MET A 64 11.03 -3.83 -6.27
C MET A 64 12.42 -3.86 -5.66
N PRO A 65 13.45 -3.71 -6.51
CA PRO A 65 14.84 -3.72 -6.06
C PRO A 65 15.21 -2.47 -5.25
N LYS A 66 14.57 -1.35 -5.59
CA LYS A 66 14.81 -0.10 -4.89
C LYS A 66 14.65 -0.27 -3.38
N ILE A 67 13.53 -0.84 -2.98
CA ILE A 67 13.24 -1.06 -1.56
C ILE A 67 14.01 -2.26 -1.04
N MET A 68 14.21 -3.24 -1.89
CA MET A 68 14.94 -4.45 -1.52
C MET A 68 16.35 -4.12 -1.04
N LYS A 69 17.08 -3.35 -1.85
CA LYS A 69 18.44 -2.95 -1.51
C LYS A 69 18.46 -2.12 -0.23
N TYR A 70 17.36 -1.43 0.05
CA TYR A 70 17.25 -0.61 1.24
C TYR A 70 17.18 -1.47 2.50
N VAL A 71 16.46 -2.57 2.41
CA VAL A 71 16.31 -3.48 3.54
C VAL A 71 17.46 -4.48 3.60
N GLY A 72 18.09 -4.70 2.45
CA GLY A 72 19.22 -5.63 2.40
C GLY A 72 20.39 -5.17 3.25
N GLY A 73 20.46 -3.86 3.50
CA GLY A 73 21.55 -3.33 4.30
C GLY A 73 22.11 -2.04 3.73
N THR A 74 21.64 -1.66 2.54
CA THR A 74 22.10 -0.45 1.89
C THR A 74 21.41 0.78 2.47
N ASN A 75 21.55 0.97 3.77
CA ASN A 75 20.93 2.10 4.45
C ASN A 75 21.93 3.24 4.64
N ASP A 76 21.42 4.46 4.80
CA ASP A 76 22.27 5.63 4.99
C ASP A 76 22.94 5.60 6.36
N LYS A 77 22.31 4.90 7.30
CA LYS A 77 22.84 4.78 8.65
C LYS A 77 23.76 3.58 8.79
N GLY A 78 23.74 2.71 7.78
CA GLY A 78 24.59 1.53 7.81
C GLY A 78 24.15 0.52 8.85
N VAL A 79 22.84 0.39 9.03
CA VAL A 79 22.29 -0.55 10.01
C VAL A 79 22.28 -1.97 9.46
N GLY A 80 22.85 -2.89 10.23
CA GLY A 80 22.91 -4.28 9.81
C GLY A 80 21.79 -5.11 10.42
N MET A 81 20.65 -5.18 9.73
CA MET A 81 19.51 -5.94 10.21
C MET A 81 18.35 -5.87 9.22
N GLY A 82 18.18 -6.93 8.43
CA GLY A 82 17.11 -6.97 7.46
C GLY A 82 15.74 -6.99 8.10
N MET A 83 14.71 -6.62 7.33
CA MET A 83 13.35 -6.60 7.83
C MET A 83 12.41 -7.32 6.87
N THR A 84 11.30 -7.83 7.40
CA THR A 84 10.32 -8.54 6.59
C THR A 84 8.94 -7.91 6.71
N VAL A 85 8.41 -7.41 5.60
CA VAL A 85 7.11 -6.79 5.58
C VAL A 85 6.47 -6.88 4.19
N PRO A 86 5.13 -6.74 4.14
CA PRO A 86 4.37 -6.79 2.89
C PRO A 86 4.64 -5.58 2.00
N VAL A 87 4.59 -5.79 0.69
CA VAL A 87 4.82 -4.72 -0.27
C VAL A 87 3.53 -4.33 -0.99
N SER A 88 3.35 -3.04 -1.23
CA SER A 88 2.16 -2.54 -1.90
C SER A 88 2.50 -1.35 -2.80
N PHE A 89 1.67 -1.11 -3.80
CA PHE A 89 1.88 -0.01 -4.73
C PHE A 89 0.54 0.58 -5.19
N ALA A 90 0.57 1.85 -5.59
CA ALA A 90 -0.64 2.53 -6.04
C ALA A 90 -0.76 2.45 -7.56
N VAL A 91 -1.99 2.56 -8.07
CA VAL A 91 -2.24 2.51 -9.49
C VAL A 91 -3.32 3.51 -9.90
N PHE A 92 -3.23 3.99 -11.13
CA PHE A 92 -4.21 4.95 -11.64
C PHE A 92 -4.85 4.44 -12.93
N PRO A 93 -6.06 3.87 -12.78
CA PRO A 93 -6.82 3.32 -13.92
C PRO A 93 -7.34 4.42 -14.84
N ASN A 94 -7.35 4.13 -16.14
CA ASN A 94 -7.82 5.09 -17.13
C ASN A 94 -9.24 4.76 -17.57
N GLU A 95 -9.85 5.68 -18.33
CA GLU A 95 -11.21 5.48 -18.82
C GLU A 95 -11.33 4.19 -19.63
N ASP A 96 -10.25 3.85 -20.34
CA ASP A 96 -10.22 2.65 -21.16
C ASP A 96 -9.94 1.41 -20.30
N GLY A 97 -9.67 1.64 -19.02
CA GLY A 97 -9.40 0.54 -18.12
C GLY A 97 -7.94 0.11 -18.15
N SER A 98 -7.11 0.91 -18.81
CA SER A 98 -5.69 0.61 -18.92
C SER A 98 -4.89 1.44 -17.92
N LEU A 99 -4.21 0.74 -17.00
CA LEU A 99 -3.40 1.41 -15.99
C LEU A 99 -2.12 1.96 -16.60
N GLN A 100 -2.15 3.23 -17.00
CA GLN A 100 -0.99 3.88 -17.60
C GLN A 100 -0.95 5.35 -17.25
N LYS A 101 0.06 5.75 -16.49
CA LYS A 101 0.22 7.14 -16.08
C LYS A 101 1.34 7.28 -15.05
N LYS A 102 1.16 6.68 -13.89
CA LYS A 102 2.15 6.74 -12.82
C LYS A 102 1.86 5.68 -11.75
N LEU A 103 2.91 5.31 -11.01
CA LEU A 103 2.76 4.31 -9.95
C LEU A 103 3.65 4.67 -8.75
N LYS A 104 3.04 4.67 -7.57
CA LYS A 104 3.78 4.98 -6.35
C LYS A 104 3.82 3.78 -5.41
N VAL A 105 5.01 3.24 -5.19
CA VAL A 105 5.18 2.09 -4.31
C VAL A 105 5.24 2.52 -2.85
N TRP A 106 4.61 1.75 -1.98
CA TRP A 106 4.60 2.04 -0.56
C TRP A 106 5.09 0.84 0.26
N PHE A 107 6.17 1.04 0.99
CA PHE A 107 6.74 -0.03 1.81
C PHE A 107 6.43 0.19 3.29
N ARG A 108 5.69 -0.73 3.88
CA ARG A 108 5.32 -0.63 5.29
C ARG A 108 6.43 -1.17 6.18
N ILE A 109 7.06 -0.28 6.93
CA ILE A 109 8.15 -0.66 7.82
C ILE A 109 7.61 -1.30 9.10
N PRO A 110 8.21 -2.43 9.51
CA PRO A 110 7.81 -3.15 10.72
C PRO A 110 8.15 -2.38 12.00
N ASN A 111 7.36 -2.62 13.05
CA ASN A 111 7.57 -1.95 14.32
C ASN A 111 9.03 -2.06 14.76
N GLN A 112 9.67 -3.17 14.38
CA GLN A 112 11.07 -3.40 14.73
C GLN A 112 11.95 -2.27 14.23
N PHE A 113 11.62 -1.75 13.05
CA PHE A 113 12.38 -0.66 12.45
C PHE A 113 11.71 0.69 12.70
N GLN A 114 10.38 0.67 12.78
CA GLN A 114 9.61 1.90 13.01
C GLN A 114 10.16 2.65 14.21
N GLY A 115 10.67 1.92 15.19
CA GLY A 115 11.22 2.55 16.38
C GLY A 115 12.31 3.55 16.06
N SER A 116 12.98 3.35 14.92
CA SER A 116 14.06 4.23 14.51
C SER A 116 14.67 3.77 13.19
N PRO A 117 13.94 3.98 12.08
CA PRO A 117 14.39 3.58 10.75
C PRO A 117 15.56 4.44 10.26
N PRO A 118 16.43 3.83 9.44
CA PRO A 118 17.60 4.51 8.88
C PRO A 118 17.21 5.56 7.85
N ALA A 119 18.10 6.54 7.64
CA ALA A 119 17.85 7.60 6.68
C ALA A 119 17.99 7.10 5.24
N PRO A 120 17.31 7.78 4.31
CA PRO A 120 17.34 7.42 2.90
C PRO A 120 18.71 7.68 2.25
N SER A 121 19.43 6.60 1.96
CA SER A 121 20.75 6.72 1.34
C SER A 121 20.63 7.06 -0.14
N ASP A 122 19.60 6.53 -0.78
CA ASP A 122 19.37 6.78 -2.20
C ASP A 122 18.06 7.52 -2.42
N GLU A 123 18.07 8.44 -3.39
CA GLU A 123 16.88 9.23 -3.70
C GLU A 123 15.72 8.33 -4.14
N SER A 124 16.07 7.17 -4.70
CA SER A 124 15.07 6.22 -5.17
C SER A 124 14.16 5.77 -4.02
N VAL A 125 14.68 5.84 -2.80
CA VAL A 125 13.93 5.44 -1.62
C VAL A 125 13.96 6.53 -0.55
N LYS A 126 12.80 7.08 -0.24
CA LYS A 126 12.69 8.13 0.77
C LYS A 126 11.64 7.77 1.83
N ILE A 127 11.95 8.10 3.08
CA ILE A 127 11.03 7.80 4.18
C ILE A 127 10.12 8.99 4.46
N GLU A 128 8.83 8.82 4.18
CA GLU A 128 7.85 9.88 4.41
C GLU A 128 6.58 9.33 5.02
N GLU A 129 5.91 10.14 5.85
CA GLU A 129 4.68 9.73 6.49
C GLU A 129 3.47 10.40 5.86
N ARG A 130 2.33 9.71 5.85
CA ARG A 130 1.11 10.23 5.26
C ARG A 130 -0.02 10.22 6.28
N GLU A 131 -0.61 11.40 6.52
CA GLU A 131 -1.69 11.53 7.48
C GLU A 131 -2.71 12.57 7.00
N GLY A 132 -3.96 12.39 7.42
CA GLY A 132 -5.01 13.31 7.03
C GLY A 132 -5.75 12.87 5.77
N ILE A 133 -5.61 11.59 5.44
CA ILE A 133 -6.27 11.04 4.26
C ILE A 133 -7.20 9.88 4.63
N THR A 134 -8.26 9.71 3.84
CA THR A 134 -9.23 8.65 4.09
C THR A 134 -9.27 7.67 2.92
N VAL A 135 -9.28 6.38 3.25
CA VAL A 135 -9.32 5.34 2.22
C VAL A 135 -10.12 4.13 2.69
N TYR A 136 -10.63 3.36 1.74
CA TYR A 136 -11.42 2.17 2.07
C TYR A 136 -10.71 0.91 1.60
N SER A 137 -10.49 -0.02 2.53
CA SER A 137 -9.81 -1.28 2.22
C SER A 137 -10.83 -2.40 2.06
N THR A 138 -10.52 -3.34 1.17
CA THR A 138 -11.41 -4.47 0.92
C THR A 138 -10.62 -5.78 0.87
N GLN A 139 -11.05 -6.76 1.66
CA GLN A 139 -10.38 -8.06 1.70
C GLN A 139 -11.27 -9.13 1.10
N PHE A 140 -10.66 -10.04 0.34
CA PHE A 140 -11.40 -11.13 -0.29
C PHE A 140 -10.59 -12.43 -0.25
N GLY A 141 -11.13 -13.43 0.41
CA GLY A 141 -10.45 -14.71 0.51
C GLY A 141 -10.50 -15.50 -0.78
N GLY A 142 -9.55 -16.41 -0.96
CA GLY A 142 -9.50 -17.20 -2.17
C GLY A 142 -8.33 -16.86 -3.05
N TYR A 143 -7.93 -17.78 -3.91
CA TYR A 143 -6.81 -17.57 -4.81
C TYR A 143 -7.16 -16.53 -5.87
N ALA A 144 -6.47 -15.40 -5.83
CA ALA A 144 -6.69 -14.33 -6.79
C ALA A 144 -5.41 -13.96 -7.53
N LYS A 145 -5.54 -13.68 -8.83
CA LYS A 145 -4.39 -13.32 -9.64
C LYS A 145 -4.25 -11.81 -9.75
N GLU A 146 -3.20 -11.37 -10.43
CA GLU A 146 -2.95 -9.94 -10.60
C GLU A 146 -4.18 -9.23 -11.14
N ALA A 147 -4.79 -9.82 -12.17
CA ALA A 147 -5.98 -9.25 -12.78
C ALA A 147 -7.13 -9.15 -11.77
N ASP A 148 -7.16 -10.11 -10.84
CA ASP A 148 -8.20 -10.12 -9.82
C ASP A 148 -8.23 -8.81 -9.04
N TYR A 149 -7.05 -8.34 -8.64
CA TYR A 149 -6.93 -7.11 -7.88
C TYR A 149 -7.56 -5.94 -8.66
N VAL A 150 -7.42 -5.97 -9.97
CA VAL A 150 -7.97 -4.92 -10.82
C VAL A 150 -9.49 -5.04 -10.94
N ALA A 151 -9.98 -6.27 -10.91
CA ALA A 151 -11.41 -6.53 -11.00
C ALA A 151 -12.11 -6.19 -9.69
N HIS A 152 -11.54 -6.63 -8.58
CA HIS A 152 -12.12 -6.37 -7.27
C HIS A 152 -12.29 -4.88 -7.04
N ALA A 153 -11.37 -4.08 -7.59
CA ALA A 153 -11.43 -2.64 -7.44
C ALA A 153 -12.73 -2.08 -7.99
N THR A 154 -13.19 -2.63 -9.11
CA THR A 154 -14.42 -2.19 -9.73
C THR A 154 -15.64 -2.66 -8.95
N GLN A 155 -15.65 -3.95 -8.59
CA GLN A 155 -16.75 -4.53 -7.84
C GLN A 155 -17.03 -3.73 -6.57
N LEU A 156 -15.97 -3.25 -5.94
CA LEU A 156 -16.11 -2.46 -4.71
C LEU A 156 -16.97 -1.23 -4.95
N ARG A 157 -16.90 -0.69 -6.17
CA ARG A 157 -17.67 0.49 -6.52
C ARG A 157 -19.16 0.17 -6.59
N THR A 158 -19.49 -0.98 -7.18
CA THR A 158 -20.88 -1.40 -7.30
C THR A 158 -21.42 -1.91 -5.97
N THR A 159 -20.56 -2.56 -5.19
CA THR A 159 -20.95 -3.09 -3.90
C THR A 159 -21.13 -1.98 -2.87
N LEU A 160 -20.32 -0.94 -3.00
CA LEU A 160 -20.37 0.20 -2.08
C LEU A 160 -21.68 0.98 -2.26
N GLU A 161 -22.42 0.64 -3.31
CA GLU A 161 -23.68 1.32 -3.59
C GLU A 161 -24.47 1.55 -2.31
N GLY A 162 -25.03 2.75 -2.18
CA GLY A 162 -25.79 3.08 -0.99
C GLY A 162 -24.98 3.79 0.06
N THR A 163 -23.69 4.00 -0.24
CA THR A 163 -22.79 4.67 0.69
C THR A 163 -22.51 6.10 0.24
N PRO A 164 -22.42 7.02 1.22
CA PRO A 164 -22.16 8.44 0.95
C PRO A 164 -20.73 8.68 0.47
N ALA A 165 -19.92 7.63 0.51
CA ALA A 165 -18.53 7.72 0.08
C ALA A 165 -18.43 7.71 -1.45
N THR A 166 -17.54 8.53 -1.98
CA THR A 166 -17.34 8.61 -3.42
C THR A 166 -15.88 8.36 -3.80
N TYR A 167 -15.62 8.21 -5.09
CA TYR A 167 -14.27 7.97 -5.58
C TYR A 167 -13.96 8.85 -6.79
N GLN A 168 -12.68 9.13 -6.99
CA GLN A 168 -12.25 9.95 -8.12
C GLN A 168 -11.11 9.29 -8.88
N GLY A 169 -11.33 9.07 -10.17
CA GLY A 169 -10.32 8.44 -11.00
C GLY A 169 -10.26 6.94 -10.81
N ASP A 170 -11.13 6.42 -9.92
CA ASP A 170 -11.16 4.99 -9.64
C ASP A 170 -9.81 4.49 -9.16
N VAL A 171 -8.98 5.41 -8.67
CA VAL A 171 -7.66 5.07 -8.17
C VAL A 171 -7.75 4.09 -7.01
N TYR A 172 -6.85 3.11 -7.00
CA TYR A 172 -6.82 2.10 -5.95
C TYR A 172 -5.41 1.63 -5.66
N TYR A 173 -5.23 0.93 -4.55
CA TYR A 173 -3.91 0.43 -4.17
C TYR A 173 -3.88 -1.10 -4.17
N CYS A 174 -2.69 -1.66 -4.29
CA CYS A 174 -2.53 -3.11 -4.30
C CYS A 174 -1.52 -3.56 -3.26
N ALA A 175 -1.98 -4.38 -2.31
CA ALA A 175 -1.12 -4.88 -1.25
C ALA A 175 -0.88 -6.39 -1.40
N GLY A 176 0.27 -6.84 -0.91
CA GLY A 176 0.60 -8.25 -1.01
C GLY A 176 1.84 -8.61 -0.19
N TYR A 177 1.80 -9.79 0.43
CA TYR A 177 2.92 -10.25 1.24
C TYR A 177 4.09 -10.69 0.36
N ASP A 178 3.79 -11.41 -0.71
CA ASP A 178 4.80 -11.89 -1.63
C ASP A 178 4.21 -12.15 -3.01
N PRO A 179 5.08 -12.19 -4.03
CA PRO A 179 4.67 -12.43 -5.41
C PRO A 179 4.19 -13.87 -5.63
N PRO A 180 2.89 -14.02 -5.90
CA PRO A 180 2.29 -15.33 -6.13
C PRO A 180 2.73 -15.96 -7.45
N MET A 181 3.15 -17.21 -7.41
CA MET A 181 3.59 -17.91 -8.60
C MET A 181 2.44 -18.72 -9.22
N LYS A 182 1.53 -19.17 -8.38
CA LYS A 182 0.39 -19.95 -8.84
C LYS A 182 -0.51 -20.35 -7.67
N PRO A 183 0.05 -21.10 -6.72
CA PRO A 183 -0.68 -21.57 -5.53
C PRO A 183 -1.00 -20.42 -4.58
N TYR A 184 -0.12 -19.43 -4.53
CA TYR A 184 -0.31 -18.28 -3.66
C TYR A 184 -1.51 -17.44 -4.10
N GLY A 185 -1.79 -16.39 -3.34
CA GLY A 185 -2.91 -15.53 -3.66
C GLY A 185 -4.05 -15.67 -2.68
N ARG A 186 -3.73 -16.08 -1.46
CA ARG A 186 -4.74 -16.26 -0.42
C ARG A 186 -5.06 -14.94 0.26
N ARG A 187 -4.04 -14.11 0.44
CA ARG A 187 -4.21 -12.81 1.07
C ARG A 187 -4.16 -11.69 0.05
N ASN A 188 -5.14 -10.79 0.12
CA ASN A 188 -5.21 -9.66 -0.82
C ASN A 188 -5.72 -8.41 -0.12
N GLU A 189 -5.27 -7.25 -0.60
CA GLU A 189 -5.67 -5.98 0.00
C GLU A 189 -5.76 -4.90 -1.08
N VAL A 190 -6.86 -4.15 -1.06
CA VAL A 190 -7.08 -3.07 -2.03
C VAL A 190 -7.68 -1.85 -1.36
N TRP A 191 -6.97 -0.73 -1.42
CA TRP A 191 -7.44 0.51 -0.83
C TRP A 191 -7.97 1.46 -1.89
N LEU A 192 -9.08 2.12 -1.59
CA LEU A 192 -9.69 3.06 -2.53
C LEU A 192 -9.67 4.48 -1.97
N VAL A 193 -9.38 5.44 -2.84
CA VAL A 193 -9.33 6.84 -2.44
C VAL A 193 -10.71 7.48 -2.47
N LYS A 194 -11.02 8.24 -1.43
CA LYS A 194 -12.32 8.91 -1.34
C LYS A 194 -12.31 10.22 -2.11
N ALA A 195 -13.20 10.33 -3.10
CA ALA A 195 -13.28 11.54 -3.91
C ALA A 195 -13.53 12.76 -3.05
N ASN A 12 21.63 24.31 26.82
CA ASN A 12 21.01 23.11 27.33
C ASN A 12 19.63 22.90 26.73
N SER A 13 19.32 21.66 26.37
CA SER A 13 18.03 21.32 25.78
C SER A 13 17.85 19.81 25.67
N LEU A 14 16.62 19.38 25.46
CA LEU A 14 16.31 17.96 25.34
C LEU A 14 14.86 17.74 24.92
N PHE A 15 14.62 16.67 24.17
CA PHE A 15 13.27 16.35 23.71
C PHE A 15 13.21 14.95 23.13
N GLY A 16 12.00 14.47 22.87
CA GLY A 16 11.83 13.13 22.32
C GLY A 16 10.39 12.66 22.38
N SER A 17 10.02 11.79 21.44
CA SER A 17 8.66 11.26 21.40
C SER A 17 8.63 9.92 20.67
N VAL A 18 7.42 9.38 20.48
CA VAL A 18 7.25 8.10 19.81
C VAL A 18 7.25 8.28 18.29
N GLU A 19 7.02 7.18 17.58
CA GLU A 19 7.00 7.21 16.13
C GLU A 19 5.78 6.45 15.59
N THR A 20 5.82 5.13 15.71
CA THR A 20 4.73 4.28 15.23
C THR A 20 3.39 4.76 15.78
N TRP A 21 2.32 4.31 15.16
CA TRP A 21 0.96 4.69 15.57
C TRP A 21 -0.04 3.59 15.25
N PRO A 22 -0.91 3.28 16.22
CA PRO A 22 -1.94 2.25 16.06
C PRO A 22 -3.03 2.66 15.08
N TRP A 23 -3.60 1.68 14.40
CA TRP A 23 -4.65 1.94 13.43
C TRP A 23 -6.03 1.59 14.00
N GLN A 24 -7.01 2.44 13.75
CA GLN A 24 -8.36 2.22 14.24
C GLN A 24 -9.38 2.29 13.10
N VAL A 25 -10.45 1.51 13.21
CA VAL A 25 -11.49 1.48 12.20
C VAL A 25 -12.61 2.45 12.53
N LEU A 26 -13.11 3.14 11.52
CA LEU A 26 -14.20 4.10 11.70
C LEU A 26 -15.56 3.43 11.56
N SER A 27 -15.66 2.50 10.62
CA SER A 27 -16.91 1.79 10.37
C SER A 27 -16.74 0.79 9.23
N THR A 28 -17.60 -0.23 9.22
CA THR A 28 -17.55 -1.26 8.20
C THR A 28 -18.94 -1.54 7.64
N GLY A 29 -18.99 -2.23 6.50
CA GLY A 29 -20.26 -2.55 5.88
C GLY A 29 -20.14 -2.82 4.40
N GLY A 30 -21.28 -2.86 3.70
CA GLY A 30 -21.26 -3.12 2.27
C GLY A 30 -22.24 -4.19 1.87
N LYS A 31 -22.27 -4.52 0.58
CA LYS A 31 -23.17 -5.54 0.06
C LYS A 31 -22.71 -6.93 0.48
N GLU A 32 -23.56 -7.93 0.24
CA GLU A 32 -23.24 -9.30 0.59
C GLU A 32 -22.07 -9.82 -0.24
N ASP A 33 -21.46 -10.91 0.23
CA ASP A 33 -20.32 -11.50 -0.48
C ASP A 33 -19.08 -10.64 -0.32
N VAL A 34 -19.09 -9.47 -0.94
CA VAL A 34 -17.96 -8.55 -0.88
C VAL A 34 -18.26 -7.37 0.04
N SER A 35 -17.55 -7.30 1.16
CA SER A 35 -17.75 -6.23 2.12
C SER A 35 -16.52 -5.32 2.19
N TYR A 36 -16.73 -4.07 2.58
CA TYR A 36 -15.64 -3.11 2.68
C TYR A 36 -15.50 -2.59 4.11
N GLU A 37 -14.30 -2.16 4.46
CA GLU A 37 -14.03 -1.63 5.79
C GLU A 37 -13.22 -0.35 5.72
N GLU A 38 -13.69 0.68 6.41
CA GLU A 38 -13.01 1.97 6.43
C GLU A 38 -12.09 2.09 7.64
N ARG A 39 -10.81 2.26 7.39
CA ARG A 39 -9.83 2.39 8.47
C ARG A 39 -9.09 3.73 8.38
N ALA A 40 -8.43 4.11 9.48
CA ALA A 40 -7.69 5.36 9.53
C ALA A 40 -6.20 5.11 9.43
N CYS A 41 -5.53 5.93 8.62
CA CYS A 41 -4.08 5.81 8.44
C CYS A 41 -3.34 6.05 9.75
N GLU A 42 -2.44 5.13 10.10
CA GLU A 42 -1.67 5.24 11.32
C GLU A 42 -0.89 6.55 11.36
N GLY A 43 -0.37 6.96 10.21
CA GLY A 43 0.39 8.20 10.13
C GLY A 43 1.87 7.97 10.32
N GLY A 44 2.29 6.71 10.31
CA GLY A 44 3.70 6.38 10.47
C GLY A 44 4.53 6.77 9.27
N LYS A 45 5.84 6.76 9.44
CA LYS A 45 6.75 7.11 8.35
C LYS A 45 7.07 5.88 7.50
N PHE A 46 6.99 6.04 6.19
CA PHE A 46 7.28 4.95 5.26
C PHE A 46 8.11 5.44 4.07
N ALA A 47 8.81 4.52 3.43
CA ALA A 47 9.63 4.86 2.27
C ALA A 47 8.92 4.53 0.97
N THR A 48 8.72 5.54 0.13
CA THR A 48 8.05 5.35 -1.15
C THR A 48 8.93 5.84 -2.31
N VAL A 49 8.67 5.31 -3.50
CA VAL A 49 9.43 5.71 -4.68
C VAL A 49 8.50 6.06 -5.84
N GLU A 50 8.71 7.24 -6.41
CA GLU A 50 7.90 7.70 -7.53
C GLU A 50 8.49 7.24 -8.87
N VAL A 51 7.65 6.61 -9.68
CA VAL A 51 8.08 6.11 -10.98
C VAL A 51 7.09 6.51 -12.07
N THR A 52 7.56 7.31 -13.03
CA THR A 52 6.71 7.75 -14.14
C THR A 52 7.32 7.38 -15.49
N ASP A 53 6.57 7.63 -16.55
CA ASP A 53 7.04 7.32 -17.90
C ASP A 53 7.21 5.82 -18.09
N LYS A 54 6.68 5.05 -17.15
CA LYS A 54 6.77 3.59 -17.21
C LYS A 54 5.48 2.94 -16.71
N PRO A 55 5.14 1.77 -17.29
CA PRO A 55 3.94 1.03 -16.91
C PRO A 55 4.04 0.43 -15.50
N VAL A 56 2.89 0.13 -14.92
CA VAL A 56 2.84 -0.45 -13.58
C VAL A 56 3.83 -1.61 -13.45
N ASP A 57 4.03 -2.34 -14.54
CA ASP A 57 4.94 -3.47 -14.55
C ASP A 57 6.38 -3.00 -14.40
N GLU A 58 6.74 -1.95 -15.14
CA GLU A 58 8.09 -1.41 -15.09
C GLU A 58 8.33 -0.66 -13.78
N ALA A 59 7.39 0.22 -13.44
CA ALA A 59 7.50 1.01 -12.21
C ALA A 59 7.64 0.10 -10.99
N LEU A 60 6.89 -1.00 -10.99
CA LEU A 60 6.94 -1.95 -9.88
C LEU A 60 8.26 -2.72 -9.88
N ARG A 61 8.61 -3.28 -11.03
CA ARG A 61 9.85 -4.04 -11.16
C ARG A 61 11.06 -3.17 -10.87
N GLU A 62 10.90 -1.86 -11.04
CA GLU A 62 11.98 -0.92 -10.80
C GLU A 62 12.07 -0.55 -9.31
N ALA A 63 10.92 -0.57 -8.64
CA ALA A 63 10.87 -0.26 -7.22
C ALA A 63 11.39 -1.40 -6.37
N MET A 64 11.19 -2.63 -6.86
CA MET A 64 11.65 -3.82 -6.14
C MET A 64 13.10 -3.67 -5.70
N PRO A 65 13.99 -3.45 -6.68
CA PRO A 65 15.43 -3.27 -6.42
C PRO A 65 15.74 -1.97 -5.71
N LYS A 66 14.93 -0.95 -5.97
CA LYS A 66 15.12 0.36 -5.35
C LYS A 66 14.86 0.28 -3.85
N ILE A 67 13.82 -0.44 -3.46
CA ILE A 67 13.47 -0.60 -2.05
C ILE A 67 14.39 -1.60 -1.36
N MET A 68 14.60 -2.74 -2.02
CA MET A 68 15.47 -3.78 -1.47
C MET A 68 16.84 -3.22 -1.12
N LYS A 69 17.24 -2.17 -1.84
CA LYS A 69 18.54 -1.55 -1.61
C LYS A 69 18.53 -0.71 -0.33
N TYR A 70 17.36 -0.19 0.02
CA TYR A 70 17.21 0.62 1.23
C TYR A 70 17.41 -0.23 2.49
N VAL A 71 16.56 -1.24 2.64
CA VAL A 71 16.64 -2.13 3.80
C VAL A 71 17.73 -3.18 3.61
N GLY A 72 18.15 -3.38 2.36
CA GLY A 72 19.19 -4.35 2.07
C GLY A 72 20.50 -4.02 2.76
N GLY A 73 20.73 -2.73 2.99
CA GLY A 73 21.96 -2.31 3.64
C GLY A 73 22.53 -1.05 3.01
N THR A 74 21.93 -0.61 1.92
CA THR A 74 22.40 0.58 1.22
C THR A 74 21.69 1.83 1.71
N ASN A 75 21.50 1.90 3.03
CA ASN A 75 20.83 3.05 3.64
C ASN A 75 21.85 4.03 4.21
N ASP A 76 21.36 5.15 4.73
CA ASP A 76 22.22 6.18 5.30
C ASP A 76 22.80 5.71 6.64
N LYS A 77 22.03 4.92 7.37
CA LYS A 77 22.46 4.40 8.67
C LYS A 77 23.41 3.22 8.49
N GLY A 78 23.45 2.68 7.27
CA GLY A 78 24.32 1.55 6.99
C GLY A 78 23.88 0.29 7.71
N VAL A 79 22.62 0.24 8.08
CA VAL A 79 22.07 -0.92 8.79
C VAL A 79 21.60 -1.99 7.81
N GLY A 80 21.92 -3.24 8.12
CA GLY A 80 21.52 -4.34 7.26
C GLY A 80 20.01 -4.48 7.14
N MET A 81 19.56 -5.65 6.70
CA MET A 81 18.12 -5.90 6.55
C MET A 81 17.58 -6.65 7.77
N GLY A 82 16.94 -5.92 8.67
CA GLY A 82 16.38 -6.54 9.86
C GLY A 82 14.88 -6.37 9.94
N MET A 83 14.27 -5.86 8.87
CA MET A 83 12.84 -5.66 8.83
C MET A 83 12.22 -6.36 7.62
N THR A 84 11.23 -7.21 7.87
CA THR A 84 10.56 -7.93 6.81
C THR A 84 9.05 -7.73 6.86
N VAL A 85 8.52 -7.06 5.84
CA VAL A 85 7.08 -6.80 5.76
C VAL A 85 6.61 -6.68 4.32
N PRO A 86 5.30 -6.82 4.11
CA PRO A 86 4.69 -6.74 2.77
C PRO A 86 4.73 -5.32 2.21
N VAL A 87 5.01 -5.21 0.91
CA VAL A 87 5.08 -3.92 0.26
C VAL A 87 3.92 -3.73 -0.72
N SER A 88 3.33 -2.54 -0.72
CA SER A 88 2.21 -2.25 -1.60
C SER A 88 2.54 -1.08 -2.52
N PHE A 89 1.72 -0.90 -3.55
CA PHE A 89 1.93 0.18 -4.52
C PHE A 89 0.59 0.72 -5.02
N ALA A 90 0.60 1.99 -5.45
CA ALA A 90 -0.61 2.63 -5.96
C ALA A 90 -0.66 2.58 -7.48
N VAL A 91 -1.82 2.24 -8.02
CA VAL A 91 -2.00 2.16 -9.46
C VAL A 91 -3.14 3.06 -9.92
N PHE A 92 -3.02 3.59 -11.14
CA PHE A 92 -4.04 4.47 -11.70
C PHE A 92 -4.64 3.87 -12.96
N PRO A 93 -5.81 3.23 -12.82
CA PRO A 93 -6.51 2.60 -13.94
C PRO A 93 -7.09 3.62 -14.92
N ASN A 94 -6.98 3.32 -16.21
CA ASN A 94 -7.49 4.21 -17.24
C ASN A 94 -8.84 3.73 -17.76
N GLU A 95 -9.41 4.49 -18.70
CA GLU A 95 -10.70 4.13 -19.28
C GLU A 95 -10.59 2.85 -20.10
N ASP A 96 -9.39 2.57 -20.59
CA ASP A 96 -9.16 1.38 -21.40
C ASP A 96 -9.03 0.15 -20.51
N GLY A 97 -9.06 0.35 -19.20
CA GLY A 97 -8.94 -0.76 -18.27
C GLY A 97 -7.51 -1.22 -18.08
N SER A 98 -6.56 -0.45 -18.61
CA SER A 98 -5.15 -0.78 -18.51
C SER A 98 -4.41 0.21 -17.62
N LEU A 99 -3.68 -0.31 -16.64
CA LEU A 99 -2.93 0.53 -15.72
C LEU A 99 -1.65 1.04 -16.37
N GLN A 100 -1.70 2.26 -16.91
CA GLN A 100 -0.55 2.87 -17.56
C GLN A 100 -0.55 4.38 -17.37
N LYS A 101 0.44 4.87 -16.62
CA LYS A 101 0.56 6.29 -16.36
C LYS A 101 1.59 6.57 -15.26
N LYS A 102 1.20 6.33 -14.02
CA LYS A 102 2.10 6.54 -12.89
C LYS A 102 1.85 5.50 -11.80
N LEU A 103 2.90 5.15 -11.07
CA LEU A 103 2.79 4.17 -9.99
C LEU A 103 3.69 4.55 -8.82
N LYS A 104 3.10 4.66 -7.63
CA LYS A 104 3.84 5.01 -6.43
C LYS A 104 3.93 3.82 -5.48
N VAL A 105 5.15 3.33 -5.27
CA VAL A 105 5.37 2.20 -4.37
C VAL A 105 5.57 2.66 -2.94
N TRP A 106 4.98 1.92 -2.00
CA TRP A 106 5.10 2.26 -0.58
C TRP A 106 5.68 1.10 0.21
N PHE A 107 6.72 1.37 0.98
CA PHE A 107 7.37 0.33 1.79
C PHE A 107 7.00 0.49 3.26
N ARG A 108 6.27 -0.48 3.80
CA ARG A 108 5.85 -0.44 5.19
C ARG A 108 7.02 -0.81 6.12
N ILE A 109 7.14 -0.08 7.22
CA ILE A 109 8.21 -0.33 8.18
C ILE A 109 7.64 -0.82 9.51
N PRO A 110 8.27 -1.86 10.08
CA PRO A 110 7.85 -2.44 11.35
C PRO A 110 8.13 -1.51 12.53
N ASN A 111 7.29 -1.59 13.56
CA ASN A 111 7.44 -0.77 14.75
C ASN A 111 8.87 -0.85 15.29
N GLN A 112 9.49 -2.01 15.10
CA GLN A 112 10.87 -2.22 15.58
C GLN A 112 11.81 -1.19 14.97
N PHE A 113 11.54 -0.80 13.73
CA PHE A 113 12.37 0.17 13.04
C PHE A 113 11.72 1.56 13.07
N GLN A 114 10.39 1.59 13.10
CA GLN A 114 9.66 2.84 13.13
C GLN A 114 10.16 3.75 14.26
N GLY A 115 10.55 3.12 15.38
CA GLY A 115 11.05 3.88 16.50
C GLY A 115 12.22 4.76 16.14
N SER A 116 12.92 4.40 15.06
CA SER A 116 14.08 5.17 14.62
C SER A 116 14.69 4.54 13.36
N PRO A 117 13.98 4.67 12.23
CA PRO A 117 14.43 4.12 10.95
C PRO A 117 15.64 4.87 10.39
N PRO A 118 16.38 4.21 9.48
CA PRO A 118 17.57 4.79 8.86
C PRO A 118 17.22 5.93 7.90
N ALA A 119 18.18 6.81 7.65
CA ALA A 119 17.96 7.93 6.74
C ALA A 119 18.11 7.49 5.29
N PRO A 120 17.46 8.25 4.38
CA PRO A 120 17.50 7.95 2.95
C PRO A 120 18.86 8.21 2.33
N SER A 121 19.62 7.14 2.10
CA SER A 121 20.96 7.26 1.52
C SER A 121 20.89 7.78 0.09
N ASP A 122 19.76 7.54 -0.57
CA ASP A 122 19.56 7.98 -1.94
C ASP A 122 18.35 8.91 -2.04
N GLU A 123 18.33 9.72 -3.09
CA GLU A 123 17.23 10.66 -3.30
C GLU A 123 16.01 9.95 -3.86
N SER A 124 16.24 8.80 -4.49
CA SER A 124 15.16 8.02 -5.09
C SER A 124 14.23 7.48 -4.01
N VAL A 125 14.81 7.09 -2.88
CA VAL A 125 14.04 6.55 -1.77
C VAL A 125 14.07 7.49 -0.56
N LYS A 126 12.91 8.01 -0.19
CA LYS A 126 12.81 8.92 0.95
C LYS A 126 11.73 8.45 1.92
N ILE A 127 11.96 8.67 3.21
CA ILE A 127 11.02 8.28 4.25
C ILE A 127 10.06 9.41 4.57
N GLU A 128 8.78 9.23 4.23
CA GLU A 128 7.76 10.23 4.49
C GLU A 128 6.55 9.61 5.18
N GLU A 129 5.86 10.42 5.98
CA GLU A 129 4.68 9.96 6.70
C GLU A 129 3.41 10.49 6.06
N ARG A 130 2.34 9.71 6.12
CA ARG A 130 1.07 10.10 5.54
C ARG A 130 -0.08 9.79 6.50
N GLU A 131 -0.85 10.82 6.85
CA GLU A 131 -1.98 10.65 7.76
C GLU A 131 -3.13 11.56 7.37
N GLY A 132 -4.33 11.23 7.83
CA GLY A 132 -5.51 12.02 7.51
C GLY A 132 -6.24 11.50 6.29
N ILE A 133 -5.98 10.26 5.92
CA ILE A 133 -6.61 9.65 4.76
C ILE A 133 -7.38 8.39 5.15
N THR A 134 -8.49 8.14 4.47
CA THR A 134 -9.31 6.97 4.74
C THR A 134 -9.44 6.09 3.50
N VAL A 135 -9.23 4.80 3.68
CA VAL A 135 -9.34 3.84 2.58
C VAL A 135 -10.33 2.73 2.89
N TYR A 136 -10.71 1.97 1.88
CA TYR A 136 -11.64 0.87 2.05
C TYR A 136 -10.98 -0.47 1.75
N SER A 137 -11.03 -1.38 2.72
CA SER A 137 -10.42 -2.69 2.56
C SER A 137 -11.48 -3.74 2.28
N THR A 138 -11.23 -4.57 1.26
CA THR A 138 -12.17 -5.62 0.88
C THR A 138 -11.46 -6.95 0.70
N GLN A 139 -11.92 -7.97 1.43
CA GLN A 139 -11.32 -9.30 1.35
C GLN A 139 -12.28 -10.28 0.69
N PHE A 140 -11.73 -11.16 -0.15
CA PHE A 140 -12.53 -12.16 -0.84
C PHE A 140 -11.77 -13.47 -0.98
N GLY A 141 -12.29 -14.52 -0.35
CA GLY A 141 -11.65 -15.82 -0.41
C GLY A 141 -11.84 -16.49 -1.75
N GLY A 142 -11.00 -17.49 -2.05
CA GLY A 142 -11.10 -18.20 -3.31
C GLY A 142 -9.95 -17.89 -4.25
N TYR A 143 -9.84 -18.67 -5.31
CA TYR A 143 -8.77 -18.47 -6.29
C TYR A 143 -8.97 -17.18 -7.06
N ALA A 144 -8.08 -16.21 -6.82
CA ALA A 144 -8.15 -14.92 -7.49
C ALA A 144 -6.85 -14.61 -8.22
N LYS A 145 -6.98 -14.19 -9.48
CA LYS A 145 -5.81 -13.85 -10.29
C LYS A 145 -5.56 -12.35 -10.30
N GLU A 146 -4.50 -11.93 -10.98
CA GLU A 146 -4.16 -10.52 -11.08
C GLU A 146 -5.36 -9.69 -11.55
N ALA A 147 -6.24 -10.33 -12.32
CA ALA A 147 -7.42 -9.66 -12.83
C ALA A 147 -8.43 -9.39 -11.72
N ASP A 148 -8.49 -10.29 -10.75
CA ASP A 148 -9.40 -10.15 -9.63
C ASP A 148 -9.19 -8.82 -8.91
N TYR A 149 -7.93 -8.45 -8.73
CA TYR A 149 -7.59 -7.20 -8.06
C TYR A 149 -8.17 -6.00 -8.81
N VAL A 150 -8.23 -6.11 -10.12
CA VAL A 150 -8.77 -5.04 -10.96
C VAL A 150 -10.29 -4.99 -10.87
N ALA A 151 -10.93 -6.13 -11.08
CA ALA A 151 -12.38 -6.21 -11.01
C ALA A 151 -12.89 -5.86 -9.62
N HIS A 152 -12.26 -6.41 -8.59
CA HIS A 152 -12.65 -6.15 -7.22
C HIS A 152 -12.47 -4.66 -6.88
N ALA A 153 -11.44 -4.05 -7.46
CA ALA A 153 -11.16 -2.65 -7.22
C ALA A 153 -12.34 -1.77 -7.61
N THR A 154 -12.89 -2.02 -8.80
CA THR A 154 -14.04 -1.26 -9.29
C THR A 154 -15.33 -1.71 -8.62
N GLN A 155 -15.40 -3.01 -8.31
CA GLN A 155 -16.59 -3.57 -7.68
C GLN A 155 -16.95 -2.80 -6.42
N LEU A 156 -15.94 -2.28 -5.73
CA LEU A 156 -16.15 -1.52 -4.51
C LEU A 156 -16.90 -0.22 -4.79
N ARG A 157 -16.70 0.31 -6.00
CA ARG A 157 -17.35 1.56 -6.39
C ARG A 157 -18.86 1.42 -6.33
N THR A 158 -19.39 0.40 -7.00
CA THR A 158 -20.83 0.16 -7.02
C THR A 158 -21.31 -0.38 -5.68
N THR A 159 -20.47 -1.19 -5.03
CA THR A 159 -20.81 -1.77 -3.75
C THR A 159 -20.94 -0.70 -2.66
N LEU A 160 -20.13 0.35 -2.79
CA LEU A 160 -20.16 1.45 -1.82
C LEU A 160 -21.27 2.44 -2.16
N GLU A 161 -22.07 2.10 -3.16
CA GLU A 161 -23.18 2.96 -3.57
C GLU A 161 -24.05 3.33 -2.39
N GLY A 162 -24.74 4.46 -2.48
CA GLY A 162 -25.60 4.90 -1.40
C GLY A 162 -24.84 5.55 -0.28
N THR A 163 -23.53 5.76 -0.48
CA THR A 163 -22.69 6.37 0.54
C THR A 163 -21.97 7.60 -0.03
N PRO A 164 -21.63 8.53 0.87
CA PRO A 164 -20.92 9.77 0.50
C PRO A 164 -19.48 9.51 0.06
N ALA A 165 -19.04 8.27 0.24
CA ALA A 165 -17.67 7.90 -0.13
C ALA A 165 -17.36 8.31 -1.56
N THR A 166 -16.21 8.95 -1.74
CA THR A 166 -15.79 9.40 -3.07
C THR A 166 -14.47 8.76 -3.48
N TYR A 167 -14.10 8.95 -4.74
CA TYR A 167 -12.85 8.38 -5.25
C TYR A 167 -12.20 9.34 -6.26
N GLN A 168 -10.90 9.14 -6.48
CA GLN A 168 -10.15 9.99 -7.40
C GLN A 168 -9.43 9.14 -8.45
N GLY A 169 -9.90 9.22 -9.69
CA GLY A 169 -9.29 8.45 -10.77
C GLY A 169 -9.53 6.97 -10.62
N ASP A 170 -10.38 6.60 -9.67
CA ASP A 170 -10.69 5.20 -9.43
C ASP A 170 -9.42 4.38 -9.16
N VAL A 171 -8.43 5.04 -8.55
CA VAL A 171 -7.17 4.38 -8.24
C VAL A 171 -7.32 3.45 -7.04
N TYR A 172 -6.41 2.49 -6.93
CA TYR A 172 -6.44 1.53 -5.82
C TYR A 172 -5.02 1.12 -5.42
N TYR A 173 -4.92 0.45 -4.28
CA TYR A 173 -3.63 0.01 -3.77
C TYR A 173 -3.54 -1.52 -3.76
N CYS A 174 -2.37 -2.03 -4.10
CA CYS A 174 -2.15 -3.49 -4.13
C CYS A 174 -1.13 -3.91 -3.08
N ALA A 175 -1.55 -4.76 -2.16
CA ALA A 175 -0.68 -5.24 -1.09
C ALA A 175 -0.36 -6.72 -1.27
N GLY A 176 0.91 -7.08 -1.10
CA GLY A 176 1.32 -8.45 -1.25
C GLY A 176 2.75 -8.69 -0.78
N TYR A 177 2.99 -9.83 -0.14
CA TYR A 177 4.31 -10.16 0.35
C TYR A 177 5.34 -10.15 -0.78
N ASP A 178 5.15 -11.04 -1.74
CA ASP A 178 6.05 -11.13 -2.89
C ASP A 178 5.35 -11.74 -4.10
N PRO A 179 5.92 -11.51 -5.29
CA PRO A 179 5.36 -12.04 -6.54
C PRO A 179 5.49 -13.54 -6.65
N PRO A 180 4.34 -14.24 -6.61
CA PRO A 180 4.30 -15.71 -6.71
C PRO A 180 4.67 -16.20 -8.10
N MET A 181 5.56 -17.18 -8.15
CA MET A 181 5.99 -17.75 -9.43
C MET A 181 4.81 -18.31 -10.21
N LYS A 182 3.74 -18.63 -9.49
CA LYS A 182 2.53 -19.17 -10.12
C LYS A 182 1.34 -18.27 -9.86
N PRO A 183 0.28 -18.43 -10.68
CA PRO A 183 -0.94 -17.63 -10.57
C PRO A 183 -1.74 -17.98 -9.32
N TYR A 184 -1.42 -19.11 -8.70
CA TYR A 184 -2.10 -19.57 -7.50
C TYR A 184 -2.17 -18.45 -6.46
N GLY A 185 -3.38 -18.18 -5.98
CA GLY A 185 -3.55 -17.14 -4.98
C GLY A 185 -4.90 -17.23 -4.29
N ARG A 186 -4.89 -17.62 -3.02
CA ARG A 186 -6.12 -17.74 -2.26
C ARG A 186 -6.38 -16.48 -1.43
N ARG A 187 -5.31 -15.76 -1.11
CA ARG A 187 -5.42 -14.54 -0.33
C ARG A 187 -5.30 -13.30 -1.23
N ASN A 188 -6.23 -12.37 -1.06
CA ASN A 188 -6.24 -11.15 -1.85
C ASN A 188 -6.67 -9.95 -1.01
N GLU A 189 -6.14 -8.78 -1.34
CA GLU A 189 -6.47 -7.55 -0.61
C GLU A 189 -6.48 -6.35 -1.54
N VAL A 190 -7.53 -5.54 -1.45
CA VAL A 190 -7.66 -4.35 -2.28
C VAL A 190 -7.95 -3.12 -1.44
N TRP A 191 -7.07 -2.13 -1.49
CA TRP A 191 -7.24 -0.91 -0.73
C TRP A 191 -7.71 0.24 -1.63
N LEU A 192 -8.87 0.80 -1.30
CA LEU A 192 -9.43 1.89 -2.09
C LEU A 192 -9.35 3.21 -1.32
N VAL A 193 -8.52 4.12 -1.82
CA VAL A 193 -8.35 5.43 -1.19
C VAL A 193 -9.45 6.40 -1.60
N LYS A 194 -10.28 6.80 -0.65
CA LYS A 194 -11.37 7.72 -0.91
C LYS A 194 -10.83 9.09 -1.31
N ALA A 195 -11.46 9.70 -2.33
CA ALA A 195 -11.05 11.01 -2.81
C ALA A 195 -11.09 12.05 -1.68
N ASN A 12 17.79 19.28 33.70
CA ASN A 12 16.36 19.61 33.59
C ASN A 12 15.97 19.85 32.14
N SER A 13 15.32 18.86 31.54
CA SER A 13 14.89 18.96 30.16
C SER A 13 14.15 17.70 29.72
N LEU A 14 13.33 17.83 28.68
CA LEU A 14 12.55 16.70 28.17
C LEU A 14 12.07 16.97 26.75
N PHE A 15 11.81 15.90 26.01
CA PHE A 15 11.34 16.02 24.63
C PHE A 15 10.94 14.66 24.06
N GLY A 16 10.08 14.68 23.06
CA GLY A 16 9.64 13.44 22.44
C GLY A 16 9.28 13.62 20.98
N SER A 17 9.04 12.50 20.30
CA SER A 17 8.68 12.53 18.89
C SER A 17 7.72 11.39 18.54
N VAL A 18 7.36 11.31 17.26
CA VAL A 18 6.45 10.26 16.80
C VAL A 18 7.17 9.22 15.97
N GLU A 19 6.89 7.95 16.26
CA GLU A 19 7.53 6.85 15.54
C GLU A 19 6.49 6.00 14.81
N THR A 20 5.45 5.61 15.53
CA THR A 20 4.38 4.79 14.95
C THR A 20 3.01 5.21 15.49
N TRP A 21 1.96 4.62 14.94
CA TRP A 21 0.60 4.93 15.36
C TRP A 21 -0.37 3.83 14.94
N PRO A 22 -1.24 3.42 15.87
CA PRO A 22 -2.23 2.37 15.61
C PRO A 22 -3.33 2.84 14.65
N TRP A 23 -3.86 1.90 13.88
CA TRP A 23 -4.92 2.21 12.91
C TRP A 23 -6.28 1.78 13.45
N GLN A 24 -7.23 2.70 13.43
CA GLN A 24 -8.58 2.43 13.91
C GLN A 24 -9.56 2.31 12.74
N VAL A 25 -10.56 1.43 12.91
CA VAL A 25 -11.56 1.23 11.86
C VAL A 25 -12.77 2.12 12.09
N LEU A 26 -13.33 2.63 11.01
CA LEU A 26 -14.50 3.51 11.08
C LEU A 26 -15.79 2.69 11.03
N SER A 27 -15.80 1.66 10.19
CA SER A 27 -16.97 0.80 10.04
C SER A 27 -16.73 -0.27 8.99
N THR A 28 -17.43 -1.39 9.12
CA THR A 28 -17.29 -2.49 8.17
C THR A 28 -18.65 -3.02 7.74
N GLY A 29 -18.66 -3.81 6.67
CA GLY A 29 -19.91 -4.37 6.17
C GLY A 29 -20.03 -4.25 4.66
N GLY A 30 -21.26 -4.35 4.17
CA GLY A 30 -21.48 -4.26 2.73
C GLY A 30 -22.29 -5.42 2.20
N LYS A 31 -22.27 -5.60 0.88
CA LYS A 31 -23.01 -6.68 0.24
C LYS A 31 -22.35 -8.03 0.52
N GLU A 32 -23.05 -9.11 0.19
CA GLU A 32 -22.54 -10.46 0.39
C GLU A 32 -21.34 -10.73 -0.50
N ASP A 33 -20.55 -11.72 -0.13
CA ASP A 33 -19.37 -12.09 -0.91
C ASP A 33 -18.25 -11.05 -0.72
N VAL A 34 -18.50 -9.84 -1.19
CA VAL A 34 -17.52 -8.76 -1.07
C VAL A 34 -17.93 -7.77 0.01
N SER A 35 -17.02 -7.51 0.94
CA SER A 35 -17.29 -6.58 2.04
C SER A 35 -16.25 -5.45 2.04
N TYR A 36 -16.64 -4.30 2.60
CA TYR A 36 -15.76 -3.15 2.66
C TYR A 36 -15.50 -2.76 4.11
N GLU A 37 -14.42 -2.00 4.32
CA GLU A 37 -14.05 -1.56 5.66
C GLU A 37 -13.23 -0.26 5.59
N GLU A 38 -13.64 0.73 6.38
CA GLU A 38 -12.95 2.01 6.42
C GLU A 38 -11.92 2.04 7.55
N ARG A 39 -10.76 2.62 7.27
CA ARG A 39 -9.70 2.71 8.27
C ARG A 39 -8.98 4.06 8.16
N ALA A 40 -8.24 4.40 9.21
CA ALA A 40 -7.51 5.67 9.24
C ALA A 40 -6.00 5.42 9.11
N CYS A 41 -5.35 6.23 8.28
CA CYS A 41 -3.91 6.11 8.07
C CYS A 41 -3.15 6.37 9.36
N GLU A 42 -2.32 5.42 9.77
CA GLU A 42 -1.54 5.55 10.98
C GLU A 42 -0.78 6.88 11.01
N GLY A 43 -0.24 7.25 9.85
CA GLY A 43 0.51 8.49 9.75
C GLY A 43 1.99 8.30 10.02
N GLY A 44 2.42 7.05 10.09
CA GLY A 44 3.83 6.76 10.35
C GLY A 44 4.71 7.09 9.17
N LYS A 45 6.02 7.10 9.40
CA LYS A 45 6.98 7.39 8.34
C LYS A 45 7.32 6.13 7.55
N PHE A 46 7.03 6.16 6.25
CA PHE A 46 7.31 5.02 5.39
C PHE A 46 8.14 5.44 4.19
N ALA A 47 8.79 4.47 3.55
CA ALA A 47 9.61 4.75 2.38
C ALA A 47 8.88 4.41 1.09
N THR A 48 8.83 5.36 0.17
CA THR A 48 8.15 5.17 -1.10
C THR A 48 9.01 5.68 -2.27
N VAL A 49 8.74 5.14 -3.45
CA VAL A 49 9.48 5.55 -4.65
C VAL A 49 8.54 5.94 -5.78
N GLU A 50 8.92 6.98 -6.53
CA GLU A 50 8.11 7.46 -7.64
C GLU A 50 8.69 7.00 -8.97
N VAL A 51 7.85 6.36 -9.78
CA VAL A 51 8.27 5.88 -11.10
C VAL A 51 7.27 6.26 -12.18
N THR A 52 7.73 7.04 -13.14
CA THR A 52 6.87 7.49 -14.24
C THR A 52 7.46 7.11 -15.59
N ASP A 53 6.71 7.34 -16.65
CA ASP A 53 7.16 7.02 -18.00
C ASP A 53 7.36 5.52 -18.18
N LYS A 54 6.84 4.75 -17.22
CA LYS A 54 6.96 3.29 -17.27
C LYS A 54 5.68 2.62 -16.79
N PRO A 55 5.38 1.44 -17.36
CA PRO A 55 4.18 0.67 -17.00
C PRO A 55 4.27 0.09 -15.59
N VAL A 56 3.11 -0.22 -15.01
CA VAL A 56 3.05 -0.79 -13.68
C VAL A 56 4.05 -1.94 -13.52
N ASP A 57 4.26 -2.68 -14.60
CA ASP A 57 5.19 -3.80 -14.59
C ASP A 57 6.63 -3.31 -14.42
N GLU A 58 6.97 -2.25 -15.14
CA GLU A 58 8.32 -1.69 -15.08
C GLU A 58 8.53 -0.94 -13.77
N ALA A 59 7.60 -0.05 -13.45
CA ALA A 59 7.68 0.74 -12.22
C ALA A 59 7.78 -0.17 -11.00
N LEU A 60 7.06 -1.28 -11.03
CA LEU A 60 7.06 -2.23 -9.92
C LEU A 60 8.39 -2.99 -9.86
N ARG A 61 8.81 -3.51 -11.00
CA ARG A 61 10.06 -4.26 -11.08
C ARG A 61 11.25 -3.38 -10.73
N GLU A 62 11.07 -2.07 -10.85
CA GLU A 62 12.12 -1.10 -10.54
C GLU A 62 12.16 -0.80 -9.05
N ALA A 63 10.98 -0.69 -8.45
CA ALA A 63 10.88 -0.40 -7.02
C ALA A 63 11.20 -1.63 -6.18
N MET A 64 10.89 -2.81 -6.73
CA MET A 64 11.14 -4.06 -6.03
C MET A 64 12.55 -4.06 -5.42
N PRO A 65 13.56 -3.90 -6.28
CA PRO A 65 14.97 -3.88 -5.86
C PRO A 65 15.31 -2.64 -5.06
N LYS A 66 14.67 -1.52 -5.41
CA LYS A 66 14.91 -0.26 -4.71
C LYS A 66 14.55 -0.37 -3.24
N ILE A 67 13.44 -1.04 -2.96
CA ILE A 67 12.98 -1.22 -1.58
C ILE A 67 13.78 -2.31 -0.87
N MET A 68 14.22 -3.31 -1.63
CA MET A 68 14.99 -4.40 -1.07
C MET A 68 16.39 -3.94 -0.69
N LYS A 69 17.08 -3.30 -1.63
CA LYS A 69 18.43 -2.80 -1.39
C LYS A 69 18.45 -1.84 -0.21
N TYR A 70 17.33 -1.19 0.04
CA TYR A 70 17.22 -0.25 1.15
C TYR A 70 17.43 -0.95 2.49
N VAL A 71 16.57 -1.92 2.78
CA VAL A 71 16.66 -2.68 4.03
C VAL A 71 17.80 -3.68 3.98
N GLY A 72 18.27 -3.99 2.77
CA GLY A 72 19.36 -4.92 2.61
C GLY A 72 20.64 -4.44 3.28
N GLY A 73 20.70 -3.15 3.58
CA GLY A 73 21.88 -2.58 4.21
C GLY A 73 22.46 -1.42 3.42
N THR A 74 21.76 -1.01 2.37
CA THR A 74 22.22 0.09 1.53
C THR A 74 21.57 1.40 1.95
N ASN A 75 21.37 1.55 3.26
CA ASN A 75 20.76 2.77 3.80
C ASN A 75 21.77 3.90 3.85
N ASP A 76 21.31 5.09 4.26
CA ASP A 76 22.18 6.25 4.36
C ASP A 76 23.20 6.08 5.48
N LYS A 77 22.85 5.26 6.46
CA LYS A 77 23.74 5.01 7.60
C LYS A 77 24.43 3.65 7.46
N GLY A 78 23.94 2.83 6.53
CA GLY A 78 24.52 1.52 6.31
C GLY A 78 24.17 0.55 7.41
N VAL A 79 22.94 0.65 7.92
CA VAL A 79 22.49 -0.24 8.98
C VAL A 79 21.68 -1.41 8.43
N GLY A 80 21.93 -2.60 8.95
CA GLY A 80 21.22 -3.78 8.50
C GLY A 80 20.07 -4.15 9.41
N MET A 81 20.39 -4.70 10.57
CA MET A 81 19.39 -5.10 11.54
C MET A 81 18.60 -6.31 11.03
N GLY A 82 17.69 -6.07 10.08
CA GLY A 82 16.90 -7.15 9.53
C GLY A 82 15.43 -7.03 9.89
N MET A 83 14.63 -6.57 8.94
CA MET A 83 13.20 -6.42 9.16
C MET A 83 12.39 -7.03 8.02
N THR A 84 11.25 -7.62 8.35
CA THR A 84 10.39 -8.25 7.36
C THR A 84 8.98 -7.66 7.40
N VAL A 85 8.57 -7.03 6.29
CA VAL A 85 7.25 -6.44 6.21
C VAL A 85 6.73 -6.46 4.77
N PRO A 86 5.40 -6.45 4.62
CA PRO A 86 4.74 -6.47 3.31
C PRO A 86 4.95 -5.17 2.54
N VAL A 87 5.13 -5.28 1.23
CA VAL A 87 5.34 -4.12 0.38
C VAL A 87 4.14 -3.89 -0.55
N SER A 88 3.56 -2.70 -0.47
CA SER A 88 2.40 -2.37 -1.30
C SER A 88 2.75 -1.24 -2.27
N PHE A 89 1.91 -1.08 -3.29
CA PHE A 89 2.13 -0.04 -4.30
C PHE A 89 0.80 0.51 -4.79
N ALA A 90 0.82 1.75 -5.27
CA ALA A 90 -0.38 2.41 -5.77
C ALA A 90 -0.51 2.23 -7.28
N VAL A 91 -1.73 2.32 -7.79
CA VAL A 91 -1.98 2.17 -9.22
C VAL A 91 -3.12 3.09 -9.67
N PHE A 92 -3.07 3.52 -10.92
CA PHE A 92 -4.09 4.39 -11.48
C PHE A 92 -4.73 3.77 -12.71
N PRO A 93 -5.91 3.15 -12.53
CA PRO A 93 -6.65 2.50 -13.61
C PRO A 93 -7.22 3.51 -14.61
N ASN A 94 -7.47 3.05 -15.83
CA ASN A 94 -8.01 3.90 -16.87
C ASN A 94 -9.36 3.38 -17.36
N GLU A 95 -9.98 4.13 -18.27
CA GLU A 95 -11.28 3.75 -18.81
C GLU A 95 -11.15 2.47 -19.64
N ASP A 96 -9.99 2.26 -20.23
CA ASP A 96 -9.75 1.08 -21.05
C ASP A 96 -9.38 -0.12 -20.18
N GLY A 97 -9.24 0.12 -18.87
CA GLY A 97 -8.89 -0.95 -17.96
C GLY A 97 -7.40 -1.26 -17.97
N SER A 98 -6.63 -0.40 -18.63
CA SER A 98 -5.19 -0.59 -18.71
C SER A 98 -4.45 0.41 -17.82
N LEU A 99 -3.91 -0.08 -16.71
CA LEU A 99 -3.18 0.76 -15.78
C LEU A 99 -1.98 1.42 -16.46
N GLN A 100 -2.14 2.69 -16.83
CA GLN A 100 -1.07 3.42 -17.49
C GLN A 100 -1.11 4.90 -17.11
N LYS A 101 -0.09 5.36 -16.40
CA LYS A 101 -0.01 6.75 -15.98
C LYS A 101 1.15 6.96 -15.01
N LYS A 102 1.07 6.32 -13.85
CA LYS A 102 2.10 6.43 -12.83
C LYS A 102 1.94 5.35 -11.77
N LEU A 103 3.04 5.03 -11.08
CA LEU A 103 3.02 4.01 -10.04
C LEU A 103 3.92 4.40 -8.88
N LYS A 104 3.36 4.44 -7.68
CA LYS A 104 4.13 4.80 -6.49
C LYS A 104 4.12 3.65 -5.48
N VAL A 105 5.30 3.09 -5.23
CA VAL A 105 5.43 1.98 -4.28
C VAL A 105 5.63 2.51 -2.86
N TRP A 106 4.98 1.86 -1.90
CA TRP A 106 5.09 2.26 -0.51
C TRP A 106 5.50 1.08 0.37
N PHE A 107 6.56 1.26 1.14
CA PHE A 107 7.06 0.21 2.02
C PHE A 107 6.70 0.50 3.47
N ARG A 108 5.82 -0.32 4.03
CA ARG A 108 5.39 -0.15 5.42
C ARG A 108 6.46 -0.62 6.39
N ILE A 109 7.04 0.33 7.12
CA ILE A 109 8.09 0.02 8.08
C ILE A 109 7.49 -0.51 9.38
N PRO A 110 8.09 -1.60 9.90
CA PRO A 110 7.65 -2.23 11.15
C PRO A 110 7.94 -1.37 12.37
N ASN A 111 7.13 -1.54 13.41
CA ASN A 111 7.30 -0.77 14.64
C ASN A 111 8.74 -0.86 15.14
N GLN A 112 9.37 -2.01 14.89
CA GLN A 112 10.75 -2.23 15.31
C GLN A 112 11.68 -1.18 14.72
N PHE A 113 11.37 -0.74 13.50
CA PHE A 113 12.17 0.27 12.82
C PHE A 113 11.55 1.65 12.95
N GLN A 114 10.23 1.68 13.08
CA GLN A 114 9.49 2.93 13.20
C GLN A 114 10.09 3.79 14.31
N GLY A 115 10.61 3.15 15.35
CA GLY A 115 11.21 3.86 16.46
C GLY A 115 12.31 4.80 16.02
N SER A 116 12.97 4.46 14.92
CA SER A 116 14.07 5.26 14.39
C SER A 116 14.65 4.64 13.13
N PRO A 117 13.92 4.77 12.01
CA PRO A 117 14.35 4.22 10.73
C PRO A 117 15.55 4.97 10.14
N PRO A 118 16.34 4.26 9.31
CA PRO A 118 17.52 4.85 8.67
C PRO A 118 17.17 5.88 7.63
N ALA A 119 18.11 6.77 7.33
CA ALA A 119 17.90 7.82 6.34
C ALA A 119 17.99 7.26 4.92
N PRO A 120 17.33 7.95 3.97
CA PRO A 120 17.32 7.53 2.57
C PRO A 120 18.67 7.72 1.90
N SER A 121 19.42 6.63 1.78
CA SER A 121 20.74 6.67 1.16
C SER A 121 20.68 7.34 -0.21
N ASP A 122 19.75 6.87 -1.03
CA ASP A 122 19.57 7.42 -2.38
C ASP A 122 18.40 8.39 -2.43
N GLU A 123 18.23 9.07 -3.55
CA GLU A 123 17.15 10.03 -3.73
C GLU A 123 15.89 9.34 -4.23
N SER A 124 16.07 8.21 -4.92
CA SER A 124 14.94 7.46 -5.45
C SER A 124 13.98 7.04 -4.34
N VAL A 125 14.54 6.58 -3.22
CA VAL A 125 13.74 6.14 -2.09
C VAL A 125 13.87 7.13 -0.93
N LYS A 126 12.75 7.74 -0.56
CA LYS A 126 12.72 8.71 0.54
C LYS A 126 11.71 8.31 1.60
N ILE A 127 11.96 8.69 2.84
CA ILE A 127 11.07 8.37 3.94
C ILE A 127 10.09 9.52 4.20
N GLU A 128 8.81 9.26 3.93
CA GLU A 128 7.78 10.27 4.14
C GLU A 128 6.54 9.65 4.79
N GLU A 129 5.91 10.40 5.68
CA GLU A 129 4.71 9.92 6.37
C GLU A 129 3.45 10.50 5.72
N ARG A 130 2.39 9.70 5.69
CA ARG A 130 1.13 10.11 5.11
C ARG A 130 -0.02 9.90 6.08
N GLU A 131 -0.74 10.97 6.38
CA GLU A 131 -1.87 10.91 7.30
C GLU A 131 -3.00 11.84 6.86
N GLY A 132 -4.22 11.55 7.31
CA GLY A 132 -5.36 12.37 6.95
C GLY A 132 -6.08 11.85 5.72
N ILE A 133 -5.86 10.58 5.41
CA ILE A 133 -6.50 9.96 4.25
C ILE A 133 -7.32 8.74 4.66
N THR A 134 -8.39 8.46 3.92
CA THR A 134 -9.25 7.33 4.21
C THR A 134 -9.09 6.24 3.15
N VAL A 135 -8.98 5.00 3.61
CA VAL A 135 -8.81 3.87 2.71
C VAL A 135 -9.88 2.81 2.96
N TYR A 136 -10.31 2.13 1.91
CA TYR A 136 -11.32 1.09 2.02
C TYR A 136 -10.75 -0.27 1.66
N SER A 137 -10.85 -1.22 2.59
CA SER A 137 -10.34 -2.56 2.37
C SER A 137 -11.46 -3.50 1.92
N THR A 138 -11.22 -4.22 0.83
CA THR A 138 -12.22 -5.15 0.30
C THR A 138 -11.56 -6.47 -0.12
N GLN A 139 -12.22 -7.58 0.17
CA GLN A 139 -11.70 -8.89 -0.17
C GLN A 139 -12.58 -9.55 -1.24
N PHE A 140 -11.98 -10.49 -1.98
CA PHE A 140 -12.71 -11.19 -3.03
C PHE A 140 -12.31 -12.67 -3.07
N GLY A 141 -13.24 -13.54 -2.70
CA GLY A 141 -12.97 -14.96 -2.70
C GLY A 141 -11.52 -15.27 -2.39
N GLY A 142 -10.95 -16.24 -3.12
CA GLY A 142 -9.57 -16.61 -2.90
C GLY A 142 -8.71 -16.41 -4.13
N TYR A 143 -9.08 -17.07 -5.23
CA TYR A 143 -8.34 -16.96 -6.47
C TYR A 143 -8.47 -15.56 -7.07
N ALA A 144 -7.45 -14.74 -6.84
CA ALA A 144 -7.45 -13.37 -7.36
C ALA A 144 -6.21 -13.10 -8.22
N LYS A 145 -6.44 -12.79 -9.49
CA LYS A 145 -5.35 -12.51 -10.41
C LYS A 145 -5.01 -11.02 -10.43
N GLU A 146 -3.99 -10.66 -11.20
CA GLU A 146 -3.58 -9.26 -11.31
C GLU A 146 -4.72 -8.40 -11.82
N ALA A 147 -5.47 -8.90 -12.79
CA ALA A 147 -6.59 -8.17 -13.36
C ALA A 147 -7.75 -8.09 -12.36
N ASP A 148 -7.87 -9.10 -11.52
CA ASP A 148 -8.93 -9.14 -10.52
C ASP A 148 -8.90 -7.89 -9.65
N TYR A 149 -7.70 -7.49 -9.25
CA TYR A 149 -7.52 -6.30 -8.41
C TYR A 149 -8.13 -5.07 -9.07
N VAL A 150 -8.12 -5.05 -10.40
CA VAL A 150 -8.67 -3.93 -11.16
C VAL A 150 -10.20 -3.95 -11.14
N ALA A 151 -10.78 -5.10 -11.50
CA ALA A 151 -12.23 -5.25 -11.52
C ALA A 151 -12.81 -5.11 -10.11
N HIS A 152 -12.21 -5.81 -9.16
CA HIS A 152 -12.68 -5.77 -7.78
C HIS A 152 -12.63 -4.34 -7.23
N ALA A 153 -11.62 -3.59 -7.64
CA ALA A 153 -11.47 -2.21 -7.20
C ALA A 153 -12.70 -1.38 -7.55
N THR A 154 -13.25 -1.62 -8.73
CA THR A 154 -14.43 -0.90 -9.20
C THR A 154 -15.70 -1.43 -8.53
N GLN A 155 -15.72 -2.73 -8.26
CA GLN A 155 -16.87 -3.35 -7.62
C GLN A 155 -17.11 -2.78 -6.24
N LEU A 156 -16.05 -2.31 -5.60
CA LEU A 156 -16.14 -1.73 -4.27
C LEU A 156 -16.97 -0.44 -4.29
N ARG A 157 -16.92 0.26 -5.42
CA ARG A 157 -17.67 1.50 -5.57
C ARG A 157 -19.17 1.24 -5.50
N THR A 158 -19.65 0.33 -6.34
CA THR A 158 -21.07 0.01 -6.37
C THR A 158 -21.52 -0.61 -5.06
N THR A 159 -20.60 -1.32 -4.40
CA THR A 159 -20.91 -1.96 -3.13
C THR A 159 -21.13 -0.94 -2.03
N LEU A 160 -20.41 0.18 -2.11
CA LEU A 160 -20.52 1.24 -1.12
C LEU A 160 -21.66 2.19 -1.47
N GLU A 161 -22.46 1.80 -2.45
CA GLU A 161 -23.60 2.61 -2.88
C GLU A 161 -24.45 3.03 -1.69
N GLY A 162 -24.80 4.32 -1.64
CA GLY A 162 -25.61 4.82 -0.54
C GLY A 162 -24.77 5.41 0.58
N THR A 163 -23.46 5.48 0.36
CA THR A 163 -22.55 6.03 1.35
C THR A 163 -21.94 7.35 0.88
N PRO A 164 -21.59 8.22 1.84
CA PRO A 164 -20.99 9.52 1.54
C PRO A 164 -19.57 9.39 0.98
N ALA A 165 -19.03 8.18 1.03
CA ALA A 165 -17.69 7.92 0.52
C ALA A 165 -17.56 8.34 -0.94
N THR A 166 -16.52 9.12 -1.24
CA THR A 166 -16.29 9.58 -2.61
C THR A 166 -15.09 8.88 -3.23
N TYR A 167 -14.98 8.97 -4.56
CA TYR A 167 -13.89 8.33 -5.28
C TYR A 167 -13.44 9.19 -6.46
N GLN A 168 -12.23 8.94 -6.95
CA GLN A 168 -11.70 9.69 -8.07
C GLN A 168 -10.70 8.85 -8.86
N GLY A 169 -11.07 8.48 -10.08
CA GLY A 169 -10.20 7.67 -10.91
C GLY A 169 -10.19 6.21 -10.51
N ASP A 170 -10.96 5.89 -9.47
CA ASP A 170 -11.04 4.52 -8.98
C ASP A 170 -9.67 4.02 -8.53
N VAL A 171 -8.77 4.96 -8.29
CA VAL A 171 -7.42 4.61 -7.85
C VAL A 171 -7.45 3.66 -6.66
N TYR A 172 -6.55 2.69 -6.66
CA TYR A 172 -6.48 1.71 -5.58
C TYR A 172 -5.03 1.30 -5.31
N TYR A 173 -4.81 0.65 -4.17
CA TYR A 173 -3.48 0.20 -3.79
C TYR A 173 -3.42 -1.33 -3.71
N CYS A 174 -2.24 -1.88 -3.94
CA CYS A 174 -2.05 -3.32 -3.89
C CYS A 174 -1.12 -3.70 -2.74
N ALA A 175 -1.61 -4.56 -1.84
CA ALA A 175 -0.82 -5.00 -0.70
C ALA A 175 -0.45 -6.47 -0.83
N GLY A 176 0.82 -6.79 -0.58
CA GLY A 176 1.26 -8.17 -0.67
C GLY A 176 2.68 -8.35 -0.15
N TYR A 177 2.92 -9.46 0.53
CA TYR A 177 4.24 -9.76 1.09
C TYR A 177 5.25 -10.02 -0.03
N ASP A 178 5.10 -11.16 -0.70
CA ASP A 178 5.99 -11.53 -1.78
C ASP A 178 5.31 -12.51 -2.73
N PRO A 179 5.85 -12.62 -3.96
CA PRO A 179 5.31 -13.51 -4.99
C PRO A 179 5.52 -14.98 -4.66
N PRO A 180 4.43 -15.69 -4.34
CA PRO A 180 4.48 -17.11 -3.99
C PRO A 180 4.82 -17.98 -5.19
N MET A 181 5.78 -18.89 -5.01
CA MET A 181 6.20 -19.78 -6.09
C MET A 181 5.03 -20.65 -6.55
N LYS A 182 4.02 -20.79 -5.70
CA LYS A 182 2.85 -21.59 -6.04
C LYS A 182 1.66 -20.69 -6.35
N PRO A 183 0.64 -21.27 -7.00
CA PRO A 183 -0.58 -20.55 -7.38
C PRO A 183 -1.43 -20.17 -6.17
N TYR A 184 -1.10 -20.76 -5.03
CA TYR A 184 -1.85 -20.49 -3.80
C TYR A 184 -2.03 -18.99 -3.58
N GLY A 185 -2.94 -18.64 -2.69
CA GLY A 185 -3.19 -17.23 -2.41
C GLY A 185 -4.66 -16.89 -2.42
N ARG A 186 -5.35 -17.22 -1.33
CA ARG A 186 -6.78 -16.94 -1.22
C ARG A 186 -7.03 -15.64 -0.47
N ARG A 187 -5.97 -15.09 0.13
CA ARG A 187 -6.08 -13.86 0.89
C ARG A 187 -5.65 -12.67 0.04
N ASN A 188 -6.53 -11.67 -0.04
CA ASN A 188 -6.25 -10.47 -0.84
C ASN A 188 -6.82 -9.23 -0.15
N GLU A 189 -6.17 -8.09 -0.36
CA GLU A 189 -6.61 -6.83 0.23
C GLU A 189 -6.41 -5.68 -0.74
N VAL A 190 -7.45 -4.86 -0.91
CA VAL A 190 -7.39 -3.72 -1.81
C VAL A 190 -7.79 -2.43 -1.08
N TRP A 191 -6.88 -1.47 -1.05
CA TRP A 191 -7.14 -0.19 -0.39
C TRP A 191 -7.50 0.88 -1.41
N LEU A 192 -8.68 1.47 -1.25
CA LEU A 192 -9.14 2.51 -2.15
C LEU A 192 -9.16 3.87 -1.46
N VAL A 193 -8.46 4.84 -2.04
CA VAL A 193 -8.39 6.18 -1.48
C VAL A 193 -9.62 7.00 -1.89
N LYS A 194 -10.41 7.40 -0.90
CA LYS A 194 -11.60 8.19 -1.16
C LYS A 194 -11.24 9.56 -1.75
N ALA A 195 -11.99 9.98 -2.76
CA ALA A 195 -11.75 11.26 -3.41
C ALA A 195 -11.71 12.40 -2.39
N ASN A 12 16.43 25.42 36.09
CA ASN A 12 17.26 24.42 35.44
C ASN A 12 16.53 23.08 35.36
N SER A 13 16.01 22.76 34.18
CA SER A 13 15.29 21.51 33.96
C SER A 13 15.09 21.23 32.48
N LEU A 14 14.59 20.04 32.16
CA LEU A 14 14.34 19.66 30.78
C LEU A 14 13.04 18.88 30.65
N PHE A 15 12.63 18.62 29.41
CA PHE A 15 11.41 17.88 29.15
C PHE A 15 11.47 17.18 27.80
N GLY A 16 10.74 16.07 27.68
CA GLY A 16 10.73 15.32 26.44
C GLY A 16 9.46 15.54 25.64
N SER A 17 9.11 14.56 24.81
CA SER A 17 7.91 14.66 23.98
C SER A 17 7.13 13.35 24.00
N VAL A 18 7.70 12.31 23.39
CA VAL A 18 7.05 11.01 23.34
C VAL A 18 5.73 11.07 22.58
N GLU A 19 5.74 10.57 21.35
CA GLU A 19 4.54 10.57 20.52
C GLU A 19 4.46 9.30 19.68
N THR A 20 3.26 8.98 19.22
CA THR A 20 3.04 7.78 18.41
C THR A 20 2.14 8.09 17.22
N TRP A 21 1.85 7.06 16.44
CA TRP A 21 0.99 7.22 15.26
C TRP A 21 -0.07 6.12 15.21
N PRO A 22 -0.95 6.09 16.23
CA PRO A 22 -2.03 5.10 16.32
C PRO A 22 -3.10 5.32 15.26
N TRP A 23 -3.74 4.23 14.84
CA TRP A 23 -4.79 4.30 13.84
C TRP A 23 -6.17 4.19 14.48
N GLN A 24 -7.19 4.62 13.75
CA GLN A 24 -8.56 4.57 14.25
C GLN A 24 -9.54 4.28 13.13
N VAL A 25 -10.48 3.37 13.38
CA VAL A 25 -11.49 3.01 12.38
C VAL A 25 -12.76 3.83 12.55
N LEU A 26 -13.33 4.26 11.44
CA LEU A 26 -14.56 5.04 11.46
C LEU A 26 -15.80 4.14 11.44
N SER A 27 -15.74 3.10 10.63
CA SER A 27 -16.85 2.16 10.51
C SER A 27 -16.54 1.07 9.48
N THR A 28 -17.11 -0.10 9.67
CA THR A 28 -16.90 -1.22 8.76
C THR A 28 -18.21 -1.94 8.46
N GLY A 29 -18.20 -2.76 7.42
CA GLY A 29 -19.40 -3.49 7.04
C GLY A 29 -19.99 -2.98 5.75
N GLY A 30 -20.21 -3.89 4.79
CA GLY A 30 -20.78 -3.50 3.52
C GLY A 30 -21.74 -4.54 2.97
N LYS A 31 -21.72 -4.73 1.66
CA LYS A 31 -22.59 -5.71 1.01
C LYS A 31 -22.08 -7.13 1.24
N GLU A 32 -22.92 -8.11 0.91
CA GLU A 32 -22.56 -9.51 1.09
C GLU A 32 -21.43 -9.90 0.14
N ASP A 33 -20.90 -11.10 0.34
CA ASP A 33 -19.80 -11.59 -0.49
C ASP A 33 -18.50 -10.88 -0.15
N VAL A 34 -18.43 -9.60 -0.49
CA VAL A 34 -17.23 -8.81 -0.22
C VAL A 34 -17.52 -7.71 0.80
N SER A 35 -16.61 -7.53 1.75
CA SER A 35 -16.76 -6.53 2.78
C SER A 35 -15.61 -5.52 2.75
N TYR A 36 -15.92 -4.26 3.02
CA TYR A 36 -14.91 -3.21 3.02
C TYR A 36 -14.71 -2.65 4.42
N GLU A 37 -13.58 -1.97 4.61
CA GLU A 37 -13.25 -1.39 5.91
C GLU A 37 -12.68 0.02 5.74
N GLU A 38 -13.29 0.99 6.42
CA GLU A 38 -12.85 2.37 6.35
C GLU A 38 -12.08 2.76 7.62
N ARG A 39 -10.80 3.06 7.44
CA ARG A 39 -9.95 3.45 8.57
C ARG A 39 -8.99 4.57 8.16
N ALA A 40 -8.44 5.26 9.16
CA ALA A 40 -7.51 6.34 8.91
C ALA A 40 -6.07 5.86 8.98
N CYS A 41 -5.25 6.34 8.06
CA CYS A 41 -3.84 5.96 8.01
C CYS A 41 -3.15 6.22 9.35
N GLU A 42 -2.47 5.21 9.87
CA GLU A 42 -1.78 5.33 11.15
C GLU A 42 -0.95 6.63 11.19
N GLY A 43 -0.30 6.93 10.07
CA GLY A 43 0.51 8.14 10.00
C GLY A 43 1.98 7.85 10.21
N GLY A 44 2.34 6.57 10.19
CA GLY A 44 3.73 6.19 10.40
C GLY A 44 4.60 6.54 9.21
N LYS A 45 5.91 6.50 9.41
CA LYS A 45 6.87 6.81 8.35
C LYS A 45 7.17 5.59 7.50
N PHE A 46 7.02 5.73 6.18
CA PHE A 46 7.28 4.63 5.26
C PHE A 46 8.10 5.11 4.06
N ALA A 47 8.68 4.16 3.34
CA ALA A 47 9.49 4.48 2.17
C ALA A 47 8.70 4.29 0.88
N THR A 48 8.70 5.32 0.04
CA THR A 48 7.98 5.27 -1.22
C THR A 48 8.84 5.81 -2.37
N VAL A 49 8.61 5.29 -3.57
CA VAL A 49 9.36 5.72 -4.74
C VAL A 49 8.43 6.08 -5.88
N GLU A 50 8.66 7.24 -6.48
CA GLU A 50 7.83 7.72 -7.58
C GLU A 50 8.42 7.29 -8.93
N VAL A 51 7.61 6.67 -9.76
CA VAL A 51 8.05 6.22 -11.08
C VAL A 51 7.07 6.62 -12.16
N THR A 52 7.53 7.43 -13.11
CA THR A 52 6.69 7.88 -14.21
C THR A 52 7.30 7.53 -15.55
N ASP A 53 6.54 7.75 -16.63
CA ASP A 53 7.01 7.46 -17.97
C ASP A 53 7.22 5.96 -18.16
N LYS A 54 6.70 5.18 -17.23
CA LYS A 54 6.83 3.72 -17.29
C LYS A 54 5.56 3.04 -16.80
N PRO A 55 5.26 1.86 -17.37
CA PRO A 55 4.07 1.09 -17.01
C PRO A 55 4.16 0.50 -15.60
N VAL A 56 3.02 0.20 -15.02
CA VAL A 56 2.96 -0.36 -13.67
C VAL A 56 3.95 -1.52 -13.52
N ASP A 57 4.14 -2.27 -14.61
CA ASP A 57 5.05 -3.40 -14.60
C ASP A 57 6.49 -2.94 -14.43
N GLU A 58 6.87 -1.90 -15.18
CA GLU A 58 8.22 -1.36 -15.12
C GLU A 58 8.44 -0.60 -13.81
N ALA A 59 7.51 0.30 -13.48
CA ALA A 59 7.60 1.08 -12.27
C ALA A 59 7.71 0.19 -11.04
N LEU A 60 6.98 -0.92 -11.05
CA LEU A 60 6.99 -1.86 -9.93
C LEU A 60 8.31 -2.63 -9.88
N ARG A 61 8.72 -3.15 -11.04
CA ARG A 61 9.96 -3.91 -11.14
C ARG A 61 11.16 -3.04 -10.79
N GLU A 62 10.99 -1.72 -10.94
CA GLU A 62 12.07 -0.78 -10.66
C GLU A 62 12.13 -0.48 -9.17
N ALA A 63 10.97 -0.40 -8.53
CA ALA A 63 10.90 -0.11 -7.10
C ALA A 63 11.26 -1.35 -6.28
N MET A 64 10.95 -2.53 -6.82
CA MET A 64 11.25 -3.78 -6.14
C MET A 64 12.66 -3.77 -5.55
N PRO A 65 13.66 -3.57 -6.43
CA PRO A 65 15.07 -3.53 -6.03
C PRO A 65 15.41 -2.29 -5.22
N LYS A 66 14.73 -1.18 -5.53
CA LYS A 66 14.95 0.08 -4.82
C LYS A 66 14.82 -0.11 -3.32
N ILE A 67 13.71 -0.72 -2.90
CA ILE A 67 13.46 -0.96 -1.47
C ILE A 67 14.25 -2.17 -0.98
N MET A 68 14.44 -3.14 -1.86
CA MET A 68 15.18 -4.36 -1.51
C MET A 68 16.60 -4.02 -1.10
N LYS A 69 17.30 -3.25 -1.94
CA LYS A 69 18.68 -2.86 -1.67
C LYS A 69 18.74 -1.93 -0.45
N TYR A 70 17.66 -1.21 -0.21
CA TYR A 70 17.60 -0.28 0.92
C TYR A 70 17.69 -1.03 2.25
N VAL A 71 16.73 -1.92 2.47
CA VAL A 71 16.70 -2.71 3.70
C VAL A 71 17.71 -3.85 3.65
N GLY A 72 18.20 -4.16 2.45
CA GLY A 72 19.17 -5.22 2.29
C GLY A 72 20.47 -4.93 3.02
N GLY A 73 20.67 -3.67 3.41
CA GLY A 73 21.87 -3.29 4.10
C GLY A 73 22.47 -2.00 3.58
N THR A 74 22.02 -1.59 2.39
CA THR A 74 22.52 -0.37 1.77
C THR A 74 21.77 0.86 2.30
N ASN A 75 21.74 1.01 3.61
CA ASN A 75 21.06 2.14 4.24
C ASN A 75 22.02 3.31 4.45
N ASP A 76 21.46 4.48 4.71
CA ASP A 76 22.28 5.68 4.94
C ASP A 76 23.00 5.60 6.28
N LYS A 77 22.42 4.84 7.21
CA LYS A 77 23.00 4.68 8.54
C LYS A 77 23.81 3.39 8.63
N GLY A 78 23.66 2.53 7.63
CA GLY A 78 24.39 1.28 7.61
C GLY A 78 23.92 0.32 8.68
N VAL A 79 22.61 0.31 8.93
CA VAL A 79 22.04 -0.58 9.94
C VAL A 79 21.85 -1.98 9.40
N GLY A 80 22.31 -2.97 10.17
CA GLY A 80 22.18 -4.35 9.75
C GLY A 80 21.08 -5.08 10.48
N MET A 81 19.83 -4.78 10.13
CA MET A 81 18.69 -5.42 10.76
C MET A 81 17.69 -5.90 9.71
N GLY A 82 17.49 -7.22 9.65
CA GLY A 82 16.57 -7.79 8.69
C GLY A 82 15.12 -7.65 9.12
N MET A 83 14.31 -7.04 8.27
CA MET A 83 12.89 -6.84 8.57
C MET A 83 12.02 -7.49 7.50
N THR A 84 10.82 -7.92 7.90
CA THR A 84 9.89 -8.55 6.97
C THR A 84 8.56 -7.81 6.94
N VAL A 85 8.10 -7.49 5.74
CA VAL A 85 6.83 -6.78 5.58
C VAL A 85 6.43 -6.70 4.10
N PRO A 86 5.14 -6.93 3.82
CA PRO A 86 4.60 -6.89 2.47
C PRO A 86 4.57 -5.46 1.90
N VAL A 87 4.90 -5.33 0.62
CA VAL A 87 4.91 -4.03 -0.04
C VAL A 87 3.63 -3.82 -0.84
N SER A 88 3.27 -2.55 -1.04
CA SER A 88 2.07 -2.22 -1.79
C SER A 88 2.29 -0.97 -2.64
N PHE A 89 1.67 -0.94 -3.81
CA PHE A 89 1.80 0.19 -4.73
C PHE A 89 0.43 0.67 -5.19
N ALA A 90 0.36 1.95 -5.58
CA ALA A 90 -0.89 2.52 -6.06
C ALA A 90 -1.01 2.42 -7.58
N VAL A 91 -2.23 2.45 -8.08
CA VAL A 91 -2.47 2.37 -9.52
C VAL A 91 -3.63 3.26 -9.94
N PHE A 92 -3.56 3.76 -11.17
CA PHE A 92 -4.61 4.64 -11.70
C PHE A 92 -5.30 4.01 -12.91
N PRO A 93 -6.47 3.41 -12.67
CA PRO A 93 -7.25 2.76 -13.73
C PRO A 93 -7.83 3.76 -14.72
N ASN A 94 -7.70 3.47 -16.01
CA ASN A 94 -8.22 4.35 -17.05
C ASN A 94 -9.58 3.88 -17.53
N GLU A 95 -10.17 4.62 -18.47
CA GLU A 95 -11.48 4.27 -19.01
C GLU A 95 -11.41 2.98 -19.83
N ASP A 96 -10.20 2.65 -20.28
CA ASP A 96 -10.00 1.45 -21.08
C ASP A 96 -9.40 0.33 -20.24
N GLY A 97 -9.06 0.65 -18.99
CA GLY A 97 -8.48 -0.34 -18.10
C GLY A 97 -7.01 -0.56 -18.36
N SER A 98 -6.41 0.31 -19.19
CA SER A 98 -5.01 0.20 -19.52
C SER A 98 -4.14 0.85 -18.44
N LEU A 99 -4.79 1.35 -17.40
CA LEU A 99 -4.08 2.00 -16.30
C LEU A 99 -3.27 3.19 -16.80
N GLN A 100 -2.73 3.97 -15.86
CA GLN A 100 -1.94 5.14 -16.20
C GLN A 100 -0.44 4.81 -16.18
N LYS A 101 0.36 5.72 -16.72
CA LYS A 101 1.80 5.53 -16.75
C LYS A 101 2.45 5.94 -15.43
N LYS A 102 1.63 6.52 -14.54
CA LYS A 102 2.12 6.96 -13.24
C LYS A 102 1.88 5.91 -12.17
N LEU A 103 2.89 5.63 -11.37
CA LEU A 103 2.78 4.63 -10.31
C LEU A 103 3.56 5.08 -9.07
N LYS A 104 3.03 4.74 -7.90
CA LYS A 104 3.66 5.10 -6.64
C LYS A 104 3.77 3.88 -5.71
N VAL A 105 5.01 3.47 -5.43
CA VAL A 105 5.26 2.33 -4.56
C VAL A 105 5.37 2.76 -3.10
N TRP A 106 4.79 1.97 -2.21
CA TRP A 106 4.82 2.26 -0.79
C TRP A 106 5.23 1.03 0.01
N PHE A 107 6.35 1.13 0.73
CA PHE A 107 6.83 0.02 1.54
C PHE A 107 6.59 0.28 3.02
N ARG A 108 5.71 -0.51 3.62
CA ARG A 108 5.39 -0.36 5.03
C ARG A 108 6.52 -0.91 5.90
N ILE A 109 6.82 -0.18 6.98
CA ILE A 109 7.88 -0.59 7.89
C ILE A 109 7.30 -1.14 9.20
N PRO A 110 7.85 -2.29 9.63
CA PRO A 110 7.40 -2.95 10.87
C PRO A 110 7.79 -2.17 12.11
N ASN A 111 6.99 -2.32 13.17
CA ASN A 111 7.25 -1.63 14.43
C ASN A 111 8.71 -1.82 14.87
N GLN A 112 9.28 -2.97 14.51
CA GLN A 112 10.66 -3.27 14.88
C GLN A 112 11.61 -2.21 14.34
N PHE A 113 11.30 -1.69 13.15
CA PHE A 113 12.12 -0.66 12.53
C PHE A 113 11.52 0.73 12.74
N GLN A 114 10.19 0.79 12.82
CA GLN A 114 9.50 2.05 13.03
C GLN A 114 10.08 2.81 14.21
N GLY A 115 10.58 2.06 15.20
CA GLY A 115 11.16 2.68 16.38
C GLY A 115 12.27 3.64 16.04
N SER A 116 12.95 3.40 14.92
CA SER A 116 14.06 4.25 14.49
C SER A 116 14.67 3.73 13.20
N PRO A 117 13.96 3.93 12.08
CA PRO A 117 14.41 3.48 10.76
C PRO A 117 15.61 4.29 10.25
N PRO A 118 16.44 3.66 9.42
CA PRO A 118 17.62 4.30 8.84
C PRO A 118 17.27 5.39 7.85
N ALA A 119 18.20 6.31 7.63
CA ALA A 119 17.99 7.41 6.68
C ALA A 119 18.06 6.91 5.24
N PRO A 120 17.40 7.65 4.34
CA PRO A 120 17.39 7.31 2.91
C PRO A 120 18.73 7.52 2.25
N SER A 121 19.45 6.42 2.01
CA SER A 121 20.77 6.48 1.38
C SER A 121 20.65 6.87 -0.08
N ASP A 122 19.50 6.55 -0.68
CA ASP A 122 19.26 6.87 -2.09
C ASP A 122 18.16 7.91 -2.23
N GLU A 123 18.40 8.90 -3.07
CA GLU A 123 17.42 9.97 -3.29
C GLU A 123 16.17 9.43 -3.98
N SER A 124 16.32 8.29 -4.66
CA SER A 124 15.20 7.67 -5.36
C SER A 124 14.14 7.21 -4.38
N VAL A 125 14.56 6.88 -3.17
CA VAL A 125 13.63 6.42 -2.13
C VAL A 125 13.83 7.20 -0.84
N LYS A 126 12.74 7.79 -0.35
CA LYS A 126 12.78 8.57 0.88
C LYS A 126 11.70 8.11 1.85
N ILE A 127 11.96 8.29 3.14
CA ILE A 127 11.01 7.89 4.18
C ILE A 127 10.10 9.06 4.55
N GLU A 128 8.81 8.92 4.22
CA GLU A 128 7.83 9.96 4.52
C GLU A 128 6.57 9.36 5.13
N GLU A 129 5.91 10.13 5.99
CA GLU A 129 4.70 9.68 6.65
C GLU A 129 3.47 10.39 6.08
N ARG A 130 2.32 9.73 6.15
CA ARG A 130 1.08 10.30 5.65
C ARG A 130 -0.09 9.98 6.57
N GLU A 131 -0.78 11.02 7.03
CA GLU A 131 -1.91 10.85 7.92
C GLU A 131 -3.01 11.86 7.62
N GLY A 132 -4.22 11.59 8.11
CA GLY A 132 -5.33 12.48 7.86
C GLY A 132 -6.10 12.14 6.60
N ILE A 133 -5.93 10.90 6.13
CA ILE A 133 -6.61 10.44 4.92
C ILE A 133 -7.49 9.24 5.20
N THR A 134 -8.56 9.11 4.44
CA THR A 134 -9.50 7.99 4.60
C THR A 134 -9.56 7.15 3.34
N VAL A 135 -9.59 5.82 3.52
CA VAL A 135 -9.66 4.90 2.40
C VAL A 135 -10.50 3.67 2.75
N TYR A 136 -10.82 2.87 1.74
CA TYR A 136 -11.61 1.66 1.93
C TYR A 136 -10.79 0.43 1.60
N SER A 137 -10.68 -0.49 2.57
CA SER A 137 -9.93 -1.72 2.38
C SER A 137 -10.87 -2.89 2.15
N THR A 138 -10.66 -3.61 1.05
CA THR A 138 -11.49 -4.76 0.71
C THR A 138 -10.66 -6.04 0.68
N GLN A 139 -11.09 -7.05 1.42
CA GLN A 139 -10.39 -8.32 1.47
C GLN A 139 -11.21 -9.43 0.81
N PHE A 140 -10.53 -10.33 0.11
CA PHE A 140 -11.20 -11.43 -0.58
C PHE A 140 -10.32 -12.67 -0.59
N GLY A 141 -10.90 -13.80 -0.19
CA GLY A 141 -10.15 -15.04 -0.16
C GLY A 141 -10.18 -15.77 -1.49
N GLY A 142 -9.17 -16.60 -1.73
CA GLY A 142 -9.10 -17.35 -2.98
C GLY A 142 -8.00 -16.84 -3.89
N TYR A 143 -7.75 -17.58 -4.97
CA TYR A 143 -6.71 -17.20 -5.92
C TYR A 143 -7.11 -15.93 -6.68
N ALA A 144 -6.25 -14.91 -6.63
CA ALA A 144 -6.51 -13.65 -7.31
C ALA A 144 -5.39 -13.32 -8.27
N LYS A 145 -5.67 -13.42 -9.57
CA LYS A 145 -4.68 -13.12 -10.60
C LYS A 145 -4.63 -11.62 -10.89
N GLU A 146 -3.72 -11.23 -11.79
CA GLU A 146 -3.58 -9.83 -12.15
C GLU A 146 -4.93 -9.23 -12.54
N ALA A 147 -5.76 -10.04 -13.19
CA ALA A 147 -7.08 -9.58 -13.61
C ALA A 147 -8.01 -9.39 -12.41
N ASP A 148 -7.88 -10.27 -11.43
CA ASP A 148 -8.71 -10.19 -10.23
C ASP A 148 -8.58 -8.83 -9.57
N TYR A 149 -7.35 -8.33 -9.48
CA TYR A 149 -7.10 -7.03 -8.86
C TYR A 149 -7.89 -5.93 -9.56
N VAL A 150 -8.07 -6.08 -10.88
CA VAL A 150 -8.81 -5.11 -11.66
C VAL A 150 -10.31 -5.21 -11.40
N ALA A 151 -10.79 -6.43 -11.21
CA ALA A 151 -12.20 -6.67 -10.94
C ALA A 151 -12.57 -6.27 -9.52
N HIS A 152 -11.72 -6.62 -8.56
CA HIS A 152 -11.96 -6.30 -7.16
C HIS A 152 -11.97 -4.79 -6.95
N ALA A 153 -11.07 -4.10 -7.65
CA ALA A 153 -10.96 -2.65 -7.53
C ALA A 153 -12.29 -1.98 -7.90
N THR A 154 -12.88 -2.41 -9.02
CA THR A 154 -14.13 -1.85 -9.48
C THR A 154 -15.31 -2.40 -8.68
N GLN A 155 -15.19 -3.66 -8.27
CA GLN A 155 -16.25 -4.29 -7.49
C GLN A 155 -16.53 -3.53 -6.21
N LEU A 156 -15.50 -2.91 -5.65
CA LEU A 156 -15.64 -2.13 -4.42
C LEU A 156 -16.61 -0.98 -4.62
N ARG A 157 -16.68 -0.46 -5.84
CA ARG A 157 -17.57 0.65 -6.16
C ARG A 157 -19.02 0.19 -6.16
N THR A 158 -19.31 -0.84 -6.95
CA THR A 158 -20.67 -1.38 -7.05
C THR A 158 -21.15 -1.90 -5.70
N THR A 159 -20.24 -2.52 -4.95
CA THR A 159 -20.57 -3.07 -3.64
C THR A 159 -20.86 -1.95 -2.63
N LEU A 160 -20.15 -0.83 -2.77
CA LEU A 160 -20.33 0.30 -1.88
C LEU A 160 -21.61 1.06 -2.22
N GLU A 161 -22.28 0.64 -3.29
CA GLU A 161 -23.52 1.28 -3.71
C GLU A 161 -24.40 1.60 -2.51
N GLY A 162 -24.99 2.80 -2.53
CA GLY A 162 -25.86 3.22 -1.43
C GLY A 162 -25.09 3.95 -0.35
N THR A 163 -23.85 4.32 -0.64
CA THR A 163 -23.01 5.03 0.31
C THR A 163 -22.68 6.43 -0.18
N PRO A 164 -22.65 7.40 0.74
CA PRO A 164 -22.34 8.80 0.41
C PRO A 164 -20.88 8.99 0.04
N ALA A 165 -20.08 7.94 0.23
CA ALA A 165 -18.66 7.99 -0.09
C ALA A 165 -18.44 8.34 -1.55
N THR A 166 -17.29 8.96 -1.84
CA THR A 166 -16.96 9.35 -3.20
C THR A 166 -15.60 8.79 -3.62
N TYR A 167 -15.31 8.86 -4.92
CA TYR A 167 -14.05 8.36 -5.44
C TYR A 167 -13.55 9.23 -6.59
N GLN A 168 -12.26 9.13 -6.88
CA GLN A 168 -11.66 9.90 -7.95
C GLN A 168 -10.85 9.02 -8.89
N GLY A 169 -11.38 8.83 -10.11
CA GLY A 169 -10.70 8.00 -11.08
C GLY A 169 -10.68 6.53 -10.69
N ASP A 170 -11.43 6.20 -9.64
CA ASP A 170 -11.50 4.82 -9.15
C ASP A 170 -10.13 4.33 -8.72
N VAL A 171 -9.22 5.27 -8.46
CA VAL A 171 -7.87 4.93 -8.04
C VAL A 171 -7.89 3.98 -6.85
N TYR A 172 -6.98 3.01 -6.86
CA TYR A 172 -6.90 2.03 -5.79
C TYR A 172 -5.45 1.61 -5.54
N TYR A 173 -5.24 0.82 -4.49
CA TYR A 173 -3.90 0.36 -4.15
C TYR A 173 -3.80 -1.16 -4.29
N CYS A 174 -2.58 -1.66 -4.34
CA CYS A 174 -2.34 -3.09 -4.47
C CYS A 174 -1.33 -3.58 -3.44
N ALA A 175 -1.76 -4.50 -2.58
CA ALA A 175 -0.89 -5.04 -1.55
C ALA A 175 -0.57 -6.51 -1.82
N GLY A 176 0.67 -6.90 -1.52
CA GLY A 176 1.08 -8.27 -1.73
C GLY A 176 2.43 -8.58 -1.13
N TYR A 177 2.57 -9.78 -0.57
CA TYR A 177 3.83 -10.18 0.06
C TYR A 177 4.96 -10.23 -0.96
N ASP A 178 4.90 -11.20 -1.86
CA ASP A 178 5.91 -11.36 -2.90
C ASP A 178 5.27 -11.65 -4.25
N PRO A 179 6.04 -11.45 -5.32
CA PRO A 179 5.57 -11.68 -6.70
C PRO A 179 5.38 -13.16 -7.00
N PRO A 180 4.11 -13.57 -7.17
CA PRO A 180 3.77 -14.97 -7.47
C PRO A 180 4.20 -15.39 -8.87
N MET A 181 4.53 -16.66 -9.02
CA MET A 181 4.96 -17.20 -10.32
C MET A 181 3.75 -17.44 -11.22
N LYS A 182 2.66 -17.93 -10.63
CA LYS A 182 1.45 -18.21 -11.39
C LYS A 182 0.36 -18.77 -10.47
N PRO A 183 0.63 -19.91 -9.84
CA PRO A 183 -0.31 -20.57 -8.93
C PRO A 183 -0.49 -19.79 -7.63
N TYR A 184 0.56 -19.09 -7.20
CA TYR A 184 0.52 -18.31 -5.98
C TYR A 184 -0.45 -17.14 -6.12
N GLY A 185 -0.73 -16.48 -4.99
CA GLY A 185 -1.64 -15.35 -5.01
C GLY A 185 -2.99 -15.68 -4.39
N ARG A 186 -2.97 -16.06 -3.13
CA ARG A 186 -4.19 -16.40 -2.41
C ARG A 186 -4.73 -15.22 -1.62
N ARG A 187 -3.82 -14.53 -0.92
CA ARG A 187 -4.19 -13.38 -0.12
C ARG A 187 -3.82 -12.07 -0.84
N ASN A 188 -4.78 -11.14 -0.89
CA ASN A 188 -4.55 -9.87 -1.55
C ASN A 188 -5.25 -8.74 -0.79
N GLU A 189 -4.84 -7.50 -1.06
CA GLU A 189 -5.42 -6.34 -0.41
C GLU A 189 -5.46 -5.15 -1.35
N VAL A 190 -6.61 -4.48 -1.42
CA VAL A 190 -6.78 -3.33 -2.28
C VAL A 190 -7.47 -2.18 -1.54
N TRP A 191 -6.80 -1.03 -1.49
CA TRP A 191 -7.35 0.13 -0.81
C TRP A 191 -7.89 1.14 -1.81
N LEU A 192 -9.11 1.62 -1.58
CA LEU A 192 -9.74 2.59 -2.46
C LEU A 192 -9.67 3.99 -1.86
N VAL A 193 -9.26 4.96 -2.69
CA VAL A 193 -9.15 6.34 -2.24
C VAL A 193 -10.49 7.06 -2.35
N LYS A 194 -10.84 7.82 -1.31
CA LYS A 194 -12.10 8.55 -1.29
C LYS A 194 -11.90 9.97 -1.84
N ALA A 195 -12.71 10.32 -2.83
CA ALA A 195 -12.64 11.65 -3.44
C ALA A 195 -13.06 12.73 -2.45
N ASN A 12 -2.74 1.77 38.88
CA ASN A 12 -1.66 1.17 38.09
C ASN A 12 -2.22 0.15 37.11
N SER A 13 -1.98 0.37 35.82
CA SER A 13 -2.46 -0.54 34.79
C SER A 13 -1.80 -0.23 33.45
N LEU A 14 -1.39 -1.28 32.74
CA LEU A 14 -0.74 -1.12 31.44
C LEU A 14 -1.40 -2.02 30.39
N PHE A 15 -0.99 -1.86 29.14
CA PHE A 15 -1.52 -2.66 28.06
C PHE A 15 -0.46 -2.93 27.00
N GLY A 16 -0.85 -3.64 25.93
CA GLY A 16 0.08 -3.96 24.88
C GLY A 16 -0.52 -4.85 23.81
N SER A 17 0.17 -4.99 22.68
CA SER A 17 -0.31 -5.82 21.59
C SER A 17 0.71 -5.88 20.46
N VAL A 18 0.36 -6.58 19.38
CA VAL A 18 1.25 -6.72 18.24
C VAL A 18 0.85 -5.75 17.13
N GLU A 19 0.98 -4.46 17.40
CA GLU A 19 0.63 -3.43 16.42
C GLU A 19 0.89 -2.04 16.98
N THR A 20 2.07 -1.50 16.70
CA THR A 20 2.44 -0.16 17.18
C THR A 20 1.85 0.92 16.28
N TRP A 21 1.15 0.50 15.24
CA TRP A 21 0.54 1.44 14.30
C TRP A 21 -0.98 1.30 14.30
N PRO A 22 -1.61 1.68 15.42
CA PRO A 22 -3.07 1.60 15.57
C PRO A 22 -3.79 2.62 14.70
N TRP A 23 -4.81 2.17 13.98
CA TRP A 23 -5.58 3.04 13.10
C TRP A 23 -6.93 3.37 13.74
N GLN A 24 -7.65 4.30 13.11
CA GLN A 24 -8.96 4.70 13.61
C GLN A 24 -10.06 4.37 12.60
N VAL A 25 -10.89 3.39 12.94
CA VAL A 25 -11.98 2.96 12.07
C VAL A 25 -13.27 3.69 12.40
N LEU A 26 -13.96 4.17 11.37
CA LEU A 26 -15.21 4.89 11.55
C LEU A 26 -16.40 3.93 11.53
N SER A 27 -16.34 2.94 10.64
CA SER A 27 -17.41 1.96 10.52
C SER A 27 -17.10 0.95 9.43
N THR A 28 -17.62 -0.27 9.57
CA THR A 28 -17.40 -1.32 8.59
C THR A 28 -18.70 -2.05 8.26
N GLY A 29 -18.86 -2.40 6.99
CA GLY A 29 -20.07 -3.09 6.56
C GLY A 29 -20.59 -2.57 5.24
N GLY A 30 -20.83 -3.49 4.30
CA GLY A 30 -21.33 -3.10 3.00
C GLY A 30 -22.33 -4.09 2.44
N LYS A 31 -21.96 -4.73 1.32
CA LYS A 31 -22.83 -5.70 0.69
C LYS A 31 -22.43 -7.12 1.07
N GLU A 32 -23.27 -8.09 0.73
CA GLU A 32 -22.99 -9.49 1.05
C GLU A 32 -21.78 -9.99 0.26
N ASP A 33 -21.12 -11.00 0.81
CA ASP A 33 -19.94 -11.58 0.17
C ASP A 33 -18.75 -10.63 0.26
N VAL A 34 -18.83 -9.51 -0.45
CA VAL A 34 -17.75 -8.52 -0.45
C VAL A 34 -18.02 -7.44 0.59
N SER A 35 -17.14 -7.35 1.58
CA SER A 35 -17.27 -6.36 2.64
C SER A 35 -16.07 -5.42 2.66
N TYR A 36 -16.32 -4.16 2.96
CA TYR A 36 -15.27 -3.15 3.01
C TYR A 36 -15.15 -2.55 4.40
N GLU A 37 -14.00 -1.93 4.68
CA GLU A 37 -13.77 -1.31 5.98
C GLU A 37 -13.09 0.05 5.82
N GLU A 38 -13.63 1.06 6.50
CA GLU A 38 -13.08 2.40 6.43
C GLU A 38 -12.26 2.72 7.68
N ARG A 39 -10.97 2.99 7.48
CA ARG A 39 -10.08 3.30 8.59
C ARG A 39 -9.10 4.41 8.21
N ALA A 40 -8.48 5.02 9.21
CA ALA A 40 -7.52 6.09 8.98
C ALA A 40 -6.08 5.58 9.08
N CYS A 41 -5.23 6.03 8.17
CA CYS A 41 -3.83 5.62 8.15
C CYS A 41 -3.16 5.93 9.49
N GLU A 42 -2.33 5.00 9.95
CA GLU A 42 -1.63 5.18 11.21
C GLU A 42 -0.87 6.50 11.24
N GLY A 43 -0.30 6.87 10.08
CA GLY A 43 0.45 8.11 9.99
C GLY A 43 1.93 7.90 10.20
N GLY A 44 2.36 6.65 10.22
CA GLY A 44 3.76 6.33 10.41
C GLY A 44 4.60 6.67 9.20
N LYS A 45 5.91 6.65 9.36
CA LYS A 45 6.83 6.95 8.26
C LYS A 45 7.11 5.71 7.43
N PHE A 46 6.98 5.83 6.11
CA PHE A 46 7.22 4.72 5.21
C PHE A 46 8.09 5.14 4.04
N ALA A 47 8.66 4.16 3.33
CA ALA A 47 9.51 4.45 2.19
C ALA A 47 8.75 4.27 0.88
N THR A 48 8.65 5.35 0.11
CA THR A 48 7.94 5.32 -1.16
C THR A 48 8.78 5.96 -2.27
N VAL A 49 8.47 5.59 -3.52
CA VAL A 49 9.20 6.13 -4.66
C VAL A 49 8.24 6.56 -5.77
N GLU A 50 8.65 7.54 -6.56
CA GLU A 50 7.83 8.04 -7.65
C GLU A 50 8.37 7.60 -9.00
N VAL A 51 7.53 6.93 -9.79
CA VAL A 51 7.92 6.45 -11.10
C VAL A 51 6.89 6.81 -12.16
N THR A 52 7.31 7.60 -13.15
CA THR A 52 6.42 8.02 -14.22
C THR A 52 7.00 7.67 -15.58
N ASP A 53 6.20 7.89 -16.64
CA ASP A 53 6.64 7.59 -18.00
C ASP A 53 6.83 6.09 -18.18
N LYS A 54 6.37 5.30 -17.22
CA LYS A 54 6.49 3.85 -17.28
C LYS A 54 5.25 3.18 -16.71
N PRO A 55 4.93 1.99 -17.25
CA PRO A 55 3.76 1.21 -16.80
C PRO A 55 3.95 0.65 -15.40
N VAL A 56 2.83 0.35 -14.75
CA VAL A 56 2.86 -0.21 -13.39
C VAL A 56 3.87 -1.34 -13.29
N ASP A 57 4.02 -2.10 -14.37
CA ASP A 57 4.95 -3.22 -14.40
C ASP A 57 6.39 -2.72 -14.33
N GLU A 58 6.73 -1.76 -15.20
CA GLU A 58 8.07 -1.21 -15.24
C GLU A 58 8.40 -0.47 -13.94
N ALA A 59 7.51 0.44 -13.55
CA ALA A 59 7.70 1.22 -12.33
C ALA A 59 7.89 0.30 -11.12
N LEU A 60 7.22 -0.83 -11.13
CA LEU A 60 7.32 -1.79 -10.04
C LEU A 60 8.67 -2.49 -10.05
N ARG A 61 9.23 -2.67 -11.24
CA ARG A 61 10.53 -3.32 -11.38
C ARG A 61 11.65 -2.41 -10.89
N GLU A 62 11.40 -1.10 -10.93
CA GLU A 62 12.39 -0.13 -10.48
C GLU A 62 12.32 0.08 -8.97
N ALA A 63 11.12 0.00 -8.43
CA ALA A 63 10.92 0.18 -6.99
C ALA A 63 11.35 -1.07 -6.22
N MET A 64 11.20 -2.23 -6.85
CA MET A 64 11.57 -3.49 -6.22
C MET A 64 12.97 -3.41 -5.62
N PRO A 65 13.96 -3.11 -6.47
CA PRO A 65 15.35 -2.99 -6.05
C PRO A 65 15.60 -1.76 -5.19
N LYS A 66 14.89 -0.68 -5.49
CA LYS A 66 15.03 0.56 -4.74
C LYS A 66 14.83 0.32 -3.25
N ILE A 67 13.78 -0.42 -2.90
CA ILE A 67 13.49 -0.71 -1.50
C ILE A 67 14.39 -1.84 -0.99
N MET A 68 14.74 -2.76 -1.88
CA MET A 68 15.59 -3.89 -1.52
C MET A 68 16.99 -3.41 -1.13
N LYS A 69 17.48 -2.40 -1.84
CA LYS A 69 18.81 -1.85 -1.56
C LYS A 69 18.77 -0.94 -0.34
N TYR A 70 17.62 -0.34 -0.08
CA TYR A 70 17.44 0.56 1.05
C TYR A 70 17.69 -0.18 2.36
N VAL A 71 16.89 -1.20 2.62
CA VAL A 71 17.02 -1.99 3.84
C VAL A 71 18.03 -3.11 3.67
N GLY A 72 18.42 -3.36 2.42
CA GLY A 72 19.40 -4.40 2.15
C GLY A 72 20.75 -4.12 2.79
N GLY A 73 20.98 -2.87 3.15
CA GLY A 73 22.24 -2.50 3.77
C GLY A 73 22.89 -1.29 3.11
N THR A 74 22.22 -0.75 2.10
CA THR A 74 22.74 0.41 1.37
C THR A 74 22.15 1.70 1.94
N ASN A 75 21.87 1.71 3.24
CA ASN A 75 21.31 2.88 3.90
C ASN A 75 22.40 3.67 4.62
N ASP A 76 22.01 4.78 5.21
CA ASP A 76 22.95 5.63 5.94
C ASP A 76 23.39 4.97 7.24
N LYS A 77 22.48 4.21 7.85
CA LYS A 77 22.78 3.52 9.10
C LYS A 77 23.60 2.27 8.85
N GLY A 78 23.68 1.86 7.58
CA GLY A 78 24.44 0.68 7.24
C GLY A 78 23.81 -0.60 7.77
N VAL A 79 22.52 -0.54 8.09
CA VAL A 79 21.80 -1.69 8.62
C VAL A 79 21.24 -2.54 7.49
N GLY A 80 21.48 -3.85 7.57
CA GLY A 80 20.99 -4.76 6.55
C GLY A 80 20.24 -5.94 7.14
N MET A 81 19.08 -6.25 6.57
CA MET A 81 18.27 -7.37 7.04
C MET A 81 17.82 -7.13 8.48
N GLY A 82 16.56 -6.74 8.65
CA GLY A 82 16.04 -6.49 9.98
C GLY A 82 14.55 -6.21 9.97
N MET A 83 14.07 -5.56 8.92
CA MET A 83 12.66 -5.23 8.78
C MET A 83 11.97 -6.17 7.81
N THR A 84 10.89 -6.80 8.26
CA THR A 84 10.14 -7.73 7.42
C THR A 84 8.67 -7.33 7.33
N VAL A 85 8.16 -7.21 6.10
CA VAL A 85 6.78 -6.84 5.89
C VAL A 85 6.46 -6.75 4.40
N PRO A 86 5.19 -6.99 4.04
CA PRO A 86 4.73 -6.93 2.66
C PRO A 86 4.71 -5.51 2.10
N VAL A 87 5.12 -5.37 0.83
CA VAL A 87 5.16 -4.07 0.19
C VAL A 87 3.95 -3.87 -0.73
N SER A 88 3.43 -2.65 -0.77
CA SER A 88 2.27 -2.34 -1.60
C SER A 88 2.57 -1.15 -2.51
N PHE A 89 1.72 -0.95 -3.51
CA PHE A 89 1.88 0.15 -4.45
C PHE A 89 0.53 0.68 -4.91
N ALA A 90 0.50 1.94 -5.32
CA ALA A 90 -0.73 2.57 -5.79
C ALA A 90 -0.83 2.51 -7.32
N VAL A 91 -2.03 2.23 -7.82
CA VAL A 91 -2.26 2.13 -9.25
C VAL A 91 -3.42 3.03 -9.68
N PHE A 92 -3.36 3.51 -10.92
CA PHE A 92 -4.41 4.39 -11.44
C PHE A 92 -5.03 3.77 -12.70
N PRO A 93 -6.19 3.12 -12.52
CA PRO A 93 -6.91 2.48 -13.63
C PRO A 93 -7.52 3.50 -14.59
N ASN A 94 -7.53 3.16 -15.87
CA ASN A 94 -8.08 4.04 -16.89
C ASN A 94 -9.35 3.45 -17.49
N GLU A 95 -9.97 4.20 -18.39
CA GLU A 95 -11.20 3.76 -19.04
C GLU A 95 -10.93 2.62 -20.02
N ASP A 96 -9.74 2.66 -20.63
CA ASP A 96 -9.36 1.63 -21.60
C ASP A 96 -8.93 0.35 -20.88
N GLY A 97 -8.87 0.42 -19.55
CA GLY A 97 -8.48 -0.74 -18.77
C GLY A 97 -6.98 -0.80 -18.55
N SER A 98 -6.24 0.05 -19.25
CA SER A 98 -4.79 0.08 -19.14
C SER A 98 -4.35 1.07 -18.05
N LEU A 99 -3.64 0.56 -17.06
CA LEU A 99 -3.15 1.40 -15.96
C LEU A 99 -2.43 2.63 -16.50
N GLN A 100 -2.24 3.63 -15.63
CA GLN A 100 -1.56 4.85 -16.02
C GLN A 100 -0.05 4.67 -15.98
N LYS A 101 0.67 5.64 -16.55
CA LYS A 101 2.12 5.58 -16.58
C LYS A 101 2.72 6.08 -15.28
N LYS A 102 1.85 6.46 -14.34
CA LYS A 102 2.29 6.95 -13.04
C LYS A 102 1.93 5.96 -11.93
N LEU A 103 2.93 5.57 -11.15
CA LEU A 103 2.72 4.63 -10.06
C LEU A 103 3.59 4.98 -8.86
N LYS A 104 3.01 4.90 -7.68
CA LYS A 104 3.73 5.22 -6.45
C LYS A 104 3.80 3.99 -5.54
N VAL A 105 5.01 3.50 -5.30
CA VAL A 105 5.21 2.33 -4.45
C VAL A 105 5.34 2.75 -2.98
N TRP A 106 4.74 1.96 -2.09
CA TRP A 106 4.79 2.25 -0.67
C TRP A 106 5.28 1.03 0.11
N PHE A 107 6.38 1.20 0.83
CA PHE A 107 6.96 0.11 1.62
C PHE A 107 6.70 0.32 3.11
N ARG A 108 5.94 -0.60 3.70
CA ARG A 108 5.61 -0.52 5.12
C ARG A 108 6.77 -1.04 5.99
N ILE A 109 7.05 -0.33 7.07
CA ILE A 109 8.12 -0.73 7.97
C ILE A 109 7.57 -1.18 9.32
N PRO A 110 8.22 -2.19 9.91
CA PRO A 110 7.81 -2.73 11.22
C PRO A 110 8.09 -1.77 12.36
N ASN A 111 7.24 -1.81 13.38
CA ASN A 111 7.40 -0.93 14.54
C ASN A 111 8.82 -0.99 15.09
N GLN A 112 9.45 -2.17 14.96
CA GLN A 112 10.81 -2.36 15.44
C GLN A 112 11.77 -1.38 14.75
N PHE A 113 11.50 -1.08 13.49
CA PHE A 113 12.34 -0.15 12.73
C PHE A 113 11.71 1.24 12.69
N GLN A 114 10.40 1.29 12.86
CA GLN A 114 9.68 2.57 12.84
C GLN A 114 10.17 3.48 13.96
N GLY A 115 10.55 2.89 15.09
CA GLY A 115 11.03 3.66 16.22
C GLY A 115 12.21 4.54 15.86
N SER A 116 12.91 4.17 14.80
CA SER A 116 14.08 4.93 14.36
C SER A 116 14.69 4.30 13.11
N PRO A 117 14.00 4.42 11.97
CA PRO A 117 14.46 3.87 10.70
C PRO A 117 15.67 4.61 10.14
N PRO A 118 16.42 3.95 9.24
CA PRO A 118 17.61 4.54 8.63
C PRO A 118 17.26 5.66 7.66
N ALA A 119 18.22 6.54 7.41
CA ALA A 119 18.02 7.65 6.49
C ALA A 119 18.04 7.19 5.04
N PRO A 120 17.37 7.96 4.17
CA PRO A 120 17.29 7.65 2.74
C PRO A 120 18.63 7.82 2.03
N SER A 121 19.51 6.85 2.20
CA SER A 121 20.83 6.90 1.58
C SER A 121 20.71 7.13 0.07
N ASP A 122 19.60 6.68 -0.50
CA ASP A 122 19.36 6.84 -1.93
C ASP A 122 18.32 7.92 -2.20
N GLU A 123 18.59 8.77 -3.18
CA GLU A 123 17.66 9.85 -3.52
C GLU A 123 16.38 9.29 -4.11
N SER A 124 16.42 8.04 -4.55
CA SER A 124 15.26 7.40 -5.14
C SER A 124 14.30 6.92 -4.06
N VAL A 125 14.84 6.52 -2.92
CA VAL A 125 14.03 6.05 -1.80
C VAL A 125 14.01 7.07 -0.67
N LYS A 126 12.83 7.60 -0.37
CA LYS A 126 12.68 8.58 0.69
C LYS A 126 11.63 8.14 1.70
N ILE A 127 11.92 8.34 2.98
CA ILE A 127 11.00 7.96 4.03
C ILE A 127 10.08 9.12 4.42
N GLU A 128 8.80 8.97 4.13
CA GLU A 128 7.81 10.00 4.43
C GLU A 128 6.57 9.40 5.09
N GLU A 129 5.95 10.17 5.97
CA GLU A 129 4.75 9.71 6.67
C GLU A 129 3.49 10.27 6.02
N ARG A 130 2.45 9.45 5.96
CA ARG A 130 1.18 9.86 5.36
C ARG A 130 0.03 9.62 6.32
N GLU A 131 -0.72 10.69 6.63
CA GLU A 131 -1.85 10.59 7.54
C GLU A 131 -2.97 11.53 7.11
N GLY A 132 -4.09 11.47 7.83
CA GLY A 132 -5.22 12.32 7.50
C GLY A 132 -5.96 11.85 6.26
N ILE A 133 -5.77 10.59 5.90
CA ILE A 133 -6.41 10.02 4.73
C ILE A 133 -7.28 8.82 5.11
N THR A 134 -8.39 8.65 4.39
CA THR A 134 -9.30 7.54 4.65
C THR A 134 -9.45 6.65 3.42
N VAL A 135 -9.18 5.36 3.59
CA VAL A 135 -9.28 4.40 2.51
C VAL A 135 -10.20 3.24 2.87
N TYR A 136 -10.60 2.46 1.87
CA TYR A 136 -11.48 1.32 2.10
C TYR A 136 -10.77 0.01 1.76
N SER A 137 -10.72 -0.88 2.75
CA SER A 137 -10.07 -2.17 2.57
C SER A 137 -11.10 -3.27 2.30
N THR A 138 -10.84 -4.07 1.27
CA THR A 138 -11.75 -5.16 0.92
C THR A 138 -11.00 -6.49 0.86
N GLN A 139 -11.49 -7.47 1.63
CA GLN A 139 -10.87 -8.77 1.67
C GLN A 139 -11.78 -9.82 1.04
N PHE A 140 -11.18 -10.75 0.29
CA PHE A 140 -11.94 -11.81 -0.37
C PHE A 140 -11.20 -13.14 -0.29
N GLY A 141 -11.96 -14.23 -0.38
CA GLY A 141 -11.36 -15.55 -0.31
C GLY A 141 -11.21 -16.19 -1.68
N GLY A 142 -10.43 -17.26 -1.76
CA GLY A 142 -10.23 -17.94 -3.02
C GLY A 142 -9.02 -17.41 -3.77
N TYR A 143 -8.61 -18.12 -4.82
CA TYR A 143 -7.47 -17.71 -5.62
C TYR A 143 -7.80 -16.45 -6.42
N ALA A 144 -6.91 -15.47 -6.36
CA ALA A 144 -7.10 -14.22 -7.08
C ALA A 144 -5.92 -13.93 -8.01
N LYS A 145 -6.22 -13.79 -9.30
CA LYS A 145 -5.19 -13.51 -10.30
C LYS A 145 -5.03 -12.01 -10.52
N GLU A 146 -4.09 -11.64 -11.37
CA GLU A 146 -3.83 -10.24 -11.67
C GLU A 146 -5.12 -9.53 -12.06
N ALA A 147 -5.88 -10.14 -12.94
CA ALA A 147 -7.14 -9.57 -13.40
C ALA A 147 -8.12 -9.40 -12.24
N ASP A 148 -8.07 -10.32 -11.29
CA ASP A 148 -8.95 -10.28 -10.13
C ASP A 148 -8.82 -8.94 -9.39
N TYR A 149 -7.57 -8.49 -9.23
CA TYR A 149 -7.31 -7.23 -8.55
C TYR A 149 -8.04 -6.07 -9.23
N VAL A 150 -8.13 -6.13 -10.55
CA VAL A 150 -8.80 -5.09 -11.32
C VAL A 150 -10.31 -5.19 -11.18
N ALA A 151 -10.81 -6.42 -11.03
CA ALA A 151 -12.25 -6.64 -10.88
C ALA A 151 -12.70 -6.27 -9.48
N HIS A 152 -11.96 -6.71 -8.47
CA HIS A 152 -12.31 -6.42 -7.08
C HIS A 152 -12.36 -4.92 -6.84
N ALA A 153 -11.40 -4.20 -7.42
CA ALA A 153 -11.33 -2.75 -7.26
C ALA A 153 -12.61 -2.09 -7.77
N THR A 154 -13.12 -2.57 -8.90
CA THR A 154 -14.33 -2.01 -9.48
C THR A 154 -15.57 -2.52 -8.75
N GLN A 155 -15.51 -3.77 -8.30
CA GLN A 155 -16.63 -4.37 -7.59
C GLN A 155 -16.95 -3.61 -6.31
N LEU A 156 -15.92 -3.05 -5.69
CA LEU A 156 -16.08 -2.28 -4.46
C LEU A 156 -16.84 -0.98 -4.73
N ARG A 157 -16.67 -0.44 -5.94
CA ARG A 157 -17.34 0.80 -6.32
C ARG A 157 -18.85 0.63 -6.31
N THR A 158 -19.34 -0.37 -7.04
CA THR A 158 -20.76 -0.63 -7.11
C THR A 158 -21.32 -1.01 -5.74
N THR A 159 -20.52 -1.70 -4.94
CA THR A 159 -20.94 -2.11 -3.61
C THR A 159 -21.08 -0.91 -2.68
N LEU A 160 -20.22 0.08 -2.88
CA LEU A 160 -20.25 1.29 -2.05
C LEU A 160 -21.40 2.20 -2.48
N GLU A 161 -22.11 1.81 -3.53
CA GLU A 161 -23.23 2.60 -4.03
C GLU A 161 -24.21 2.93 -2.91
N GLY A 162 -24.84 4.09 -3.00
CA GLY A 162 -25.80 4.50 -1.98
C GLY A 162 -25.13 5.22 -0.83
N THR A 163 -23.81 5.19 -0.80
CA THR A 163 -23.05 5.84 0.28
C THR A 163 -22.39 7.11 -0.22
N PRO A 164 -22.15 8.05 0.70
CA PRO A 164 -21.50 9.33 0.38
C PRO A 164 -20.04 9.17 0.03
N ALA A 165 -19.51 7.97 0.23
CA ALA A 165 -18.11 7.68 -0.07
C ALA A 165 -17.83 7.83 -1.57
N THR A 166 -16.83 8.65 -1.89
CA THR A 166 -16.46 8.89 -3.28
C THR A 166 -15.02 8.48 -3.54
N TYR A 167 -14.63 8.46 -4.80
CA TYR A 167 -13.27 8.09 -5.19
C TYR A 167 -12.78 8.95 -6.35
N GLN A 168 -11.46 9.09 -6.45
CA GLN A 168 -10.85 9.89 -7.51
C GLN A 168 -10.07 9.01 -8.47
N GLY A 169 -10.56 8.89 -9.70
CA GLY A 169 -9.88 8.07 -10.69
C GLY A 169 -10.04 6.59 -10.42
N ASP A 170 -10.81 6.25 -9.40
CA ASP A 170 -11.04 4.86 -9.04
C ASP A 170 -9.72 4.14 -8.80
N VAL A 171 -8.76 4.85 -8.22
CA VAL A 171 -7.44 4.29 -7.93
C VAL A 171 -7.50 3.37 -6.71
N TYR A 172 -6.70 2.31 -6.74
CA TYR A 172 -6.66 1.35 -5.64
C TYR A 172 -5.21 1.00 -5.29
N TYR A 173 -5.04 0.29 -4.18
CA TYR A 173 -3.72 -0.12 -3.72
C TYR A 173 -3.57 -1.63 -3.78
N CYS A 174 -2.38 -2.10 -4.13
CA CYS A 174 -2.09 -3.52 -4.21
C CYS A 174 -1.07 -3.94 -3.16
N ALA A 175 -1.43 -4.92 -2.34
CA ALA A 175 -0.54 -5.41 -1.30
C ALA A 175 -0.06 -6.82 -1.61
N GLY A 176 1.26 -7.01 -1.54
CA GLY A 176 1.84 -8.32 -1.82
C GLY A 176 3.31 -8.38 -1.47
N TYR A 177 3.84 -9.60 -1.39
CA TYR A 177 5.25 -9.80 -1.05
C TYR A 177 5.97 -10.52 -2.18
N ASP A 178 5.38 -11.60 -2.67
CA ASP A 178 5.97 -12.38 -3.75
C ASP A 178 4.98 -12.57 -4.89
N PRO A 179 5.51 -12.78 -6.11
CA PRO A 179 4.69 -12.97 -7.30
C PRO A 179 3.96 -14.30 -7.29
N PRO A 180 2.98 -14.47 -8.20
CA PRO A 180 2.19 -15.69 -8.30
C PRO A 180 3.00 -16.86 -8.85
N MET A 181 2.93 -18.00 -8.16
CA MET A 181 3.66 -19.18 -8.56
C MET A 181 2.77 -20.12 -9.38
N LYS A 182 1.46 -20.01 -9.18
CA LYS A 182 0.50 -20.85 -9.89
C LYS A 182 -0.93 -20.55 -9.43
N PRO A 183 -1.18 -20.74 -8.13
CA PRO A 183 -2.49 -20.49 -7.54
C PRO A 183 -2.85 -19.01 -7.49
N TYR A 184 -1.84 -18.17 -7.70
CA TYR A 184 -2.05 -16.71 -7.68
C TYR A 184 -2.44 -16.24 -6.28
N GLY A 185 -2.00 -16.98 -5.26
CA GLY A 185 -2.32 -16.62 -3.89
C GLY A 185 -3.79 -16.75 -3.58
N ARG A 186 -4.10 -17.22 -2.38
CA ARG A 186 -5.49 -17.39 -1.96
C ARG A 186 -5.98 -16.18 -1.16
N ARG A 187 -5.03 -15.42 -0.62
CA ARG A 187 -5.37 -14.23 0.16
C ARG A 187 -4.77 -12.98 -0.47
N ASN A 188 -5.59 -11.96 -0.61
CA ASN A 188 -5.15 -10.69 -1.20
C ASN A 188 -5.76 -9.50 -0.47
N GLU A 189 -5.16 -8.32 -0.66
CA GLU A 189 -5.65 -7.11 -0.01
C GLU A 189 -5.61 -5.93 -0.98
N VAL A 190 -6.72 -5.19 -1.04
CA VAL A 190 -6.82 -4.04 -1.93
C VAL A 190 -7.50 -2.86 -1.23
N TRP A 191 -6.79 -1.75 -1.15
CA TRP A 191 -7.33 -0.55 -0.50
C TRP A 191 -7.81 0.46 -1.54
N LEU A 192 -8.85 1.21 -1.20
CA LEU A 192 -9.40 2.21 -2.10
C LEU A 192 -9.30 3.61 -1.50
N VAL A 193 -8.78 4.55 -2.28
CA VAL A 193 -8.63 5.92 -1.82
C VAL A 193 -9.92 6.71 -2.01
N LYS A 194 -10.39 7.34 -0.93
CA LYS A 194 -11.61 8.13 -0.97
C LYS A 194 -11.34 9.53 -1.52
N ALA A 195 -12.20 9.99 -2.43
CA ALA A 195 -12.05 11.31 -3.01
C ALA A 195 -12.62 12.39 -2.10
N ASN A 12 5.17 14.51 35.72
CA ASN A 12 4.78 14.14 34.36
C ASN A 12 5.75 13.10 33.79
N SER A 13 5.35 12.49 32.68
CA SER A 13 6.18 11.47 32.03
C SER A 13 6.44 10.31 32.99
N LEU A 14 5.40 9.56 33.33
CA LEU A 14 5.53 8.42 34.23
C LEU A 14 4.61 7.29 33.80
N PHE A 15 5.19 6.13 33.50
CA PHE A 15 4.41 4.97 33.09
C PHE A 15 3.65 5.27 31.80
N GLY A 16 4.19 4.81 30.68
CA GLY A 16 3.54 5.03 29.40
C GLY A 16 3.01 3.75 28.79
N SER A 17 2.76 3.77 27.48
CA SER A 17 2.23 2.60 26.78
C SER A 17 2.80 2.52 25.37
N VAL A 18 2.38 1.49 24.63
CA VAL A 18 2.85 1.30 23.25
C VAL A 18 1.93 0.36 22.49
N GLU A 19 1.64 0.70 21.25
CA GLU A 19 0.77 -0.12 20.41
C GLU A 19 1.47 -0.49 19.11
N THR A 20 0.73 -1.16 18.22
CA THR A 20 1.28 -1.58 16.93
C THR A 20 0.62 -0.82 15.78
N TRP A 21 0.88 0.48 15.71
CA TRP A 21 0.31 1.32 14.66
C TRP A 21 -1.21 1.29 14.70
N PRO A 22 -1.78 1.86 15.77
CA PRO A 22 -3.24 1.91 15.95
C PRO A 22 -3.92 2.85 14.96
N TRP A 23 -4.93 2.36 14.28
CA TRP A 23 -5.67 3.15 13.30
C TRP A 23 -7.01 3.60 13.86
N GLN A 24 -7.69 4.47 13.13
CA GLN A 24 -8.99 4.97 13.56
C GLN A 24 -10.07 4.60 12.54
N VAL A 25 -10.95 3.67 12.92
CA VAL A 25 -12.03 3.23 12.05
C VAL A 25 -13.32 3.98 12.35
N LEU A 26 -14.02 4.36 11.29
CA LEU A 26 -15.28 5.10 11.44
C LEU A 26 -16.47 4.14 11.47
N SER A 27 -16.41 3.11 10.61
CA SER A 27 -17.48 2.13 10.53
C SER A 27 -17.17 1.07 9.47
N THR A 28 -17.69 -0.13 9.68
CA THR A 28 -17.47 -1.23 8.75
C THR A 28 -18.76 -1.98 8.45
N GLY A 29 -18.75 -2.79 7.40
CA GLY A 29 -19.93 -3.54 7.03
C GLY A 29 -20.53 -3.10 5.70
N GLY A 30 -20.58 -4.00 4.74
CA GLY A 30 -21.13 -3.68 3.44
C GLY A 30 -22.07 -4.75 2.92
N LYS A 31 -22.06 -4.95 1.61
CA LYS A 31 -22.91 -5.95 0.98
C LYS A 31 -22.42 -7.36 1.28
N GLU A 32 -23.23 -8.36 0.96
CA GLU A 32 -22.88 -9.75 1.19
C GLU A 32 -21.70 -10.16 0.32
N ASP A 33 -21.00 -11.21 0.74
CA ASP A 33 -19.85 -11.71 -0.01
C ASP A 33 -18.66 -10.76 0.12
N VAL A 34 -18.78 -9.58 -0.48
CA VAL A 34 -17.72 -8.58 -0.43
C VAL A 34 -18.03 -7.51 0.61
N SER A 35 -17.15 -7.37 1.59
CA SER A 35 -17.33 -6.38 2.64
C SER A 35 -16.21 -5.34 2.60
N TYR A 36 -16.56 -4.09 2.90
CA TYR A 36 -15.59 -3.01 2.90
C TYR A 36 -15.39 -2.46 4.31
N GLU A 37 -14.28 -1.75 4.51
CA GLU A 37 -13.96 -1.17 5.81
C GLU A 37 -13.25 0.16 5.65
N GLU A 38 -13.78 1.21 6.28
CA GLU A 38 -13.19 2.53 6.21
C GLU A 38 -12.38 2.84 7.47
N ARG A 39 -11.07 2.99 7.30
CA ARG A 39 -10.18 3.29 8.43
C ARG A 39 -9.27 4.46 8.10
N ALA A 40 -8.65 5.04 9.13
CA ALA A 40 -7.74 6.16 8.95
C ALA A 40 -6.29 5.70 8.98
N CYS A 41 -5.49 6.25 8.08
CA CYS A 41 -4.07 5.89 8.01
C CYS A 41 -3.38 6.14 9.34
N GLU A 42 -2.62 5.15 9.81
CA GLU A 42 -1.91 5.27 11.08
C GLU A 42 -1.12 6.58 11.14
N GLY A 43 -0.46 6.92 10.04
CA GLY A 43 0.31 8.15 10.00
C GLY A 43 1.79 7.90 10.21
N GLY A 44 2.19 6.63 10.21
CA GLY A 44 3.59 6.29 10.40
C GLY A 44 4.44 6.65 9.20
N LYS A 45 5.75 6.61 9.38
CA LYS A 45 6.68 6.92 8.31
C LYS A 45 7.00 5.68 7.46
N PHE A 46 6.95 5.84 6.15
CA PHE A 46 7.23 4.74 5.24
C PHE A 46 8.11 5.19 4.08
N ALA A 47 8.80 4.24 3.46
CA ALA A 47 9.68 4.54 2.34
C ALA A 47 9.02 4.20 1.01
N THR A 48 8.86 5.21 0.16
CA THR A 48 8.24 5.02 -1.15
C THR A 48 9.06 5.67 -2.25
N VAL A 49 8.86 5.22 -3.48
CA VAL A 49 9.58 5.77 -4.63
C VAL A 49 8.62 6.19 -5.73
N GLU A 50 8.95 7.28 -6.41
CA GLU A 50 8.12 7.79 -7.49
C GLU A 50 8.67 7.37 -8.85
N VAL A 51 7.83 6.73 -9.65
CA VAL A 51 8.23 6.28 -10.98
C VAL A 51 7.20 6.66 -12.04
N THR A 52 7.62 7.48 -13.00
CA THR A 52 6.73 7.93 -14.06
C THR A 52 7.35 7.67 -15.43
N ASP A 53 6.59 7.97 -16.48
CA ASP A 53 7.05 7.76 -17.85
C ASP A 53 7.27 6.28 -18.13
N LYS A 54 6.76 5.42 -17.24
CA LYS A 54 6.91 3.98 -17.39
C LYS A 54 5.64 3.26 -16.93
N PRO A 55 5.37 2.09 -17.54
CA PRO A 55 4.19 1.29 -17.21
C PRO A 55 4.29 0.65 -15.83
N VAL A 56 3.15 0.30 -15.26
CA VAL A 56 3.12 -0.32 -13.94
C VAL A 56 4.14 -1.45 -13.83
N ASP A 57 4.36 -2.15 -14.93
CA ASP A 57 5.32 -3.25 -14.96
C ASP A 57 6.74 -2.74 -14.77
N GLU A 58 7.07 -1.63 -15.42
CA GLU A 58 8.39 -1.03 -15.32
C GLU A 58 8.57 -0.34 -13.98
N ALA A 59 7.57 0.42 -13.56
CA ALA A 59 7.62 1.13 -12.30
C ALA A 59 7.88 0.19 -11.14
N LEU A 60 7.23 -0.98 -11.18
CA LEU A 60 7.39 -1.97 -10.12
C LEU A 60 8.76 -2.63 -10.20
N ARG A 61 9.16 -3.01 -11.41
CA ARG A 61 10.46 -3.65 -11.63
C ARG A 61 11.59 -2.70 -11.25
N GLU A 62 11.32 -1.41 -11.31
CA GLU A 62 12.32 -0.40 -10.98
C GLU A 62 12.37 -0.15 -9.47
N ALA A 63 11.20 -0.10 -8.85
CA ALA A 63 11.09 0.12 -7.42
C ALA A 63 11.47 -1.12 -6.63
N MET A 64 11.19 -2.28 -7.22
CA MET A 64 11.50 -3.55 -6.57
C MET A 64 12.90 -3.54 -5.97
N PRO A 65 13.91 -3.29 -6.83
CA PRO A 65 15.32 -3.24 -6.40
C PRO A 65 15.61 -2.02 -5.54
N LYS A 66 14.91 -0.92 -5.81
CA LYS A 66 15.11 0.31 -5.06
C LYS A 66 14.73 0.11 -3.59
N ILE A 67 13.57 -0.49 -3.36
CA ILE A 67 13.09 -0.73 -2.00
C ILE A 67 13.80 -1.93 -1.39
N MET A 68 14.14 -2.90 -2.22
CA MET A 68 14.83 -4.11 -1.75
C MET A 68 16.22 -3.78 -1.23
N LYS A 69 16.97 -3.02 -2.02
CA LYS A 69 18.33 -2.63 -1.64
C LYS A 69 18.32 -1.92 -0.28
N TYR A 70 17.22 -1.24 0.02
CA TYR A 70 17.10 -0.52 1.28
C TYR A 70 16.86 -1.48 2.44
N VAL A 71 15.88 -2.36 2.27
CA VAL A 71 15.54 -3.34 3.30
C VAL A 71 16.58 -4.45 3.36
N GLY A 72 17.52 -4.43 2.41
CA GLY A 72 18.56 -5.45 2.37
C GLY A 72 19.73 -5.11 3.27
N GLY A 73 19.97 -3.81 3.45
CA GLY A 73 21.08 -3.38 4.28
C GLY A 73 21.78 -2.15 3.73
N THR A 74 21.43 -1.78 2.51
CA THR A 74 22.03 -0.61 1.86
C THR A 74 21.40 0.68 2.37
N ASN A 75 21.48 0.90 3.68
CA ASN A 75 20.92 2.10 4.28
C ASN A 75 21.92 3.25 4.23
N ASP A 76 21.46 4.44 4.63
CA ASP A 76 22.31 5.62 4.62
C ASP A 76 23.37 5.53 5.71
N LYS A 77 23.08 4.77 6.76
CA LYS A 77 24.01 4.60 7.86
C LYS A 77 24.68 3.24 7.81
N GLY A 78 24.14 2.34 6.98
CA GLY A 78 24.70 1.01 6.86
C GLY A 78 24.51 0.18 8.11
N VAL A 79 23.34 0.33 8.75
CA VAL A 79 23.04 -0.40 9.96
C VAL A 79 22.57 -1.82 9.64
N GLY A 80 23.07 -2.79 10.41
CA GLY A 80 22.70 -4.18 10.19
C GLY A 80 21.29 -4.47 10.62
N MET A 81 20.95 -5.76 10.73
CA MET A 81 19.61 -6.17 11.13
C MET A 81 18.55 -5.51 10.24
N GLY A 82 18.18 -6.20 9.16
CA GLY A 82 17.19 -5.68 8.24
C GLY A 82 15.78 -5.79 8.80
N MET A 83 14.79 -5.43 7.99
CA MET A 83 13.40 -5.50 8.40
C MET A 83 12.60 -6.42 7.49
N THR A 84 11.51 -6.97 8.02
CA THR A 84 10.67 -7.89 7.25
C THR A 84 9.22 -7.39 7.23
N VAL A 85 8.64 -7.33 6.03
CA VAL A 85 7.26 -6.88 5.88
C VAL A 85 6.85 -6.87 4.41
N PRO A 86 5.55 -7.03 4.16
CA PRO A 86 5.00 -7.05 2.81
C PRO A 86 5.04 -5.67 2.15
N VAL A 87 5.36 -5.63 0.86
CA VAL A 87 5.44 -4.38 0.12
C VAL A 87 4.16 -4.13 -0.67
N SER A 88 3.87 -2.87 -0.94
CA SER A 88 2.68 -2.49 -1.69
C SER A 88 2.96 -1.32 -2.62
N PHE A 89 2.16 -1.21 -3.68
CA PHE A 89 2.34 -0.13 -4.65
C PHE A 89 0.98 0.44 -5.07
N ALA A 90 0.99 1.69 -5.51
CA ALA A 90 -0.23 2.36 -5.94
C ALA A 90 -0.38 2.31 -7.46
N VAL A 91 -1.62 2.21 -7.94
CA VAL A 91 -1.88 2.16 -9.36
C VAL A 91 -3.05 3.08 -9.74
N PHE A 92 -3.01 3.60 -10.96
CA PHE A 92 -4.06 4.48 -11.44
C PHE A 92 -4.68 3.96 -12.73
N PRO A 93 -5.83 3.29 -12.61
CA PRO A 93 -6.55 2.71 -13.74
C PRO A 93 -7.16 3.78 -14.64
N ASN A 94 -7.20 3.51 -15.94
CA ASN A 94 -7.76 4.45 -16.90
C ASN A 94 -9.12 3.97 -17.40
N GLU A 95 -9.74 4.77 -18.26
CA GLU A 95 -11.06 4.43 -18.81
C GLU A 95 -10.95 3.25 -19.77
N ASP A 96 -9.77 3.07 -20.35
CA ASP A 96 -9.53 1.98 -21.29
C ASP A 96 -9.19 0.70 -20.55
N GLY A 97 -9.05 0.80 -19.24
CA GLY A 97 -8.73 -0.37 -18.43
C GLY A 97 -7.25 -0.70 -18.47
N SER A 98 -6.45 0.20 -19.04
CA SER A 98 -5.01 0.00 -19.14
C SER A 98 -4.26 0.96 -18.22
N LEU A 99 -3.84 0.46 -17.07
CA LEU A 99 -3.11 1.28 -16.10
C LEU A 99 -1.94 1.99 -16.77
N GLN A 100 -2.08 3.28 -17.01
CA GLN A 100 -1.04 4.07 -17.64
C GLN A 100 -1.06 5.52 -17.15
N LYS A 101 -0.01 5.91 -16.43
CA LYS A 101 0.08 7.26 -15.89
C LYS A 101 1.25 7.38 -14.92
N LYS A 102 1.07 6.83 -13.71
CA LYS A 102 2.10 6.87 -12.69
C LYS A 102 1.90 5.76 -11.66
N LEU A 103 2.98 5.36 -11.01
CA LEU A 103 2.91 4.31 -10.00
C LEU A 103 3.86 4.60 -8.84
N LYS A 104 3.32 4.65 -7.63
CA LYS A 104 4.12 4.92 -6.44
C LYS A 104 4.20 3.69 -5.55
N VAL A 105 5.40 3.15 -5.39
CA VAL A 105 5.61 1.96 -4.56
C VAL A 105 5.85 2.36 -3.10
N TRP A 106 4.96 1.93 -2.23
CA TRP A 106 5.07 2.24 -0.80
C TRP A 106 5.55 1.01 -0.03
N PHE A 107 6.64 1.18 0.72
CA PHE A 107 7.19 0.09 1.51
C PHE A 107 6.88 0.27 2.99
N ARG A 108 6.24 -0.73 3.58
CA ARG A 108 5.88 -0.68 5.00
C ARG A 108 7.06 -1.04 5.88
N ILE A 109 7.22 -0.31 6.97
CA ILE A 109 8.33 -0.55 7.89
C ILE A 109 7.82 -1.10 9.23
N PRO A 110 8.47 -2.17 9.72
CA PRO A 110 8.10 -2.81 10.98
C PRO A 110 8.41 -1.92 12.20
N ASN A 111 7.63 -2.09 13.26
CA ASN A 111 7.83 -1.32 14.48
C ASN A 111 9.29 -1.37 14.92
N GLN A 112 9.95 -2.48 14.65
CA GLN A 112 11.35 -2.65 15.02
C GLN A 112 12.22 -1.58 14.38
N PHE A 113 11.83 -1.15 13.19
CA PHE A 113 12.58 -0.12 12.46
C PHE A 113 11.93 1.25 12.62
N GLN A 114 10.60 1.25 12.67
CA GLN A 114 9.84 2.49 12.81
C GLN A 114 10.36 3.30 14.00
N GLY A 115 10.77 2.59 15.06
CA GLY A 115 11.28 3.26 16.25
C GLY A 115 12.45 4.18 15.93
N SER A 116 13.12 3.93 14.81
CA SER A 116 14.27 4.74 14.41
C SER A 116 14.85 4.23 13.10
N PRO A 117 14.12 4.45 12.00
CA PRO A 117 14.55 4.02 10.67
C PRO A 117 15.75 4.82 10.16
N PRO A 118 16.62 4.16 9.38
CA PRO A 118 17.82 4.79 8.81
C PRO A 118 17.47 5.81 7.73
N ALA A 119 18.39 6.75 7.49
CA ALA A 119 18.18 7.77 6.48
C ALA A 119 18.13 7.17 5.08
N PRO A 120 17.46 7.87 4.15
CA PRO A 120 17.32 7.42 2.77
C PRO A 120 18.64 7.48 2.00
N SER A 121 19.38 6.38 2.03
CA SER A 121 20.66 6.31 1.34
C SER A 121 20.53 6.74 -0.12
N ASP A 122 19.47 6.29 -0.77
CA ASP A 122 19.21 6.63 -2.16
C ASP A 122 18.22 7.79 -2.27
N GLU A 123 18.50 8.72 -3.18
CA GLU A 123 17.64 9.87 -3.37
C GLU A 123 16.28 9.45 -3.93
N SER A 124 16.26 8.31 -4.61
CA SER A 124 15.03 7.79 -5.20
C SER A 124 14.06 7.32 -4.11
N VAL A 125 14.63 6.74 -3.05
CA VAL A 125 13.82 6.24 -1.94
C VAL A 125 13.91 7.17 -0.74
N LYS A 126 12.76 7.73 -0.34
CA LYS A 126 12.72 8.64 0.80
C LYS A 126 11.65 8.19 1.81
N ILE A 127 11.90 8.47 3.08
CA ILE A 127 10.96 8.08 4.13
C ILE A 127 10.00 9.22 4.44
N GLU A 128 8.72 9.01 4.12
CA GLU A 128 7.69 10.01 4.35
C GLU A 128 6.46 9.38 5.00
N GLU A 129 5.78 10.16 5.83
CA GLU A 129 4.58 9.68 6.52
C GLU A 129 3.32 10.29 5.91
N ARG A 130 2.22 9.56 5.97
CA ARG A 130 0.95 10.02 5.42
C ARG A 130 -0.19 9.77 6.39
N GLU A 131 -0.89 10.84 6.76
CA GLU A 131 -2.00 10.73 7.69
C GLU A 131 -3.13 11.70 7.30
N GLY A 132 -4.34 11.38 7.74
CA GLY A 132 -5.49 12.23 7.43
C GLY A 132 -6.21 11.79 6.17
N ILE A 133 -5.99 10.55 5.76
CA ILE A 133 -6.62 10.01 4.56
C ILE A 133 -7.49 8.80 4.88
N THR A 134 -8.55 8.60 4.11
CA THR A 134 -9.45 7.48 4.31
C THR A 134 -9.51 6.59 3.07
N VAL A 135 -9.57 5.28 3.28
CA VAL A 135 -9.64 4.33 2.19
C VAL A 135 -10.60 3.19 2.50
N TYR A 136 -10.86 2.35 1.50
CA TYR A 136 -11.76 1.22 1.67
C TYR A 136 -11.02 -0.10 1.53
N SER A 137 -11.12 -0.94 2.56
CA SER A 137 -10.45 -2.23 2.54
C SER A 137 -11.45 -3.36 2.30
N THR A 138 -11.19 -4.15 1.26
CA THR A 138 -12.07 -5.26 0.90
C THR A 138 -11.30 -6.58 0.87
N GLN A 139 -11.76 -7.56 1.65
CA GLN A 139 -11.11 -8.85 1.70
C GLN A 139 -11.99 -9.93 1.07
N PHE A 140 -11.38 -10.84 0.32
CA PHE A 140 -12.12 -11.91 -0.34
C PHE A 140 -11.27 -13.18 -0.41
N GLY A 141 -11.91 -14.29 -0.76
CA GLY A 141 -11.21 -15.56 -0.85
C GLY A 141 -11.09 -16.05 -2.28
N GLY A 142 -10.42 -17.19 -2.45
CA GLY A 142 -10.26 -17.75 -3.79
C GLY A 142 -9.04 -17.20 -4.49
N TYR A 143 -8.68 -17.82 -5.62
CA TYR A 143 -7.52 -17.39 -6.38
C TYR A 143 -7.77 -16.03 -7.04
N ALA A 144 -6.92 -15.07 -6.72
CA ALA A 144 -7.04 -13.72 -7.28
C ALA A 144 -5.77 -13.31 -7.99
N LYS A 145 -5.87 -13.12 -9.32
CA LYS A 145 -4.73 -12.72 -10.12
C LYS A 145 -4.61 -11.20 -10.17
N GLU A 146 -3.57 -10.72 -10.85
CA GLU A 146 -3.34 -9.28 -10.98
C GLU A 146 -4.59 -8.57 -11.47
N ALA A 147 -5.34 -9.25 -12.34
CA ALA A 147 -6.57 -8.68 -12.89
C ALA A 147 -7.66 -8.61 -11.83
N ASP A 148 -7.67 -9.58 -10.93
CA ASP A 148 -8.65 -9.63 -9.86
C ASP A 148 -8.64 -8.33 -9.05
N TYR A 149 -7.45 -7.82 -8.77
CA TYR A 149 -7.30 -6.60 -8.01
C TYR A 149 -7.97 -5.43 -8.71
N VAL A 150 -7.98 -5.47 -10.03
CA VAL A 150 -8.59 -4.41 -10.83
C VAL A 150 -10.11 -4.50 -10.79
N ALA A 151 -10.63 -5.71 -10.99
CA ALA A 151 -12.07 -5.93 -10.97
C ALA A 151 -12.64 -5.71 -9.58
N HIS A 152 -11.95 -6.22 -8.57
CA HIS A 152 -12.38 -6.08 -7.18
C HIS A 152 -12.45 -4.61 -6.78
N ALA A 153 -11.54 -3.82 -7.34
CA ALA A 153 -11.49 -2.39 -7.04
C ALA A 153 -12.81 -1.71 -7.39
N THR A 154 -13.31 -1.99 -8.58
CA THR A 154 -14.56 -1.40 -9.04
C THR A 154 -15.76 -2.11 -8.42
N GLN A 155 -15.62 -3.41 -8.20
CA GLN A 155 -16.69 -4.20 -7.60
C GLN A 155 -17.12 -3.62 -6.25
N LEU A 156 -16.18 -2.97 -5.57
CA LEU A 156 -16.47 -2.37 -4.28
C LEU A 156 -17.30 -1.10 -4.43
N ARG A 157 -17.11 -0.40 -5.55
CA ARG A 157 -17.84 0.82 -5.82
C ARG A 157 -19.35 0.59 -5.76
N THR A 158 -19.82 -0.39 -6.53
CA THR A 158 -21.24 -0.71 -6.57
C THR A 158 -21.73 -1.20 -5.21
N THR A 159 -20.84 -1.84 -4.46
CA THR A 159 -21.18 -2.34 -3.13
C THR A 159 -21.49 -1.21 -2.17
N LEU A 160 -20.82 -0.08 -2.35
CA LEU A 160 -21.02 1.08 -1.50
C LEU A 160 -22.22 1.91 -1.99
N GLU A 161 -22.94 1.37 -2.95
CA GLU A 161 -24.11 2.05 -3.50
C GLU A 161 -25.02 2.54 -2.38
N GLY A 162 -25.42 3.80 -2.47
CA GLY A 162 -26.30 4.38 -1.45
C GLY A 162 -25.55 5.15 -0.41
N THR A 163 -24.21 5.03 -0.42
CA THR A 163 -23.38 5.73 0.54
C THR A 163 -22.75 6.98 -0.08
N PRO A 164 -22.42 7.97 0.77
CA PRO A 164 -21.82 9.22 0.33
C PRO A 164 -20.38 9.03 -0.15
N ALA A 165 -19.85 7.83 0.05
CA ALA A 165 -18.48 7.52 -0.36
C ALA A 165 -18.24 7.91 -1.82
N THR A 166 -17.19 8.69 -2.05
CA THR A 166 -16.86 9.13 -3.40
C THR A 166 -15.61 8.43 -3.92
N TYR A 167 -15.32 8.62 -5.20
CA TYR A 167 -14.15 7.99 -5.81
C TYR A 167 -13.52 8.92 -6.85
N GLN A 168 -12.26 8.68 -7.17
CA GLN A 168 -11.55 9.49 -8.14
C GLN A 168 -10.47 8.68 -8.85
N GLY A 169 -10.66 8.41 -10.13
CA GLY A 169 -9.70 7.65 -10.90
C GLY A 169 -9.69 6.19 -10.51
N ASP A 170 -10.59 5.80 -9.61
CA ASP A 170 -10.67 4.42 -9.15
C ASP A 170 -9.31 3.92 -8.68
N VAL A 171 -8.45 4.85 -8.28
CA VAL A 171 -7.11 4.50 -7.81
C VAL A 171 -7.18 3.52 -6.64
N TYR A 172 -6.28 2.54 -6.64
CA TYR A 172 -6.23 1.54 -5.59
C TYR A 172 -4.80 1.08 -5.33
N TYR A 173 -4.58 0.45 -4.17
CA TYR A 173 -3.26 -0.03 -3.80
C TYR A 173 -3.24 -1.55 -3.70
N CYS A 174 -2.10 -2.14 -4.01
CA CYS A 174 -1.95 -3.60 -3.96
C CYS A 174 -0.89 -3.99 -2.94
N ALA A 175 -1.30 -4.76 -1.93
CA ALA A 175 -0.38 -5.21 -0.88
C ALA A 175 -0.17 -6.72 -0.96
N GLY A 176 1.09 -7.14 -0.99
CA GLY A 176 1.40 -8.55 -1.05
C GLY A 176 2.89 -8.81 -0.89
N TYR A 177 3.22 -9.90 -0.19
CA TYR A 177 4.61 -10.27 0.04
C TYR A 177 5.34 -10.47 -1.29
N ASP A 178 4.76 -11.28 -2.16
CA ASP A 178 5.36 -11.56 -3.46
C ASP A 178 4.29 -12.00 -4.46
N PRO A 179 4.63 -11.93 -5.75
CA PRO A 179 3.72 -12.33 -6.83
C PRO A 179 3.48 -13.83 -6.87
N PRO A 180 2.24 -14.25 -6.55
CA PRO A 180 1.87 -15.66 -6.54
C PRO A 180 1.79 -16.25 -7.94
N MET A 181 2.44 -17.39 -8.14
CA MET A 181 2.44 -18.06 -9.44
C MET A 181 1.38 -19.15 -9.48
N LYS A 182 0.98 -19.62 -8.32
CA LYS A 182 -0.04 -20.68 -8.23
C LYS A 182 -1.34 -20.13 -7.67
N PRO A 183 -2.43 -20.89 -7.87
CA PRO A 183 -3.76 -20.49 -7.37
C PRO A 183 -3.87 -20.57 -5.85
N TYR A 184 -2.87 -21.20 -5.23
CA TYR A 184 -2.85 -21.35 -3.78
C TYR A 184 -3.21 -20.03 -3.09
N GLY A 185 -2.83 -18.92 -3.72
CA GLY A 185 -3.11 -17.61 -3.16
C GLY A 185 -4.60 -17.35 -3.04
N ARG A 186 -5.17 -17.68 -1.89
CA ARG A 186 -6.60 -17.48 -1.66
C ARG A 186 -6.84 -16.18 -0.90
N ARG A 187 -5.79 -15.63 -0.32
CA ARG A 187 -5.89 -14.38 0.44
C ARG A 187 -5.41 -13.20 -0.39
N ASN A 188 -6.22 -12.14 -0.43
CA ASN A 188 -5.88 -10.95 -1.19
C ASN A 188 -6.34 -9.69 -0.45
N GLU A 189 -5.79 -8.55 -0.84
CA GLU A 189 -6.14 -7.27 -0.22
C GLU A 189 -6.08 -6.14 -1.24
N VAL A 190 -7.13 -5.32 -1.26
CA VAL A 190 -7.20 -4.20 -2.18
C VAL A 190 -7.70 -2.94 -1.47
N TRP A 191 -6.91 -1.87 -1.56
CA TRP A 191 -7.27 -0.61 -0.92
C TRP A 191 -7.81 0.38 -1.96
N LEU A 192 -8.87 1.09 -1.59
CA LEU A 192 -9.48 2.07 -2.48
C LEU A 192 -9.48 3.46 -1.86
N VAL A 193 -9.18 4.47 -2.66
CA VAL A 193 -9.14 5.84 -2.19
C VAL A 193 -10.47 6.55 -2.47
N LYS A 194 -10.97 7.29 -1.47
CA LYS A 194 -12.22 8.02 -1.61
C LYS A 194 -11.97 9.44 -2.08
N ALA A 195 -12.70 9.87 -3.10
CA ALA A 195 -12.56 11.21 -3.64
C ALA A 195 -12.84 12.26 -2.57
N ASN A 12 23.14 22.02 23.33
CA ASN A 12 21.71 22.33 23.25
C ASN A 12 20.99 21.33 22.36
N SER A 13 19.78 20.94 22.77
CA SER A 13 18.98 19.99 22.01
C SER A 13 17.56 19.93 22.56
N LEU A 14 16.59 20.30 21.71
CA LEU A 14 15.19 20.28 22.11
C LEU A 14 14.30 19.88 20.93
N PHE A 15 13.44 18.88 21.15
CA PHE A 15 12.54 18.41 20.11
C PHE A 15 11.66 17.29 20.62
N GLY A 16 10.46 17.17 20.07
CA GLY A 16 9.53 16.13 20.49
C GLY A 16 8.28 16.11 19.65
N SER A 17 7.47 15.06 19.82
CA SER A 17 6.23 14.91 19.07
C SER A 17 5.49 13.65 19.50
N VAL A 18 4.27 13.49 18.99
CA VAL A 18 3.46 12.32 19.31
C VAL A 18 4.17 11.03 18.91
N GLU A 19 5.01 11.11 17.89
CA GLU A 19 5.75 9.95 17.42
C GLU A 19 4.79 8.87 16.90
N THR A 20 4.55 8.88 15.60
CA THR A 20 3.65 7.91 14.98
C THR A 20 2.22 8.06 15.50
N TRP A 21 1.29 7.36 14.87
CA TRP A 21 -0.11 7.42 15.26
C TRP A 21 -0.85 6.16 14.83
N PRO A 22 -1.56 5.53 15.78
CA PRO A 22 -2.33 4.31 15.52
C PRO A 22 -3.55 4.57 14.64
N TRP A 23 -3.94 3.56 13.87
CA TRP A 23 -5.09 3.68 12.99
C TRP A 23 -6.33 3.03 13.61
N GLN A 24 -7.44 3.75 13.60
CA GLN A 24 -8.69 3.25 14.17
C GLN A 24 -9.74 3.05 13.08
N VAL A 25 -10.61 2.05 13.26
CA VAL A 25 -11.65 1.77 12.30
C VAL A 25 -12.96 2.47 12.68
N LEU A 26 -13.64 3.01 11.68
CA LEU A 26 -14.91 3.71 11.90
C LEU A 26 -16.08 2.75 11.82
N SER A 27 -16.02 1.83 10.87
CA SER A 27 -17.08 0.84 10.68
C SER A 27 -16.77 -0.09 9.50
N THR A 28 -17.29 -1.30 9.56
CA THR A 28 -17.06 -2.29 8.52
C THR A 28 -18.37 -2.99 8.14
N GLY A 29 -18.34 -3.67 7.00
CA GLY A 29 -19.52 -4.38 6.54
C GLY A 29 -20.02 -3.89 5.19
N GLY A 30 -19.95 -4.76 4.18
CA GLY A 30 -20.39 -4.38 2.85
C GLY A 30 -21.27 -5.43 2.22
N LYS A 31 -21.13 -5.61 0.91
CA LYS A 31 -21.92 -6.59 0.17
C LYS A 31 -21.46 -8.01 0.50
N GLU A 32 -22.24 -8.99 0.06
CA GLU A 32 -21.91 -10.40 0.30
C GLU A 32 -20.63 -10.79 -0.44
N ASP A 33 -19.89 -11.74 0.12
CA ASP A 33 -18.66 -12.20 -0.50
C ASP A 33 -17.55 -11.15 -0.37
N VAL A 34 -17.72 -10.04 -1.09
CA VAL A 34 -16.74 -8.96 -1.05
C VAL A 34 -17.13 -7.89 -0.03
N SER A 35 -16.32 -7.79 1.02
CA SER A 35 -16.58 -6.81 2.08
C SER A 35 -15.49 -5.75 2.11
N TYR A 36 -15.84 -4.56 2.61
CA TYR A 36 -14.89 -3.47 2.70
C TYR A 36 -14.73 -2.99 4.14
N GLU A 37 -13.65 -2.27 4.40
CA GLU A 37 -13.39 -1.76 5.74
C GLU A 37 -12.73 -0.39 5.68
N GLU A 38 -13.35 0.58 6.36
CA GLU A 38 -12.83 1.95 6.39
C GLU A 38 -12.02 2.20 7.66
N ARG A 39 -10.82 2.76 7.50
CA ARG A 39 -9.96 3.06 8.63
C ARG A 39 -9.25 4.39 8.43
N ALA A 40 -8.70 4.93 9.51
CA ALA A 40 -7.98 6.21 9.47
C ALA A 40 -6.50 5.99 9.18
N CYS A 41 -5.94 6.83 8.31
CA CYS A 41 -4.52 6.73 7.96
C CYS A 41 -3.65 6.84 9.20
N GLU A 42 -2.89 5.77 9.47
CA GLU A 42 -2.01 5.75 10.63
C GLU A 42 -1.14 7.01 10.68
N GLY A 43 -0.82 7.54 9.51
CA GLY A 43 0.01 8.73 9.44
C GLY A 43 1.47 8.44 9.70
N GLY A 44 1.82 7.16 9.74
CA GLY A 44 3.20 6.77 10.00
C GLY A 44 4.11 7.08 8.83
N LYS A 45 5.42 7.02 9.06
CA LYS A 45 6.39 7.30 8.02
C LYS A 45 6.70 6.04 7.21
N PHE A 46 6.63 6.15 5.89
CA PHE A 46 6.91 5.03 5.01
C PHE A 46 7.80 5.45 3.85
N ALA A 47 8.48 4.47 3.25
CA ALA A 47 9.38 4.74 2.14
C ALA A 47 8.71 4.41 0.81
N THR A 48 8.71 5.37 -0.11
CA THR A 48 8.11 5.19 -1.42
C THR A 48 9.01 5.70 -2.53
N VAL A 49 8.80 5.20 -3.74
CA VAL A 49 9.61 5.61 -4.88
C VAL A 49 8.72 6.06 -6.05
N GLU A 50 9.17 7.08 -6.76
CA GLU A 50 8.41 7.59 -7.90
C GLU A 50 9.00 7.08 -9.22
N VAL A 51 8.14 6.47 -10.05
CA VAL A 51 8.58 5.94 -11.33
C VAL A 51 7.62 6.34 -12.43
N THR A 52 8.13 7.11 -13.41
CA THR A 52 7.31 7.55 -14.53
C THR A 52 7.94 7.16 -15.87
N ASP A 53 7.21 7.39 -16.95
CA ASP A 53 7.70 7.06 -18.29
C ASP A 53 7.88 5.56 -18.44
N LYS A 54 7.32 4.80 -17.51
CA LYS A 54 7.42 3.34 -17.54
C LYS A 54 6.11 2.69 -17.09
N PRO A 55 5.82 1.51 -17.66
CA PRO A 55 4.59 0.78 -17.33
C PRO A 55 4.63 0.19 -15.92
N VAL A 56 3.44 -0.10 -15.38
CA VAL A 56 3.34 -0.65 -14.04
C VAL A 56 4.31 -1.82 -13.84
N ASP A 57 4.51 -2.59 -14.91
CA ASP A 57 5.42 -3.73 -14.86
C ASP A 57 6.86 -3.27 -14.67
N GLU A 58 7.24 -2.21 -15.36
CA GLU A 58 8.59 -1.68 -15.27
C GLU A 58 8.80 -0.93 -13.96
N ALA A 59 7.89 0.00 -13.66
CA ALA A 59 7.96 0.78 -12.44
C ALA A 59 7.99 -0.12 -11.21
N LEU A 60 7.24 -1.22 -11.27
CA LEU A 60 7.18 -2.17 -10.16
C LEU A 60 8.48 -2.95 -10.05
N ARG A 61 8.95 -3.48 -11.18
CA ARG A 61 10.18 -4.25 -11.21
C ARG A 61 11.38 -3.39 -10.81
N GLU A 62 11.23 -2.08 -10.97
CA GLU A 62 12.30 -1.15 -10.62
C GLU A 62 12.29 -0.83 -9.12
N ALA A 63 11.09 -0.68 -8.56
CA ALA A 63 10.95 -0.39 -7.15
C ALA A 63 11.19 -1.62 -6.29
N MET A 64 10.86 -2.79 -6.85
CA MET A 64 11.04 -4.05 -6.15
C MET A 64 12.40 -4.10 -5.46
N PRO A 65 13.48 -3.96 -6.25
CA PRO A 65 14.85 -3.98 -5.75
C PRO A 65 15.17 -2.75 -4.91
N LYS A 66 14.57 -1.62 -5.26
CA LYS A 66 14.80 -0.36 -4.55
C LYS A 66 14.30 -0.47 -3.11
N ILE A 67 13.16 -1.11 -2.92
CA ILE A 67 12.59 -1.28 -1.59
C ILE A 67 13.30 -2.38 -0.82
N MET A 68 13.67 -3.45 -1.51
CA MET A 68 14.36 -4.57 -0.89
C MET A 68 15.78 -4.16 -0.46
N LYS A 69 16.52 -3.57 -1.40
CA LYS A 69 17.88 -3.14 -1.13
C LYS A 69 17.92 -2.17 0.04
N TYR A 70 16.82 -1.45 0.26
CA TYR A 70 16.73 -0.49 1.34
C TYR A 70 16.91 -1.18 2.69
N VAL A 71 16.16 -2.25 2.92
CA VAL A 71 16.25 -3.00 4.16
C VAL A 71 17.37 -4.04 4.10
N GLY A 72 17.80 -4.37 2.89
CA GLY A 72 18.86 -5.34 2.73
C GLY A 72 20.16 -4.90 3.35
N GLY A 73 20.30 -3.59 3.58
CA GLY A 73 21.51 -3.06 4.18
C GLY A 73 22.11 -1.93 3.37
N THR A 74 21.42 -1.54 2.30
CA THR A 74 21.89 -0.47 1.43
C THR A 74 21.28 0.87 1.84
N ASN A 75 21.04 1.05 3.13
CA ASN A 75 20.47 2.28 3.64
C ASN A 75 21.55 3.21 4.18
N ASP A 76 21.14 4.38 4.65
CA ASP A 76 22.07 5.36 5.19
C ASP A 76 22.79 4.80 6.42
N LYS A 77 22.08 3.97 7.17
CA LYS A 77 22.65 3.36 8.38
C LYS A 77 23.33 2.04 8.05
N GLY A 78 23.06 1.52 6.85
CA GLY A 78 23.66 0.26 6.44
C GLY A 78 23.14 -0.91 7.23
N VAL A 79 21.95 -0.76 7.80
CA VAL A 79 21.34 -1.83 8.61
C VAL A 79 20.65 -2.85 7.71
N GLY A 80 21.06 -4.11 7.83
CA GLY A 80 20.47 -5.16 7.03
C GLY A 80 19.71 -6.17 7.88
N MET A 81 18.64 -6.72 7.32
CA MET A 81 17.83 -7.71 8.03
C MET A 81 17.42 -7.18 9.41
N GLY A 82 16.28 -6.49 9.46
CA GLY A 82 15.80 -5.94 10.71
C GLY A 82 14.30 -5.77 10.73
N MET A 83 13.75 -5.34 9.61
CA MET A 83 12.30 -5.13 9.50
C MET A 83 11.69 -6.07 8.46
N THR A 84 10.60 -6.74 8.85
CA THR A 84 9.93 -7.67 7.96
C THR A 84 8.46 -7.29 7.78
N VAL A 85 8.09 -6.98 6.54
CA VAL A 85 6.71 -6.61 6.23
C VAL A 85 6.47 -6.59 4.72
N PRO A 86 5.22 -6.85 4.32
CA PRO A 86 4.83 -6.87 2.91
C PRO A 86 4.85 -5.48 2.28
N VAL A 87 5.24 -5.41 1.01
CA VAL A 87 5.30 -4.14 0.30
C VAL A 87 4.13 -3.99 -0.65
N SER A 88 3.68 -2.76 -0.84
CA SER A 88 2.55 -2.47 -1.73
C SER A 88 2.88 -1.32 -2.67
N PHE A 89 2.01 -1.10 -3.66
CA PHE A 89 2.21 -0.04 -4.62
C PHE A 89 0.87 0.56 -5.05
N ALA A 90 0.90 1.82 -5.48
CA ALA A 90 -0.31 2.51 -5.91
C ALA A 90 -0.44 2.48 -7.44
N VAL A 91 -1.68 2.53 -7.91
CA VAL A 91 -1.94 2.51 -9.35
C VAL A 91 -3.07 3.47 -9.71
N PHE A 92 -3.02 4.00 -10.93
CA PHE A 92 -4.03 4.94 -11.40
C PHE A 92 -4.62 4.47 -12.73
N PRO A 93 -5.80 3.83 -12.65
CA PRO A 93 -6.50 3.31 -13.84
C PRO A 93 -7.06 4.44 -14.71
N ASN A 94 -6.83 4.33 -16.02
CA ASN A 94 -7.31 5.34 -16.96
C ASN A 94 -8.81 5.22 -17.16
N GLU A 95 -9.37 6.10 -17.99
CA GLU A 95 -10.80 6.10 -18.27
C GLU A 95 -11.23 4.75 -18.85
N ASP A 96 -10.30 4.08 -19.54
CA ASP A 96 -10.59 2.78 -20.14
C ASP A 96 -10.20 1.65 -19.20
N GLY A 97 -9.60 2.01 -18.07
CA GLY A 97 -9.18 1.01 -17.11
C GLY A 97 -7.74 0.57 -17.30
N SER A 98 -7.02 1.29 -18.16
CA SER A 98 -5.62 0.97 -18.43
C SER A 98 -4.70 1.65 -17.42
N LEU A 99 -3.79 0.87 -16.84
CA LEU A 99 -2.84 1.39 -15.87
C LEU A 99 -1.64 2.02 -16.55
N GLN A 100 -1.78 3.29 -16.93
CA GLN A 100 -0.70 4.01 -17.59
C GLN A 100 -0.73 5.49 -17.23
N LYS A 101 0.30 5.94 -16.52
CA LYS A 101 0.39 7.34 -16.10
C LYS A 101 1.53 7.53 -15.11
N LYS A 102 1.40 6.92 -13.93
CA LYS A 102 2.41 7.03 -12.89
C LYS A 102 2.19 5.98 -11.81
N LEU A 103 3.26 5.28 -11.44
CA LEU A 103 3.19 4.25 -10.41
C LEU A 103 4.13 4.57 -9.25
N LYS A 104 3.57 4.64 -8.05
CA LYS A 104 4.36 4.92 -6.86
C LYS A 104 4.28 3.78 -5.86
N VAL A 105 5.40 3.12 -5.61
CA VAL A 105 5.45 2.01 -4.67
C VAL A 105 5.62 2.51 -3.24
N TRP A 106 4.91 1.88 -2.31
CA TRP A 106 4.98 2.26 -0.91
C TRP A 106 5.35 1.06 -0.04
N PHE A 107 6.40 1.22 0.78
CA PHE A 107 6.85 0.16 1.66
C PHE A 107 6.46 0.44 3.10
N ARG A 108 5.84 -0.53 3.74
CA ARG A 108 5.40 -0.39 5.13
C ARG A 108 6.54 -0.73 6.09
N ILE A 109 6.69 0.08 7.12
CA ILE A 109 7.74 -0.14 8.12
C ILE A 109 7.15 -0.53 9.46
N PRO A 110 7.73 -1.56 10.09
CA PRO A 110 7.28 -2.06 11.39
C PRO A 110 7.59 -1.08 12.51
N ASN A 111 6.77 -1.12 13.56
CA ASN A 111 6.94 -0.24 14.71
C ASN A 111 8.37 -0.32 15.24
N GLN A 112 8.98 -1.49 15.11
CA GLN A 112 10.35 -1.70 15.58
C GLN A 112 11.31 -0.72 14.89
N PHE A 113 11.01 -0.40 13.64
CA PHE A 113 11.84 0.53 12.88
C PHE A 113 11.25 1.92 12.86
N GLN A 114 9.92 2.00 12.98
CA GLN A 114 9.22 3.27 12.99
C GLN A 114 9.80 4.21 14.05
N GLY A 115 10.22 3.63 15.17
CA GLY A 115 10.79 4.43 16.25
C GLY A 115 11.98 5.24 15.80
N SER A 116 12.67 4.76 14.77
CA SER A 116 13.84 5.44 14.24
C SER A 116 14.39 4.72 13.02
N PRO A 117 13.69 4.86 11.89
CA PRO A 117 14.08 4.24 10.62
C PRO A 117 15.34 4.87 10.03
N PRO A 118 16.02 4.12 9.15
CA PRO A 118 17.25 4.58 8.50
C PRO A 118 16.98 5.70 7.49
N ALA A 119 18.01 6.48 7.20
CA ALA A 119 17.89 7.59 6.26
C ALA A 119 17.95 7.09 4.83
N PRO A 120 17.36 7.86 3.90
CA PRO A 120 17.33 7.51 2.47
C PRO A 120 18.70 7.62 1.82
N SER A 121 19.41 6.50 1.75
CA SER A 121 20.74 6.47 1.15
C SER A 121 20.73 7.10 -0.23
N ASP A 122 19.59 6.99 -0.91
CA ASP A 122 19.44 7.55 -2.26
C ASP A 122 18.26 8.52 -2.32
N GLU A 123 18.16 9.25 -3.42
CA GLU A 123 17.08 10.20 -3.61
C GLU A 123 15.84 9.54 -4.17
N SER A 124 16.04 8.42 -4.87
CA SER A 124 14.93 7.68 -5.47
C SER A 124 13.95 7.22 -4.40
N VAL A 125 14.48 6.73 -3.29
CA VAL A 125 13.65 6.25 -2.19
C VAL A 125 13.76 7.16 -0.97
N LYS A 126 12.65 7.77 -0.58
CA LYS A 126 12.63 8.66 0.57
C LYS A 126 11.52 8.28 1.54
N ILE A 127 11.71 8.60 2.82
CA ILE A 127 10.72 8.29 3.84
C ILE A 127 9.77 9.46 4.06
N GLU A 128 8.51 9.26 3.69
CA GLU A 128 7.50 10.30 3.86
C GLU A 128 6.21 9.73 4.47
N GLU A 129 5.61 10.51 5.36
CA GLU A 129 4.38 10.07 6.02
C GLU A 129 3.16 10.78 5.43
N ARG A 130 2.00 10.14 5.51
CA ARG A 130 0.78 10.71 4.99
C ARG A 130 -0.40 10.42 5.92
N GLU A 131 -1.08 11.48 6.35
CA GLU A 131 -2.22 11.35 7.25
C GLU A 131 -3.33 12.32 6.87
N GLY A 132 -4.53 12.09 7.41
CA GLY A 132 -5.65 12.97 7.12
C GLY A 132 -6.46 12.48 5.94
N ILE A 133 -6.32 11.20 5.61
CA ILE A 133 -7.05 10.61 4.49
C ILE A 133 -7.74 9.31 4.91
N THR A 134 -8.87 9.02 4.28
CA THR A 134 -9.63 7.81 4.58
C THR A 134 -9.63 6.85 3.40
N VAL A 135 -9.25 5.60 3.65
CA VAL A 135 -9.21 4.59 2.61
C VAL A 135 -9.99 3.35 3.01
N TYR A 136 -10.54 2.65 2.02
CA TYR A 136 -11.31 1.44 2.27
C TYR A 136 -10.62 0.21 1.69
N SER A 137 -10.34 -0.76 2.55
CA SER A 137 -9.68 -1.99 2.12
C SER A 137 -10.68 -3.14 2.01
N THR A 138 -10.38 -4.10 1.13
CA THR A 138 -11.26 -5.25 0.92
C THR A 138 -10.45 -6.54 0.88
N GLN A 139 -10.83 -7.50 1.71
CA GLN A 139 -10.14 -8.78 1.76
C GLN A 139 -11.03 -9.90 1.22
N PHE A 140 -10.45 -10.81 0.46
CA PHE A 140 -11.19 -11.93 -0.11
C PHE A 140 -10.31 -13.16 -0.23
N GLY A 141 -10.93 -14.30 -0.48
CA GLY A 141 -10.20 -15.55 -0.60
C GLY A 141 -10.48 -16.27 -1.90
N GLY A 142 -9.67 -17.27 -2.22
CA GLY A 142 -9.85 -18.02 -3.44
C GLY A 142 -8.84 -17.65 -4.51
N TYR A 143 -9.05 -18.15 -5.72
CA TYR A 143 -8.16 -17.86 -6.83
C TYR A 143 -8.26 -16.39 -7.25
N ALA A 144 -7.17 -15.66 -7.07
CA ALA A 144 -7.13 -14.25 -7.42
C ALA A 144 -6.00 -13.96 -8.42
N LYS A 145 -6.37 -13.59 -9.64
CA LYS A 145 -5.40 -13.29 -10.67
C LYS A 145 -5.11 -11.79 -10.73
N GLU A 146 -4.18 -11.40 -11.61
CA GLU A 146 -3.83 -10.00 -11.76
C GLU A 146 -5.05 -9.16 -12.07
N ALA A 147 -5.95 -9.70 -12.88
CA ALA A 147 -7.18 -9.00 -13.26
C ALA A 147 -8.13 -8.88 -12.07
N ASP A 148 -8.08 -9.87 -11.18
CA ASP A 148 -8.95 -9.87 -10.00
C ASP A 148 -8.75 -8.60 -9.18
N TYR A 149 -7.49 -8.21 -8.99
CA TYR A 149 -7.16 -7.02 -8.22
C TYR A 149 -7.82 -5.78 -8.83
N VAL A 150 -7.84 -5.72 -10.16
CA VAL A 150 -8.45 -4.60 -10.86
C VAL A 150 -9.96 -4.66 -10.81
N ALA A 151 -10.49 -5.87 -10.78
CA ALA A 151 -11.93 -6.08 -10.73
C ALA A 151 -12.49 -5.78 -9.33
N HIS A 152 -11.73 -6.18 -8.32
CA HIS A 152 -12.13 -5.96 -6.93
C HIS A 152 -12.21 -4.46 -6.62
N ALA A 153 -11.27 -3.71 -7.18
CA ALA A 153 -11.23 -2.26 -6.97
C ALA A 153 -12.52 -1.60 -7.41
N THR A 154 -12.98 -1.97 -8.60
CA THR A 154 -14.22 -1.40 -9.15
C THR A 154 -15.44 -2.04 -8.50
N GLN A 155 -15.33 -3.32 -8.15
CA GLN A 155 -16.42 -4.04 -7.53
C GLN A 155 -16.91 -3.32 -6.26
N LEU A 156 -15.96 -2.81 -5.49
CA LEU A 156 -16.29 -2.10 -4.26
C LEU A 156 -17.21 -0.92 -4.54
N ARG A 157 -17.10 -0.36 -5.74
CA ARG A 157 -17.93 0.77 -6.14
C ARG A 157 -19.42 0.43 -6.03
N THR A 158 -19.76 -0.80 -6.41
CA THR A 158 -21.14 -1.25 -6.36
C THR A 158 -21.57 -1.56 -4.94
N THR A 159 -20.61 -1.97 -4.10
CA THR A 159 -20.88 -2.31 -2.71
C THR A 159 -21.00 -1.05 -1.87
N LEU A 160 -20.24 -0.02 -2.22
CA LEU A 160 -20.27 1.24 -1.48
C LEU A 160 -21.61 1.95 -1.67
N GLU A 161 -22.40 1.46 -2.62
CA GLU A 161 -23.71 2.04 -2.90
C GLU A 161 -24.45 2.37 -1.60
N GLY A 162 -24.82 3.64 -1.44
CA GLY A 162 -25.52 4.06 -0.25
C GLY A 162 -24.60 4.67 0.78
N THR A 163 -23.34 4.85 0.41
CA THR A 163 -22.35 5.43 1.32
C THR A 163 -21.85 6.77 0.79
N PRO A 164 -21.60 7.72 1.71
CA PRO A 164 -21.10 9.05 1.36
C PRO A 164 -19.66 9.03 0.85
N ALA A 165 -19.01 7.89 1.03
CA ALA A 165 -17.62 7.72 0.60
C ALA A 165 -17.51 7.79 -0.92
N THR A 166 -16.58 8.60 -1.41
CA THR A 166 -16.37 8.77 -2.84
C THR A 166 -14.92 8.49 -3.22
N TYR A 167 -14.66 8.40 -4.53
CA TYR A 167 -13.32 8.13 -5.02
C TYR A 167 -13.02 8.97 -6.25
N GLN A 168 -11.73 9.13 -6.55
CA GLN A 168 -11.31 9.91 -7.71
C GLN A 168 -10.39 9.09 -8.61
N GLY A 169 -10.79 8.94 -9.87
CA GLY A 169 -9.98 8.18 -10.81
C GLY A 169 -9.99 6.69 -10.51
N ASP A 170 -10.81 6.28 -9.56
CA ASP A 170 -10.91 4.88 -9.17
C ASP A 170 -9.55 4.35 -8.71
N VAL A 171 -8.66 5.26 -8.35
CA VAL A 171 -7.33 4.89 -7.89
C VAL A 171 -7.41 3.88 -6.76
N TYR A 172 -6.52 2.88 -6.79
CA TYR A 172 -6.48 1.86 -5.76
C TYR A 172 -5.05 1.42 -5.47
N TYR A 173 -4.87 0.68 -4.38
CA TYR A 173 -3.55 0.22 -3.99
C TYR A 173 -3.47 -1.31 -4.05
N CYS A 174 -2.27 -1.84 -4.20
CA CYS A 174 -2.07 -3.29 -4.28
C CYS A 174 -0.96 -3.72 -3.33
N ALA A 175 -1.27 -4.69 -2.47
CA ALA A 175 -0.29 -5.21 -1.51
C ALA A 175 0.11 -6.64 -1.85
N GLY A 176 1.37 -6.98 -1.59
CA GLY A 176 1.85 -8.32 -1.87
C GLY A 176 3.24 -8.56 -1.30
N TYR A 177 3.62 -9.83 -1.21
CA TYR A 177 4.92 -10.20 -0.68
C TYR A 177 5.95 -10.36 -1.80
N ASP A 178 5.71 -11.32 -2.69
CA ASP A 178 6.60 -11.57 -3.80
C ASP A 178 5.86 -12.23 -4.96
N PRO A 179 6.44 -12.15 -6.16
CA PRO A 179 5.85 -12.74 -7.37
C PRO A 179 5.90 -14.26 -7.34
N PRO A 180 4.72 -14.88 -7.23
CA PRO A 180 4.59 -16.35 -7.20
C PRO A 180 4.90 -16.99 -8.55
N MET A 181 5.43 -18.21 -8.51
CA MET A 181 5.78 -18.93 -9.72
C MET A 181 4.56 -19.09 -10.63
N LYS A 182 3.37 -19.01 -10.03
CA LYS A 182 2.13 -19.15 -10.79
C LYS A 182 1.20 -17.98 -10.50
N PRO A 183 0.22 -17.78 -11.40
CA PRO A 183 -0.76 -16.69 -11.26
C PRO A 183 -1.73 -16.93 -10.10
N TYR A 184 -1.76 -18.15 -9.61
CA TYR A 184 -2.64 -18.51 -8.50
C TYR A 184 -2.29 -17.72 -7.24
N GLY A 185 -3.30 -17.19 -6.57
CA GLY A 185 -3.08 -16.42 -5.36
C GLY A 185 -4.17 -16.62 -4.33
N ARG A 186 -3.77 -16.92 -3.10
CA ARG A 186 -4.73 -17.14 -2.02
C ARG A 186 -4.94 -15.86 -1.21
N ARG A 187 -3.86 -15.13 -0.96
CA ARG A 187 -3.93 -13.89 -0.21
C ARG A 187 -3.87 -12.68 -1.13
N ASN A 188 -4.81 -11.75 -0.94
CA ASN A 188 -4.87 -10.54 -1.76
C ASN A 188 -5.29 -9.34 -0.92
N GLU A 189 -4.88 -8.15 -1.36
CA GLU A 189 -5.22 -6.92 -0.65
C GLU A 189 -5.40 -5.76 -1.63
N VAL A 190 -6.49 -5.03 -1.47
CA VAL A 190 -6.79 -3.90 -2.34
C VAL A 190 -7.61 -2.84 -1.61
N TRP A 191 -7.07 -1.63 -1.53
CA TRP A 191 -7.75 -0.53 -0.86
C TRP A 191 -7.74 0.73 -1.72
N LEU A 192 -8.92 1.32 -1.91
CA LEU A 192 -9.05 2.52 -2.72
C LEU A 192 -9.07 3.77 -1.84
N VAL A 193 -8.38 4.82 -2.28
CA VAL A 193 -8.34 6.07 -1.53
C VAL A 193 -9.56 6.93 -1.82
N LYS A 194 -10.13 7.50 -0.77
CA LYS A 194 -11.30 8.36 -0.91
C LYS A 194 -10.97 9.61 -1.73
N ALA A 195 -11.91 10.03 -2.58
CA ALA A 195 -11.72 11.21 -3.40
C ALA A 195 -11.51 12.45 -2.56
N ASN A 12 16.17 15.64 29.03
CA ASN A 12 15.54 16.94 29.06
C ASN A 12 14.89 17.27 27.73
N SER A 13 14.35 18.48 27.61
CA SER A 13 13.70 18.92 26.38
C SER A 13 12.36 18.21 26.20
N LEU A 14 12.41 16.92 25.93
CA LEU A 14 11.21 16.12 25.72
C LEU A 14 10.40 16.66 24.55
N PHE A 15 10.54 16.00 23.40
CA PHE A 15 9.82 16.41 22.19
C PHE A 15 9.44 15.20 21.35
N GLY A 16 8.52 15.39 20.42
CA GLY A 16 8.09 14.32 19.56
C GLY A 16 7.42 14.81 18.29
N SER A 17 7.53 14.03 17.22
CA SER A 17 6.92 14.40 15.94
C SER A 17 7.18 13.32 14.88
N VAL A 18 6.12 12.88 14.22
CA VAL A 18 6.24 11.86 13.19
C VAL A 18 6.75 10.55 13.78
N GLU A 19 5.84 9.59 13.94
CA GLU A 19 6.20 8.28 14.49
C GLU A 19 5.01 7.33 14.44
N THR A 20 5.15 6.19 15.11
CA THR A 20 4.09 5.19 15.14
C THR A 20 2.76 5.80 15.56
N TRP A 21 1.67 5.24 15.08
CA TRP A 21 0.34 5.73 15.41
C TRP A 21 -0.72 4.67 15.14
N PRO A 22 -1.64 4.49 16.11
CA PRO A 22 -2.72 3.51 16.01
C PRO A 22 -3.76 3.89 14.96
N TRP A 23 -4.37 2.89 14.34
CA TRP A 23 -5.39 3.13 13.32
C TRP A 23 -6.79 2.92 13.88
N GLN A 24 -7.67 3.87 13.62
CA GLN A 24 -9.04 3.79 14.10
C GLN A 24 -10.00 3.47 12.95
N VAL A 25 -10.80 2.42 13.13
CA VAL A 25 -11.76 2.01 12.12
C VAL A 25 -13.13 2.62 12.38
N LEU A 26 -13.79 3.05 11.31
CA LEU A 26 -15.12 3.65 11.42
C LEU A 26 -16.21 2.59 11.37
N SER A 27 -16.04 1.61 10.48
CA SER A 27 -17.01 0.54 10.34
C SER A 27 -16.61 -0.40 9.20
N THR A 28 -17.11 -1.63 9.27
CA THR A 28 -16.79 -2.64 8.26
C THR A 28 -18.05 -3.37 7.80
N GLY A 29 -17.95 -4.08 6.69
CA GLY A 29 -19.09 -4.81 6.16
C GLY A 29 -19.39 -4.47 4.72
N GLY A 30 -20.64 -4.64 4.31
CA GLY A 30 -21.03 -4.34 2.95
C GLY A 30 -21.80 -5.47 2.30
N LYS A 31 -21.67 -5.60 0.99
CA LYS A 31 -22.37 -6.65 0.26
C LYS A 31 -21.72 -8.01 0.51
N GLU A 32 -22.40 -9.07 0.08
CA GLU A 32 -21.90 -10.43 0.26
C GLU A 32 -20.63 -10.66 -0.57
N ASP A 33 -19.81 -11.60 -0.12
CA ASP A 33 -18.57 -11.92 -0.82
C ASP A 33 -17.54 -10.82 -0.62
N VAL A 34 -17.79 -9.66 -1.21
CA VAL A 34 -16.89 -8.53 -1.10
C VAL A 34 -17.27 -7.63 0.06
N SER A 35 -16.32 -7.36 0.95
CA SER A 35 -16.56 -6.51 2.11
C SER A 35 -15.60 -5.33 2.14
N TYR A 36 -16.02 -4.25 2.78
CA TYR A 36 -15.20 -3.04 2.87
C TYR A 36 -15.04 -2.62 4.32
N GLU A 37 -14.02 -1.79 4.57
CA GLU A 37 -13.75 -1.30 5.91
C GLU A 37 -13.12 0.09 5.87
N GLU A 38 -13.71 1.02 6.63
CA GLU A 38 -13.21 2.39 6.67
C GLU A 38 -12.27 2.58 7.85
N ARG A 39 -11.08 3.12 7.56
CA ARG A 39 -10.08 3.36 8.59
C ARG A 39 -9.34 4.67 8.34
N ALA A 40 -8.64 5.16 9.36
CA ALA A 40 -7.89 6.40 9.24
C ALA A 40 -6.39 6.13 9.19
N CYS A 41 -5.70 6.83 8.29
CA CYS A 41 -4.26 6.66 8.13
C CYS A 41 -3.53 6.94 9.45
N GLU A 42 -2.73 5.98 9.89
CA GLU A 42 -1.99 6.13 11.13
C GLU A 42 -1.18 7.43 11.13
N GLY A 43 -0.51 7.70 10.01
CA GLY A 43 0.30 8.91 9.91
C GLY A 43 1.76 8.66 10.17
N GLY A 44 2.14 7.38 10.23
CA GLY A 44 3.52 7.04 10.49
C GLY A 44 4.43 7.34 9.32
N LYS A 45 5.73 7.30 9.55
CA LYS A 45 6.70 7.58 8.50
C LYS A 45 7.03 6.32 7.70
N PHE A 46 6.84 6.38 6.39
CA PHE A 46 7.11 5.24 5.52
C PHE A 46 7.93 5.67 4.31
N ALA A 47 8.55 4.69 3.65
CA ALA A 47 9.37 4.96 2.47
C ALA A 47 8.59 4.67 1.18
N THR A 48 8.58 5.64 0.28
CA THR A 48 7.87 5.49 -0.99
C THR A 48 8.72 5.98 -2.15
N VAL A 49 8.40 5.51 -3.35
CA VAL A 49 9.13 5.90 -4.55
C VAL A 49 8.19 6.40 -5.64
N GLU A 50 8.62 7.42 -6.37
CA GLU A 50 7.80 7.99 -7.43
C GLU A 50 8.41 7.66 -8.80
N VAL A 51 7.61 7.01 -9.65
CA VAL A 51 8.06 6.65 -10.99
C VAL A 51 7.02 7.02 -12.04
N THR A 52 7.41 7.90 -12.95
CA THR A 52 6.50 8.34 -14.02
C THR A 52 7.11 8.07 -15.39
N ASP A 53 6.33 8.34 -16.44
CA ASP A 53 6.78 8.13 -17.80
C ASP A 53 6.99 6.65 -18.10
N LYS A 54 6.53 5.81 -17.18
CA LYS A 54 6.65 4.36 -17.32
C LYS A 54 5.42 3.65 -16.79
N PRO A 55 5.09 2.49 -17.40
CA PRO A 55 3.93 1.69 -16.99
C PRO A 55 4.13 1.03 -15.64
N VAL A 56 3.03 0.67 -14.99
CA VAL A 56 3.09 0.02 -13.68
C VAL A 56 4.09 -1.12 -13.69
N ASP A 57 4.22 -1.79 -14.82
CA ASP A 57 5.15 -2.91 -14.95
C ASP A 57 6.59 -2.42 -14.88
N GLU A 58 6.88 -1.34 -15.59
CA GLU A 58 8.23 -0.78 -15.62
C GLU A 58 8.57 -0.13 -14.27
N ALA A 59 7.67 0.75 -13.81
CA ALA A 59 7.88 1.43 -12.54
C ALA A 59 8.11 0.44 -11.40
N LEU A 60 7.46 -0.72 -11.50
CA LEU A 60 7.60 -1.75 -10.48
C LEU A 60 8.98 -2.39 -10.54
N ARG A 61 9.55 -2.48 -11.74
CA ARG A 61 10.85 -3.07 -11.93
C ARG A 61 11.95 -2.14 -11.39
N GLU A 62 11.66 -0.85 -11.33
CA GLU A 62 12.61 0.13 -10.84
C GLU A 62 12.56 0.22 -9.31
N ALA A 63 11.36 0.24 -8.78
CA ALA A 63 11.17 0.32 -7.32
C ALA A 63 11.45 -1.02 -6.66
N MET A 64 11.17 -2.10 -7.38
CA MET A 64 11.39 -3.45 -6.86
C MET A 64 12.74 -3.54 -6.14
N PRO A 65 13.82 -3.24 -6.87
CA PRO A 65 15.18 -3.27 -6.31
C PRO A 65 15.42 -2.15 -5.30
N LYS A 66 14.76 -1.02 -5.50
CA LYS A 66 14.90 0.12 -4.60
C LYS A 66 14.42 -0.23 -3.19
N ILE A 67 13.23 -0.81 -3.11
CA ILE A 67 12.66 -1.20 -1.82
C ILE A 67 13.31 -2.49 -1.30
N MET A 68 13.67 -3.37 -2.22
CA MET A 68 14.30 -4.64 -1.87
C MET A 68 15.69 -4.41 -1.29
N LYS A 69 16.45 -3.52 -1.92
CA LYS A 69 17.81 -3.21 -1.46
C LYS A 69 17.77 -2.37 -0.19
N TYR A 70 16.76 -1.53 -0.08
CA TYR A 70 16.60 -0.67 1.09
C TYR A 70 16.54 -1.49 2.37
N VAL A 71 15.60 -2.43 2.40
CA VAL A 71 15.43 -3.28 3.57
C VAL A 71 16.38 -4.48 3.52
N GLY A 72 16.85 -4.80 2.32
CA GLY A 72 17.76 -5.92 2.16
C GLY A 72 19.06 -5.73 2.92
N GLY A 73 19.49 -4.48 3.05
CA GLY A 73 20.72 -4.19 3.75
C GLY A 73 21.47 -3.01 3.15
N THR A 74 21.06 -2.60 1.95
CA THR A 74 21.70 -1.49 1.26
C THR A 74 21.08 -0.16 1.68
N ASN A 75 20.98 0.06 2.99
CA ASN A 75 20.41 1.29 3.52
C ASN A 75 21.50 2.28 3.91
N ASP A 76 21.09 3.46 4.35
CA ASP A 76 22.03 4.50 4.76
C ASP A 76 22.72 4.13 6.07
N LYS A 77 21.98 3.43 6.94
CA LYS A 77 22.51 3.02 8.23
C LYS A 77 23.37 1.76 8.10
N GLY A 78 23.26 1.11 6.94
CA GLY A 78 24.02 -0.10 6.70
C GLY A 78 23.59 -1.25 7.59
N VAL A 79 22.34 -1.20 8.05
CA VAL A 79 21.80 -2.25 8.90
C VAL A 79 21.12 -3.34 8.08
N GLY A 80 21.04 -4.54 8.64
CA GLY A 80 20.42 -5.65 7.95
C GLY A 80 18.93 -5.44 7.76
N MET A 81 18.18 -6.54 7.77
CA MET A 81 16.72 -6.47 7.59
C MET A 81 16.11 -5.47 8.56
N GLY A 82 15.91 -5.91 9.80
CA GLY A 82 15.33 -5.04 10.81
C GLY A 82 13.84 -4.85 10.61
N MET A 83 13.46 -4.30 9.46
CA MET A 83 12.05 -4.07 9.15
C MET A 83 11.48 -5.20 8.31
N THR A 84 10.37 -5.78 8.77
CA THR A 84 9.72 -6.88 8.06
C THR A 84 8.26 -6.54 7.74
N VAL A 85 7.95 -6.47 6.46
CA VAL A 85 6.60 -6.16 6.01
C VAL A 85 6.47 -6.27 4.50
N PRO A 86 5.26 -6.59 4.03
CA PRO A 86 4.98 -6.74 2.60
C PRO A 86 5.02 -5.41 1.85
N VAL A 87 5.56 -5.43 0.64
CA VAL A 87 5.65 -4.22 -0.17
C VAL A 87 4.38 -4.00 -0.97
N SER A 88 3.99 -2.73 -1.12
CA SER A 88 2.79 -2.38 -1.87
C SER A 88 3.04 -1.17 -2.76
N PHE A 89 2.16 -0.98 -3.74
CA PHE A 89 2.29 0.13 -4.67
C PHE A 89 0.92 0.64 -5.10
N ALA A 90 0.85 1.90 -5.49
CA ALA A 90 -0.40 2.51 -5.93
C ALA A 90 -0.52 2.49 -7.45
N VAL A 91 -1.70 2.13 -7.94
CA VAL A 91 -1.94 2.08 -9.38
C VAL A 91 -3.11 2.97 -9.78
N PHE A 92 -3.05 3.52 -10.99
CA PHE A 92 -4.10 4.39 -11.49
C PHE A 92 -4.72 3.82 -12.76
N PRO A 93 -5.88 3.16 -12.59
CA PRO A 93 -6.61 2.56 -13.71
C PRO A 93 -7.22 3.60 -14.64
N ASN A 94 -7.38 3.24 -15.91
CA ASN A 94 -7.96 4.13 -16.89
C ASN A 94 -9.28 3.59 -17.43
N GLU A 95 -9.93 4.37 -18.29
CA GLU A 95 -11.21 3.97 -18.86
C GLU A 95 -11.04 2.76 -19.78
N ASP A 96 -9.85 2.62 -20.34
CA ASP A 96 -9.56 1.50 -21.24
C ASP A 96 -9.29 0.22 -20.44
N GLY A 97 -9.28 0.35 -19.12
CA GLY A 97 -9.04 -0.80 -18.26
C GLY A 97 -7.57 -1.16 -18.16
N SER A 98 -6.72 -0.27 -18.67
CA SER A 98 -5.27 -0.49 -18.62
C SER A 98 -4.58 0.54 -17.75
N LEU A 99 -3.82 0.06 -16.77
CA LEU A 99 -3.11 0.95 -15.85
C LEU A 99 -1.91 1.60 -16.55
N GLN A 100 -2.07 2.86 -16.92
CA GLN A 100 -1.00 3.60 -17.59
C GLN A 100 -1.04 5.08 -17.22
N LYS A 101 -0.01 5.54 -16.52
CA LYS A 101 0.07 6.93 -16.10
C LYS A 101 1.21 7.13 -15.12
N LYS A 102 1.07 6.58 -13.92
CA LYS A 102 2.09 6.70 -12.89
C LYS A 102 1.83 5.72 -11.74
N LEU A 103 2.91 5.29 -11.08
CA LEU A 103 2.80 4.35 -9.98
C LEU A 103 3.73 4.73 -8.84
N LYS A 104 3.19 4.83 -7.63
CA LYS A 104 3.99 5.19 -6.46
C LYS A 104 4.05 4.02 -5.47
N VAL A 105 5.25 3.49 -5.26
CA VAL A 105 5.44 2.38 -4.33
C VAL A 105 5.45 2.87 -2.88
N TRP A 106 4.81 2.10 -2.01
CA TRP A 106 4.74 2.45 -0.59
C TRP A 106 5.21 1.28 0.28
N PHE A 107 6.29 1.51 1.01
CA PHE A 107 6.84 0.48 1.89
C PHE A 107 6.52 0.78 3.34
N ARG A 108 5.69 -0.08 3.94
CA ARG A 108 5.29 0.09 5.34
C ARG A 108 6.43 -0.31 6.28
N ILE A 109 6.68 0.54 7.27
CA ILE A 109 7.73 0.27 8.24
C ILE A 109 7.16 -0.10 9.60
N PRO A 110 7.72 -1.16 10.21
CA PRO A 110 7.28 -1.65 11.52
C PRO A 110 7.63 -0.67 12.64
N ASN A 111 6.82 -0.67 13.69
CA ASN A 111 7.04 0.20 14.84
C ASN A 111 8.47 0.06 15.36
N GLN A 112 9.02 -1.14 15.22
CA GLN A 112 10.39 -1.41 15.67
C GLN A 112 11.38 -0.48 14.99
N PHE A 113 11.09 -0.14 13.74
CA PHE A 113 11.96 0.74 12.98
C PHE A 113 11.43 2.16 12.96
N GLN A 114 10.11 2.29 13.02
CA GLN A 114 9.46 3.60 13.02
C GLN A 114 10.07 4.52 14.09
N GLY A 115 10.44 3.93 15.22
CA GLY A 115 11.03 4.69 16.29
C GLY A 115 12.27 5.45 15.86
N SER A 116 12.91 4.96 14.80
CA SER A 116 14.12 5.60 14.28
C SER A 116 14.65 4.85 13.06
N PRO A 117 13.95 5.00 11.93
CA PRO A 117 14.32 4.35 10.68
C PRO A 117 15.60 4.93 10.09
N PRO A 118 16.32 4.11 9.30
CA PRO A 118 17.57 4.52 8.66
C PRO A 118 17.35 5.54 7.55
N ALA A 119 18.38 6.31 7.23
CA ALA A 119 18.29 7.32 6.18
C ALA A 119 18.10 6.68 4.81
N PRO A 120 17.51 7.44 3.88
CA PRO A 120 17.25 6.96 2.52
C PRO A 120 18.53 6.80 1.71
N SER A 121 19.03 5.57 1.64
CA SER A 121 20.26 5.27 0.91
C SER A 121 20.09 5.62 -0.57
N ASP A 122 18.90 5.40 -1.11
CA ASP A 122 18.62 5.69 -2.51
C ASP A 122 18.07 7.11 -2.66
N GLU A 123 18.14 7.62 -3.89
CA GLU A 123 17.65 8.97 -4.17
C GLU A 123 16.16 8.96 -4.49
N SER A 124 15.67 7.82 -4.99
CA SER A 124 14.27 7.67 -5.34
C SER A 124 13.45 7.26 -4.12
N VAL A 125 14.11 6.68 -3.13
CA VAL A 125 13.44 6.24 -1.92
C VAL A 125 13.53 7.30 -0.83
N LYS A 126 12.38 7.84 -0.42
CA LYS A 126 12.33 8.86 0.61
C LYS A 126 11.32 8.49 1.69
N ILE A 127 11.64 8.83 2.93
CA ILE A 127 10.76 8.54 4.06
C ILE A 127 9.82 9.71 4.33
N GLU A 128 8.53 9.50 4.09
CA GLU A 128 7.54 10.54 4.31
C GLU A 128 6.27 9.95 4.95
N GLU A 129 5.66 10.72 5.85
CA GLU A 129 4.45 10.28 6.52
C GLU A 129 3.21 10.89 5.87
N ARG A 130 2.11 10.14 5.87
CA ARG A 130 0.87 10.60 5.28
C ARG A 130 -0.31 10.36 6.23
N GLU A 131 -1.02 11.42 6.56
CA GLU A 131 -2.17 11.32 7.45
C GLU A 131 -3.28 12.27 7.04
N GLY A 132 -4.51 11.96 7.43
CA GLY A 132 -5.64 12.80 7.08
C GLY A 132 -6.33 12.35 5.81
N ILE A 133 -6.11 11.08 5.44
CA ILE A 133 -6.72 10.53 4.24
C ILE A 133 -7.59 9.32 4.57
N THR A 134 -8.65 9.13 3.78
CA THR A 134 -9.57 8.01 3.99
C THR A 134 -9.31 6.90 2.98
N VAL A 135 -9.23 5.66 3.47
CA VAL A 135 -9.00 4.52 2.60
C VAL A 135 -9.92 3.35 2.99
N TYR A 136 -10.35 2.61 1.98
CA TYR A 136 -11.24 1.47 2.21
C TYR A 136 -10.55 0.16 1.82
N SER A 137 -10.47 -0.77 2.77
CA SER A 137 -9.84 -2.06 2.53
C SER A 137 -10.88 -3.14 2.30
N THR A 138 -10.58 -4.07 1.41
CA THR A 138 -11.49 -5.17 1.09
C THR A 138 -10.76 -6.50 1.03
N GLN A 139 -11.29 -7.49 1.74
CA GLN A 139 -10.67 -8.82 1.76
C GLN A 139 -11.55 -9.84 1.03
N PHE A 140 -10.93 -10.63 0.16
CA PHE A 140 -11.65 -11.64 -0.60
C PHE A 140 -10.79 -12.88 -0.81
N GLY A 141 -11.36 -14.05 -0.52
CA GLY A 141 -10.63 -15.29 -0.69
C GLY A 141 -11.02 -16.02 -1.95
N GLY A 142 -10.23 -17.03 -2.32
CA GLY A 142 -10.52 -17.80 -3.52
C GLY A 142 -9.51 -17.54 -4.63
N TYR A 143 -9.79 -18.07 -5.81
CA TYR A 143 -8.90 -17.90 -6.96
C TYR A 143 -8.90 -16.46 -7.43
N ALA A 144 -7.86 -15.72 -7.05
CA ALA A 144 -7.74 -14.32 -7.45
C ALA A 144 -6.43 -14.07 -8.19
N LYS A 145 -6.53 -13.85 -9.50
CA LYS A 145 -5.35 -13.60 -10.31
C LYS A 145 -5.02 -12.11 -10.36
N GLU A 146 -3.94 -11.77 -11.04
CA GLU A 146 -3.51 -10.37 -11.15
C GLU A 146 -4.66 -9.50 -11.63
N ALA A 147 -5.50 -10.06 -12.51
CA ALA A 147 -6.63 -9.32 -13.04
C ALA A 147 -7.71 -9.11 -11.97
N ASP A 148 -7.85 -10.09 -11.10
CA ASP A 148 -8.85 -10.01 -10.03
C ASP A 148 -8.64 -8.76 -9.19
N TYR A 149 -7.38 -8.46 -8.87
CA TYR A 149 -7.05 -7.30 -8.07
C TYR A 149 -7.57 -6.02 -8.73
N VAL A 150 -7.52 -5.99 -10.06
CA VAL A 150 -7.98 -4.84 -10.81
C VAL A 150 -9.51 -4.74 -10.81
N ALA A 151 -10.16 -5.90 -10.84
CA ALA A 151 -11.61 -5.96 -10.85
C ALA A 151 -12.18 -5.61 -9.46
N HIS A 152 -11.61 -6.22 -8.43
CA HIS A 152 -12.05 -5.98 -7.06
C HIS A 152 -11.98 -4.49 -6.73
N ALA A 153 -11.00 -3.80 -7.29
CA ALA A 153 -10.82 -2.38 -7.05
C ALA A 153 -12.07 -1.59 -7.47
N THR A 154 -12.56 -1.88 -8.66
CA THR A 154 -13.74 -1.21 -9.18
C THR A 154 -15.02 -1.78 -8.56
N GLN A 155 -15.00 -3.07 -8.27
CA GLN A 155 -16.16 -3.74 -7.69
C GLN A 155 -16.51 -3.12 -6.33
N LEU A 156 -15.51 -2.58 -5.65
CA LEU A 156 -15.71 -1.96 -4.36
C LEU A 156 -16.60 -0.72 -4.47
N ARG A 157 -16.53 -0.07 -5.62
CA ARG A 157 -17.33 1.13 -5.86
C ARG A 157 -18.81 0.80 -5.85
N THR A 158 -19.20 -0.16 -6.68
CA THR A 158 -20.60 -0.58 -6.78
C THR A 158 -21.08 -1.18 -5.47
N THR A 159 -20.19 -1.91 -4.79
CA THR A 159 -20.53 -2.55 -3.53
C THR A 159 -20.73 -1.51 -2.43
N LEU A 160 -19.97 -0.42 -2.49
CA LEU A 160 -20.07 0.64 -1.50
C LEU A 160 -21.28 1.53 -1.77
N GLU A 161 -22.00 1.23 -2.86
CA GLU A 161 -23.17 2.00 -3.23
C GLU A 161 -24.00 2.35 -2.00
N GLY A 162 -24.40 3.61 -1.90
CA GLY A 162 -25.20 4.05 -0.77
C GLY A 162 -24.35 4.61 0.36
N THR A 163 -23.08 4.86 0.06
CA THR A 163 -22.16 5.40 1.06
C THR A 163 -21.67 6.79 0.67
N PRO A 164 -21.56 7.68 1.66
CA PRO A 164 -21.10 9.05 1.44
C PRO A 164 -19.63 9.13 1.07
N ALA A 165 -18.94 8.00 1.17
CA ALA A 165 -17.52 7.93 0.85
C ALA A 165 -17.24 8.52 -0.54
N THR A 166 -15.99 8.90 -0.77
CA THR A 166 -15.60 9.47 -2.05
C THR A 166 -14.44 8.70 -2.67
N TYR A 167 -14.23 8.91 -3.96
CA TYR A 167 -13.14 8.23 -4.68
C TYR A 167 -12.40 9.20 -5.60
N GLN A 168 -11.18 8.84 -5.96
CA GLN A 168 -10.37 9.69 -6.83
C GLN A 168 -9.62 8.84 -7.87
N GLY A 169 -10.06 8.92 -9.11
CA GLY A 169 -9.42 8.16 -10.17
C GLY A 169 -9.64 6.66 -10.02
N ASP A 170 -10.47 6.28 -9.06
CA ASP A 170 -10.76 4.88 -8.81
C ASP A 170 -9.47 4.09 -8.58
N VAL A 171 -8.42 4.79 -8.17
CA VAL A 171 -7.13 4.16 -7.92
C VAL A 171 -7.21 3.19 -6.75
N TYR A 172 -6.41 2.14 -6.81
CA TYR A 172 -6.38 1.13 -5.76
C TYR A 172 -4.96 0.77 -5.37
N TYR A 173 -4.81 0.08 -4.24
CA TYR A 173 -3.50 -0.32 -3.76
C TYR A 173 -3.35 -1.84 -3.77
N CYS A 174 -2.13 -2.31 -3.98
CA CYS A 174 -1.87 -3.75 -4.01
C CYS A 174 -0.64 -4.10 -3.15
N ALA A 175 -0.74 -5.21 -2.43
CA ALA A 175 0.34 -5.65 -1.56
C ALA A 175 0.92 -6.98 -2.05
N GLY A 176 2.22 -7.16 -1.83
CA GLY A 176 2.87 -8.39 -2.25
C GLY A 176 4.28 -8.52 -1.70
N TYR A 177 4.66 -9.74 -1.32
CA TYR A 177 5.99 -9.99 -0.78
C TYR A 177 6.78 -10.93 -1.68
N ASP A 178 6.13 -12.01 -2.10
CA ASP A 178 6.77 -13.00 -2.97
C ASP A 178 5.74 -13.71 -3.84
N PRO A 179 6.20 -14.33 -4.93
CA PRO A 179 5.33 -15.07 -5.85
C PRO A 179 4.79 -16.36 -5.24
N PRO A 180 3.46 -16.51 -5.26
CA PRO A 180 2.79 -17.68 -4.71
C PRO A 180 3.04 -18.94 -5.55
N MET A 181 3.05 -20.09 -4.88
CA MET A 181 3.29 -21.36 -5.57
C MET A 181 2.37 -21.51 -6.77
N LYS A 182 1.19 -20.91 -6.69
CA LYS A 182 0.22 -20.97 -7.77
C LYS A 182 -0.51 -19.63 -7.93
N PRO A 183 -1.11 -19.42 -9.11
CA PRO A 183 -1.85 -18.19 -9.42
C PRO A 183 -3.15 -18.08 -8.62
N TYR A 184 -3.56 -19.19 -8.03
CA TYR A 184 -4.79 -19.21 -7.24
C TYR A 184 -4.83 -18.05 -6.25
N GLY A 185 -3.75 -17.88 -5.49
CA GLY A 185 -3.69 -16.80 -4.53
C GLY A 185 -4.89 -16.79 -3.60
N ARG A 186 -4.79 -17.50 -2.49
CA ARG A 186 -5.88 -17.56 -1.52
C ARG A 186 -5.98 -16.26 -0.73
N ARG A 187 -4.83 -15.62 -0.51
CA ARG A 187 -4.79 -14.36 0.23
C ARG A 187 -4.64 -13.17 -0.71
N ASN A 188 -5.51 -12.17 -0.53
CA ASN A 188 -5.47 -10.98 -1.37
C ASN A 188 -5.83 -9.74 -0.57
N GLU A 189 -5.28 -8.60 -0.97
CA GLU A 189 -5.55 -7.34 -0.28
C GLU A 189 -5.55 -6.17 -1.26
N VAL A 190 -6.60 -5.35 -1.19
CA VAL A 190 -6.73 -4.20 -2.07
C VAL A 190 -7.53 -3.09 -1.42
N TRP A 191 -6.97 -1.89 -1.40
CA TRP A 191 -7.64 -0.74 -0.79
C TRP A 191 -7.51 0.50 -1.69
N LEU A 192 -8.62 1.19 -1.89
CA LEU A 192 -8.65 2.39 -2.72
C LEU A 192 -8.67 3.65 -1.86
N VAL A 193 -7.95 4.67 -2.30
CA VAL A 193 -7.89 5.94 -1.56
C VAL A 193 -9.08 6.83 -1.91
N LYS A 194 -9.69 7.42 -0.89
CA LYS A 194 -10.84 8.29 -1.09
C LYS A 194 -10.40 9.68 -1.57
N ALA A 195 -11.17 10.25 -2.48
CA ALA A 195 -10.87 11.56 -3.03
C ALA A 195 -10.64 12.58 -1.91
N ASN A 12 -1.45 18.63 39.74
CA ASN A 12 -0.31 18.86 38.86
C ASN A 12 -0.03 17.61 38.01
N SER A 13 -0.62 17.57 36.83
CA SER A 13 -0.43 16.44 35.92
C SER A 13 -0.87 16.80 34.51
N LEU A 14 -0.20 16.21 33.52
CA LEU A 14 -0.51 16.47 32.12
C LEU A 14 -0.75 15.15 31.36
N PHE A 15 -1.42 15.25 30.22
CA PHE A 15 -1.70 14.07 29.41
C PHE A 15 -1.96 14.47 27.95
N GLY A 16 -2.16 13.47 27.10
CA GLY A 16 -2.40 13.73 25.70
C GLY A 16 -1.51 12.93 24.78
N SER A 17 -1.85 12.88 23.50
CA SER A 17 -1.07 12.13 22.53
C SER A 17 0.35 12.68 22.43
N VAL A 18 1.31 11.79 22.22
CA VAL A 18 2.71 12.18 22.10
C VAL A 18 3.47 11.25 21.17
N GLU A 19 3.21 9.96 21.31
CA GLU A 19 3.87 8.95 20.47
C GLU A 19 2.87 7.92 19.97
N THR A 20 3.39 6.86 19.35
CA THR A 20 2.55 5.79 18.82
C THR A 20 1.67 6.30 17.69
N TRP A 21 1.23 5.40 16.83
CA TRP A 21 0.38 5.76 15.71
C TRP A 21 -0.78 4.79 15.56
N PRO A 22 -1.68 4.79 16.56
CA PRO A 22 -2.86 3.91 16.56
C PRO A 22 -3.88 4.29 15.51
N TRP A 23 -4.59 3.29 14.99
CA TRP A 23 -5.61 3.54 13.97
C TRP A 23 -7.01 3.49 14.57
N GLN A 24 -7.89 4.36 14.08
CA GLN A 24 -9.26 4.42 14.58
C GLN A 24 -10.25 4.14 13.45
N VAL A 25 -11.07 3.12 13.64
CA VAL A 25 -12.07 2.74 12.63
C VAL A 25 -13.41 3.40 12.93
N LEU A 26 -14.08 3.87 11.88
CA LEU A 26 -15.38 4.51 12.03
C LEU A 26 -16.51 3.49 11.95
N SER A 27 -16.37 2.54 11.03
CA SER A 27 -17.38 1.50 10.85
C SER A 27 -16.98 0.55 9.72
N THR A 28 -17.44 -0.70 9.82
CA THR A 28 -17.13 -1.70 8.81
C THR A 28 -18.38 -2.49 8.42
N GLY A 29 -18.33 -3.14 7.26
CA GLY A 29 -19.46 -3.93 6.81
C GLY A 29 -20.06 -3.39 5.52
N GLY A 30 -20.18 -4.25 4.51
CA GLY A 30 -20.73 -3.84 3.24
C GLY A 30 -21.61 -4.91 2.61
N LYS A 31 -21.15 -5.44 1.48
CA LYS A 31 -21.90 -6.48 0.78
C LYS A 31 -21.32 -7.86 1.06
N GLU A 32 -22.04 -8.89 0.66
CA GLU A 32 -21.59 -10.27 0.88
C GLU A 32 -20.34 -10.56 0.05
N ASP A 33 -19.53 -11.50 0.53
CA ASP A 33 -18.31 -11.88 -0.17
C ASP A 33 -17.25 -10.79 -0.04
N VAL A 34 -17.49 -9.67 -0.72
CA VAL A 34 -16.56 -8.55 -0.69
C VAL A 34 -16.96 -7.53 0.37
N SER A 35 -16.13 -7.41 1.42
CA SER A 35 -16.40 -6.48 2.50
C SER A 35 -15.33 -5.40 2.56
N TYR A 36 -15.75 -4.18 2.89
CA TYR A 36 -14.83 -3.05 2.98
C TYR A 36 -14.73 -2.55 4.42
N GLU A 37 -13.67 -1.80 4.70
CA GLU A 37 -13.44 -1.26 6.04
C GLU A 37 -12.91 0.17 5.97
N GLU A 38 -13.60 1.08 6.65
CA GLU A 38 -13.20 2.48 6.66
C GLU A 38 -12.39 2.80 7.91
N ARG A 39 -11.13 3.16 7.71
CA ARG A 39 -10.24 3.50 8.82
C ARG A 39 -9.34 4.68 8.46
N ALA A 40 -8.73 5.27 9.47
CA ALA A 40 -7.84 6.41 9.27
C ALA A 40 -6.38 5.97 9.30
N CYS A 41 -5.59 6.51 8.37
CA CYS A 41 -4.16 6.17 8.29
C CYS A 41 -3.46 6.49 9.60
N GLU A 42 -2.83 5.48 10.19
CA GLU A 42 -2.12 5.64 11.45
C GLU A 42 -1.28 6.92 11.44
N GLY A 43 -0.77 7.27 10.26
CA GLY A 43 0.05 8.47 10.13
C GLY A 43 1.53 8.18 10.30
N GLY A 44 1.89 6.90 10.30
CA GLY A 44 3.28 6.52 10.45
C GLY A 44 4.11 6.86 9.23
N LYS A 45 5.43 6.81 9.38
CA LYS A 45 6.34 7.12 8.28
C LYS A 45 6.62 5.87 7.44
N PHE A 46 6.62 6.05 6.13
CA PHE A 46 6.87 4.95 5.20
C PHE A 46 7.77 5.39 4.05
N ALA A 47 8.51 4.45 3.48
CA ALA A 47 9.41 4.73 2.38
C ALA A 47 8.78 4.33 1.04
N THR A 48 8.59 5.32 0.16
CA THR A 48 8.00 5.06 -1.14
C THR A 48 8.89 5.59 -2.26
N VAL A 49 8.70 5.06 -3.46
CA VAL A 49 9.49 5.48 -4.61
C VAL A 49 8.58 5.85 -5.79
N GLU A 50 8.74 7.07 -6.28
CA GLU A 50 7.93 7.55 -7.40
C GLU A 50 8.62 7.23 -8.73
N VAL A 51 7.88 6.60 -9.63
CA VAL A 51 8.41 6.23 -10.94
C VAL A 51 7.51 6.75 -12.07
N THR A 52 8.05 7.62 -12.90
CA THR A 52 7.30 8.18 -14.02
C THR A 52 8.00 7.92 -15.34
N ASP A 53 7.33 8.26 -16.43
CA ASP A 53 7.90 8.07 -17.77
C ASP A 53 8.05 6.58 -18.08
N LYS A 54 7.45 5.74 -17.24
CA LYS A 54 7.53 4.29 -17.43
C LYS A 54 6.20 3.63 -17.06
N PRO A 55 5.88 2.53 -17.75
CA PRO A 55 4.64 1.78 -17.51
C PRO A 55 4.66 1.05 -16.17
N VAL A 56 3.46 0.73 -15.67
CA VAL A 56 3.34 0.03 -14.39
C VAL A 56 4.29 -1.16 -14.32
N ASP A 57 4.51 -1.80 -15.47
CA ASP A 57 5.39 -2.96 -15.54
C ASP A 57 6.84 -2.56 -15.28
N GLU A 58 7.26 -1.44 -15.87
CA GLU A 58 8.62 -0.95 -15.71
C GLU A 58 8.80 -0.33 -14.33
N ALA A 59 7.89 0.56 -13.96
CA ALA A 59 7.96 1.23 -12.67
C ALA A 59 7.97 0.22 -11.52
N LEU A 60 7.20 -0.84 -11.68
CA LEU A 60 7.12 -1.89 -10.67
C LEU A 60 8.41 -2.70 -10.62
N ARG A 61 8.88 -3.11 -11.79
CA ARG A 61 10.11 -3.90 -11.89
C ARG A 61 11.32 -3.07 -11.46
N GLU A 62 11.20 -1.75 -11.58
CA GLU A 62 12.28 -0.86 -11.20
C GLU A 62 12.26 -0.56 -9.70
N ALA A 63 11.05 -0.45 -9.14
CA ALA A 63 10.89 -0.18 -7.72
C ALA A 63 11.16 -1.42 -6.89
N MET A 64 10.86 -2.59 -7.46
CA MET A 64 11.08 -3.85 -6.76
C MET A 64 12.46 -3.89 -6.11
N PRO A 65 13.50 -3.72 -6.94
CA PRO A 65 14.89 -3.74 -6.47
C PRO A 65 15.23 -2.51 -5.64
N LYS A 66 14.60 -1.38 -5.96
CA LYS A 66 14.84 -0.15 -5.24
C LYS A 66 14.41 -0.27 -3.79
N ILE A 67 13.21 -0.80 -3.57
CA ILE A 67 12.69 -0.97 -2.22
C ILE A 67 13.32 -2.18 -1.53
N MET A 68 13.62 -3.21 -2.31
CA MET A 68 14.23 -4.41 -1.79
C MET A 68 15.66 -4.15 -1.33
N LYS A 69 16.45 -3.53 -2.19
CA LYS A 69 17.83 -3.21 -1.87
C LYS A 69 17.91 -2.28 -0.66
N TYR A 70 16.91 -1.43 -0.52
CA TYR A 70 16.87 -0.48 0.59
C TYR A 70 16.94 -1.21 1.93
N VAL A 71 15.97 -2.08 2.18
CA VAL A 71 15.93 -2.83 3.42
C VAL A 71 16.93 -3.98 3.40
N GLY A 72 17.35 -4.37 2.20
CA GLY A 72 18.31 -5.45 2.05
C GLY A 72 19.65 -5.13 2.71
N GLY A 73 19.86 -3.85 3.03
CA GLY A 73 21.10 -3.44 3.64
C GLY A 73 21.64 -2.15 3.06
N THR A 74 20.95 -1.63 2.04
CA THR A 74 21.38 -0.40 1.40
C THR A 74 20.74 0.82 2.07
N ASN A 75 20.79 0.84 3.39
CA ASN A 75 20.23 1.94 4.16
C ASN A 75 21.32 2.93 4.56
N ASP A 76 20.91 4.02 5.22
CA ASP A 76 21.85 5.04 5.67
C ASP A 76 22.69 4.53 6.83
N LYS A 77 22.11 3.64 7.62
CA LYS A 77 22.81 3.07 8.78
C LYS A 77 23.50 1.78 8.40
N GLY A 78 23.17 1.24 7.23
CA GLY A 78 23.78 0.00 6.77
C GLY A 78 23.26 -1.20 7.52
N VAL A 79 21.97 -1.20 7.84
CA VAL A 79 21.35 -2.30 8.56
C VAL A 79 20.78 -3.33 7.59
N GLY A 80 21.26 -4.57 7.72
CA GLY A 80 20.78 -5.64 6.85
C GLY A 80 19.91 -6.63 7.58
N MET A 81 18.86 -7.11 6.91
CA MET A 81 17.95 -8.07 7.50
C MET A 81 17.45 -7.58 8.86
N GLY A 82 16.80 -6.42 8.85
CA GLY A 82 16.27 -5.86 10.09
C GLY A 82 14.76 -5.81 10.11
N MET A 83 14.17 -5.41 9.00
CA MET A 83 12.71 -5.32 8.90
C MET A 83 12.20 -6.13 7.70
N THR A 84 11.24 -7.02 7.97
CA THR A 84 10.67 -7.86 6.92
C THR A 84 9.16 -7.69 6.85
N VAL A 85 8.68 -7.20 5.71
CA VAL A 85 7.25 -6.99 5.51
C VAL A 85 6.92 -6.86 4.02
N PRO A 86 5.63 -7.07 3.68
CA PRO A 86 5.16 -6.98 2.30
C PRO A 86 5.16 -5.55 1.78
N VAL A 87 5.32 -5.40 0.47
CA VAL A 87 5.34 -4.08 -0.15
C VAL A 87 4.09 -3.86 -1.00
N SER A 88 3.67 -2.60 -1.10
CA SER A 88 2.49 -2.25 -1.89
C SER A 88 2.79 -1.08 -2.83
N PHE A 89 1.92 -0.91 -3.82
CA PHE A 89 2.10 0.17 -4.80
C PHE A 89 0.74 0.73 -5.23
N ALA A 90 0.74 1.98 -5.66
CA ALA A 90 -0.49 2.63 -6.10
C ALA A 90 -0.67 2.50 -7.61
N VAL A 91 -1.91 2.59 -8.07
CA VAL A 91 -2.21 2.47 -9.49
C VAL A 91 -3.36 3.39 -9.88
N PHE A 92 -3.34 3.86 -11.13
CA PHE A 92 -4.38 4.75 -11.63
C PHE A 92 -5.07 4.15 -12.84
N PRO A 93 -6.25 3.54 -12.62
CA PRO A 93 -7.03 2.92 -13.69
C PRO A 93 -7.63 3.94 -14.65
N ASN A 94 -7.59 3.64 -15.94
CA ASN A 94 -8.13 4.53 -16.95
C ASN A 94 -9.46 4.00 -17.49
N GLU A 95 -10.07 4.77 -18.39
CA GLU A 95 -11.34 4.38 -18.98
C GLU A 95 -11.17 3.20 -19.94
N ASP A 96 -10.02 3.18 -20.62
CA ASP A 96 -9.72 2.10 -21.56
C ASP A 96 -9.32 0.83 -20.83
N GLY A 97 -9.20 0.92 -19.51
CA GLY A 97 -8.82 -0.23 -18.72
C GLY A 97 -7.33 -0.33 -18.53
N SER A 98 -6.57 0.49 -19.25
CA SER A 98 -5.12 0.49 -19.17
C SER A 98 -4.64 1.48 -18.10
N LEU A 99 -3.89 0.96 -17.12
CA LEU A 99 -3.36 1.79 -16.05
C LEU A 99 -2.65 3.01 -16.60
N GLN A 100 -2.38 3.98 -15.73
CA GLN A 100 -1.70 5.20 -16.13
C GLN A 100 -0.19 4.99 -16.20
N LYS A 101 0.51 5.95 -16.78
CA LYS A 101 1.97 5.87 -16.91
C LYS A 101 2.65 6.20 -15.59
N LYS A 102 1.89 6.79 -14.67
CA LYS A 102 2.41 7.17 -13.36
C LYS A 102 2.11 6.09 -12.33
N LEU A 103 3.16 5.60 -11.66
CA LEU A 103 3.00 4.57 -10.65
C LEU A 103 3.99 4.77 -9.50
N LYS A 104 3.49 4.70 -8.28
CA LYS A 104 4.33 4.87 -7.10
C LYS A 104 4.29 3.63 -6.20
N VAL A 105 5.44 3.26 -5.67
CA VAL A 105 5.54 2.09 -4.79
C VAL A 105 5.78 2.51 -3.35
N TRP A 106 4.88 2.08 -2.47
CA TRP A 106 4.99 2.41 -1.05
C TRP A 106 5.42 1.19 -0.24
N PHE A 107 6.44 1.37 0.58
CA PHE A 107 6.96 0.29 1.41
C PHE A 107 6.54 0.47 2.87
N ARG A 108 6.01 -0.60 3.45
CA ARG A 108 5.56 -0.56 4.84
C ARG A 108 6.70 -0.94 5.79
N ILE A 109 6.82 -0.19 6.88
CA ILE A 109 7.87 -0.45 7.86
C ILE A 109 7.27 -0.96 9.17
N PRO A 110 7.88 -2.02 9.72
CA PRO A 110 7.44 -2.64 10.97
C PRO A 110 7.70 -1.75 12.18
N ASN A 111 6.88 -1.90 13.22
CA ASN A 111 7.03 -1.11 14.43
C ASN A 111 8.46 -1.17 14.94
N GLN A 112 9.12 -2.30 14.73
CA GLN A 112 10.50 -2.47 15.17
C GLN A 112 11.41 -1.41 14.56
N PHE A 113 11.10 -1.02 13.34
CA PHE A 113 11.90 0.00 12.63
C PHE A 113 11.23 1.36 12.73
N GLN A 114 9.91 1.37 12.83
CA GLN A 114 9.15 2.61 12.92
C GLN A 114 9.68 3.48 14.06
N GLY A 115 10.08 2.84 15.15
CA GLY A 115 10.60 3.57 16.30
C GLY A 115 11.77 4.45 15.93
N SER A 116 12.46 4.10 14.86
CA SER A 116 13.62 4.87 14.41
C SER A 116 14.23 4.24 13.15
N PRO A 117 13.57 4.46 12.01
CA PRO A 117 14.03 3.93 10.72
C PRO A 117 15.30 4.62 10.24
N PRO A 118 16.02 3.94 9.33
CA PRO A 118 17.27 4.47 8.76
C PRO A 118 17.02 5.65 7.83
N ALA A 119 18.05 6.47 7.64
CA ALA A 119 17.95 7.64 6.77
C ALA A 119 17.94 7.22 5.30
N PRO A 120 17.37 8.08 4.45
CA PRO A 120 17.28 7.82 3.00
C PRO A 120 18.64 7.91 2.32
N SER A 121 19.42 6.85 2.43
CA SER A 121 20.76 6.81 1.84
C SER A 121 20.68 7.12 0.35
N ASP A 122 19.54 6.81 -0.26
CA ASP A 122 19.33 7.06 -1.69
C ASP A 122 18.19 8.02 -1.91
N GLU A 123 18.44 9.08 -2.67
CA GLU A 123 17.41 10.07 -2.97
C GLU A 123 16.19 9.43 -3.62
N SER A 124 16.42 8.31 -4.30
CA SER A 124 15.34 7.59 -4.97
C SER A 124 14.31 7.08 -3.97
N VAL A 125 14.77 6.83 -2.75
CA VAL A 125 13.89 6.34 -1.69
C VAL A 125 13.92 7.26 -0.48
N LYS A 126 12.77 7.85 -0.17
CA LYS A 126 12.66 8.75 0.98
C LYS A 126 11.54 8.31 1.91
N ILE A 127 11.70 8.61 3.20
CA ILE A 127 10.71 8.24 4.20
C ILE A 127 9.71 9.39 4.42
N GLU A 128 8.46 9.15 4.02
CA GLU A 128 7.41 10.14 4.18
C GLU A 128 6.20 9.55 4.88
N GLU A 129 5.56 10.35 5.72
CA GLU A 129 4.38 9.90 6.46
C GLU A 129 3.11 10.51 5.86
N ARG A 130 1.99 9.80 6.03
CA ARG A 130 0.71 10.28 5.51
C ARG A 130 -0.41 10.04 6.51
N GLU A 131 -1.10 11.10 6.89
CA GLU A 131 -2.19 11.00 7.85
C GLU A 131 -3.33 11.97 7.49
N GLY A 132 -4.44 11.84 8.19
CA GLY A 132 -5.58 12.71 7.93
C GLY A 132 -6.34 12.31 6.69
N ILE A 133 -6.18 11.07 6.26
CA ILE A 133 -6.85 10.56 5.08
C ILE A 133 -7.74 9.38 5.41
N THR A 134 -8.84 9.24 4.68
CA THR A 134 -9.78 8.14 4.89
C THR A 134 -9.88 7.25 3.66
N VAL A 135 -9.56 5.98 3.83
CA VAL A 135 -9.61 5.02 2.73
C VAL A 135 -10.39 3.77 3.12
N TYR A 136 -10.78 2.98 2.13
CA TYR A 136 -11.53 1.75 2.37
C TYR A 136 -10.71 0.52 1.97
N SER A 137 -10.51 -0.37 2.93
CA SER A 137 -9.75 -1.59 2.69
C SER A 137 -10.67 -2.81 2.63
N THR A 138 -10.52 -3.61 1.58
CA THR A 138 -11.33 -4.80 1.40
C THR A 138 -10.47 -6.06 1.35
N GLN A 139 -10.76 -7.01 2.23
CA GLN A 139 -10.01 -8.26 2.28
C GLN A 139 -10.86 -9.43 1.80
N PHE A 140 -10.23 -10.38 1.12
CA PHE A 140 -10.93 -11.55 0.61
C PHE A 140 -10.05 -12.80 0.71
N GLY A 141 -10.66 -13.96 0.49
CA GLY A 141 -9.92 -15.21 0.56
C GLY A 141 -9.96 -15.98 -0.74
N GLY A 142 -8.90 -16.74 -1.02
CA GLY A 142 -8.84 -17.51 -2.24
C GLY A 142 -7.77 -17.02 -3.19
N TYR A 143 -7.36 -17.88 -4.11
CA TYR A 143 -6.33 -17.54 -5.09
C TYR A 143 -6.83 -16.47 -6.07
N ALA A 144 -6.15 -15.34 -6.11
CA ALA A 144 -6.52 -14.25 -7.00
C ALA A 144 -5.36 -13.86 -7.91
N LYS A 145 -5.58 -13.98 -9.22
CA LYS A 145 -4.56 -13.65 -10.20
C LYS A 145 -4.52 -12.14 -10.45
N GLU A 146 -3.61 -11.72 -11.33
CA GLU A 146 -3.48 -10.30 -11.67
C GLU A 146 -4.84 -9.69 -12.01
N ALA A 147 -5.64 -10.43 -12.76
CA ALA A 147 -6.97 -9.96 -13.16
C ALA A 147 -7.91 -9.93 -11.97
N ASP A 148 -7.80 -10.93 -11.10
CA ASP A 148 -8.66 -11.01 -9.92
C ASP A 148 -8.56 -9.74 -9.08
N TYR A 149 -7.37 -9.15 -9.07
CA TYR A 149 -7.13 -7.93 -8.30
C TYR A 149 -8.10 -6.83 -8.73
N VAL A 150 -8.33 -6.73 -10.03
CA VAL A 150 -9.23 -5.72 -10.57
C VAL A 150 -10.68 -6.11 -10.35
N ALA A 151 -10.94 -7.40 -10.26
CA ALA A 151 -12.29 -7.91 -10.05
C ALA A 151 -12.93 -7.25 -8.82
N HIS A 152 -12.22 -7.30 -7.69
CA HIS A 152 -12.72 -6.72 -6.46
C HIS A 152 -12.51 -5.21 -6.45
N ALA A 153 -11.48 -4.75 -7.15
CA ALA A 153 -11.18 -3.33 -7.22
C ALA A 153 -12.35 -2.53 -7.79
N THR A 154 -12.91 -3.02 -8.89
CA THR A 154 -14.04 -2.37 -9.53
C THR A 154 -15.34 -2.71 -8.83
N GLN A 155 -15.43 -3.93 -8.30
CA GLN A 155 -16.62 -4.37 -7.61
C GLN A 155 -16.80 -3.62 -6.30
N LEU A 156 -15.69 -3.23 -5.68
CA LEU A 156 -15.72 -2.49 -4.43
C LEU A 156 -16.54 -1.21 -4.56
N ARG A 157 -16.27 -0.45 -5.62
CA ARG A 157 -16.98 0.79 -5.86
C ARG A 157 -18.48 0.57 -5.88
N THR A 158 -18.92 -0.42 -6.66
CA THR A 158 -20.34 -0.74 -6.77
C THR A 158 -20.90 -1.20 -5.43
N THR A 159 -20.05 -1.82 -4.62
CA THR A 159 -20.47 -2.31 -3.30
C THR A 159 -20.85 -1.16 -2.39
N LEU A 160 -20.17 -0.03 -2.55
CA LEU A 160 -20.44 1.15 -1.73
C LEU A 160 -21.61 1.94 -2.29
N GLU A 161 -22.27 1.39 -3.31
CA GLU A 161 -23.41 2.05 -3.95
C GLU A 161 -24.42 2.50 -2.89
N GLY A 162 -24.85 3.75 -3.00
CA GLY A 162 -25.82 4.29 -2.05
C GLY A 162 -25.17 5.09 -0.94
N THR A 163 -23.84 5.01 -0.86
CA THR A 163 -23.10 5.74 0.16
C THR A 163 -22.52 7.03 -0.39
N PRO A 164 -22.30 8.02 0.50
CA PRO A 164 -21.75 9.32 0.12
C PRO A 164 -20.28 9.23 -0.27
N ALA A 165 -19.69 8.06 -0.07
CA ALA A 165 -18.28 7.85 -0.41
C ALA A 165 -18.04 8.09 -1.89
N THR A 166 -16.97 8.82 -2.20
CA THR A 166 -16.62 9.12 -3.58
C THR A 166 -15.19 8.69 -3.90
N TYR A 167 -14.84 8.71 -5.18
CA TYR A 167 -13.52 8.31 -5.61
C TYR A 167 -13.04 9.17 -6.78
N GLN A 168 -11.73 9.28 -6.92
CA GLN A 168 -11.15 10.08 -8.00
C GLN A 168 -10.32 9.22 -8.94
N GLY A 169 -10.81 9.03 -10.16
CA GLY A 169 -10.11 8.21 -11.13
C GLY A 169 -10.08 6.75 -10.75
N ASP A 170 -10.86 6.39 -9.74
CA ASP A 170 -10.93 5.00 -9.28
C ASP A 170 -9.56 4.51 -8.85
N VAL A 171 -8.73 5.42 -8.36
CA VAL A 171 -7.38 5.08 -7.93
C VAL A 171 -7.43 4.16 -6.71
N TYR A 172 -6.54 3.18 -6.68
CA TYR A 172 -6.47 2.23 -5.59
C TYR A 172 -5.04 1.76 -5.34
N TYR A 173 -4.84 1.05 -4.24
CA TYR A 173 -3.51 0.54 -3.89
C TYR A 173 -3.48 -0.97 -3.91
N CYS A 174 -2.31 -1.54 -4.21
CA CYS A 174 -2.16 -2.99 -4.26
C CYS A 174 -1.10 -3.46 -3.26
N ALA A 175 -1.50 -4.36 -2.37
CA ALA A 175 -0.59 -4.88 -1.36
C ALA A 175 -0.27 -6.36 -1.61
N GLY A 176 1.02 -6.69 -1.63
CA GLY A 176 1.42 -8.06 -1.86
C GLY A 176 2.91 -8.27 -1.63
N TYR A 177 3.25 -9.42 -1.05
CA TYR A 177 4.64 -9.74 -0.76
C TYR A 177 5.46 -9.82 -2.05
N ASP A 178 5.20 -10.87 -2.84
CA ASP A 178 5.92 -11.07 -4.09
C ASP A 178 4.97 -11.58 -5.18
N PRO A 179 5.38 -11.43 -6.43
CA PRO A 179 4.58 -11.88 -7.59
C PRO A 179 4.50 -13.40 -7.69
N PRO A 180 3.31 -13.95 -7.45
CA PRO A 180 3.07 -15.39 -7.52
C PRO A 180 3.15 -15.93 -8.95
N MET A 181 3.58 -17.19 -9.07
CA MET A 181 3.71 -17.82 -10.38
C MET A 181 2.36 -18.35 -10.85
N LYS A 182 1.54 -18.80 -9.91
CA LYS A 182 0.22 -19.34 -10.23
C LYS A 182 -0.51 -19.79 -8.97
N PRO A 183 0.08 -20.76 -8.26
CA PRO A 183 -0.50 -21.31 -7.03
C PRO A 183 -0.44 -20.30 -5.88
N TYR A 184 0.58 -19.45 -5.88
CA TYR A 184 0.75 -18.46 -4.84
C TYR A 184 -0.15 -17.24 -5.10
N GLY A 185 -0.28 -16.40 -4.08
CA GLY A 185 -1.12 -15.22 -4.22
C GLY A 185 -2.55 -15.45 -3.79
N ARG A 186 -2.72 -15.91 -2.56
CA ARG A 186 -4.05 -16.18 -2.02
C ARG A 186 -4.57 -14.99 -1.21
N ARG A 187 -3.67 -14.34 -0.48
CA ARG A 187 -4.04 -13.20 0.34
C ARG A 187 -3.63 -11.89 -0.34
N ASN A 188 -4.57 -10.95 -0.41
CA ASN A 188 -4.30 -9.66 -1.04
C ASN A 188 -5.01 -8.54 -0.29
N GLU A 189 -4.57 -7.31 -0.52
CA GLU A 189 -5.16 -6.15 0.14
C GLU A 189 -5.25 -4.97 -0.83
N VAL A 190 -6.42 -4.34 -0.88
CA VAL A 190 -6.63 -3.19 -1.76
C VAL A 190 -7.21 -2.00 -0.98
N TRP A 191 -6.48 -0.90 -0.99
CA TRP A 191 -6.92 0.30 -0.29
C TRP A 191 -7.51 1.32 -1.26
N LEU A 192 -8.76 1.70 -1.04
CA LEU A 192 -9.45 2.65 -1.89
C LEU A 192 -9.47 4.03 -1.25
N VAL A 193 -8.78 4.99 -1.86
CA VAL A 193 -8.73 6.35 -1.35
C VAL A 193 -9.94 7.16 -1.81
N LYS A 194 -10.74 7.60 -0.86
CA LYS A 194 -11.94 8.38 -1.16
C LYS A 194 -11.56 9.71 -1.81
N ALA A 195 -12.32 10.09 -2.84
CA ALA A 195 -12.06 11.34 -3.55
C ALA A 195 -12.07 12.52 -2.59
N ASN A 12 26.58 16.83 27.76
CA ASN A 12 25.81 15.62 28.10
C ASN A 12 24.32 15.90 28.02
N SER A 13 23.75 15.73 26.82
CA SER A 13 22.33 15.95 26.60
C SER A 13 21.88 15.36 25.27
N LEU A 14 20.62 15.59 24.93
CA LEU A 14 20.06 15.09 23.68
C LEU A 14 20.08 13.56 23.66
N PHE A 15 18.92 12.96 23.97
CA PHE A 15 18.81 11.51 23.99
C PHE A 15 17.37 11.08 24.33
N GLY A 16 16.90 10.04 23.65
CA GLY A 16 15.55 9.56 23.89
C GLY A 16 14.63 9.83 22.72
N SER A 17 14.18 8.76 22.06
CA SER A 17 13.30 8.90 20.90
C SER A 17 12.56 7.59 20.63
N VAL A 18 11.25 7.59 20.86
CA VAL A 18 10.43 6.40 20.64
C VAL A 18 8.96 6.71 20.86
N GLU A 19 8.11 6.16 19.99
CA GLU A 19 6.67 6.38 20.09
C GLU A 19 5.92 5.39 19.21
N THR A 20 4.59 5.48 19.23
CA THR A 20 3.74 4.60 18.43
C THR A 20 2.50 5.34 17.93
N TRP A 21 1.99 4.90 16.79
CA TRP A 21 0.81 5.52 16.20
C TRP A 21 -0.17 4.46 15.70
N PRO A 22 -1.04 3.98 16.62
CA PRO A 22 -2.04 2.96 16.30
C PRO A 22 -3.14 3.49 15.39
N TRP A 23 -3.69 2.61 14.56
CA TRP A 23 -4.75 3.00 13.63
C TRP A 23 -6.11 2.54 14.15
N GLN A 24 -7.15 3.28 13.80
CA GLN A 24 -8.51 2.97 14.24
C GLN A 24 -9.46 2.87 13.04
N VAL A 25 -10.51 2.10 13.20
CA VAL A 25 -11.50 1.92 12.13
C VAL A 25 -12.66 2.90 12.29
N LEU A 26 -13.12 3.45 11.17
CA LEU A 26 -14.22 4.41 11.19
C LEU A 26 -15.56 3.69 11.07
N SER A 27 -15.60 2.64 10.25
CA SER A 27 -16.81 1.88 10.04
C SER A 27 -16.58 0.75 9.04
N THR A 28 -17.36 -0.32 9.17
CA THR A 28 -17.25 -1.46 8.27
C THR A 28 -18.61 -1.92 7.79
N GLY A 29 -18.62 -2.76 6.74
CA GLY A 29 -19.87 -3.27 6.20
C GLY A 29 -19.78 -3.56 4.72
N GLY A 30 -20.92 -3.66 4.06
CA GLY A 30 -20.95 -3.95 2.64
C GLY A 30 -21.96 -5.02 2.28
N LYS A 31 -22.04 -5.34 1.00
CA LYS A 31 -22.99 -6.35 0.52
C LYS A 31 -22.53 -7.75 0.92
N GLU A 32 -23.40 -8.73 0.71
CA GLU A 32 -23.08 -10.12 1.06
C GLU A 32 -21.93 -10.64 0.20
N ASP A 33 -21.17 -11.58 0.75
CA ASP A 33 -20.03 -12.15 0.04
C ASP A 33 -18.87 -11.18 -0.01
N VAL A 34 -19.09 -10.02 -0.64
CA VAL A 34 -18.05 -9.00 -0.75
C VAL A 34 -18.23 -7.91 0.30
N SER A 35 -17.30 -7.84 1.24
CA SER A 35 -17.36 -6.83 2.30
C SER A 35 -16.17 -5.90 2.23
N TYR A 36 -16.35 -4.69 2.74
CA TYR A 36 -15.29 -3.69 2.73
C TYR A 36 -15.06 -3.11 4.13
N GLU A 37 -13.86 -2.59 4.37
CA GLU A 37 -13.52 -2.02 5.66
C GLU A 37 -12.58 -0.82 5.49
N GLU A 38 -12.96 0.31 6.06
CA GLU A 38 -12.15 1.52 5.97
C GLU A 38 -11.49 1.82 7.31
N ARG A 39 -10.24 2.29 7.25
CA ARG A 39 -9.50 2.63 8.46
C ARG A 39 -8.80 3.97 8.31
N ALA A 40 -8.36 4.54 9.44
CA ALA A 40 -7.68 5.82 9.43
C ALA A 40 -6.16 5.64 9.43
N CYS A 41 -5.47 6.41 8.60
CA CYS A 41 -4.02 6.33 8.51
C CYS A 41 -3.36 6.77 9.82
N GLU A 42 -2.45 5.94 10.33
CA GLU A 42 -1.76 6.24 11.57
C GLU A 42 -0.98 7.55 11.46
N GLY A 43 -0.38 7.78 10.29
CA GLY A 43 0.38 8.99 10.08
C GLY A 43 1.87 8.78 10.25
N GLY A 44 2.28 7.52 10.36
CA GLY A 44 3.68 7.21 10.54
C GLY A 44 4.49 7.48 9.29
N LYS A 45 5.82 7.47 9.43
CA LYS A 45 6.71 7.72 8.31
C LYS A 45 7.01 6.43 7.55
N PHE A 46 6.90 6.49 6.23
CA PHE A 46 7.17 5.32 5.39
C PHE A 46 8.04 5.70 4.20
N ALA A 47 8.67 4.70 3.59
CA ALA A 47 9.53 4.93 2.43
C ALA A 47 8.79 4.59 1.14
N THR A 48 8.60 5.60 0.30
CA THR A 48 7.92 5.42 -0.97
C THR A 48 8.79 5.85 -2.14
N VAL A 49 8.47 5.36 -3.33
CA VAL A 49 9.24 5.68 -4.53
C VAL A 49 8.32 6.20 -5.64
N GLU A 50 8.80 7.17 -6.40
CA GLU A 50 8.01 7.74 -7.49
C GLU A 50 8.59 7.34 -8.85
N VAL A 51 7.74 6.79 -9.71
CA VAL A 51 8.17 6.35 -11.03
C VAL A 51 7.21 6.86 -12.10
N THR A 52 7.73 7.68 -13.02
CA THR A 52 6.92 8.23 -14.10
C THR A 52 7.57 7.97 -15.45
N ASP A 53 6.81 8.22 -16.52
CA ASP A 53 7.32 8.03 -17.87
C ASP A 53 7.52 6.55 -18.17
N LYS A 54 7.03 5.70 -17.28
CA LYS A 54 7.15 4.25 -17.43
C LYS A 54 5.89 3.54 -16.98
N PRO A 55 5.59 2.39 -17.60
CA PRO A 55 4.41 1.59 -17.27
C PRO A 55 4.51 0.94 -15.90
N VAL A 56 3.36 0.66 -15.29
CA VAL A 56 3.33 0.03 -13.98
C VAL A 56 4.26 -1.18 -13.92
N ASP A 57 4.39 -1.88 -15.05
CA ASP A 57 5.24 -3.05 -15.13
C ASP A 57 6.69 -2.69 -14.80
N GLU A 58 7.20 -1.65 -15.46
CA GLU A 58 8.58 -1.21 -15.24
C GLU A 58 8.69 -0.43 -13.93
N ALA A 59 7.74 0.46 -13.69
CA ALA A 59 7.72 1.27 -12.48
C ALA A 59 7.75 0.39 -11.23
N LEU A 60 6.94 -0.68 -11.25
CA LEU A 60 6.86 -1.59 -10.12
C LEU A 60 8.12 -2.45 -10.03
N ARG A 61 8.49 -3.07 -11.14
CA ARG A 61 9.67 -3.92 -11.19
C ARG A 61 10.93 -3.11 -10.87
N GLU A 62 10.85 -1.80 -11.06
CA GLU A 62 11.98 -0.92 -10.79
C GLU A 62 12.07 -0.59 -9.31
N ALA A 63 10.92 -0.38 -8.69
CA ALA A 63 10.86 -0.05 -7.26
C ALA A 63 11.08 -1.29 -6.41
N MET A 64 10.66 -2.44 -6.92
CA MET A 64 10.81 -3.70 -6.20
C MET A 64 12.20 -3.80 -5.58
N PRO A 65 13.24 -3.72 -6.43
CA PRO A 65 14.63 -3.81 -5.99
C PRO A 65 15.05 -2.58 -5.19
N LYS A 66 14.48 -1.43 -5.52
CA LYS A 66 14.80 -0.18 -4.83
C LYS A 66 14.40 -0.25 -3.36
N ILE A 67 13.19 -0.74 -3.11
CA ILE A 67 12.68 -0.85 -1.75
C ILE A 67 13.29 -2.05 -1.04
N MET A 68 13.46 -3.14 -1.78
CA MET A 68 14.05 -4.36 -1.22
C MET A 68 15.50 -4.14 -0.83
N LYS A 69 16.29 -3.59 -1.76
CA LYS A 69 17.70 -3.34 -1.51
C LYS A 69 17.88 -2.36 -0.36
N TYR A 70 16.91 -1.45 -0.19
CA TYR A 70 16.96 -0.46 0.88
C TYR A 70 17.08 -1.14 2.25
N VAL A 71 16.07 -1.94 2.58
CA VAL A 71 16.05 -2.65 3.86
C VAL A 71 17.00 -3.85 3.84
N GLY A 72 17.32 -4.31 2.64
CA GLY A 72 18.22 -5.45 2.49
C GLY A 72 19.61 -5.16 3.04
N GLY A 73 19.90 -3.89 3.28
CA GLY A 73 21.20 -3.51 3.81
C GLY A 73 21.70 -2.21 3.22
N THR A 74 21.00 -1.71 2.20
CA THR A 74 21.39 -0.47 1.55
C THR A 74 20.76 0.74 2.25
N ASN A 75 20.88 0.79 3.56
CA ASN A 75 20.32 1.88 4.34
C ASN A 75 21.39 2.92 4.67
N ASP A 76 20.96 4.10 5.08
CA ASP A 76 21.88 5.18 5.43
C ASP A 76 22.62 4.87 6.73
N LYS A 77 22.00 4.05 7.57
CA LYS A 77 22.60 3.67 8.84
C LYS A 77 23.50 2.45 8.68
N GLY A 78 23.40 1.80 7.54
CA GLY A 78 24.21 0.62 7.28
C GLY A 78 23.68 -0.61 7.98
N VAL A 79 22.38 -0.61 8.28
CA VAL A 79 21.76 -1.74 8.95
C VAL A 79 21.41 -2.85 7.96
N GLY A 80 21.94 -4.04 8.20
CA GLY A 80 21.69 -5.17 7.33
C GLY A 80 20.68 -6.14 7.90
N MET A 81 19.59 -6.36 7.18
CA MET A 81 18.55 -7.27 7.63
C MET A 81 18.11 -6.93 9.05
N GLY A 82 17.12 -6.06 9.16
CA GLY A 82 16.61 -5.67 10.46
C GLY A 82 15.11 -5.70 10.55
N MET A 83 14.44 -5.33 9.45
CA MET A 83 12.98 -5.33 9.41
C MET A 83 12.48 -6.01 8.13
N THR A 84 11.59 -6.98 8.30
CA THR A 84 11.04 -7.71 7.17
C THR A 84 9.51 -7.63 7.16
N VAL A 85 8.96 -6.96 6.15
CA VAL A 85 7.51 -6.81 6.03
C VAL A 85 7.10 -6.69 4.57
N PRO A 86 5.81 -6.94 4.29
CA PRO A 86 5.26 -6.87 2.94
C PRO A 86 5.18 -5.44 2.42
N VAL A 87 5.50 -5.25 1.15
CA VAL A 87 5.46 -3.93 0.53
C VAL A 87 4.30 -3.80 -0.43
N SER A 88 3.73 -2.60 -0.52
CA SER A 88 2.60 -2.34 -1.41
C SER A 88 2.91 -1.19 -2.36
N PHE A 89 2.13 -1.09 -3.43
CA PHE A 89 2.31 -0.03 -4.42
C PHE A 89 0.97 0.49 -4.91
N ALA A 90 0.97 1.73 -5.38
CA ALA A 90 -0.25 2.36 -5.87
C ALA A 90 -0.35 2.26 -7.39
N VAL A 91 -1.56 2.17 -7.91
CA VAL A 91 -1.79 2.06 -9.35
C VAL A 91 -2.95 2.94 -9.79
N PHE A 92 -2.87 3.43 -11.02
CA PHE A 92 -3.91 4.29 -11.58
C PHE A 92 -4.53 3.68 -12.82
N PRO A 93 -5.68 3.03 -12.65
CA PRO A 93 -6.41 2.38 -13.76
C PRO A 93 -7.00 3.39 -14.74
N ASN A 94 -7.17 2.97 -15.98
CA ASN A 94 -7.74 3.83 -17.01
C ASN A 94 -9.06 3.28 -17.53
N GLU A 95 -9.79 4.11 -18.28
CA GLU A 95 -11.08 3.70 -18.83
C GLU A 95 -10.92 2.49 -19.73
N ASP A 96 -9.75 2.35 -20.34
CA ASP A 96 -9.47 1.23 -21.23
C ASP A 96 -9.15 -0.04 -20.43
N GLY A 97 -9.07 0.12 -19.11
CA GLY A 97 -8.76 -1.02 -18.26
C GLY A 97 -7.28 -1.32 -18.20
N SER A 98 -6.47 -0.41 -18.74
CA SER A 98 -5.02 -0.59 -18.75
C SER A 98 -4.34 0.47 -17.89
N LEU A 99 -3.62 0.02 -16.87
CA LEU A 99 -2.92 0.94 -15.97
C LEU A 99 -1.76 1.64 -16.69
N GLN A 100 -1.96 2.92 -17.01
CA GLN A 100 -0.95 3.70 -17.70
C GLN A 100 -1.00 5.16 -17.26
N LYS A 101 0.06 5.59 -16.57
CA LYS A 101 0.14 6.97 -16.09
C LYS A 101 1.30 7.14 -15.11
N LYS A 102 1.12 6.63 -13.91
CA LYS A 102 2.15 6.72 -12.87
C LYS A 102 1.95 5.65 -11.81
N LEU A 103 3.02 5.32 -11.10
CA LEU A 103 2.96 4.31 -10.04
C LEU A 103 3.85 4.70 -8.87
N LYS A 104 3.28 4.75 -7.68
CA LYS A 104 4.03 5.11 -6.48
C LYS A 104 4.05 3.94 -5.49
N VAL A 105 5.24 3.41 -5.24
CA VAL A 105 5.40 2.30 -4.32
C VAL A 105 5.53 2.79 -2.89
N TRP A 106 4.88 2.08 -1.96
CA TRP A 106 4.92 2.44 -0.55
C TRP A 106 5.44 1.29 0.30
N PHE A 107 6.51 1.54 1.05
CA PHE A 107 7.10 0.52 1.90
C PHE A 107 6.76 0.77 3.37
N ARG A 108 6.07 -0.19 3.97
CA ARG A 108 5.68 -0.08 5.37
C ARG A 108 6.83 -0.47 6.29
N ILE A 109 7.02 0.30 7.35
CA ILE A 109 8.09 0.04 8.32
C ILE A 109 7.51 -0.39 9.66
N PRO A 110 8.10 -1.46 10.23
CA PRO A 110 7.67 -2.00 11.53
C PRO A 110 8.01 -1.06 12.69
N ASN A 111 7.21 -1.13 13.74
CA ASN A 111 7.43 -0.29 14.92
C ASN A 111 8.87 -0.38 15.39
N GLN A 112 9.48 -1.55 15.20
CA GLN A 112 10.86 -1.76 15.61
C GLN A 112 11.79 -0.76 14.94
N PHE A 113 11.47 -0.39 13.71
CA PHE A 113 12.28 0.57 12.95
C PHE A 113 11.66 1.97 13.01
N GLN A 114 10.33 2.02 13.11
CA GLN A 114 9.62 3.28 13.17
C GLN A 114 10.19 4.19 14.25
N GLY A 115 10.62 3.58 15.36
CA GLY A 115 11.18 4.35 16.46
C GLY A 115 12.38 5.17 16.03
N SER A 116 13.00 4.79 14.92
CA SER A 116 14.17 5.50 14.40
C SER A 116 14.69 4.83 13.13
N PRO A 117 13.94 5.00 12.04
CA PRO A 117 14.32 4.42 10.73
C PRO A 117 15.54 5.10 10.13
N PRO A 118 16.27 4.37 9.28
CA PRO A 118 17.47 4.89 8.61
C PRO A 118 17.14 5.94 7.56
N ALA A 119 18.12 6.78 7.25
CA ALA A 119 17.93 7.82 6.25
C ALA A 119 17.82 7.24 4.85
N PRO A 120 17.17 7.98 3.94
CA PRO A 120 16.98 7.55 2.55
C PRO A 120 18.30 7.57 1.76
N SER A 121 18.98 6.44 1.73
CA SER A 121 20.25 6.32 1.02
C SER A 121 20.01 6.35 -0.50
N ASP A 122 18.83 5.93 -0.92
CA ASP A 122 18.49 5.91 -2.33
C ASP A 122 17.97 7.26 -2.79
N GLU A 123 18.11 7.55 -4.08
CA GLU A 123 17.66 8.82 -4.64
C GLU A 123 16.19 8.73 -5.05
N SER A 124 15.65 7.52 -5.08
CA SER A 124 14.26 7.30 -5.46
C SER A 124 13.43 6.86 -4.25
N VAL A 125 14.11 6.62 -3.13
CA VAL A 125 13.44 6.18 -1.91
C VAL A 125 13.56 7.24 -0.81
N LYS A 126 12.43 7.80 -0.41
CA LYS A 126 12.41 8.83 0.62
C LYS A 126 11.40 8.49 1.71
N ILE A 127 11.73 8.82 2.96
CA ILE A 127 10.84 8.54 4.08
C ILE A 127 9.91 9.73 4.34
N GLU A 128 8.62 9.52 4.11
CA GLU A 128 7.63 10.58 4.33
C GLU A 128 6.41 10.04 5.07
N GLU A 129 5.73 10.92 5.78
CA GLU A 129 4.54 10.54 6.54
C GLU A 129 3.27 10.99 5.84
N ARG A 130 2.19 10.25 6.04
CA ARG A 130 0.90 10.58 5.42
C ARG A 130 -0.25 10.28 6.38
N GLU A 131 -1.06 11.31 6.66
CA GLU A 131 -2.18 11.16 7.56
C GLU A 131 -3.37 12.00 7.09
N GLY A 132 -4.53 11.77 7.69
CA GLY A 132 -5.73 12.52 7.32
C GLY A 132 -6.38 11.97 6.07
N ILE A 133 -6.08 10.72 5.73
CA ILE A 133 -6.64 10.09 4.56
C ILE A 133 -7.43 8.84 4.92
N THR A 134 -8.47 8.55 4.15
CA THR A 134 -9.31 7.39 4.39
C THR A 134 -9.32 6.45 3.19
N VAL A 135 -9.05 5.17 3.44
CA VAL A 135 -9.03 4.17 2.37
C VAL A 135 -9.96 3.02 2.69
N TYR A 136 -10.39 2.32 1.65
CA TYR A 136 -11.30 1.18 1.81
C TYR A 136 -10.63 -0.12 1.38
N SER A 137 -10.58 -1.08 2.29
CA SER A 137 -9.97 -2.37 2.01
C SER A 137 -11.02 -3.45 1.80
N THR A 138 -10.75 -4.40 0.92
CA THR A 138 -11.67 -5.48 0.64
C THR A 138 -10.95 -6.83 0.61
N GLN A 139 -11.44 -7.78 1.39
CA GLN A 139 -10.85 -9.11 1.44
C GLN A 139 -11.79 -10.15 0.86
N PHE A 140 -11.28 -10.95 -0.08
CA PHE A 140 -12.07 -11.98 -0.73
C PHE A 140 -11.31 -13.31 -0.76
N GLY A 141 -12.05 -14.40 -0.61
CA GLY A 141 -11.43 -15.72 -0.61
C GLY A 141 -11.14 -16.21 -2.02
N GLY A 142 -10.17 -17.11 -2.13
CA GLY A 142 -9.80 -17.65 -3.43
C GLY A 142 -8.72 -16.83 -4.10
N TYR A 143 -7.93 -17.48 -4.96
CA TYR A 143 -6.85 -16.81 -5.67
C TYR A 143 -7.41 -15.83 -6.70
N ALA A 144 -6.73 -14.69 -6.85
CA ALA A 144 -7.16 -13.67 -7.80
C ALA A 144 -6.03 -13.32 -8.76
N LYS A 145 -6.37 -13.18 -10.04
CA LYS A 145 -5.39 -12.84 -11.06
C LYS A 145 -5.14 -11.34 -11.10
N GLU A 146 -4.21 -10.91 -11.96
CA GLU A 146 -3.88 -9.50 -12.10
C GLU A 146 -5.12 -8.67 -12.38
N ALA A 147 -5.93 -9.15 -13.32
CA ALA A 147 -7.17 -8.45 -13.69
C ALA A 147 -8.14 -8.39 -12.52
N ASP A 148 -8.08 -9.41 -11.66
CA ASP A 148 -8.96 -9.47 -10.50
C ASP A 148 -8.82 -8.21 -9.65
N TYR A 149 -7.59 -7.79 -9.42
CA TYR A 149 -7.32 -6.61 -8.61
C TYR A 149 -8.03 -5.38 -9.19
N VAL A 150 -8.07 -5.30 -10.51
CA VAL A 150 -8.72 -4.18 -11.20
C VAL A 150 -10.24 -4.30 -11.11
N ALA A 151 -10.74 -5.52 -11.21
CA ALA A 151 -12.17 -5.77 -11.14
C ALA A 151 -12.71 -5.54 -9.73
N HIS A 152 -11.94 -5.98 -8.74
CA HIS A 152 -12.34 -5.82 -7.35
C HIS A 152 -12.40 -4.34 -6.96
N ALA A 153 -11.53 -3.54 -7.57
CA ALA A 153 -11.49 -2.11 -7.29
C ALA A 153 -12.84 -1.46 -7.60
N THR A 154 -13.39 -1.78 -8.76
CA THR A 154 -14.67 -1.21 -9.18
C THR A 154 -15.83 -1.92 -8.48
N GLN A 155 -15.66 -3.21 -8.22
CA GLN A 155 -16.69 -4.00 -7.55
C GLN A 155 -17.09 -3.35 -6.23
N LEU A 156 -16.12 -2.76 -5.54
CA LEU A 156 -16.38 -2.11 -4.26
C LEU A 156 -17.16 -0.83 -4.45
N ARG A 157 -16.98 -0.18 -5.59
CA ARG A 157 -17.68 1.06 -5.90
C ARG A 157 -19.19 0.83 -5.97
N THR A 158 -19.60 -0.13 -6.80
CA THR A 158 -21.02 -0.44 -6.95
C THR A 158 -21.60 -1.01 -5.66
N THR A 159 -20.79 -1.79 -4.95
CA THR A 159 -21.22 -2.39 -3.69
C THR A 159 -21.36 -1.35 -2.59
N LEU A 160 -20.50 -0.33 -2.64
CA LEU A 160 -20.51 0.73 -1.65
C LEU A 160 -21.70 1.67 -1.88
N GLU A 161 -22.44 1.42 -2.95
CA GLU A 161 -23.60 2.24 -3.27
C GLU A 161 -24.39 2.60 -2.01
N GLY A 162 -24.83 3.86 -1.94
CA GLY A 162 -25.59 4.31 -0.79
C GLY A 162 -24.70 4.90 0.28
N THR A 163 -23.41 5.04 -0.02
CA THR A 163 -22.46 5.61 0.93
C THR A 163 -22.00 7.00 0.50
N PRO A 164 -21.85 7.90 1.47
CA PRO A 164 -21.40 9.27 1.21
C PRO A 164 -19.95 9.35 0.77
N ALA A 165 -19.26 8.22 0.83
CA ALA A 165 -17.85 8.16 0.43
C ALA A 165 -17.69 8.51 -1.04
N THR A 166 -16.51 9.00 -1.40
CA THR A 166 -16.22 9.37 -2.78
C THR A 166 -14.98 8.65 -3.30
N TYR A 167 -14.74 8.77 -4.60
CA TYR A 167 -13.59 8.12 -5.22
C TYR A 167 -12.84 9.11 -6.12
N GLN A 168 -11.55 8.86 -6.29
CA GLN A 168 -10.71 9.73 -7.12
C GLN A 168 -9.80 8.89 -8.03
N GLY A 169 -10.09 8.92 -9.33
CA GLY A 169 -9.29 8.17 -10.28
C GLY A 169 -9.46 6.68 -10.12
N ASP A 170 -10.35 6.27 -9.22
CA ASP A 170 -10.61 4.85 -8.97
C ASP A 170 -9.32 4.09 -8.74
N VAL A 171 -8.29 4.81 -8.27
CA VAL A 171 -7.00 4.20 -8.00
C VAL A 171 -7.08 3.23 -6.83
N TYR A 172 -6.10 2.33 -6.75
CA TYR A 172 -6.06 1.34 -5.68
C TYR A 172 -4.63 0.92 -5.37
N TYR A 173 -4.43 0.31 -4.21
CA TYR A 173 -3.11 -0.15 -3.80
C TYR A 173 -3.06 -1.67 -3.72
N CYS A 174 -1.90 -2.24 -4.06
CA CYS A 174 -1.72 -3.69 -4.04
C CYS A 174 -0.69 -4.07 -2.98
N ALA A 175 -1.00 -5.11 -2.21
CA ALA A 175 -0.09 -5.59 -1.18
C ALA A 175 0.49 -6.95 -1.53
N GLY A 176 1.78 -7.13 -1.26
CA GLY A 176 2.43 -8.38 -1.56
C GLY A 176 3.83 -8.48 -0.96
N TYR A 177 4.32 -9.69 -0.80
CA TYR A 177 5.64 -9.91 -0.23
C TYR A 177 6.38 -11.03 -0.97
N ASP A 178 5.72 -12.17 -1.11
CA ASP A 178 6.31 -13.32 -1.79
C ASP A 178 5.22 -14.26 -2.31
N PRO A 179 5.56 -15.06 -3.33
CA PRO A 179 4.63 -16.01 -3.93
C PRO A 179 4.29 -17.17 -3.00
N PRO A 180 3.04 -17.23 -2.54
CA PRO A 180 2.57 -18.28 -1.63
C PRO A 180 2.48 -19.64 -2.32
N MET A 181 2.64 -20.70 -1.55
CA MET A 181 2.57 -22.05 -2.09
C MET A 181 1.32 -22.23 -2.96
N LYS A 182 0.25 -21.52 -2.60
CA LYS A 182 -0.99 -21.59 -3.36
C LYS A 182 -0.74 -21.38 -4.84
N PRO A 183 -1.76 -21.69 -5.67
CA PRO A 183 -1.68 -21.54 -7.12
C PRO A 183 -1.66 -20.08 -7.54
N TYR A 184 -2.02 -19.19 -6.61
CA TYR A 184 -2.04 -17.76 -6.90
C TYR A 184 -2.51 -16.98 -5.68
N GLY A 185 -2.17 -17.47 -4.49
CA GLY A 185 -2.56 -16.80 -3.27
C GLY A 185 -3.94 -17.22 -2.80
N ARG A 186 -4.11 -17.32 -1.49
CA ARG A 186 -5.40 -17.71 -0.91
C ARG A 186 -6.42 -16.59 -1.06
N ARG A 187 -6.06 -15.42 -0.57
CA ARG A 187 -6.95 -14.26 -0.64
C ARG A 187 -6.16 -12.98 -0.87
N ASN A 188 -6.66 -12.13 -1.77
CA ASN A 188 -6.00 -10.88 -2.10
C ASN A 188 -6.79 -9.69 -1.55
N GLU A 189 -6.08 -8.66 -1.11
CA GLU A 189 -6.71 -7.46 -0.58
C GLU A 189 -6.49 -6.26 -1.49
N VAL A 190 -7.52 -5.44 -1.65
CA VAL A 190 -7.45 -4.26 -2.50
C VAL A 190 -7.84 -3.01 -1.72
N TRP A 191 -7.02 -1.97 -1.83
CA TRP A 191 -7.28 -0.71 -1.15
C TRP A 191 -7.84 0.32 -2.12
N LEU A 192 -8.77 1.14 -1.62
CA LEU A 192 -9.40 2.18 -2.44
C LEU A 192 -9.19 3.55 -1.82
N VAL A 193 -8.89 4.54 -2.67
CA VAL A 193 -8.68 5.90 -2.21
C VAL A 193 -9.96 6.72 -2.29
N LYS A 194 -10.24 7.48 -1.23
CA LYS A 194 -11.43 8.32 -1.18
C LYS A 194 -11.15 9.72 -1.72
N ALA A 195 -11.92 10.12 -2.73
CA ALA A 195 -11.75 11.43 -3.34
C ALA A 195 -11.73 12.53 -2.28
N ASN A 12 17.20 25.74 21.64
CA ASN A 12 17.73 24.43 21.27
C ASN A 12 16.87 23.32 21.86
N SER A 13 15.91 22.84 21.06
CA SER A 13 15.01 21.78 21.51
C SER A 13 14.13 21.30 20.35
N LEU A 14 13.88 20.00 20.31
CA LEU A 14 13.07 19.41 19.25
C LEU A 14 12.89 17.91 19.48
N PHE A 15 11.77 17.54 20.09
CA PHE A 15 11.48 16.13 20.36
C PHE A 15 9.99 15.93 20.65
N GLY A 16 9.54 14.69 20.55
CA GLY A 16 8.15 14.38 20.80
C GLY A 16 7.66 13.18 20.02
N SER A 17 8.38 12.83 18.96
CA SER A 17 8.01 11.69 18.13
C SER A 17 7.84 10.44 18.97
N VAL A 18 7.11 9.47 18.42
CA VAL A 18 6.86 8.22 19.12
C VAL A 18 7.36 7.02 18.33
N GLU A 19 7.22 5.83 18.89
CA GLU A 19 7.67 4.61 18.22
C GLU A 19 6.49 3.68 17.94
N THR A 20 5.29 4.27 17.79
CA THR A 20 4.09 3.49 17.53
C THR A 20 2.95 4.40 17.07
N TRP A 21 2.01 3.82 16.32
CA TRP A 21 0.87 4.57 15.83
C TRP A 21 -0.23 3.62 15.34
N PRO A 22 -1.08 3.18 16.27
CA PRO A 22 -2.19 2.27 15.96
C PRO A 22 -3.28 2.94 15.14
N TRP A 23 -3.98 2.17 14.32
CA TRP A 23 -5.05 2.70 13.48
C TRP A 23 -6.41 2.38 14.10
N GLN A 24 -7.36 3.29 13.89
CA GLN A 24 -8.70 3.11 14.42
C GLN A 24 -9.73 3.06 13.29
N VAL A 25 -10.65 2.10 13.37
CA VAL A 25 -11.69 1.95 12.36
C VAL A 25 -12.96 2.68 12.77
N LEU A 26 -13.60 3.33 11.79
CA LEU A 26 -14.83 4.07 12.05
C LEU A 26 -16.05 3.17 11.87
N SER A 27 -16.00 2.31 10.87
CA SER A 27 -17.10 1.39 10.60
C SER A 27 -16.81 0.52 9.37
N THR A 28 -17.45 -0.64 9.30
CA THR A 28 -17.25 -1.55 8.19
C THR A 28 -18.58 -2.07 7.65
N GLY A 29 -18.54 -2.66 6.46
CA GLY A 29 -19.76 -3.18 5.87
C GLY A 29 -19.60 -3.48 4.40
N GLY A 30 -20.70 -3.76 3.72
CA GLY A 30 -20.66 -4.06 2.30
C GLY A 30 -21.55 -5.23 1.91
N LYS A 31 -21.65 -5.49 0.62
CA LYS A 31 -22.48 -6.60 0.13
C LYS A 31 -21.82 -7.94 0.43
N GLU A 32 -22.55 -9.01 0.19
CA GLU A 32 -22.05 -10.36 0.43
C GLU A 32 -20.86 -10.66 -0.48
N ASP A 33 -19.99 -11.56 -0.02
CA ASP A 33 -18.82 -11.95 -0.79
C ASP A 33 -17.76 -10.85 -0.75
N VAL A 34 -18.12 -9.67 -1.25
CA VAL A 34 -17.20 -8.54 -1.26
C VAL A 34 -17.49 -7.57 -0.12
N SER A 35 -16.57 -7.50 0.84
CA SER A 35 -16.73 -6.62 1.99
C SER A 35 -15.68 -5.52 1.99
N TYR A 36 -16.03 -4.36 2.54
CA TYR A 36 -15.12 -3.23 2.60
C TYR A 36 -15.12 -2.60 3.98
N GLU A 37 -14.02 -1.94 4.33
CA GLU A 37 -13.90 -1.29 5.64
C GLU A 37 -13.04 -0.03 5.53
N GLU A 38 -13.48 1.02 6.21
CA GLU A 38 -12.76 2.29 6.20
C GLU A 38 -11.96 2.48 7.49
N ARG A 39 -10.67 2.78 7.35
CA ARG A 39 -9.81 2.98 8.51
C ARG A 39 -9.03 4.29 8.37
N ALA A 40 -8.47 4.75 9.49
CA ALA A 40 -7.70 6.00 9.50
C ALA A 40 -6.20 5.71 9.42
N CYS A 41 -5.51 6.48 8.59
CA CYS A 41 -4.07 6.31 8.42
C CYS A 41 -3.33 6.59 9.73
N GLU A 42 -2.56 5.62 10.18
CA GLU A 42 -1.80 5.76 11.42
C GLU A 42 -0.95 7.04 11.40
N GLY A 43 -0.39 7.34 10.23
CA GLY A 43 0.44 8.53 10.10
C GLY A 43 1.92 8.23 10.27
N GLY A 44 2.26 6.95 10.29
CA GLY A 44 3.65 6.56 10.45
C GLY A 44 4.48 6.88 9.23
N LYS A 45 5.81 6.81 9.39
CA LYS A 45 6.72 7.09 8.29
C LYS A 45 7.00 5.84 7.48
N PHE A 46 6.88 5.94 6.16
CA PHE A 46 7.12 4.80 5.28
C PHE A 46 8.00 5.21 4.09
N ALA A 47 8.66 4.23 3.50
CA ALA A 47 9.53 4.49 2.36
C ALA A 47 8.83 4.16 1.04
N THR A 48 8.62 5.18 0.22
CA THR A 48 7.95 4.99 -1.07
C THR A 48 8.85 5.43 -2.22
N VAL A 49 8.57 4.93 -3.42
CA VAL A 49 9.35 5.27 -4.59
C VAL A 49 8.45 5.48 -5.81
N GLU A 50 8.65 6.58 -6.51
CA GLU A 50 7.86 6.89 -7.70
C GLU A 50 8.63 6.56 -8.97
N VAL A 51 7.96 5.87 -9.89
CA VAL A 51 8.58 5.50 -11.16
C VAL A 51 7.67 5.82 -12.34
N THR A 52 8.15 6.68 -13.22
CA THR A 52 7.38 7.09 -14.39
C THR A 52 8.05 6.59 -15.68
N ASP A 53 7.38 6.81 -16.81
CA ASP A 53 7.89 6.39 -18.11
C ASP A 53 7.88 4.87 -18.23
N LYS A 54 7.30 4.20 -17.22
CA LYS A 54 7.22 2.75 -17.23
C LYS A 54 5.91 2.28 -16.60
N PRO A 55 5.41 1.12 -17.05
CA PRO A 55 4.17 0.54 -16.54
C PRO A 55 4.31 0.03 -15.10
N VAL A 56 3.19 -0.05 -14.40
CA VAL A 56 3.19 -0.52 -13.02
C VAL A 56 4.00 -1.80 -12.87
N ASP A 57 3.98 -2.63 -13.91
CA ASP A 57 4.71 -3.89 -13.90
C ASP A 57 6.22 -3.63 -13.90
N GLU A 58 6.67 -2.78 -14.81
CA GLU A 58 8.09 -2.46 -14.92
C GLU A 58 8.55 -1.66 -13.71
N ALA A 59 7.79 -0.62 -13.36
CA ALA A 59 8.13 0.23 -12.23
C ALA A 59 8.29 -0.59 -10.96
N LEU A 60 7.53 -1.69 -10.87
CA LEU A 60 7.60 -2.56 -9.70
C LEU A 60 8.91 -3.33 -9.67
N ARG A 61 9.34 -3.81 -10.84
CA ARG A 61 10.57 -4.57 -10.94
C ARG A 61 11.78 -3.70 -10.57
N GLU A 62 11.62 -2.39 -10.71
CA GLU A 62 12.70 -1.45 -10.39
C GLU A 62 12.66 -1.07 -8.92
N ALA A 63 11.45 -0.87 -8.39
CA ALA A 63 11.28 -0.51 -6.99
C ALA A 63 11.49 -1.71 -6.07
N MET A 64 11.15 -2.89 -6.58
CA MET A 64 11.30 -4.12 -5.81
C MET A 64 12.69 -4.19 -5.18
N PRO A 65 13.72 -4.14 -6.01
CA PRO A 65 15.12 -4.21 -5.56
C PRO A 65 15.54 -2.95 -4.80
N LYS A 66 15.24 -1.80 -5.39
CA LYS A 66 15.58 -0.51 -4.77
C LYS A 66 15.04 -0.43 -3.35
N ILE A 67 13.92 -1.09 -3.11
CA ILE A 67 13.29 -1.10 -1.80
C ILE A 67 14.01 -2.05 -0.85
N MET A 68 14.47 -3.17 -1.38
CA MET A 68 15.18 -4.15 -0.58
C MET A 68 16.59 -3.67 -0.24
N LYS A 69 17.32 -3.21 -1.26
CA LYS A 69 18.68 -2.73 -1.08
C LYS A 69 18.71 -1.61 -0.04
N TYR A 70 17.64 -0.83 0.03
CA TYR A 70 17.55 0.26 0.99
C TYR A 70 17.82 -0.23 2.41
N VAL A 71 16.98 -1.16 2.86
CA VAL A 71 17.12 -1.71 4.21
C VAL A 71 18.22 -2.78 4.26
N GLY A 72 18.62 -3.25 3.08
CA GLY A 72 19.66 -4.26 3.01
C GLY A 72 20.98 -3.78 3.56
N GLY A 73 21.11 -2.47 3.72
CA GLY A 73 22.34 -1.90 4.24
C GLY A 73 22.72 -0.61 3.54
N THR A 74 22.04 -0.30 2.46
CA THR A 74 22.31 0.91 1.69
C THR A 74 21.53 2.09 2.23
N ASN A 75 21.62 2.31 3.54
CA ASN A 75 20.90 3.41 4.18
C ASN A 75 21.84 4.61 4.39
N ASP A 76 21.27 5.73 4.81
CA ASP A 76 22.04 6.94 5.04
C ASP A 76 22.90 6.79 6.29
N LYS A 77 22.47 5.93 7.21
CA LYS A 77 23.21 5.70 8.45
C LYS A 77 24.09 4.46 8.33
N GLY A 78 23.87 3.67 7.28
CA GLY A 78 24.64 2.47 7.07
C GLY A 78 24.32 1.38 8.09
N VAL A 79 23.05 1.29 8.46
CA VAL A 79 22.62 0.29 9.43
C VAL A 79 22.03 -0.93 8.72
N GLY A 80 22.44 -2.11 9.17
CA GLY A 80 21.95 -3.35 8.57
C GLY A 80 21.48 -4.34 9.61
N MET A 81 20.34 -4.97 9.34
CA MET A 81 19.78 -5.95 10.26
C MET A 81 18.98 -7.01 9.51
N GLY A 82 18.05 -6.55 8.67
CA GLY A 82 17.22 -7.47 7.91
C GLY A 82 15.78 -7.45 8.35
N MET A 83 14.96 -6.64 7.69
CA MET A 83 13.54 -6.54 8.02
C MET A 83 12.68 -7.04 6.86
N THR A 84 11.78 -7.97 7.16
CA THR A 84 10.89 -8.52 6.15
C THR A 84 9.46 -8.01 6.32
N VAL A 85 8.95 -7.35 5.29
CA VAL A 85 7.60 -6.80 5.33
C VAL A 85 6.93 -6.88 3.97
N PRO A 86 5.59 -6.80 3.96
CA PRO A 86 4.80 -6.86 2.72
C PRO A 86 4.99 -5.61 1.86
N VAL A 87 4.85 -5.77 0.55
CA VAL A 87 5.00 -4.66 -0.38
C VAL A 87 3.66 -4.30 -1.03
N SER A 88 3.47 -3.02 -1.30
CA SER A 88 2.23 -2.55 -1.91
C SER A 88 2.50 -1.33 -2.79
N PHE A 89 1.72 -1.20 -3.87
CA PHE A 89 1.87 -0.08 -4.79
C PHE A 89 0.51 0.43 -5.24
N ALA A 90 0.46 1.70 -5.63
CA ALA A 90 -0.77 2.31 -6.10
C ALA A 90 -0.92 2.19 -7.61
N VAL A 91 -2.15 2.25 -8.09
CA VAL A 91 -2.42 2.15 -9.53
C VAL A 91 -3.52 3.14 -9.94
N PHE A 92 -3.44 3.60 -11.19
CA PHE A 92 -4.42 4.53 -11.71
C PHE A 92 -5.12 3.97 -12.95
N PRO A 93 -6.31 3.40 -12.75
CA PRO A 93 -7.10 2.81 -13.85
C PRO A 93 -7.64 3.86 -14.81
N ASN A 94 -7.63 3.54 -16.10
CA ASN A 94 -8.13 4.46 -17.11
C ASN A 94 -9.42 3.95 -17.73
N GLU A 95 -10.00 4.74 -18.63
CA GLU A 95 -11.25 4.37 -19.28
C GLU A 95 -11.03 3.22 -20.25
N ASP A 96 -9.84 3.16 -20.85
CA ASP A 96 -9.50 2.12 -21.79
C ASP A 96 -9.17 0.81 -21.07
N GLY A 97 -9.14 0.88 -19.75
CA GLY A 97 -8.84 -0.31 -18.94
C GLY A 97 -7.35 -0.47 -18.70
N SER A 98 -6.55 0.33 -19.40
CA SER A 98 -5.10 0.27 -19.25
C SER A 98 -4.61 1.25 -18.19
N LEU A 99 -3.93 0.71 -17.17
CA LEU A 99 -3.41 1.54 -16.09
C LEU A 99 -2.61 2.70 -16.64
N GLN A 100 -2.33 3.69 -15.78
CA GLN A 100 -1.57 4.87 -16.18
C GLN A 100 -0.07 4.57 -16.17
N LYS A 101 0.71 5.47 -16.74
CA LYS A 101 2.15 5.31 -16.80
C LYS A 101 2.80 5.70 -15.48
N LYS A 102 1.98 6.12 -14.53
CA LYS A 102 2.47 6.53 -13.21
C LYS A 102 2.37 5.38 -12.22
N LEU A 103 3.50 5.06 -11.58
CA LEU A 103 3.54 3.98 -10.61
C LEU A 103 4.07 4.48 -9.26
N LYS A 104 3.52 3.93 -8.18
CA LYS A 104 3.94 4.31 -6.84
C LYS A 104 4.06 3.10 -5.93
N VAL A 105 5.27 2.81 -5.48
CA VAL A 105 5.52 1.68 -4.60
C VAL A 105 5.74 2.13 -3.16
N TRP A 106 4.85 1.70 -2.28
CA TRP A 106 4.94 2.06 -0.87
C TRP A 106 5.48 0.89 -0.03
N PHE A 107 6.53 1.15 0.74
CA PHE A 107 7.13 0.13 1.58
C PHE A 107 6.74 0.32 3.04
N ARG A 108 5.99 -0.64 3.57
CA ARG A 108 5.54 -0.58 4.96
C ARG A 108 6.63 -1.10 5.90
N ILE A 109 7.20 -0.21 6.70
CA ILE A 109 8.24 -0.57 7.64
C ILE A 109 7.65 -1.21 8.90
N PRO A 110 8.26 -2.32 9.34
CA PRO A 110 7.81 -3.05 10.53
C PRO A 110 8.08 -2.27 11.82
N ASN A 111 7.24 -2.50 12.82
CA ASN A 111 7.39 -1.82 14.11
C ASN A 111 8.83 -1.91 14.61
N GLN A 112 9.50 -3.01 14.27
CA GLN A 112 10.88 -3.23 14.69
C GLN A 112 11.77 -2.09 14.20
N PHE A 113 11.48 -1.59 13.01
CA PHE A 113 12.27 -0.49 12.43
C PHE A 113 11.57 0.84 12.62
N GLN A 114 10.23 0.81 12.64
CA GLN A 114 9.44 2.01 12.82
C GLN A 114 9.92 2.80 14.03
N GLY A 115 10.41 2.09 15.03
CA GLY A 115 10.90 2.74 16.24
C GLY A 115 11.97 3.77 15.95
N SER A 116 12.69 3.59 14.85
CA SER A 116 13.75 4.50 14.47
C SER A 116 14.43 4.06 13.18
N PRO A 117 13.71 4.22 12.06
CA PRO A 117 14.22 3.83 10.73
C PRO A 117 15.35 4.73 10.25
N PRO A 118 16.29 4.15 9.50
CA PRO A 118 17.44 4.89 8.97
C PRO A 118 17.04 5.89 7.88
N ALA A 119 17.88 6.89 7.66
CA ALA A 119 17.61 7.91 6.66
C ALA A 119 17.84 7.37 5.25
N PRO A 120 17.17 7.96 4.26
CA PRO A 120 17.30 7.56 2.86
C PRO A 120 18.66 7.91 2.27
N SER A 121 19.47 6.89 2.02
CA SER A 121 20.81 7.10 1.47
C SER A 121 20.72 7.64 0.04
N ASP A 122 19.62 7.33 -0.64
CA ASP A 122 19.41 7.79 -2.00
C ASP A 122 18.15 8.65 -2.11
N GLU A 123 17.98 9.30 -3.25
CA GLU A 123 16.82 10.16 -3.48
C GLU A 123 15.65 9.35 -4.02
N SER A 124 15.96 8.28 -4.75
CA SER A 124 14.94 7.43 -5.34
C SER A 124 13.94 6.97 -4.28
N VAL A 125 14.46 6.57 -3.12
CA VAL A 125 13.61 6.11 -2.03
C VAL A 125 13.77 6.99 -0.80
N LYS A 126 12.69 7.66 -0.41
CA LYS A 126 12.72 8.54 0.75
C LYS A 126 11.66 8.12 1.77
N ILE A 127 11.90 8.45 3.04
CA ILE A 127 10.97 8.10 4.11
C ILE A 127 9.99 9.25 4.36
N GLU A 128 8.71 9.01 4.05
CA GLU A 128 7.68 10.01 4.25
C GLU A 128 6.45 9.40 4.92
N GLU A 129 5.75 10.22 5.70
CA GLU A 129 4.55 9.76 6.40
C GLU A 129 3.30 10.39 5.81
N ARG A 130 2.18 9.68 5.91
CA ARG A 130 0.91 10.19 5.39
C ARG A 130 -0.21 9.98 6.39
N GLU A 131 -0.88 11.07 6.75
CA GLU A 131 -1.98 11.01 7.71
C GLU A 131 -3.09 12.00 7.33
N GLY A 132 -4.31 11.70 7.79
CA GLY A 132 -5.43 12.57 7.49
C GLY A 132 -6.19 12.14 6.26
N ILE A 133 -6.01 10.88 5.87
CA ILE A 133 -6.68 10.34 4.69
C ILE A 133 -7.55 9.14 5.05
N THR A 134 -8.66 8.97 4.33
CA THR A 134 -9.57 7.87 4.57
C THR A 134 -9.66 6.95 3.36
N VAL A 135 -9.31 5.68 3.56
CA VAL A 135 -9.36 4.70 2.49
C VAL A 135 -10.21 3.49 2.87
N TYR A 136 -10.67 2.75 1.87
CA TYR A 136 -11.49 1.58 2.11
C TYR A 136 -10.78 0.31 1.65
N SER A 137 -10.60 -0.63 2.58
CA SER A 137 -9.93 -1.89 2.28
C SER A 137 -10.94 -3.02 2.14
N THR A 138 -10.67 -3.92 1.20
CA THR A 138 -11.55 -5.05 0.96
C THR A 138 -10.77 -6.36 0.83
N GLN A 139 -11.24 -7.40 1.51
CA GLN A 139 -10.57 -8.70 1.47
C GLN A 139 -11.41 -9.72 0.71
N PHE A 140 -10.73 -10.54 -0.09
CA PHE A 140 -11.42 -11.56 -0.88
C PHE A 140 -10.54 -12.80 -1.05
N GLY A 141 -11.04 -13.94 -0.59
CA GLY A 141 -10.29 -15.18 -0.70
C GLY A 141 -10.58 -15.93 -1.98
N GLY A 142 -10.00 -17.11 -2.12
CA GLY A 142 -10.22 -17.91 -3.32
C GLY A 142 -9.28 -17.53 -4.45
N TYR A 143 -9.67 -17.88 -5.68
CA TYR A 143 -8.86 -17.58 -6.84
C TYR A 143 -8.80 -16.07 -7.10
N ALA A 144 -7.71 -15.45 -6.69
CA ALA A 144 -7.54 -14.01 -6.87
C ALA A 144 -6.40 -13.72 -7.85
N LYS A 145 -6.73 -13.17 -9.01
CA LYS A 145 -5.74 -12.83 -10.02
C LYS A 145 -5.63 -11.32 -10.19
N GLU A 146 -4.70 -10.90 -11.04
CA GLU A 146 -4.49 -9.48 -11.30
C GLU A 146 -5.80 -8.80 -11.69
N ALA A 147 -6.68 -9.55 -12.35
CA ALA A 147 -7.96 -9.02 -12.78
C ALA A 147 -8.90 -8.82 -11.59
N ASP A 148 -8.76 -9.67 -10.58
CA ASP A 148 -9.60 -9.59 -9.39
C ASP A 148 -9.49 -8.21 -8.75
N TYR A 149 -8.26 -7.77 -8.50
CA TYR A 149 -8.03 -6.47 -7.89
C TYR A 149 -8.73 -5.37 -8.68
N VAL A 150 -8.50 -5.34 -9.99
CA VAL A 150 -9.10 -4.34 -10.85
C VAL A 150 -10.62 -4.35 -10.72
N ALA A 151 -11.21 -5.53 -10.91
CA ALA A 151 -12.66 -5.68 -10.81
C ALA A 151 -13.16 -5.33 -9.41
N HIS A 152 -12.31 -5.53 -8.42
CA HIS A 152 -12.66 -5.23 -7.04
C HIS A 152 -12.79 -3.73 -6.82
N ALA A 153 -11.74 -2.99 -7.17
CA ALA A 153 -11.73 -1.54 -7.02
C ALA A 153 -12.97 -0.92 -7.66
N THR A 154 -13.36 -1.43 -8.82
CA THR A 154 -14.52 -0.92 -9.53
C THR A 154 -15.81 -1.47 -8.93
N GLN A 155 -15.75 -2.69 -8.42
CA GLN A 155 -16.92 -3.32 -7.82
C GLN A 155 -17.32 -2.61 -6.53
N LEU A 156 -16.33 -2.26 -5.73
CA LEU A 156 -16.58 -1.57 -4.47
C LEU A 156 -17.38 -0.29 -4.68
N ARG A 157 -17.19 0.32 -5.86
CA ARG A 157 -17.90 1.55 -6.19
C ARG A 157 -19.41 1.33 -6.20
N THR A 158 -19.86 0.34 -6.97
CA THR A 158 -21.28 0.03 -7.05
C THR A 158 -21.77 -0.67 -5.79
N THR A 159 -20.91 -1.48 -5.19
CA THR A 159 -21.25 -2.20 -3.97
C THR A 159 -21.43 -1.25 -2.80
N LEU A 160 -20.67 -0.16 -2.80
CA LEU A 160 -20.75 0.83 -1.74
C LEU A 160 -22.01 1.67 -1.87
N GLU A 161 -22.78 1.42 -2.93
CA GLU A 161 -24.02 2.15 -3.17
C GLU A 161 -24.75 2.43 -1.85
N GLY A 162 -25.21 3.66 -1.69
CA GLY A 162 -25.93 4.03 -0.48
C GLY A 162 -25.02 4.64 0.57
N THR A 163 -23.78 4.95 0.16
CA THR A 163 -22.81 5.54 1.07
C THR A 163 -22.33 6.89 0.57
N PRO A 164 -22.12 7.84 1.49
CA PRO A 164 -21.66 9.18 1.16
C PRO A 164 -20.21 9.20 0.67
N ALA A 165 -19.56 8.05 0.76
CA ALA A 165 -18.16 7.93 0.33
C ALA A 165 -18.04 8.15 -1.18
N THR A 166 -17.02 8.90 -1.58
CA THR A 166 -16.79 9.18 -2.99
C THR A 166 -15.38 8.79 -3.41
N TYR A 167 -15.14 8.75 -4.71
CA TYR A 167 -13.82 8.40 -5.24
C TYR A 167 -13.49 9.22 -6.49
N GLN A 168 -12.21 9.29 -6.81
CA GLN A 168 -11.76 10.04 -7.98
C GLN A 168 -10.82 9.20 -8.84
N GLY A 169 -11.26 8.90 -10.07
CA GLY A 169 -10.44 8.11 -10.97
C GLY A 169 -10.47 6.63 -10.62
N ASP A 170 -11.22 6.28 -9.58
CA ASP A 170 -11.32 4.90 -9.15
C ASP A 170 -9.97 4.34 -8.72
N VAL A 171 -9.02 5.25 -8.48
CA VAL A 171 -7.67 4.87 -8.07
C VAL A 171 -7.72 3.94 -6.85
N TYR A 172 -6.88 2.91 -6.87
CA TYR A 172 -6.82 1.95 -5.77
C TYR A 172 -5.40 1.50 -5.51
N TYR A 173 -5.19 0.83 -4.38
CA TYR A 173 -3.87 0.34 -4.02
C TYR A 173 -3.83 -1.18 -3.97
N CYS A 174 -2.67 -1.76 -4.21
CA CYS A 174 -2.51 -3.21 -4.20
C CYS A 174 -1.47 -3.63 -3.16
N ALA A 175 -1.90 -4.44 -2.20
CA ALA A 175 -1.00 -4.91 -1.15
C ALA A 175 -0.77 -6.41 -1.27
N GLY A 176 0.42 -6.85 -0.87
CA GLY A 176 0.76 -8.26 -0.94
C GLY A 176 2.06 -8.59 -0.22
N TYR A 177 2.09 -9.73 0.44
CA TYR A 177 3.28 -10.15 1.17
C TYR A 177 4.43 -10.47 0.22
N ASP A 178 4.29 -11.57 -0.53
CA ASP A 178 5.32 -11.97 -1.48
C ASP A 178 4.69 -12.40 -2.81
N PRO A 179 5.49 -12.38 -3.87
CA PRO A 179 5.04 -12.75 -5.22
C PRO A 179 4.75 -14.24 -5.34
N PRO A 180 3.46 -14.59 -5.52
CA PRO A 180 3.03 -15.98 -5.65
C PRO A 180 3.48 -16.60 -6.96
N MET A 181 4.06 -17.79 -6.88
CA MET A 181 4.55 -18.49 -8.06
C MET A 181 3.40 -18.74 -9.04
N LYS A 182 2.17 -18.75 -8.53
CA LYS A 182 1.00 -18.97 -9.36
C LYS A 182 0.01 -17.81 -9.24
N PRO A 183 -0.85 -17.65 -10.25
CA PRO A 183 -1.85 -16.59 -10.28
C PRO A 183 -2.95 -16.80 -9.24
N TYR A 184 -3.01 -18.00 -8.68
CA TYR A 184 -4.01 -18.34 -7.68
C TYR A 184 -4.09 -17.25 -6.61
N GLY A 185 -3.12 -17.23 -5.71
CA GLY A 185 -3.09 -16.25 -4.65
C GLY A 185 -4.24 -16.42 -3.68
N ARG A 186 -3.91 -16.68 -2.41
CA ARG A 186 -4.92 -16.87 -1.38
C ARG A 186 -5.15 -15.58 -0.61
N ARG A 187 -4.08 -14.83 -0.37
CA ARG A 187 -4.17 -13.58 0.35
C ARG A 187 -4.12 -12.38 -0.60
N ASN A 188 -5.06 -11.47 -0.45
CA ASN A 188 -5.13 -10.29 -1.30
C ASN A 188 -5.61 -9.08 -0.51
N GLU A 189 -5.20 -7.88 -0.95
CA GLU A 189 -5.60 -6.65 -0.28
C GLU A 189 -5.74 -5.52 -1.28
N VAL A 190 -6.85 -4.79 -1.19
CA VAL A 190 -7.11 -3.67 -2.09
C VAL A 190 -7.70 -2.48 -1.35
N TRP A 191 -6.98 -1.37 -1.35
CA TRP A 191 -7.43 -0.17 -0.66
C TRP A 191 -7.93 0.88 -1.66
N LEU A 192 -8.98 1.60 -1.28
CA LEU A 192 -9.56 2.62 -2.15
C LEU A 192 -9.53 3.98 -1.47
N VAL A 193 -8.87 4.95 -2.09
CA VAL A 193 -8.78 6.29 -1.55
C VAL A 193 -10.02 7.12 -1.90
N LYS A 194 -10.61 7.75 -0.90
CA LYS A 194 -11.80 8.57 -1.10
C LYS A 194 -11.46 9.83 -1.89
N ALA A 195 -12.36 10.23 -2.77
CA ALA A 195 -12.17 11.42 -3.59
C ALA A 195 -11.92 12.65 -2.72
#